data_5X59
#
_entry.id   5X59
#
_cell.length_a   1.0
_cell.length_b   1.0
_cell.length_c   1.0
_cell.angle_alpha   90.0
_cell.angle_beta   90.0
_cell.angle_gamma   90.0
#
_symmetry.space_group_name_H-M   'P 1'
#
loop_
_entity.id
_entity.type
_entity.pdbx_description
1 polymer 'S protein'
2 non-polymer 2-acetamido-2-deoxy-beta-D-glucopyranose
#
_entity_poly.entity_id   1
_entity_poly.type   'polypeptide(L)'
_entity_poly.pdbx_seq_one_letter_code
;YVDVGPDSVKSACIEVDIQQTFFDKTWPRPIDVSKADGIIYPQGRTYSNITITYQGLFPYQGDHGDMYVYSAGHATGTTP
QKLFVANYSQDVKQFANGFVVRIGAAANSTGTVIISPSTSATIRKIYPAFMLGSSVGNFSDGKMGRFFNHTLVLLPDGCG
TLLRAFYCILEPRSGNHCPAGNSYTSFATYHTPATDCSDGNYNRNASLNSFKEYFNLRNCTFMYTYNITEDEILEWFGIT
QTAQGVHLFSSRYVDLYGGNMFQFATLPVYDTIKYYSIIPHSIRSIQSDRKAWAAFYVYKLQPLTFLLDFSVDGYIRRAI
DCGFNDLSQLHCSYESFDVESGVYSVSSFEAKPSGSVVEQAEGVECDFSPLLSGTPPQVYNFKRLVFTNCNYNLTKLLSL
FSVNDFTCSQISPAAIASNCYSSLILDYFSYPLSMKSDLSVSSAGPISQFNYKQSFSNPTCLILATVPHNLTTITKPLKY
SYINKCSRLLSDDRTEVPQLVNANQYSPCVSIVPSTVWEDGDYYRKQLSPLEGGGWLVASGSTVAMTEQLQMGFGITVQY
GTDTNSVCPKLEFANDTKIASQLGNCVEYSLYGVSGRGVFQNCTAVGVRQQRFVYDAYQNLVGYYSDDGNYYCLRACVSV
PVSVIYDKETKTHATLFGSVACEHISSTMSQYSRSTRSMLKRRDSTYGPLQTPVGCVLGLVNSSLFVEDCKLPLGQSLCA
LPDTPSTLTPRSVSSVPGEMRLASIAFNHPIQVDQLNSSYFKLSIPTNFSFGVTQEYIQTTIQKVTVDCKQYVCNGFQKC
EQLLREYGQFCSKINQALHGANLRQDDSVRNLFASVKSSQSSPIIPGFGGDFNLTLLEPVSISTGSRSARSAIEDLLFDK
VTIADPGYMQGYDDCMQQGPASARDLICAQYVAGYKVLPPLMDVNMEAAYTSSLLGSIAGVGWTAGLSSFAAIPFAQSIF
YRLNGVGITQQVLSENQKLIANKFNQALGAMQTGFTTTNEAFQKVQDAVNNNAQALSKLASELSNTFGAISASIGDIIQR
LDVLEQDAQIDRLINGRLTTLNAFVAQQLVRSESAALSAQLAKDKVNECVKAQSKRSGFCGQGTHIVSFVVNAPNGLYFM
HVGYYPSNHIEVVSAYGLCDAANPTNCIAPVNGYFIKTNNTRIVDEWSYTGSSFYAPEPITSLNTKYVAPQVTYQNISTN
LPPPLLGNSTGIDFQDELDEFFKNVSTSIPNFGSLTQINTTLLDLTYEMLSLQQVVKALNESYIDLKELGNYTYYNKEFR
LVPRGSPGSGYIPEAPRDGQAYVRKDGEWVLLSTFLGHHHHHH
;
_entity_poly.pdbx_strand_id   A,B,C
#
# COMPACT_ATOMS: atom_id res chain seq x y z
N TYR A 1 -38.05 -35.03 -27.68
CA TYR A 1 -38.99 -33.92 -27.62
C TYR A 1 -40.28 -34.32 -26.91
N VAL A 2 -41.04 -33.33 -26.44
CA VAL A 2 -42.20 -33.56 -25.59
C VAL A 2 -43.52 -33.55 -26.36
N ASP A 3 -44.41 -34.45 -25.99
CA ASP A 3 -45.78 -34.46 -26.51
C ASP A 3 -46.56 -33.32 -25.87
N VAL A 4 -47.00 -32.36 -26.69
CA VAL A 4 -47.79 -31.24 -26.15
C VAL A 4 -49.25 -31.31 -26.59
N GLY A 5 -49.70 -32.51 -26.93
CA GLY A 5 -51.06 -32.70 -27.36
C GLY A 5 -51.17 -32.48 -28.86
N PRO A 6 -52.35 -32.79 -29.42
CA PRO A 6 -52.52 -32.78 -30.86
C PRO A 6 -52.50 -31.38 -31.47
N ASP A 7 -52.14 -31.31 -32.75
CA ASP A 7 -52.31 -30.11 -33.55
C ASP A 7 -53.79 -29.73 -33.59
N SER A 8 -54.08 -28.46 -33.84
CA SER A 8 -55.44 -28.06 -34.12
C SER A 8 -55.92 -28.69 -35.43
N VAL A 9 -57.19 -29.13 -35.45
CA VAL A 9 -57.75 -29.67 -36.68
C VAL A 9 -58.56 -28.63 -37.45
N LYS A 10 -58.56 -27.39 -36.97
CA LYS A 10 -59.28 -26.34 -37.68
C LYS A 10 -58.58 -25.98 -38.99
N SER A 11 -59.37 -25.62 -39.99
CA SER A 11 -58.81 -25.32 -41.31
C SER A 11 -58.66 -23.83 -41.53
N ALA A 12 -59.10 -23.03 -40.56
CA ALA A 12 -58.94 -21.59 -40.62
C ALA A 12 -58.64 -21.08 -39.22
N CYS A 13 -58.23 -19.83 -39.14
CA CYS A 13 -58.08 -19.14 -37.87
C CYS A 13 -59.20 -18.16 -37.65
N ILE A 14 -59.43 -17.77 -36.39
CA ILE A 14 -60.40 -16.74 -36.10
C ILE A 14 -59.86 -15.42 -36.61
N GLU A 15 -60.72 -14.64 -37.25
CA GLU A 15 -60.32 -13.35 -37.79
C GLU A 15 -60.01 -12.37 -36.66
N VAL A 16 -59.01 -11.54 -36.89
CA VAL A 16 -58.50 -10.64 -35.87
C VAL A 16 -58.58 -9.19 -36.34
N ASP A 17 -59.24 -8.37 -35.55
CA ASP A 17 -59.40 -6.94 -35.81
C ASP A 17 -58.41 -6.16 -34.95
N ILE A 18 -57.44 -5.53 -35.61
CA ILE A 18 -56.48 -4.69 -34.92
C ILE A 18 -56.93 -3.24 -34.93
N GLN A 19 -57.15 -2.67 -33.75
CA GLN A 19 -57.57 -1.28 -33.64
C GLN A 19 -56.80 -0.61 -32.52
N GLN A 20 -55.55 -0.27 -32.79
CA GLN A 20 -54.64 0.27 -31.77
C GLN A 20 -55.21 1.50 -31.03
N THR A 21 -55.97 2.35 -31.72
CA THR A 21 -56.48 3.56 -31.08
C THR A 21 -57.42 3.31 -29.89
N PHE A 22 -58.04 2.13 -29.87
CA PHE A 22 -58.91 1.78 -28.76
C PHE A 22 -58.12 1.35 -27.52
N PHE A 23 -56.83 1.11 -27.71
CA PHE A 23 -55.95 0.59 -26.65
C PHE A 23 -54.96 1.66 -26.22
N ASP A 24 -55.03 2.82 -26.86
CA ASP A 24 -54.20 3.95 -26.53
C ASP A 24 -54.85 4.73 -25.38
N LYS A 25 -54.46 4.39 -24.17
CA LYS A 25 -55.01 5.07 -23.01
C LYS A 25 -53.87 5.56 -22.15
N THR A 26 -54.13 6.58 -21.36
CA THR A 26 -53.16 7.02 -20.37
C THR A 26 -53.69 6.64 -18.99
N TRP A 27 -53.15 5.55 -18.46
CA TRP A 27 -53.47 5.10 -17.12
C TRP A 27 -52.17 4.91 -16.35
N PRO A 28 -51.53 6.01 -15.95
CA PRO A 28 -50.18 5.92 -15.41
C PRO A 28 -50.09 5.18 -14.08
N ARG A 29 -49.17 4.22 -14.03
CA ARG A 29 -48.83 3.50 -12.80
C ARG A 29 -47.33 3.36 -12.70
N PRO A 30 -46.65 4.50 -12.49
CA PRO A 30 -45.17 4.51 -12.50
C PRO A 30 -44.59 3.75 -11.33
N ILE A 31 -43.36 3.28 -11.50
CA ILE A 31 -42.63 2.63 -10.43
C ILE A 31 -42.49 3.60 -9.27
N ASP A 32 -42.87 3.15 -8.08
CA ASP A 32 -42.58 3.88 -6.85
C ASP A 32 -41.80 2.93 -5.95
N VAL A 33 -40.48 3.07 -5.91
CA VAL A 33 -39.73 2.10 -5.14
C VAL A 33 -39.85 2.37 -3.64
N SER A 34 -40.38 3.53 -3.25
N SER A 34 -40.37 3.54 -3.26
CA SER A 34 -40.63 3.80 -1.84
CA SER A 34 -40.68 3.83 -1.86
C SER A 34 -41.68 2.84 -1.28
C SER A 34 -41.63 2.78 -1.30
N LYS A 35 -42.48 2.24 -2.18
CA LYS A 35 -43.42 1.20 -1.80
C LYS A 35 -42.92 -0.16 -2.28
N ALA A 36 -41.67 -0.22 -2.70
CA ALA A 36 -41.07 -1.46 -3.18
C ALA A 36 -41.80 -2.04 -4.38
N ASP A 37 -42.21 -1.16 -5.29
CA ASP A 37 -42.67 -1.60 -6.61
C ASP A 37 -41.55 -2.27 -7.39
N GLY A 38 -41.82 -3.44 -7.96
CA GLY A 38 -40.92 -4.01 -8.95
C GLY A 38 -39.62 -4.58 -8.42
N ILE A 39 -39.65 -5.05 -7.18
CA ILE A 39 -38.47 -5.54 -6.50
C ILE A 39 -38.37 -7.06 -6.51
N ILE A 40 -37.33 -7.57 -7.18
CA ILE A 40 -36.94 -8.96 -7.06
C ILE A 40 -36.08 -9.10 -5.79
N TYR A 41 -36.45 -9.99 -4.88
CA TYR A 41 -35.63 -10.22 -3.68
C TYR A 41 -34.29 -10.82 -4.11
N PRO A 42 -33.21 -10.63 -3.35
CA PRO A 42 -31.92 -11.13 -3.84
C PRO A 42 -31.81 -12.65 -3.85
N GLN A 43 -31.30 -13.19 -4.95
CA GLN A 43 -31.11 -14.64 -5.12
C GLN A 43 -30.09 -15.30 -4.19
N GLY A 44 -28.95 -14.64 -3.99
CA GLY A 44 -27.80 -15.29 -3.36
C GLY A 44 -28.03 -15.75 -1.94
N ARG A 45 -28.76 -14.93 -1.18
CA ARG A 45 -29.11 -15.15 0.23
C ARG A 45 -30.36 -14.33 0.60
N THR A 46 -30.89 -14.54 1.81
CA THR A 46 -32.06 -13.76 2.28
C THR A 46 -31.84 -13.14 3.68
N TYR A 47 -32.57 -12.06 4.00
CA TYR A 47 -32.23 -11.24 5.17
C TYR A 47 -33.35 -10.82 6.13
N SER A 48 -32.96 -10.52 7.37
CA SER A 48 -33.80 -10.00 8.43
C SER A 48 -33.68 -8.50 8.58
N ASN A 49 -34.62 -7.90 9.31
CA ASN A 49 -34.74 -6.45 9.52
C ASN A 49 -33.62 -5.49 9.06
N ILE A 50 -32.56 -6.01 8.46
CA ILE A 50 -31.45 -5.19 7.99
C ILE A 50 -31.77 -4.32 6.78
N THR A 51 -31.22 -3.10 6.78
CA THR A 51 -31.16 -2.22 5.63
C THR A 51 -29.77 -2.29 5.04
N ILE A 52 -29.66 -1.90 3.78
CA ILE A 52 -28.42 -2.10 3.03
C ILE A 52 -28.45 -1.39 1.69
N THR A 53 -27.29 -1.17 1.10
CA THR A 53 -27.23 -0.78 -0.30
C THR A 53 -26.84 -2.04 -1.05
N TYR A 54 -27.51 -2.28 -2.16
CA TYR A 54 -27.40 -3.53 -2.87
C TYR A 54 -27.48 -3.26 -4.36
N GLN A 55 -26.62 -3.89 -5.15
CA GLN A 55 -26.60 -3.65 -6.58
C GLN A 55 -27.11 -4.84 -7.38
N GLY A 56 -28.30 -4.70 -7.95
CA GLY A 56 -28.91 -5.79 -8.68
C GLY A 56 -29.83 -5.28 -9.77
N LEU A 57 -30.60 -6.17 -10.37
CA LEU A 57 -31.52 -5.77 -11.43
C LEU A 57 -32.79 -5.18 -10.86
N PHE A 58 -33.05 -3.91 -11.18
CA PHE A 58 -34.20 -3.17 -10.70
C PHE A 58 -34.76 -2.29 -11.80
N PRO A 59 -36.06 -1.98 -11.72
CA PRO A 59 -36.61 -0.93 -12.56
C PRO A 59 -36.30 0.43 -11.96
N TYR A 60 -36.31 1.50 -12.75
CA TYR A 60 -35.93 2.78 -12.17
C TYR A 60 -37.12 3.53 -11.62
N GLN A 61 -36.85 4.32 -10.60
CA GLN A 61 -37.86 5.13 -9.94
C GLN A 61 -38.58 6.02 -10.95
N GLY A 62 -39.91 5.96 -10.92
CA GLY A 62 -40.72 6.80 -11.78
C GLY A 62 -40.96 6.31 -13.20
N ASP A 63 -40.40 5.15 -13.53
CA ASP A 63 -40.56 4.57 -14.85
C ASP A 63 -42.03 4.25 -15.07
N HIS A 64 -42.59 4.78 -16.14
CA HIS A 64 -44.00 4.51 -16.43
C HIS A 64 -44.16 3.14 -17.08
N GLY A 65 -43.08 2.61 -17.63
CA GLY A 65 -43.11 1.31 -18.30
C GLY A 65 -43.97 1.31 -19.55
N ASP A 66 -44.27 0.12 -20.05
CA ASP A 66 -45.12 -0.03 -21.22
C ASP A 66 -46.43 -0.61 -20.77
N MET A 67 -47.53 0.01 -21.13
CA MET A 67 -48.83 -0.51 -20.75
C MET A 67 -49.49 -1.37 -21.84
N TYR A 68 -50.07 -2.49 -21.41
CA TYR A 68 -50.79 -3.38 -22.32
C TYR A 68 -52.19 -3.66 -21.79
N VAL A 69 -53.15 -3.74 -22.70
CA VAL A 69 -54.53 -4.03 -22.32
C VAL A 69 -55.11 -5.08 -23.27
N TYR A 70 -55.87 -6.01 -22.69
CA TYR A 70 -56.60 -7.03 -23.45
C TYR A 70 -58.09 -6.71 -23.41
N SER A 71 -58.77 -7.00 -24.52
CA SER A 71 -60.18 -6.62 -24.69
C SER A 71 -61.11 -7.79 -25.05
N ALA A 72 -62.35 -7.68 -24.60
CA ALA A 72 -63.46 -8.43 -25.18
C ALA A 72 -63.42 -8.31 -26.71
N GLY A 73 -63.82 -9.36 -27.40
CA GLY A 73 -63.87 -9.31 -28.85
C GLY A 73 -65.19 -8.76 -29.37
N HIS A 74 -65.28 -8.66 -30.68
CA HIS A 74 -66.55 -8.32 -31.30
C HIS A 74 -67.57 -9.39 -30.96
N ALA A 75 -68.83 -8.99 -30.91
CA ALA A 75 -69.90 -9.93 -30.62
C ALA A 75 -71.24 -9.35 -31.00
N THR A 76 -72.17 -10.24 -31.34
CA THR A 76 -73.55 -9.85 -31.40
C THR A 76 -74.14 -10.14 -30.03
N GLY A 77 -75.45 -10.12 -29.91
CA GLY A 77 -76.08 -10.50 -28.66
C GLY A 77 -75.84 -11.96 -28.33
N THR A 78 -75.65 -12.79 -29.36
CA THR A 78 -75.58 -14.24 -29.16
C THR A 78 -74.23 -14.88 -29.52
N THR A 79 -73.46 -14.20 -30.36
CA THR A 79 -72.35 -14.87 -31.02
C THR A 79 -71.07 -14.06 -31.01
N PRO A 80 -70.00 -14.64 -30.45
CA PRO A 80 -68.71 -13.97 -30.57
C PRO A 80 -68.28 -13.93 -32.01
N GLN A 81 -67.64 -12.84 -32.41
CA GLN A 81 -67.20 -12.68 -33.78
C GLN A 81 -65.70 -12.42 -33.79
N LYS A 82 -65.25 -11.42 -34.56
CA LYS A 82 -63.81 -11.15 -34.72
C LYS A 82 -63.16 -10.89 -33.38
N LEU A 83 -61.90 -11.30 -33.23
CA LEU A 83 -61.15 -10.90 -32.05
C LEU A 83 -60.87 -9.39 -32.13
N PHE A 84 -60.58 -8.77 -31.00
CA PHE A 84 -60.33 -7.34 -30.95
C PHE A 84 -59.05 -7.13 -30.17
N VAL A 85 -58.02 -6.65 -30.85
CA VAL A 85 -56.70 -6.56 -30.23
C VAL A 85 -55.95 -5.28 -30.59
N ALA A 86 -54.94 -4.99 -29.80
CA ALA A 86 -53.94 -3.98 -30.14
C ALA A 86 -52.89 -4.51 -31.14
N ASN A 87 -51.95 -3.65 -31.53
CA ASN A 87 -50.94 -4.00 -32.51
C ASN A 87 -49.70 -4.64 -31.87
N TYR A 88 -49.88 -5.32 -30.74
CA TYR A 88 -48.71 -5.78 -29.96
C TYR A 88 -47.83 -6.80 -30.67
N SER A 89 -48.39 -7.64 -31.54
CA SER A 89 -47.59 -8.71 -32.13
C SER A 89 -46.47 -8.22 -33.03
N GLN A 90 -46.66 -7.06 -33.66
CA GLN A 90 -45.63 -6.50 -34.51
C GLN A 90 -44.63 -5.66 -33.74
N ASP A 91 -44.89 -5.42 -32.45
CA ASP A 91 -43.99 -4.59 -31.66
C ASP A 91 -42.98 -5.42 -30.89
N VAL A 92 -41.95 -5.86 -31.59
CA VAL A 92 -40.93 -6.68 -30.96
C VAL A 92 -39.95 -5.81 -30.21
N LYS A 93 -39.75 -6.18 -28.94
CA LYS A 93 -38.90 -5.44 -28.02
C LYS A 93 -37.58 -6.16 -27.76
N GLN A 94 -36.55 -5.41 -27.38
CA GLN A 94 -35.29 -6.02 -26.98
C GLN A 94 -35.39 -6.50 -25.53
N PHE A 95 -34.99 -7.74 -25.29
CA PHE A 95 -35.09 -8.32 -23.96
C PHE A 95 -34.14 -7.60 -23.02
N ALA A 96 -32.89 -7.43 -23.46
CA ALA A 96 -31.82 -6.88 -22.61
C ALA A 96 -31.79 -7.74 -21.34
N ASN A 97 -31.86 -7.10 -20.17
CA ASN A 97 -31.70 -7.81 -18.90
C ASN A 97 -32.98 -8.41 -18.35
N GLY A 98 -34.05 -8.30 -19.12
CA GLY A 98 -35.35 -8.80 -18.68
C GLY A 98 -36.23 -7.70 -18.16
N PHE A 99 -37.31 -8.08 -17.50
CA PHE A 99 -38.31 -7.10 -17.10
C PHE A 99 -39.18 -7.61 -15.96
N VAL A 100 -39.89 -6.68 -15.33
CA VAL A 100 -40.89 -7.02 -14.32
C VAL A 100 -42.24 -6.46 -14.74
N VAL A 101 -43.30 -7.04 -14.20
CA VAL A 101 -44.64 -6.77 -14.69
C VAL A 101 -45.60 -6.55 -13.56
N ARG A 102 -46.30 -5.42 -13.57
CA ARG A 102 -47.34 -5.13 -12.59
C ARG A 102 -48.66 -5.65 -13.13
N ILE A 103 -49.27 -6.58 -12.41
CA ILE A 103 -50.44 -7.32 -12.91
C ILE A 103 -51.66 -7.05 -12.05
N GLY A 104 -52.77 -6.72 -12.66
CA GLY A 104 -54.02 -6.61 -11.94
C GLY A 104 -54.24 -5.39 -11.07
N ALA A 105 -53.46 -4.33 -11.27
CA ALA A 105 -53.47 -3.22 -10.29
C ALA A 105 -54.84 -2.54 -10.17
N ALA A 106 -55.55 -2.46 -11.29
CA ALA A 106 -56.84 -1.76 -11.30
C ALA A 106 -58.03 -2.65 -10.94
N ALA A 107 -57.76 -3.93 -10.66
CA ALA A 107 -58.85 -4.86 -10.34
C ALA A 107 -59.76 -4.31 -9.25
N ASN A 108 -61.06 -4.45 -9.43
CA ASN A 108 -62.02 -3.98 -8.43
C ASN A 108 -62.64 -2.65 -8.84
N SER A 109 -61.85 -1.82 -9.52
CA SER A 109 -62.30 -0.48 -9.87
C SER A 109 -63.20 -0.54 -11.10
N THR A 110 -63.82 0.58 -11.45
CA THR A 110 -64.70 0.60 -12.61
C THR A 110 -63.96 1.17 -13.81
N GLY A 111 -64.12 0.52 -14.96
CA GLY A 111 -63.43 0.93 -16.17
C GLY A 111 -64.20 0.56 -17.42
N THR A 112 -63.76 1.05 -18.53
CA THR A 112 -64.36 0.79 -19.81
C THR A 112 -64.10 -0.62 -20.34
N VAL A 113 -64.97 -1.09 -21.23
CA VAL A 113 -64.90 -2.43 -21.81
C VAL A 113 -63.95 -2.50 -23.03
N ILE A 114 -63.42 -1.32 -23.38
CA ILE A 114 -62.44 -1.10 -24.45
C ILE A 114 -63.08 -1.15 -25.83
N ILE A 115 -63.67 -2.30 -26.19
CA ILE A 115 -64.25 -2.40 -27.53
C ILE A 115 -65.54 -1.59 -27.61
N SER A 116 -66.14 -1.35 -26.45
CA SER A 116 -67.30 -0.45 -26.38
C SER A 116 -67.04 0.61 -25.30
N PRO A 117 -66.36 1.70 -25.68
CA PRO A 117 -65.88 2.69 -24.70
C PRO A 117 -66.98 3.30 -23.84
N SER A 118 -68.21 3.33 -24.33
CA SER A 118 -69.29 3.96 -23.57
C SER A 118 -69.82 3.02 -22.49
N THR A 119 -69.35 1.78 -22.49
CA THR A 119 -69.81 0.77 -21.55
C THR A 119 -68.79 0.54 -20.44
N SER A 120 -69.19 0.72 -19.19
CA SER A 120 -68.27 0.49 -18.10
C SER A 120 -68.58 -0.82 -17.39
N ALA A 121 -67.58 -1.35 -16.71
CA ALA A 121 -67.72 -2.60 -15.97
C ALA A 121 -66.68 -2.66 -14.89
N THR A 122 -66.91 -3.54 -13.92
CA THR A 122 -65.91 -3.81 -12.89
C THR A 122 -64.70 -4.46 -13.53
N ILE A 123 -63.52 -3.95 -13.19
CA ILE A 123 -62.28 -4.45 -13.75
C ILE A 123 -61.84 -5.73 -13.04
N ARG A 124 -61.48 -6.74 -13.83
CA ARG A 124 -60.95 -7.99 -13.31
C ARG A 124 -59.51 -8.15 -13.75
N LYS A 125 -58.69 -8.73 -12.87
CA LYS A 125 -57.31 -9.07 -13.21
C LYS A 125 -57.28 -9.98 -14.43
N ILE A 126 -56.31 -9.75 -15.30
CA ILE A 126 -56.01 -10.71 -16.37
C ILE A 126 -54.50 -10.91 -16.43
N TYR A 127 -54.09 -12.12 -16.81
CA TYR A 127 -52.66 -12.42 -16.87
C TYR A 127 -52.07 -12.15 -18.24
N PRO A 128 -50.83 -11.61 -18.26
CA PRO A 128 -50.15 -11.35 -19.54
C PRO A 128 -49.60 -12.61 -20.19
N ALA A 129 -49.36 -12.56 -21.50
CA ALA A 129 -48.70 -13.64 -22.22
C ALA A 129 -47.54 -13.07 -23.02
N PHE A 130 -46.46 -13.82 -23.12
CA PHE A 130 -45.23 -13.36 -23.75
C PHE A 130 -44.67 -14.38 -24.72
N MET A 131 -44.06 -13.87 -25.78
CA MET A 131 -43.32 -14.67 -26.74
C MET A 131 -41.87 -14.16 -26.68
N LEU A 132 -40.92 -15.05 -26.44
CA LEU A 132 -39.51 -14.65 -26.31
C LEU A 132 -38.60 -15.55 -27.12
N GLY A 133 -37.51 -15.01 -27.62
CA GLY A 133 -36.64 -15.80 -28.45
C GLY A 133 -35.36 -15.12 -28.86
N SER A 134 -34.67 -15.74 -29.80
CA SER A 134 -33.30 -15.37 -30.14
C SER A 134 -33.18 -14.77 -31.52
N SER A 135 -34.24 -14.94 -32.31
CA SER A 135 -34.19 -14.55 -33.70
C SER A 135 -35.60 -14.22 -34.19
N VAL A 136 -35.76 -13.04 -34.77
CA VAL A 136 -37.07 -12.60 -35.27
C VAL A 136 -37.03 -12.09 -36.70
N GLY A 137 -38.21 -11.94 -37.28
CA GLY A 137 -38.33 -11.43 -38.63
C GLY A 137 -39.77 -11.26 -39.03
N ASN A 138 -40.04 -11.38 -40.32
CA ASN A 138 -41.39 -11.13 -40.80
C ASN A 138 -42.09 -12.40 -41.26
N PHE A 139 -43.41 -12.37 -41.21
CA PHE A 139 -44.22 -13.46 -41.73
C PHE A 139 -44.24 -13.34 -43.25
N SER A 140 -44.82 -14.34 -43.92
CA SER A 140 -44.77 -14.41 -45.37
C SER A 140 -45.36 -13.17 -46.04
N ASP A 141 -46.44 -12.61 -45.47
CA ASP A 141 -47.08 -11.42 -46.06
C ASP A 141 -46.37 -10.12 -45.66
N GLY A 142 -45.23 -10.25 -44.98
CA GLY A 142 -44.39 -9.11 -44.67
C GLY A 142 -44.57 -8.49 -43.29
N LYS A 143 -45.59 -8.91 -42.56
CA LYS A 143 -45.84 -8.34 -41.23
C LYS A 143 -44.80 -8.81 -40.22
N MET A 144 -44.45 -7.91 -39.30
CA MET A 144 -43.44 -8.21 -38.29
C MET A 144 -44.00 -9.12 -37.20
N GLY A 145 -43.09 -9.65 -36.38
CA GLY A 145 -43.53 -10.38 -35.19
C GLY A 145 -43.31 -11.88 -35.26
N ARG A 146 -42.63 -12.36 -36.30
CA ARG A 146 -42.35 -13.79 -36.38
C ARG A 146 -41.08 -14.18 -35.63
N PHE A 147 -41.22 -15.16 -34.74
CA PHE A 147 -40.06 -15.69 -34.02
C PHE A 147 -39.57 -16.99 -34.65
N PHE A 148 -38.27 -17.05 -34.93
CA PHE A 148 -37.66 -18.21 -35.60
C PHE A 148 -36.97 -19.17 -34.64
N ASN A 149 -36.80 -20.41 -35.09
CA ASN A 149 -36.20 -21.46 -34.27
C ASN A 149 -36.96 -21.66 -32.95
N HIS A 150 -36.31 -22.18 -31.92
CA HIS A 150 -37.04 -22.41 -30.68
C HIS A 150 -37.40 -21.11 -30.02
N THR A 151 -38.67 -21.05 -29.62
CA THR A 151 -39.27 -19.86 -29.06
C THR A 151 -39.91 -20.18 -27.71
N LEU A 152 -39.68 -19.30 -26.74
CA LEU A 152 -40.27 -19.49 -25.42
C LEU A 152 -41.61 -18.79 -25.37
N VAL A 153 -42.65 -19.54 -25.01
CA VAL A 153 -43.97 -18.96 -24.89
C VAL A 153 -44.45 -19.09 -23.45
N LEU A 154 -44.90 -17.98 -22.86
CA LEU A 154 -45.50 -17.96 -21.52
C LEU A 154 -46.97 -17.62 -21.68
N LEU A 155 -47.83 -18.60 -21.45
CA LEU A 155 -49.25 -18.45 -21.80
C LEU A 155 -50.13 -18.91 -20.65
N PRO A 156 -50.80 -17.97 -19.99
CA PRO A 156 -51.78 -18.33 -18.97
C PRO A 156 -52.97 -19.09 -19.56
N ASP A 157 -53.66 -19.86 -18.73
CA ASP A 157 -54.80 -20.62 -19.22
C ASP A 157 -55.77 -20.94 -18.11
N GLY A 158 -56.85 -21.63 -18.46
CA GLY A 158 -57.84 -22.02 -17.48
C GLY A 158 -58.48 -20.87 -16.73
N CYS A 159 -58.81 -19.80 -17.45
CA CYS A 159 -59.47 -18.65 -16.83
C CYS A 159 -58.61 -18.14 -15.67
N GLY A 160 -57.30 -18.05 -15.92
CA GLY A 160 -56.38 -17.51 -14.93
C GLY A 160 -56.10 -18.45 -13.77
N THR A 161 -56.06 -19.75 -14.02
CA THR A 161 -55.71 -20.70 -12.96
C THR A 161 -54.46 -21.54 -13.24
N LEU A 162 -53.78 -21.26 -14.35
CA LEU A 162 -52.46 -21.83 -14.54
C LEU A 162 -51.63 -20.99 -15.50
N LEU A 163 -50.33 -21.15 -15.41
CA LEU A 163 -49.38 -20.62 -16.38
C LEU A 163 -48.73 -21.78 -17.10
N ARG A 164 -48.70 -21.72 -18.43
CA ARG A 164 -47.95 -22.70 -19.21
C ARG A 164 -46.69 -22.05 -19.74
N ALA A 165 -45.58 -22.75 -19.63
CA ALA A 165 -44.32 -22.28 -20.20
C ALA A 165 -43.80 -23.37 -21.13
N PHE A 166 -43.56 -23.02 -22.39
CA PHE A 166 -43.09 -24.05 -23.31
C PHE A 166 -42.14 -23.47 -24.34
N TYR A 167 -41.28 -24.34 -24.85
CA TYR A 167 -40.17 -23.94 -25.72
C TYR A 167 -40.18 -24.82 -26.96
N CYS A 168 -40.68 -24.25 -28.05
CA CYS A 168 -40.92 -25.02 -29.28
C CYS A 168 -40.58 -24.19 -30.49
N ILE A 169 -40.38 -24.86 -31.63
CA ILE A 169 -40.47 -24.19 -32.91
C ILE A 169 -41.93 -23.90 -33.23
N LEU A 170 -42.20 -22.67 -33.66
CA LEU A 170 -43.55 -22.23 -33.98
C LEU A 170 -43.72 -22.21 -35.49
N GLU A 171 -44.40 -23.22 -36.01
CA GLU A 171 -44.65 -23.33 -37.43
C GLU A 171 -45.92 -22.58 -37.80
N PRO A 172 -45.81 -21.47 -38.53
CA PRO A 172 -47.05 -20.75 -38.84
C PRO A 172 -47.98 -21.55 -39.74
N ARG A 173 -49.26 -21.57 -39.39
CA ARG A 173 -50.25 -22.34 -40.12
C ARG A 173 -50.83 -21.55 -41.30
N SER A 174 -51.39 -22.26 -42.27
CA SER A 174 -51.69 -21.65 -43.56
C SER A 174 -53.19 -21.40 -43.87
N GLY A 175 -54.08 -21.68 -42.94
CA GLY A 175 -55.49 -21.40 -43.19
C GLY A 175 -55.79 -19.92 -43.23
N ASN A 176 -57.01 -19.56 -43.62
CA ASN A 176 -57.40 -18.15 -43.64
C ASN A 176 -57.21 -17.48 -42.28
N HIS A 177 -56.57 -16.31 -42.29
CA HIS A 177 -56.32 -15.48 -41.10
C HIS A 177 -55.17 -16.04 -40.26
N CYS A 178 -54.59 -17.15 -40.68
CA CYS A 178 -53.44 -17.72 -39.97
C CYS A 178 -52.17 -17.05 -40.53
N PRO A 179 -51.05 -17.13 -39.80
CA PRO A 179 -49.85 -16.34 -40.16
C PRO A 179 -49.15 -16.72 -41.47
N ALA A 180 -49.43 -17.91 -42.02
CA ALA A 180 -48.89 -18.27 -43.33
C ALA A 180 -50.04 -18.45 -44.31
N GLY A 181 -51.19 -17.87 -43.97
CA GLY A 181 -52.36 -17.95 -44.82
C GLY A 181 -52.78 -16.60 -45.38
N ASN A 182 -53.91 -16.59 -46.08
CA ASN A 182 -54.43 -15.35 -46.61
C ASN A 182 -55.17 -14.54 -45.52
N SER A 183 -55.29 -13.24 -45.74
CA SER A 183 -56.02 -12.35 -44.83
C SER A 183 -55.47 -12.35 -43.41
N TYR A 184 -54.15 -12.46 -43.28
CA TYR A 184 -53.52 -12.42 -41.96
C TYR A 184 -53.39 -10.97 -41.49
N THR A 185 -53.77 -10.71 -40.24
CA THR A 185 -53.61 -9.39 -39.66
C THR A 185 -52.65 -9.50 -38.47
N SER A 186 -53.07 -10.22 -37.44
CA SER A 186 -52.21 -10.56 -36.31
C SER A 186 -52.62 -11.92 -35.77
N PHE A 187 -51.67 -12.65 -35.18
CA PHE A 187 -52.03 -13.81 -34.38
C PHE A 187 -52.51 -13.32 -33.02
N ALA A 188 -53.12 -14.20 -32.25
CA ALA A 188 -53.63 -13.82 -30.94
C ALA A 188 -53.97 -15.10 -30.20
N THR A 189 -54.30 -14.97 -28.93
CA THR A 189 -54.94 -16.08 -28.23
C THR A 189 -56.30 -15.62 -27.76
N TYR A 190 -57.13 -16.58 -27.37
CA TYR A 190 -58.47 -16.26 -26.90
C TYR A 190 -58.99 -17.36 -26.02
N HIS A 191 -60.02 -17.04 -25.26
CA HIS A 191 -60.84 -18.06 -24.64
C HIS A 191 -62.28 -17.58 -24.70
N THR A 192 -63.19 -18.50 -24.41
CA THR A 192 -64.61 -18.27 -24.63
C THR A 192 -65.33 -18.50 -23.33
N PRO A 193 -65.57 -17.44 -22.55
CA PRO A 193 -65.93 -17.68 -21.16
C PRO A 193 -67.20 -18.50 -20.95
N ALA A 194 -68.19 -18.34 -21.83
CA ALA A 194 -69.46 -19.06 -21.69
C ALA A 194 -69.25 -20.57 -21.64
N THR A 195 -68.24 -21.05 -22.36
CA THR A 195 -67.96 -22.50 -22.43
C THR A 195 -66.66 -22.91 -21.76
N ASP A 196 -65.78 -21.95 -21.48
CA ASP A 196 -64.46 -22.28 -20.96
C ASP A 196 -64.33 -21.98 -19.48
N CYS A 197 -65.22 -21.14 -18.95
CA CYS A 197 -65.07 -20.71 -17.56
C CYS A 197 -66.29 -20.99 -16.72
N SER A 198 -66.97 -22.09 -17.02
CA SER A 198 -68.14 -22.47 -16.22
C SER A 198 -67.68 -23.08 -14.91
N ASP A 199 -68.46 -22.82 -13.87
CA ASP A 199 -68.12 -23.23 -12.51
C ASP A 199 -67.76 -24.71 -12.42
N GLY A 200 -66.57 -24.97 -11.87
CA GLY A 200 -66.09 -26.32 -11.64
C GLY A 200 -65.54 -27.04 -12.85
N ASN A 201 -65.53 -26.37 -14.01
CA ASN A 201 -65.12 -27.01 -15.24
C ASN A 201 -64.38 -26.05 -16.16
N TYR A 202 -63.40 -25.36 -15.61
CA TYR A 202 -62.57 -24.45 -16.41
C TYR A 202 -61.82 -25.25 -17.46
N ASN A 203 -61.74 -24.69 -18.66
CA ASN A 203 -61.01 -25.31 -19.76
C ASN A 203 -59.53 -24.95 -19.64
N ARG A 204 -58.71 -25.89 -19.21
CA ARG A 204 -57.32 -25.59 -18.95
C ARG A 204 -56.65 -25.13 -20.23
N ASN A 205 -57.01 -25.77 -21.34
CA ASN A 205 -56.27 -25.61 -22.59
C ASN A 205 -56.76 -24.51 -23.53
N ALA A 206 -57.80 -23.80 -23.11
CA ALA A 206 -58.51 -22.89 -24.03
C ALA A 206 -57.52 -21.99 -24.77
N SER A 207 -56.66 -21.30 -24.03
CA SER A 207 -55.70 -20.41 -24.66
C SER A 207 -54.68 -21.17 -25.49
N LEU A 208 -54.19 -22.28 -24.94
CA LEU A 208 -53.26 -23.13 -25.69
C LEU A 208 -53.86 -23.59 -27.02
N ASN A 209 -55.12 -24.00 -26.99
CA ASN A 209 -55.80 -24.41 -28.22
C ASN A 209 -55.91 -23.30 -29.23
N SER A 210 -56.20 -22.08 -28.76
CA SER A 210 -56.31 -20.95 -29.66
C SER A 210 -54.93 -20.66 -30.29
N PHE A 211 -53.88 -20.76 -29.49
CA PHE A 211 -52.53 -20.56 -29.99
C PHE A 211 -52.17 -21.59 -31.07
N LYS A 212 -52.55 -22.84 -30.82
CA LYS A 212 -52.33 -23.93 -31.78
C LYS A 212 -53.08 -23.75 -33.10
N GLU A 213 -54.09 -22.89 -33.14
CA GLU A 213 -54.75 -22.59 -34.40
C GLU A 213 -53.85 -21.71 -35.29
N TYR A 214 -53.06 -20.84 -34.69
CA TYR A 214 -52.18 -19.97 -35.47
C TYR A 214 -50.81 -20.63 -35.74
N PHE A 215 -50.34 -21.45 -34.81
CA PHE A 215 -49.05 -22.13 -34.95
C PHE A 215 -49.12 -23.62 -34.64
N ASN A 216 -48.44 -24.44 -35.44
CA ASN A 216 -48.16 -25.80 -34.99
C ASN A 216 -46.93 -25.77 -34.10
N LEU A 217 -47.01 -26.45 -32.96
CA LEU A 217 -45.87 -26.53 -32.05
C LEU A 217 -45.00 -27.72 -32.44
N ARG A 218 -43.72 -27.47 -32.67
CA ARG A 218 -42.83 -28.51 -33.14
C ARG A 218 -41.57 -28.63 -32.29
N ASN A 219 -41.16 -29.86 -32.01
CA ASN A 219 -39.93 -30.14 -31.29
C ASN A 219 -39.81 -29.40 -29.98
N CYS A 220 -40.87 -29.49 -29.19
CA CYS A 220 -40.90 -28.84 -27.88
C CYS A 220 -39.96 -29.55 -26.92
N THR A 221 -39.05 -28.80 -26.29
CA THR A 221 -38.14 -29.43 -25.34
C THR A 221 -38.76 -29.55 -23.95
N PHE A 222 -39.71 -28.68 -23.64
CA PHE A 222 -40.46 -28.80 -22.38
C PHE A 222 -41.78 -28.08 -22.51
N MET A 223 -42.74 -28.52 -21.70
CA MET A 223 -43.97 -27.78 -21.45
C MET A 223 -44.32 -27.94 -19.99
N TYR A 224 -44.15 -26.88 -19.21
CA TYR A 224 -44.41 -26.91 -17.76
C TYR A 224 -45.71 -26.17 -17.47
N THR A 225 -46.40 -26.59 -16.42
CA THR A 225 -47.58 -25.85 -15.95
C THR A 225 -47.41 -25.49 -14.49
N TYR A 226 -47.91 -24.30 -14.14
CA TYR A 226 -47.86 -23.80 -12.77
C TYR A 226 -49.26 -23.39 -12.37
N ASN A 227 -49.81 -24.04 -11.36
CA ASN A 227 -51.15 -23.72 -10.92
C ASN A 227 -51.20 -22.34 -10.28
N ILE A 228 -52.36 -21.69 -10.41
CA ILE A 228 -52.60 -20.39 -9.83
C ILE A 228 -53.93 -20.40 -9.13
N THR A 229 -53.95 -19.97 -7.86
CA THR A 229 -55.22 -19.80 -7.17
C THR A 229 -55.94 -18.54 -7.66
N GLU A 230 -57.23 -18.66 -7.93
CA GLU A 230 -58.05 -17.57 -8.45
C GLU A 230 -58.29 -16.48 -7.40
N ASP A 231 -57.89 -15.25 -7.69
CA ASP A 231 -58.22 -14.09 -6.86
C ASP A 231 -58.06 -12.82 -7.68
N GLU A 232 -58.34 -11.66 -7.08
CA GLU A 232 -58.22 -10.38 -7.77
C GLU A 232 -57.11 -9.54 -7.15
N ILE A 233 -56.12 -10.21 -6.54
CA ILE A 233 -55.03 -9.54 -5.85
C ILE A 233 -53.95 -9.09 -6.82
N LEU A 234 -53.46 -7.86 -6.62
CA LEU A 234 -52.31 -7.32 -7.35
C LEU A 234 -51.12 -8.26 -7.24
N GLU A 235 -50.42 -8.48 -8.35
CA GLU A 235 -49.19 -9.24 -8.26
C GLU A 235 -48.12 -8.77 -9.20
N TRP A 236 -46.89 -9.22 -8.94
CA TRP A 236 -45.72 -8.89 -9.75
C TRP A 236 -45.14 -10.15 -10.33
N PHE A 237 -44.72 -10.07 -11.59
CA PHE A 237 -44.04 -11.15 -12.31
C PHE A 237 -42.72 -10.64 -12.86
N GLY A 238 -41.69 -11.48 -12.87
CA GLY A 238 -40.41 -11.04 -13.40
C GLY A 238 -39.74 -12.12 -14.22
N ILE A 239 -38.84 -11.73 -15.11
CA ILE A 239 -38.11 -12.70 -15.93
C ILE A 239 -36.71 -12.17 -16.21
N THR A 240 -35.72 -13.02 -16.00
CA THR A 240 -34.32 -12.73 -16.29
C THR A 240 -33.71 -13.95 -16.98
N GLN A 241 -32.45 -13.85 -17.39
CA GLN A 241 -31.77 -15.01 -17.95
C GLN A 241 -30.32 -14.99 -17.53
N THR A 242 -29.79 -16.19 -17.26
CA THR A 242 -28.36 -16.35 -17.05
C THR A 242 -27.90 -17.55 -17.86
N ALA A 243 -26.64 -17.94 -17.70
CA ALA A 243 -26.16 -19.13 -18.40
C ALA A 243 -26.88 -20.38 -17.89
N GLN A 244 -27.54 -20.28 -16.74
CA GLN A 244 -28.28 -21.41 -16.18
C GLN A 244 -29.67 -21.57 -16.79
N GLY A 245 -30.09 -20.56 -17.56
CA GLY A 245 -31.39 -20.62 -18.20
C GLY A 245 -32.24 -19.40 -17.91
N VAL A 246 -33.54 -19.50 -18.20
CA VAL A 246 -34.46 -18.38 -18.02
C VAL A 246 -35.15 -18.52 -16.67
N HIS A 247 -35.08 -17.44 -15.87
CA HIS A 247 -35.60 -17.47 -14.50
C HIS A 247 -36.92 -16.73 -14.43
N LEU A 248 -37.94 -17.39 -13.87
CA LEU A 248 -39.24 -16.75 -13.68
C LEU A 248 -39.45 -16.39 -12.22
N PHE A 249 -39.99 -15.19 -11.98
CA PHE A 249 -40.21 -14.67 -10.63
C PHE A 249 -41.66 -14.31 -10.44
N SER A 250 -42.15 -14.47 -9.22
CA SER A 250 -43.52 -14.06 -8.90
C SER A 250 -43.62 -13.63 -7.45
N SER A 251 -44.57 -12.75 -7.16
CA SER A 251 -44.87 -12.44 -5.76
C SER A 251 -45.84 -13.46 -5.16
N ARG A 252 -46.48 -14.28 -6.02
CA ARG A 252 -47.64 -15.09 -5.59
C ARG A 252 -47.39 -16.09 -4.47
N TYR A 253 -46.28 -16.78 -4.52
CA TYR A 253 -46.11 -17.92 -3.64
C TYR A 253 -45.48 -17.53 -2.30
N VAL A 254 -44.61 -16.53 -2.33
CA VAL A 254 -43.85 -16.16 -1.14
C VAL A 254 -44.30 -14.81 -0.50
N ASP A 255 -44.86 -13.92 -1.30
CA ASP A 255 -45.29 -12.59 -0.79
C ASP A 255 -46.56 -12.11 -1.48
N LEU A 256 -47.59 -12.95 -1.45
CA LEU A 256 -48.82 -12.66 -2.17
C LEU A 256 -49.40 -11.29 -1.83
N TYR A 257 -49.31 -10.92 -0.55
CA TYR A 257 -49.95 -9.69 -0.09
C TYR A 257 -49.05 -8.47 -0.09
N GLY A 258 -47.75 -8.66 -0.37
CA GLY A 258 -46.79 -7.58 -0.30
C GLY A 258 -46.06 -7.23 -1.58
N GLY A 259 -45.97 -8.18 -2.51
CA GLY A 259 -45.44 -7.89 -3.84
C GLY A 259 -43.98 -8.23 -4.15
N ASN A 260 -43.17 -8.56 -3.14
CA ASN A 260 -41.78 -8.95 -3.39
C ASN A 260 -41.77 -10.17 -4.32
N MET A 261 -40.88 -10.18 -5.30
CA MET A 261 -40.78 -11.29 -6.24
C MET A 261 -39.68 -12.28 -5.86
N PHE A 262 -40.04 -13.55 -5.98
CA PHE A 262 -39.12 -14.65 -5.72
C PHE A 262 -39.17 -15.65 -6.86
N GLN A 263 -38.01 -16.27 -7.06
CA GLN A 263 -37.84 -17.24 -8.12
C GLN A 263 -38.72 -18.51 -7.96
N PHE A 264 -39.49 -18.85 -8.99
CA PHE A 264 -40.28 -20.09 -8.93
C PHE A 264 -39.94 -21.10 -10.03
N ALA A 265 -39.08 -20.71 -10.97
CA ALA A 265 -38.67 -21.63 -12.03
C ALA A 265 -37.40 -21.21 -12.71
N THR A 266 -36.61 -22.19 -13.12
CA THR A 266 -35.53 -21.97 -14.06
C THR A 266 -35.82 -22.88 -15.25
N LEU A 267 -35.98 -22.26 -16.41
CA LEU A 267 -36.31 -22.98 -17.63
C LEU A 267 -35.04 -23.27 -18.38
N PRO A 268 -34.91 -24.50 -18.90
CA PRO A 268 -33.73 -24.91 -19.65
C PRO A 268 -33.72 -24.27 -21.03
N VAL A 269 -33.52 -22.97 -21.03
CA VAL A 269 -33.41 -22.22 -22.26
C VAL A 269 -32.05 -21.57 -22.24
N TYR A 270 -31.13 -22.06 -23.06
CA TYR A 270 -29.74 -21.65 -22.97
C TYR A 270 -29.30 -20.85 -24.18
N ASP A 271 -30.17 -20.78 -25.19
CA ASP A 271 -29.98 -19.85 -26.29
C ASP A 271 -30.38 -18.49 -25.78
N THR A 272 -29.53 -17.49 -25.94
CA THR A 272 -29.80 -16.21 -25.32
C THR A 272 -31.06 -15.56 -25.90
N ILE A 273 -31.98 -15.21 -25.01
CA ILE A 273 -33.15 -14.45 -25.39
C ILE A 273 -32.76 -13.00 -25.70
N LYS A 274 -33.06 -12.55 -26.90
CA LYS A 274 -32.77 -11.19 -27.33
C LYS A 274 -34.03 -10.37 -27.58
N TYR A 275 -35.14 -11.06 -27.81
CA TYR A 275 -36.36 -10.39 -28.21
C TYR A 275 -37.57 -10.91 -27.47
N TYR A 276 -38.56 -10.05 -27.28
CA TYR A 276 -39.85 -10.51 -26.81
C TYR A 276 -40.99 -9.69 -27.39
N SER A 277 -42.17 -10.28 -27.39
CA SER A 277 -43.37 -9.52 -27.67
C SER A 277 -44.48 -9.92 -26.69
N ILE A 278 -45.50 -9.07 -26.59
CA ILE A 278 -46.68 -9.37 -25.79
C ILE A 278 -47.67 -10.03 -26.73
N ILE A 279 -48.14 -11.21 -26.36
CA ILE A 279 -49.13 -11.91 -27.16
C ILE A 279 -50.50 -11.34 -26.85
N PRO A 280 -51.16 -10.75 -27.84
CA PRO A 280 -52.51 -10.24 -27.56
C PRO A 280 -53.50 -11.36 -27.28
N HIS A 281 -54.32 -11.15 -26.26
CA HIS A 281 -55.42 -12.03 -25.95
C HIS A 281 -56.71 -11.28 -26.17
N SER A 282 -57.73 -11.95 -26.73
CA SER A 282 -59.05 -11.33 -26.79
C SER A 282 -60.07 -12.30 -26.20
N ILE A 283 -61.03 -11.77 -25.47
CA ILE A 283 -61.96 -12.59 -24.72
C ILE A 283 -63.26 -12.74 -25.53
N ARG A 284 -63.55 -13.97 -25.96
CA ARG A 284 -64.71 -14.18 -26.83
C ARG A 284 -65.98 -14.25 -26.01
N SER A 285 -66.32 -13.12 -25.40
CA SER A 285 -67.57 -13.00 -24.68
C SER A 285 -68.70 -12.62 -25.64
N ILE A 286 -69.94 -12.80 -25.20
CA ILE A 286 -71.04 -12.19 -25.92
C ILE A 286 -71.28 -10.81 -25.33
N GLN A 287 -72.05 -9.97 -26.02
CA GLN A 287 -72.17 -8.58 -25.61
C GLN A 287 -72.58 -8.40 -24.14
N SER A 288 -73.54 -9.21 -23.67
CA SER A 288 -74.03 -9.04 -22.30
C SER A 288 -73.07 -9.56 -21.23
N ASP A 289 -72.00 -10.21 -21.66
CA ASP A 289 -71.05 -10.82 -20.73
C ASP A 289 -69.72 -10.04 -20.72
N ARG A 290 -69.70 -8.86 -21.32
CA ARG A 290 -68.44 -8.15 -21.47
C ARG A 290 -67.92 -7.58 -20.15
N LYS A 291 -66.63 -7.81 -19.91
CA LYS A 291 -65.99 -7.31 -18.72
C LYS A 291 -64.86 -6.37 -19.13
N ALA A 292 -64.32 -5.64 -18.16
CA ALA A 292 -63.10 -4.86 -18.35
C ALA A 292 -61.97 -5.64 -17.69
N TRP A 293 -60.83 -5.71 -18.38
CA TRP A 293 -59.68 -6.48 -17.92
C TRP A 293 -58.53 -5.54 -17.60
N ALA A 294 -57.95 -5.72 -16.40
CA ALA A 294 -56.90 -4.85 -15.89
C ALA A 294 -55.71 -4.76 -16.80
N ALA A 295 -55.33 -3.54 -17.15
CA ALA A 295 -54.08 -3.33 -17.87
C ALA A 295 -52.91 -3.88 -17.06
N PHE A 296 -51.89 -4.34 -17.75
CA PHE A 296 -50.65 -4.69 -17.08
C PHE A 296 -49.49 -3.85 -17.63
N TYR A 297 -48.41 -3.76 -16.87
CA TYR A 297 -47.35 -2.82 -17.15
C TYR A 297 -45.99 -3.51 -17.08
N VAL A 298 -45.19 -3.34 -18.12
CA VAL A 298 -43.87 -3.97 -18.22
C VAL A 298 -42.80 -2.91 -18.03
N TYR A 299 -41.88 -3.17 -17.09
CA TYR A 299 -40.78 -2.25 -16.79
C TYR A 299 -39.44 -2.97 -17.00
N LYS A 300 -38.55 -2.38 -17.76
CA LYS A 300 -37.26 -3.00 -18.05
C LYS A 300 -36.36 -2.99 -16.82
N LEU A 301 -35.56 -4.03 -16.67
CA LEU A 301 -34.60 -4.14 -15.58
C LEU A 301 -33.23 -3.65 -16.00
N GLN A 302 -32.48 -3.07 -15.06
CA GLN A 302 -31.08 -2.74 -15.27
C GLN A 302 -30.32 -2.82 -13.95
N PRO A 303 -28.99 -2.99 -14.02
CA PRO A 303 -28.19 -3.04 -12.80
C PRO A 303 -28.11 -1.66 -12.16
N LEU A 304 -28.66 -1.58 -10.95
CA LEU A 304 -28.72 -0.35 -10.18
C LEU A 304 -28.44 -0.66 -8.74
N THR A 305 -27.89 0.31 -8.01
CA THR A 305 -27.71 0.16 -6.59
C THR A 305 -28.87 0.82 -5.87
N PHE A 306 -29.57 0.03 -5.08
CA PHE A 306 -30.70 0.50 -4.29
C PHE A 306 -30.37 0.46 -2.81
N LEU A 307 -30.94 1.39 -2.05
CA LEU A 307 -31.09 1.18 -0.62
C LEU A 307 -32.27 0.23 -0.44
N LEU A 308 -32.05 -0.88 0.26
CA LEU A 308 -33.12 -1.82 0.56
C LEU A 308 -33.38 -1.82 2.05
N ASP A 309 -34.63 -1.59 2.44
CA ASP A 309 -35.06 -1.62 3.83
C ASP A 309 -35.81 -2.92 4.10
N PHE A 310 -35.18 -3.82 4.86
CA PHE A 310 -35.77 -5.11 5.19
C PHE A 310 -36.48 -5.05 6.55
N SER A 311 -37.74 -5.45 6.57
CA SER A 311 -38.47 -5.51 7.83
C SER A 311 -37.95 -6.62 8.74
N VAL A 312 -38.51 -6.70 9.94
CA VAL A 312 -38.14 -7.76 10.87
C VAL A 312 -38.46 -9.12 10.26
N ASP A 313 -39.58 -9.22 9.54
CA ASP A 313 -39.98 -10.49 8.98
C ASP A 313 -39.26 -10.82 7.67
N GLY A 314 -38.35 -9.93 7.26
CA GLY A 314 -37.48 -10.20 6.12
C GLY A 314 -37.89 -9.58 4.81
N TYR A 315 -39.11 -9.06 4.72
CA TYR A 315 -39.57 -8.52 3.44
C TYR A 315 -39.11 -7.07 3.22
N ILE A 316 -39.07 -6.66 1.97
CA ILE A 316 -38.69 -5.29 1.59
C ILE A 316 -39.93 -4.46 1.36
N ARG A 317 -40.12 -3.43 2.19
CA ARG A 317 -41.31 -2.59 2.07
C ARG A 317 -40.96 -1.17 1.70
N ARG A 318 -39.67 -0.88 1.63
CA ARG A 318 -39.20 0.40 1.15
C ARG A 318 -37.90 0.21 0.40
N ALA A 319 -37.66 1.06 -0.60
CA ALA A 319 -36.38 1.11 -1.25
C ALA A 319 -36.10 2.52 -1.74
N ILE A 320 -34.84 2.81 -2.03
CA ILE A 320 -34.47 4.06 -2.67
C ILE A 320 -33.64 3.77 -3.91
N ASP A 321 -34.04 4.36 -5.02
CA ASP A 321 -33.23 4.34 -6.23
C ASP A 321 -32.13 5.39 -6.09
N CYS A 322 -30.93 4.96 -5.70
CA CYS A 322 -29.88 5.91 -5.33
C CYS A 322 -29.50 6.89 -6.43
N GLY A 323 -29.55 6.45 -7.68
CA GLY A 323 -29.16 7.26 -8.82
C GLY A 323 -30.22 8.20 -9.34
N PHE A 324 -31.38 8.19 -8.70
CA PHE A 324 -32.52 8.96 -9.17
C PHE A 324 -32.20 10.45 -9.14
N ASN A 325 -31.63 10.91 -8.02
CA ASN A 325 -31.13 12.28 -7.92
C ASN A 325 -30.14 12.42 -6.76
N ASP A 326 -29.62 13.62 -6.55
CA ASP A 326 -28.60 13.84 -5.53
C ASP A 326 -29.18 13.62 -4.14
N LEU A 327 -30.43 14.04 -3.95
CA LEU A 327 -31.11 13.82 -2.68
C LEU A 327 -31.19 12.33 -2.34
N SER A 328 -31.60 11.51 -3.30
CA SER A 328 -31.65 10.06 -3.08
C SER A 328 -30.25 9.50 -2.88
N GLN A 329 -29.30 10.03 -3.65
CA GLN A 329 -27.90 9.67 -3.52
C GLN A 329 -27.41 9.85 -2.09
N LEU A 330 -27.67 11.03 -1.54
CA LEU A 330 -27.26 11.36 -0.18
C LEU A 330 -27.87 10.40 0.83
N HIS A 331 -29.14 10.11 0.55
CA HIS A 331 -30.06 9.22 1.29
C HIS A 331 -29.58 7.80 1.38
N CYS A 332 -28.88 7.41 0.35
CA CYS A 332 -28.28 6.09 0.20
C CYS A 332 -26.94 6.00 0.93
N SER A 333 -26.18 7.08 0.82
CA SER A 333 -24.95 7.19 1.56
C SER A 333 -25.54 7.18 2.94
N TYR A 334 -24.75 6.70 3.88
CA TYR A 334 -25.15 6.54 5.28
C TYR A 334 -25.74 5.15 5.47
N GLU A 335 -25.92 4.44 4.37
CA GLU A 335 -26.40 3.06 4.40
C GLU A 335 -27.71 3.01 5.18
N SER A 336 -28.52 4.05 5.01
CA SER A 336 -29.76 4.15 5.76
C SER A 336 -30.85 4.84 4.94
N PHE A 337 -32.10 4.55 5.29
CA PHE A 337 -33.23 5.24 4.69
C PHE A 337 -33.16 6.71 5.05
N ASP A 338 -32.76 7.02 6.28
CA ASP A 338 -32.73 8.39 6.75
C ASP A 338 -31.32 8.95 6.73
N VAL A 339 -31.21 10.14 6.17
CA VAL A 339 -29.97 10.89 6.05
C VAL A 339 -30.15 12.23 6.72
N GLU A 340 -29.24 12.57 7.63
CA GLU A 340 -29.34 13.74 8.49
C GLU A 340 -29.27 15.02 7.67
N SER A 341 -29.87 16.08 8.19
CA SER A 341 -30.16 17.26 7.39
C SER A 341 -28.90 18.08 7.16
N GLY A 342 -28.49 18.20 5.90
CA GLY A 342 -27.33 19.01 5.57
C GLY A 342 -27.13 19.11 4.08
N VAL A 343 -25.96 19.60 3.71
CA VAL A 343 -25.54 19.72 2.32
C VAL A 343 -24.73 18.49 1.96
N TYR A 344 -25.06 17.86 0.85
CA TYR A 344 -24.42 16.61 0.47
C TYR A 344 -24.02 16.69 -0.98
N SER A 345 -22.75 16.46 -1.28
CA SER A 345 -22.27 16.69 -2.61
C SER A 345 -22.46 15.46 -3.50
N VAL A 346 -23.19 15.65 -4.59
CA VAL A 346 -23.46 14.61 -5.57
C VAL A 346 -22.70 15.01 -6.82
N SER A 347 -22.26 14.03 -7.61
CA SER A 347 -21.34 14.32 -8.69
C SER A 347 -22.03 14.94 -9.90
N SER A 348 -21.21 15.41 -10.85
CA SER A 348 -21.61 16.02 -12.10
C SER A 348 -22.34 14.99 -12.98
N PHE A 349 -23.10 15.36 -14.04
CA PHE A 349 -23.21 16.52 -14.99
C PHE A 349 -21.95 16.92 -15.75
N GLU A 350 -21.53 16.05 -16.65
CA GLU A 350 -20.50 16.36 -17.63
C GLU A 350 -21.14 16.52 -19.00
N ALA A 351 -20.63 17.45 -19.81
CA ALA A 351 -21.27 17.81 -21.06
C ALA A 351 -21.11 16.73 -22.12
N LYS A 352 -21.98 16.78 -23.16
CA LYS A 352 -22.04 15.76 -24.19
C LYS A 352 -21.12 16.08 -25.37
N PRO A 353 -20.46 15.06 -25.92
CA PRO A 353 -19.56 15.26 -27.06
C PRO A 353 -20.33 15.61 -28.33
N SER A 354 -19.97 16.72 -28.97
CA SER A 354 -20.65 17.20 -30.15
C SER A 354 -19.65 17.91 -31.05
N GLY A 355 -19.47 17.39 -32.26
CA GLY A 355 -18.54 17.99 -33.20
C GLY A 355 -17.19 17.33 -33.10
N SER A 356 -17.18 16.01 -33.22
CA SER A 356 -16.00 15.20 -32.95
C SER A 356 -14.94 15.44 -34.01
N VAL A 357 -13.99 16.32 -33.70
CA VAL A 357 -12.97 16.74 -34.66
C VAL A 357 -11.94 15.64 -34.84
N VAL A 358 -11.70 15.25 -36.10
CA VAL A 358 -10.71 14.25 -36.46
C VAL A 358 -9.72 14.92 -37.40
N GLU A 359 -8.43 14.71 -37.15
CA GLU A 359 -7.38 15.34 -37.95
C GLU A 359 -6.39 14.31 -38.43
N GLN A 360 -6.00 14.43 -39.70
CA GLN A 360 -4.99 13.58 -40.30
C GLN A 360 -4.06 14.42 -41.18
N VAL A 364 -2.91 15.29 -46.21
CA VAL A 364 -4.33 15.60 -46.05
C VAL A 364 -4.91 16.09 -47.39
N GLU A 365 -6.14 15.66 -47.69
CA GLU A 365 -6.81 15.91 -48.98
C GLU A 365 -6.12 15.19 -50.15
N CYS A 366 -6.83 14.26 -50.79
CA CYS A 366 -6.26 13.42 -51.84
C CYS A 366 -6.13 14.12 -53.19
N ASP A 367 -4.95 13.95 -53.80
CA ASP A 367 -4.56 14.71 -55.00
C ASP A 367 -4.98 14.07 -56.33
N PHE A 368 -6.16 14.45 -56.83
CA PHE A 368 -6.69 13.95 -58.10
C PHE A 368 -6.19 14.76 -59.30
N SER A 369 -5.24 15.66 -59.06
CA SER A 369 -4.80 16.65 -60.06
C SER A 369 -4.62 16.14 -61.50
N PRO A 370 -3.62 15.28 -61.75
CA PRO A 370 -3.14 15.07 -63.12
C PRO A 370 -4.19 14.42 -64.04
N LEU A 371 -5.32 14.03 -63.44
CA LEU A 371 -6.45 13.47 -64.17
C LEU A 371 -7.17 14.53 -64.99
N LEU A 372 -7.32 15.71 -64.40
CA LEU A 372 -8.06 16.80 -65.02
C LEU A 372 -7.24 17.52 -66.10
N SER A 373 -5.93 17.37 -66.06
CA SER A 373 -5.05 18.09 -66.98
C SER A 373 -4.46 17.20 -68.07
N GLY A 374 -5.01 17.28 -69.28
CA GLY A 374 -4.48 16.56 -70.43
C GLY A 374 -5.47 15.64 -71.12
N THR A 375 -4.92 14.62 -71.78
CA THR A 375 -5.73 13.65 -72.52
C THR A 375 -5.72 12.30 -71.84
N PRO A 376 -6.89 11.84 -71.37
CA PRO A 376 -6.99 10.49 -70.80
C PRO A 376 -6.47 9.47 -71.82
N PRO A 377 -5.50 8.61 -71.43
CA PRO A 377 -4.91 7.64 -72.35
C PRO A 377 -5.91 6.57 -72.73
N GLN A 378 -5.53 5.66 -73.62
CA GLN A 378 -6.45 4.58 -73.99
C GLN A 378 -6.45 3.47 -72.94
N VAL A 379 -7.57 2.77 -72.82
CA VAL A 379 -7.74 1.72 -71.80
C VAL A 379 -6.50 0.83 -71.55
N TYR A 380 -5.80 0.47 -72.63
CA TYR A 380 -4.63 -0.40 -72.50
C TYR A 380 -3.37 0.35 -72.03
N ASN A 381 -3.48 1.69 -71.95
CA ASN A 381 -2.42 2.51 -71.37
C ASN A 381 -2.93 3.27 -70.15
N PHE A 382 -3.87 2.66 -69.43
CA PHE A 382 -4.51 3.29 -68.27
C PHE A 382 -3.52 3.89 -67.27
N LYS A 383 -3.79 5.12 -66.83
CA LYS A 383 -2.93 5.76 -65.83
C LYS A 383 -3.41 5.45 -64.42
N ARG A 384 -2.45 5.22 -63.53
CA ARG A 384 -2.73 4.77 -62.17
C ARG A 384 -2.36 5.81 -61.11
N LEU A 385 -3.37 6.24 -60.35
CA LEU A 385 -3.15 7.11 -59.20
C LEU A 385 -3.24 6.29 -57.91
N VAL A 386 -2.19 6.38 -57.09
CA VAL A 386 -2.12 5.65 -55.82
C VAL A 386 -2.42 6.57 -54.64
N PHE A 387 -3.14 6.06 -53.64
CA PHE A 387 -3.48 6.91 -52.50
C PHE A 387 -3.20 6.26 -51.14
N THR A 388 -2.19 6.80 -50.47
CA THR A 388 -1.84 6.42 -49.11
C THR A 388 -1.93 7.67 -48.24
N ASN A 389 -2.48 7.52 -47.04
CA ASN A 389 -2.41 8.57 -46.03
C ASN A 389 -2.95 9.93 -46.49
N CYS A 390 -4.25 9.99 -46.76
CA CYS A 390 -4.89 11.26 -47.14
C CYS A 390 -6.40 11.21 -46.96
N ASN A 391 -7.03 12.37 -47.10
CA ASN A 391 -8.48 12.47 -47.02
C ASN A 391 -9.05 12.64 -48.41
N TYR A 392 -10.19 12.00 -48.67
CA TYR A 392 -10.76 12.08 -50.02
C TYR A 392 -12.16 12.65 -50.02
N ASN A 393 -12.39 13.63 -50.88
CA ASN A 393 -13.76 13.93 -51.28
C ASN A 393 -13.95 13.40 -52.69
N LEU A 394 -14.59 12.24 -52.78
CA LEU A 394 -14.82 11.55 -54.04
C LEU A 394 -16.13 11.99 -54.69
N THR A 395 -17.15 12.24 -53.87
CA THR A 395 -18.40 12.80 -54.38
C THR A 395 -18.15 14.21 -54.93
N LYS A 396 -17.06 14.83 -54.47
CA LYS A 396 -16.55 16.04 -55.10
C LYS A 396 -16.16 15.76 -56.55
N LEU A 397 -15.24 14.81 -56.73
CA LEU A 397 -14.73 14.43 -58.05
C LEU A 397 -15.85 14.01 -59.01
N LEU A 398 -16.81 13.25 -58.49
CA LEU A 398 -17.89 12.73 -59.32
C LEU A 398 -19.01 13.76 -59.52
N SER A 399 -18.79 14.97 -59.04
CA SER A 399 -19.74 16.07 -59.25
C SER A 399 -19.27 16.94 -60.42
N LEU A 400 -17.98 16.82 -60.76
CA LEU A 400 -17.43 17.46 -61.95
C LEU A 400 -18.01 16.80 -63.21
N PHE A 401 -17.95 15.47 -63.25
CA PHE A 401 -18.36 14.71 -64.42
C PHE A 401 -19.85 14.44 -64.41
N SER A 402 -20.38 14.01 -65.55
CA SER A 402 -21.71 13.41 -65.60
C SER A 402 -21.49 11.92 -65.54
N VAL A 403 -22.11 11.26 -64.56
CA VAL A 403 -21.85 9.84 -64.33
C VAL A 403 -22.97 8.96 -64.87
N ASN A 404 -22.60 8.01 -65.71
CA ASN A 404 -23.57 7.18 -66.42
C ASN A 404 -23.75 5.78 -65.85
N ASP A 405 -22.69 5.24 -65.26
CA ASP A 405 -22.79 3.94 -64.57
C ASP A 405 -21.80 3.80 -63.41
N PHE A 406 -22.28 3.16 -62.34
CA PHE A 406 -21.50 2.92 -61.13
C PHE A 406 -21.84 1.53 -60.59
N THR A 407 -20.95 0.57 -60.87
CA THR A 407 -21.05 -0.75 -60.27
C THR A 407 -19.76 -1.10 -59.54
N CYS A 408 -19.92 -1.82 -58.42
CA CYS A 408 -18.79 -2.25 -57.62
C CYS A 408 -18.83 -3.76 -57.42
N SER A 409 -17.69 -4.35 -57.06
CA SER A 409 -17.64 -5.76 -56.70
C SER A 409 -17.12 -5.89 -55.27
N GLN A 410 -17.83 -6.69 -54.46
CA GLN A 410 -17.51 -6.87 -53.03
C GLN A 410 -17.56 -5.55 -52.26
N ILE A 411 -18.26 -4.57 -52.80
CA ILE A 411 -18.52 -3.30 -52.12
C ILE A 411 -19.67 -2.62 -52.84
N SER A 412 -20.17 -1.52 -52.30
CA SER A 412 -21.25 -0.77 -52.95
C SER A 412 -20.76 0.65 -53.19
N PRO A 413 -21.46 1.42 -54.06
CA PRO A 413 -21.01 2.79 -54.31
C PRO A 413 -21.23 3.65 -53.06
N ALA A 414 -22.32 3.39 -52.35
CA ALA A 414 -22.57 4.03 -51.06
C ALA A 414 -21.42 3.76 -50.09
N ALA A 415 -21.07 2.49 -49.94
CA ALA A 415 -20.02 2.07 -49.02
C ALA A 415 -18.64 2.62 -49.37
N ILE A 416 -18.32 2.69 -50.66
CA ILE A 416 -16.98 3.08 -51.10
C ILE A 416 -16.69 4.56 -50.91
N ALA A 417 -17.73 5.35 -50.71
CA ALA A 417 -17.55 6.76 -50.37
C ALA A 417 -17.25 6.90 -48.87
N SER A 418 -17.93 6.09 -48.07
CA SER A 418 -17.89 6.20 -46.61
C SER A 418 -16.62 5.65 -45.94
N ASN A 419 -16.27 4.40 -46.21
CA ASN A 419 -15.20 3.70 -45.49
C ASN A 419 -13.82 4.35 -45.55
N CYS A 420 -12.95 3.92 -44.64
CA CYS A 420 -11.53 4.32 -44.68
C CYS A 420 -10.71 3.12 -45.16
N TYR A 421 -9.58 3.39 -45.81
CA TYR A 421 -8.77 2.31 -46.38
C TYR A 421 -7.29 2.55 -46.10
N SER A 422 -6.46 1.52 -46.31
CA SER A 422 -5.02 1.67 -46.14
C SER A 422 -4.38 2.00 -47.48
N SER A 423 -5.16 1.88 -48.55
CA SER A 423 -4.66 2.07 -49.90
C SER A 423 -5.82 2.24 -50.87
N LEU A 424 -5.78 3.32 -51.66
CA LEU A 424 -6.76 3.53 -52.72
C LEU A 424 -6.06 3.73 -54.07
N ILE A 425 -6.43 2.92 -55.05
CA ILE A 425 -5.88 3.06 -56.39
C ILE A 425 -6.94 3.53 -57.37
N LEU A 426 -6.66 4.63 -58.07
CA LEU A 426 -7.56 5.15 -59.10
C LEU A 426 -6.95 5.01 -60.50
N ASP A 427 -7.61 4.21 -61.33
CA ASP A 427 -7.20 4.04 -62.72
C ASP A 427 -8.20 4.75 -63.62
N TYR A 428 -7.69 5.59 -64.51
CA TYR A 428 -8.55 6.36 -65.44
C TYR A 428 -8.03 6.27 -66.88
N PHE A 429 -8.97 6.37 -67.82
CA PHE A 429 -8.68 6.24 -69.25
C PHE A 429 -9.88 6.72 -70.06
N SER A 430 -9.68 6.97 -71.36
CA SER A 430 -10.78 7.27 -72.28
C SER A 430 -11.51 5.96 -72.59
N TYR A 431 -12.83 6.01 -72.65
CA TYR A 431 -13.62 4.81 -72.89
C TYR A 431 -15.07 5.16 -73.26
N PRO A 432 -15.56 4.63 -74.39
CA PRO A 432 -16.89 4.95 -74.91
C PRO A 432 -18.01 4.21 -74.18
N LEU A 433 -19.10 4.93 -73.91
CA LEU A 433 -20.28 4.36 -73.25
C LEU A 433 -20.87 3.20 -74.05
N SER A 434 -20.65 3.22 -75.36
CA SER A 434 -21.16 2.18 -76.26
C SER A 434 -20.60 0.81 -75.89
N MET A 435 -19.44 0.80 -75.24
CA MET A 435 -18.77 -0.44 -74.87
C MET A 435 -18.87 -0.78 -73.40
N LYS A 436 -20.03 -0.47 -72.80
CA LYS A 436 -20.25 -0.70 -71.37
C LYS A 436 -20.30 -2.19 -71.06
N SER A 437 -20.91 -2.97 -71.95
CA SER A 437 -21.06 -4.41 -71.77
C SER A 437 -19.70 -5.14 -71.76
N ASP A 438 -18.64 -4.45 -72.14
CA ASP A 438 -17.31 -5.06 -72.21
C ASP A 438 -16.43 -4.64 -71.03
N LEU A 439 -16.87 -3.61 -70.32
CA LEU A 439 -16.18 -3.16 -69.12
C LEU A 439 -16.91 -3.70 -67.90
N SER A 440 -16.70 -4.97 -67.61
CA SER A 440 -17.42 -5.67 -66.56
C SER A 440 -16.44 -6.56 -65.80
N VAL A 441 -16.69 -6.77 -64.51
CA VAL A 441 -15.85 -7.66 -63.70
C VAL A 441 -16.20 -9.11 -64.08
N SER A 442 -17.42 -9.30 -64.59
CA SER A 442 -17.88 -10.60 -65.07
C SER A 442 -17.94 -10.63 -66.61
N SER A 443 -16.81 -10.38 -67.25
CA SER A 443 -16.78 -10.30 -68.71
C SER A 443 -15.52 -10.92 -69.30
N ALA A 444 -15.68 -11.68 -70.37
CA ALA A 444 -14.54 -12.25 -71.08
C ALA A 444 -14.38 -11.63 -72.48
N GLY A 445 -14.65 -10.33 -72.57
CA GLY A 445 -14.39 -9.59 -73.79
C GLY A 445 -12.93 -9.27 -73.92
N PRO A 446 -12.56 -8.47 -74.92
CA PRO A 446 -11.16 -8.10 -75.18
C PRO A 446 -10.59 -7.21 -74.08
N ILE A 447 -11.46 -6.46 -73.41
CA ILE A 447 -11.01 -5.51 -72.38
C ILE A 447 -10.36 -6.22 -71.19
N SER A 448 -11.06 -7.23 -70.65
CA SER A 448 -10.53 -8.05 -69.58
C SER A 448 -9.42 -8.98 -70.05
N GLN A 449 -9.52 -9.47 -71.29
CA GLN A 449 -8.50 -10.35 -71.85
C GLN A 449 -7.16 -9.65 -72.09
N PHE A 450 -7.19 -8.51 -72.79
CA PHE A 450 -5.96 -7.89 -73.28
C PHE A 450 -5.72 -6.45 -72.86
N ASN A 451 -6.67 -5.80 -72.20
CA ASN A 451 -6.54 -4.37 -71.95
C ASN A 451 -6.41 -3.94 -70.49
N TYR A 452 -7.43 -4.24 -69.70
CA TYR A 452 -7.50 -3.78 -68.31
C TYR A 452 -8.21 -4.80 -67.44
N LYS A 453 -7.51 -5.32 -66.44
CA LYS A 453 -8.14 -6.26 -65.51
C LYS A 453 -7.91 -5.83 -64.05
N GLN A 454 -9.00 -5.74 -63.31
CA GLN A 454 -8.93 -5.43 -61.88
C GLN A 454 -8.61 -6.69 -61.07
N SER A 455 -8.21 -6.50 -59.82
CA SER A 455 -7.97 -7.64 -58.93
C SER A 455 -9.30 -8.22 -58.48
N PHE A 456 -9.34 -9.54 -58.27
CA PHE A 456 -10.53 -10.21 -57.78
C PHE A 456 -10.44 -10.42 -56.28
N SER A 457 -9.25 -10.18 -55.73
CA SER A 457 -9.01 -10.38 -54.30
C SER A 457 -9.26 -9.13 -53.45
N ASN A 458 -9.41 -7.98 -54.11
CA ASN A 458 -9.76 -6.74 -53.41
C ASN A 458 -11.14 -6.26 -53.86
N PRO A 459 -11.81 -5.46 -53.01
CA PRO A 459 -13.08 -4.90 -53.49
C PRO A 459 -12.81 -3.86 -54.58
N THR A 460 -13.64 -3.85 -55.63
CA THR A 460 -13.41 -2.97 -56.77
C THR A 460 -14.65 -2.21 -57.22
N CYS A 461 -14.44 -1.04 -57.81
CA CYS A 461 -15.54 -0.30 -58.45
C CYS A 461 -15.19 0.10 -59.88
N LEU A 462 -16.23 0.26 -60.70
CA LEU A 462 -16.06 0.60 -62.11
C LEU A 462 -17.02 1.73 -62.47
N ILE A 463 -16.45 2.87 -62.89
CA ILE A 463 -17.25 4.06 -63.18
C ILE A 463 -17.19 4.51 -64.65
N LEU A 464 -18.35 4.69 -65.25
CA LEU A 464 -18.45 5.28 -66.59
C LEU A 464 -18.96 6.72 -66.50
N ALA A 465 -18.20 7.66 -67.06
CA ALA A 465 -18.57 9.09 -66.99
C ALA A 465 -18.42 9.84 -68.32
N THR A 466 -18.85 11.10 -68.31
CA THR A 466 -18.83 11.97 -69.48
C THR A 466 -18.39 13.38 -69.09
N VAL A 467 -17.24 13.84 -69.56
CA VAL A 467 -16.79 15.21 -69.29
C VAL A 467 -17.67 16.21 -70.05
N PRO A 468 -18.14 17.23 -69.34
CA PRO A 468 -19.25 18.05 -69.81
C PRO A 468 -18.82 18.92 -70.94
N HIS A 469 -18.72 20.22 -70.68
CA HIS A 469 -18.11 21.14 -71.60
C HIS A 469 -17.46 22.03 -70.64
N ASN A 470 -18.19 22.22 -69.57
CA ASN A 470 -17.78 22.97 -68.39
C ASN A 470 -16.35 22.61 -67.96
N LEU A 471 -15.98 21.36 -68.19
CA LEU A 471 -14.62 20.88 -67.96
C LEU A 471 -13.83 20.96 -69.26
N THR A 472 -12.78 21.77 -69.26
CA THR A 472 -12.09 22.15 -70.49
C THR A 472 -10.61 21.81 -70.47
N THR A 473 -10.09 21.47 -69.29
CA THR A 473 -8.68 21.11 -69.18
C THR A 473 -8.48 19.63 -69.55
N ILE A 474 -9.58 18.91 -69.67
CA ILE A 474 -9.56 17.53 -70.17
C ILE A 474 -9.78 17.48 -71.69
N THR A 475 -8.71 17.16 -72.42
CA THR A 475 -8.72 17.14 -73.88
C THR A 475 -9.09 15.75 -74.43
N LYS A 476 -9.81 15.74 -75.55
CA LYS A 476 -10.16 14.50 -76.25
C LYS A 476 -9.08 14.07 -77.26
N PRO A 477 -8.90 12.74 -77.45
CA PRO A 477 -7.99 12.22 -78.48
C PRO A 477 -8.72 11.95 -79.80
N LEU A 478 -7.99 11.56 -80.85
CA LEU A 478 -8.58 11.35 -82.17
C LEU A 478 -9.78 10.41 -82.16
N LYS A 479 -9.68 9.34 -81.37
CA LYS A 479 -10.72 8.33 -81.28
C LYS A 479 -10.49 7.47 -80.05
N TYR A 480 -11.43 6.59 -79.72
CA TYR A 480 -11.19 5.58 -78.70
C TYR A 480 -10.52 4.36 -79.34
N SER A 481 -9.52 3.81 -78.68
CA SER A 481 -8.82 2.62 -79.18
C SER A 481 -8.75 1.53 -78.12
N TYR A 482 -8.82 0.28 -78.56
CA TYR A 482 -8.59 -0.87 -77.67
C TYR A 482 -7.97 -2.04 -78.42
N ILE A 483 -7.32 -2.93 -77.67
CA ILE A 483 -6.71 -4.12 -78.24
C ILE A 483 -7.74 -5.24 -78.38
N ASN A 484 -7.91 -5.77 -79.59
CA ASN A 484 -8.85 -6.88 -79.80
C ASN A 484 -8.18 -8.24 -80.04
N LYS A 485 -6.84 -8.25 -80.03
CA LYS A 485 -6.09 -9.50 -80.11
C LYS A 485 -4.68 -9.29 -79.59
N CYS A 486 -4.26 -10.14 -78.67
CA CYS A 486 -2.87 -10.16 -78.24
C CYS A 486 -2.44 -11.61 -78.07
N SER A 487 -1.66 -12.11 -79.02
CA SER A 487 -1.22 -13.50 -78.94
C SER A 487 0.23 -13.70 -79.38
N ARG A 488 0.79 -14.83 -78.95
CA ARG A 488 2.10 -15.25 -79.42
C ARG A 488 1.95 -16.36 -80.44
N LEU A 489 2.78 -16.32 -81.47
CA LEU A 489 2.89 -17.44 -82.40
C LEU A 489 4.17 -18.16 -82.02
N LEU A 490 4.05 -19.41 -81.59
CA LEU A 490 5.22 -20.17 -81.16
C LEU A 490 6.22 -20.38 -82.30
N SER A 491 7.41 -20.84 -81.96
CA SER A 491 8.48 -21.03 -82.94
C SER A 491 8.19 -22.20 -83.90
N ASP A 492 7.02 -22.80 -83.78
CA ASP A 492 6.63 -23.86 -84.70
C ASP A 492 5.81 -23.31 -85.86
N ASP A 493 5.54 -22.01 -85.84
CA ASP A 493 4.77 -21.33 -86.88
C ASP A 493 3.31 -21.81 -87.00
N ARG A 494 2.82 -22.52 -85.98
CA ARG A 494 1.49 -23.10 -86.03
C ARG A 494 0.67 -22.74 -84.79
N THR A 495 1.32 -22.80 -83.63
CA THR A 495 0.62 -22.68 -82.36
C THR A 495 0.44 -21.23 -81.93
N GLU A 496 -0.82 -20.83 -81.78
CA GLU A 496 -1.17 -19.48 -81.33
C GLU A 496 -1.58 -19.52 -79.86
N VAL A 497 -0.92 -18.71 -79.04
CA VAL A 497 -1.21 -18.64 -77.61
C VAL A 497 -1.55 -17.22 -77.21
N PRO A 498 -2.85 -16.94 -76.98
CA PRO A 498 -3.28 -15.64 -76.49
C PRO A 498 -2.50 -15.19 -75.25
N GLN A 499 -2.04 -13.94 -75.26
CA GLN A 499 -1.36 -13.37 -74.11
C GLN A 499 -2.35 -12.56 -73.29
N LEU A 500 -2.88 -13.17 -72.22
CA LEU A 500 -3.87 -12.52 -71.37
C LEU A 500 -3.22 -11.56 -70.39
N VAL A 501 -3.88 -10.43 -70.15
CA VAL A 501 -3.38 -9.42 -69.22
C VAL A 501 -3.67 -9.84 -67.79
N ASN A 502 -2.68 -9.68 -66.92
CA ASN A 502 -2.85 -9.95 -65.50
C ASN A 502 -3.25 -8.66 -64.79
N ALA A 503 -4.03 -8.79 -63.72
CA ALA A 503 -4.46 -7.65 -62.90
C ALA A 503 -3.30 -6.75 -62.51
N ASN A 504 -3.58 -5.46 -62.39
CA ASN A 504 -2.55 -4.47 -62.06
C ASN A 504 -1.33 -4.47 -63.00
N GLN A 505 -1.55 -4.88 -64.25
CA GLN A 505 -0.47 -4.86 -65.25
C GLN A 505 -0.98 -4.39 -66.62
N TYR A 506 -0.04 -4.01 -67.48
CA TYR A 506 -0.37 -3.67 -68.85
C TYR A 506 -0.25 -4.90 -69.73
N SER A 507 -0.89 -4.86 -70.89
CA SER A 507 -0.77 -5.92 -71.88
C SER A 507 0.66 -6.02 -72.39
N PRO A 508 1.12 -7.25 -72.65
CA PRO A 508 2.44 -7.48 -73.27
C PRO A 508 2.50 -6.89 -74.67
N CYS A 509 1.34 -6.50 -75.21
CA CYS A 509 1.30 -5.94 -76.56
C CYS A 509 1.38 -4.40 -76.61
N VAL A 510 1.41 -3.75 -75.45
CA VAL A 510 1.50 -2.28 -75.42
C VAL A 510 2.81 -1.76 -76.01
N SER A 511 3.76 -2.66 -76.22
CA SER A 511 5.05 -2.30 -76.81
C SER A 511 4.95 -2.15 -78.32
N ILE A 512 3.89 -2.72 -78.91
CA ILE A 512 3.74 -2.72 -80.36
C ILE A 512 2.45 -2.07 -80.85
N VAL A 513 1.52 -1.80 -79.92
CA VAL A 513 0.27 -1.10 -80.26
C VAL A 513 0.40 0.38 -79.91
N PRO A 514 0.30 1.27 -80.93
CA PRO A 514 0.40 2.72 -80.76
C PRO A 514 -0.53 3.27 -79.68
N SER A 515 -0.23 4.44 -79.14
CA SER A 515 -1.03 4.98 -78.05
C SER A 515 -2.46 5.27 -78.50
N THR A 516 -2.63 5.51 -79.79
CA THR A 516 -3.96 5.55 -80.39
C THR A 516 -3.90 4.73 -81.68
N VAL A 517 -4.89 3.88 -81.92
CA VAL A 517 -4.92 3.05 -83.12
C VAL A 517 -5.29 3.92 -84.32
N TRP A 518 -4.47 3.87 -85.37
CA TRP A 518 -4.69 4.71 -86.54
C TRP A 518 -5.98 4.37 -87.28
N GLU A 519 -6.23 3.08 -87.50
CA GLU A 519 -7.44 2.67 -88.19
C GLU A 519 -8.00 1.33 -87.65
N ASP A 520 -9.33 1.26 -87.55
CA ASP A 520 -9.99 0.06 -87.03
C ASP A 520 -9.49 -1.19 -87.74
N GLY A 521 -9.00 -2.16 -86.97
CA GLY A 521 -8.58 -3.41 -87.54
C GLY A 521 -7.10 -3.51 -87.89
N ASP A 522 -6.33 -2.46 -87.64
CA ASP A 522 -4.89 -2.52 -87.89
C ASP A 522 -4.27 -3.64 -87.05
N TYR A 523 -3.19 -4.22 -87.56
CA TYR A 523 -2.52 -5.32 -86.86
C TYR A 523 -1.03 -5.08 -86.74
N TYR A 524 -0.45 -5.58 -85.65
CA TYR A 524 0.94 -5.30 -85.32
C TYR A 524 1.68 -6.61 -85.09
N ARG A 525 2.96 -6.63 -85.43
CA ARG A 525 3.75 -7.84 -85.28
C ARG A 525 5.16 -7.46 -84.87
N LYS A 526 5.89 -8.42 -84.30
CA LYS A 526 7.23 -8.20 -83.81
C LYS A 526 7.84 -9.57 -83.61
N GLN A 527 8.90 -9.86 -84.34
CA GLN A 527 9.57 -11.16 -84.21
C GLN A 527 10.30 -11.23 -82.87
N LEU A 528 10.27 -12.39 -82.22
CA LEU A 528 10.88 -12.54 -80.90
C LEU A 528 12.28 -13.13 -80.96
N SER A 529 13.16 -12.62 -80.10
CA SER A 529 14.51 -13.16 -79.96
C SER A 529 14.41 -14.55 -79.34
N PRO A 530 15.36 -15.44 -79.69
CA PRO A 530 15.43 -16.81 -79.17
C PRO A 530 15.36 -16.84 -77.64
N LEU A 531 15.90 -15.80 -77.01
CA LEU A 531 15.83 -15.65 -75.56
C LEU A 531 14.41 -15.32 -75.09
N GLU A 532 13.71 -14.46 -75.84
CA GLU A 532 12.32 -14.12 -75.53
C GLU A 532 11.36 -15.30 -75.76
N GLY A 533 11.85 -16.34 -76.43
CA GLY A 533 11.06 -17.54 -76.68
C GLY A 533 11.00 -17.92 -78.15
N GLY A 534 11.43 -17.01 -79.01
CA GLY A 534 11.30 -17.22 -80.44
C GLY A 534 9.86 -17.02 -80.89
N GLY A 535 9.60 -17.33 -82.15
CA GLY A 535 8.28 -17.09 -82.72
C GLY A 535 8.00 -15.60 -82.83
N TRP A 536 6.72 -15.23 -82.73
CA TRP A 536 6.33 -13.83 -82.91
C TRP A 536 5.42 -13.31 -81.81
N LEU A 537 5.35 -11.98 -81.69
CA LEU A 537 4.30 -11.33 -80.92
C LEU A 537 3.38 -10.61 -81.90
N VAL A 538 2.07 -10.71 -81.67
CA VAL A 538 1.08 -10.24 -82.63
C VAL A 538 -0.09 -9.55 -81.92
N ALA A 539 -0.58 -8.46 -82.50
CA ALA A 539 -1.72 -7.75 -81.91
C ALA A 539 -2.61 -7.09 -82.96
N SER A 540 -3.84 -6.76 -82.58
CA SER A 540 -4.75 -6.08 -83.49
C SER A 540 -5.60 -5.06 -82.75
N GLY A 541 -5.67 -3.84 -83.29
CA GLY A 541 -6.38 -2.75 -82.64
C GLY A 541 -7.75 -2.44 -83.20
N SER A 542 -8.65 -2.02 -82.31
CA SER A 542 -10.00 -1.61 -82.72
C SER A 542 -10.23 -0.15 -82.37
N THR A 543 -11.16 0.49 -83.07
CA THR A 543 -11.46 1.90 -82.81
C THR A 543 -12.95 2.11 -82.67
N VAL A 544 -13.32 3.12 -81.89
CA VAL A 544 -14.70 3.60 -81.82
C VAL A 544 -14.63 5.10 -82.04
N ALA A 545 -15.57 5.63 -82.80
CA ALA A 545 -15.57 7.05 -83.15
C ALA A 545 -15.65 7.93 -81.91
N MET A 546 -14.87 9.02 -81.90
CA MET A 546 -14.90 9.98 -80.79
C MET A 546 -16.29 10.57 -80.63
N THR A 547 -16.67 10.90 -79.40
CA THR A 547 -18.00 11.45 -79.12
C THR A 547 -18.00 12.97 -78.99
N GLU A 548 -19.18 13.56 -78.91
CA GLU A 548 -19.33 15.01 -78.72
C GLU A 548 -18.59 15.45 -77.48
N GLN A 549 -19.05 14.93 -76.34
CA GLN A 549 -18.34 15.07 -75.08
C GLN A 549 -17.51 13.82 -74.84
N LEU A 550 -16.25 14.00 -74.46
CA LEU A 550 -15.36 12.86 -74.16
C LEU A 550 -15.96 11.95 -73.09
N GLN A 551 -15.81 10.65 -73.27
CA GLN A 551 -16.33 9.66 -72.33
C GLN A 551 -15.17 8.89 -71.69
N MET A 552 -15.22 8.73 -70.36
CA MET A 552 -14.08 8.13 -69.64
C MET A 552 -14.44 6.91 -68.81
N GLY A 553 -13.41 6.15 -68.42
CA GLY A 553 -13.57 5.03 -67.53
C GLY A 553 -12.71 5.13 -66.28
N PHE A 554 -13.30 4.85 -65.12
CA PHE A 554 -12.58 4.87 -63.86
C PHE A 554 -12.66 3.53 -63.14
N GLY A 555 -11.50 3.01 -62.74
CA GLY A 555 -11.45 1.78 -61.98
C GLY A 555 -10.81 2.04 -60.62
N ILE A 556 -11.56 1.79 -59.55
CA ILE A 556 -11.02 1.97 -58.20
C ILE A 556 -10.83 0.64 -57.47
N THR A 557 -9.70 0.52 -56.77
CA THR A 557 -9.41 -0.66 -55.96
C THR A 557 -8.98 -0.26 -54.55
N VAL A 558 -9.71 -0.75 -53.55
CA VAL A 558 -9.43 -0.42 -52.16
C VAL A 558 -8.81 -1.59 -51.39
N GLN A 559 -7.89 -1.28 -50.50
CA GLN A 559 -7.34 -2.26 -49.57
C GLN A 559 -7.63 -1.85 -48.14
N TYR A 560 -8.32 -2.71 -47.40
CA TYR A 560 -8.50 -2.49 -45.97
C TYR A 560 -7.29 -3.03 -45.22
N GLY A 561 -6.62 -2.17 -44.47
CA GLY A 561 -5.46 -2.57 -43.71
C GLY A 561 -5.81 -3.06 -42.32
N THR A 562 -4.79 -3.44 -41.56
CA THR A 562 -4.96 -3.90 -40.19
C THR A 562 -5.05 -2.71 -39.24
N ASP A 563 -4.05 -1.83 -39.30
CA ASP A 563 -3.97 -0.63 -38.48
C ASP A 563 -3.70 0.63 -39.32
N THR A 564 -3.32 0.41 -40.58
CA THR A 564 -2.83 1.47 -41.45
C THR A 564 -3.91 2.23 -42.24
N ASN A 565 -5.18 2.11 -41.81
CA ASN A 565 -6.29 2.76 -42.53
C ASN A 565 -6.22 4.29 -42.58
N SER A 566 -5.16 4.80 -43.20
CA SER A 566 -4.88 6.24 -43.25
C SER A 566 -5.49 6.96 -44.44
N VAL A 567 -6.23 6.23 -45.27
CA VAL A 567 -7.00 6.86 -46.36
C VAL A 567 -8.48 6.88 -46.00
N CYS A 568 -8.91 7.99 -45.40
CA CYS A 568 -10.30 8.13 -44.95
C CYS A 568 -10.97 9.28 -45.69
N PRO A 569 -12.31 9.35 -45.65
CA PRO A 569 -12.95 10.53 -46.25
C PRO A 569 -12.70 11.76 -45.40
N LYS A 570 -13.28 12.89 -45.79
CA LYS A 570 -13.26 14.11 -45.01
C LYS A 570 -14.57 14.86 -45.22
N LEU A 571 -15.02 15.60 -44.20
CA LEU A 571 -16.23 16.39 -44.34
C LEU A 571 -16.08 17.78 -43.72
N LYS A 578 -18.72 19.20 -42.34
CA LYS A 578 -17.38 19.50 -41.86
C LYS A 578 -17.29 19.38 -40.34
N ILE A 579 -18.12 18.50 -39.78
CA ILE A 579 -18.14 18.28 -38.34
C ILE A 579 -16.81 17.75 -37.83
N ALA A 580 -16.21 16.83 -38.59
CA ALA A 580 -14.92 16.27 -38.22
C ALA A 580 -13.88 17.37 -38.15
N SER A 581 -14.30 18.59 -38.45
CA SER A 581 -13.43 19.75 -38.41
C SER A 581 -14.10 20.87 -37.62
N GLN A 582 -13.51 22.06 -37.72
CA GLN A 582 -14.01 23.27 -37.13
C GLN A 582 -15.36 23.67 -37.73
N LEU A 583 -16.23 24.34 -36.97
CA LEU A 583 -16.02 24.81 -35.59
C LEU A 583 -16.74 23.97 -34.56
N GLY A 584 -16.11 22.87 -34.16
CA GLY A 584 -16.56 22.13 -33.02
C GLY A 584 -16.01 22.79 -31.78
N ASN A 585 -16.61 23.90 -31.37
CA ASN A 585 -16.14 24.74 -30.28
C ASN A 585 -16.55 24.21 -28.90
N CYS A 586 -16.90 22.94 -28.80
CA CYS A 586 -17.01 22.25 -27.52
C CYS A 586 -16.50 20.83 -27.72
N VAL A 587 -16.67 20.01 -26.69
CA VAL A 587 -16.38 18.58 -26.66
C VAL A 587 -17.09 17.96 -27.86
N GLU A 588 -16.39 17.19 -28.71
CA GLU A 588 -15.17 16.42 -28.46
C GLU A 588 -14.17 16.67 -29.57
N TYR A 589 -12.93 16.22 -29.40
CA TYR A 589 -11.97 16.07 -30.48
C TYR A 589 -11.46 14.64 -30.50
N SER A 590 -10.80 14.27 -31.61
CA SER A 590 -10.00 13.05 -31.65
C SER A 590 -8.88 13.28 -32.67
N LEU A 591 -7.72 13.65 -32.16
CA LEU A 591 -6.57 13.99 -33.00
C LEU A 591 -5.76 12.73 -33.28
N TYR A 592 -4.49 12.91 -33.68
CA TYR A 592 -3.73 11.92 -34.45
C TYR A 592 -3.56 10.60 -33.71
N GLY A 593 -2.81 10.59 -32.63
CA GLY A 593 -2.69 9.37 -31.85
C GLY A 593 -3.26 9.61 -30.48
N VAL A 594 -3.90 10.76 -30.31
CA VAL A 594 -4.33 11.23 -29.01
C VAL A 594 -5.84 11.39 -29.00
N SER A 595 -6.46 10.95 -27.92
CA SER A 595 -7.88 11.10 -27.72
C SER A 595 -8.10 12.38 -26.92
N GLY A 596 -9.30 12.54 -26.38
CA GLY A 596 -9.51 13.63 -25.46
C GLY A 596 -10.83 14.34 -25.67
N ARG A 597 -11.18 15.21 -24.73
CA ARG A 597 -12.44 15.95 -24.75
C ARG A 597 -12.14 17.37 -24.34
N GLY A 598 -12.34 18.32 -25.25
CA GLY A 598 -11.90 19.67 -24.97
C GLY A 598 -12.77 20.72 -25.61
N VAL A 599 -12.54 21.96 -25.19
CA VAL A 599 -13.23 23.12 -25.72
C VAL A 599 -12.18 23.98 -26.43
N PHE A 600 -12.13 23.89 -27.75
CA PHE A 600 -11.09 24.61 -28.46
C PHE A 600 -11.45 26.08 -28.53
N GLN A 601 -10.45 26.94 -28.41
CA GLN A 601 -10.64 28.37 -28.59
C GLN A 601 -9.47 28.89 -29.39
N ASN A 602 -9.69 29.96 -30.15
CA ASN A 602 -8.58 30.61 -30.84
C ASN A 602 -7.78 31.44 -29.84
N CYS A 603 -6.74 30.84 -29.30
CA CYS A 603 -5.93 31.45 -28.26
C CYS A 603 -4.62 31.94 -28.87
N THR A 604 -3.72 32.44 -28.03
CA THR A 604 -2.40 32.92 -28.46
C THR A 604 -1.39 32.60 -27.38
N ALA A 605 -0.09 32.43 -27.73
CA ALA A 605 0.48 32.12 -29.05
C ALA A 605 1.66 31.17 -28.81
N VAL A 606 1.58 30.41 -27.70
CA VAL A 606 2.73 29.75 -27.11
C VAL A 606 2.85 28.34 -27.65
N GLY A 607 4.00 28.00 -28.20
CA GLY A 607 4.23 26.63 -28.60
C GLY A 607 5.58 26.41 -29.25
N VAL A 608 5.62 25.33 -30.01
CA VAL A 608 6.77 24.98 -30.84
C VAL A 608 6.53 25.34 -32.28
N ARG A 609 5.32 25.02 -32.76
CA ARG A 609 4.72 25.29 -34.06
C ARG A 609 5.26 24.44 -35.20
N GLN A 610 6.19 23.53 -34.93
CA GLN A 610 6.66 22.69 -36.01
C GLN A 610 6.21 21.25 -35.84
N GLN A 611 6.36 20.70 -34.64
CA GLN A 611 5.52 19.59 -34.22
C GLN A 611 4.32 20.18 -33.47
N ARG A 612 3.27 19.38 -33.35
CA ARG A 612 1.95 20.00 -33.24
C ARG A 612 1.15 19.57 -32.02
N PHE A 613 1.71 19.71 -30.84
CA PHE A 613 0.89 19.76 -29.62
C PHE A 613 1.49 20.83 -28.74
N VAL A 614 0.95 20.99 -27.54
CA VAL A 614 1.67 21.64 -26.46
C VAL A 614 1.14 21.10 -25.13
N TYR A 615 2.02 20.66 -24.28
CA TYR A 615 1.61 20.11 -22.99
C TYR A 615 1.86 21.16 -21.94
N ASP A 616 1.40 20.91 -20.72
CA ASP A 616 1.75 21.74 -19.57
C ASP A 616 2.17 20.83 -18.43
N ALA A 617 3.44 20.43 -18.44
CA ALA A 617 4.14 19.77 -17.35
C ALA A 617 3.52 18.45 -16.89
N TYR A 618 2.52 17.94 -17.60
CA TYR A 618 1.89 16.68 -17.22
C TYR A 618 1.62 15.91 -18.50
N GLN A 619 0.73 14.92 -18.42
CA GLN A 619 0.34 14.20 -19.62
C GLN A 619 -0.61 15.01 -20.47
N ASN A 620 -1.31 15.98 -19.87
CA ASN A 620 -2.36 16.69 -20.58
C ASN A 620 -1.78 17.60 -21.66
N LEU A 621 -2.64 18.04 -22.56
CA LEU A 621 -2.26 18.95 -23.62
C LEU A 621 -3.15 20.18 -23.51
N VAL A 622 -2.54 21.35 -23.34
CA VAL A 622 -3.27 22.60 -23.16
C VAL A 622 -2.86 23.60 -24.26
N GLY A 623 -2.79 23.18 -25.52
CA GLY A 623 -3.67 22.23 -26.17
C GLY A 623 -3.95 22.48 -27.62
N TYR A 624 -3.35 23.52 -28.22
CA TYR A 624 -3.68 23.81 -29.60
C TYR A 624 -3.00 22.80 -30.51
N TYR A 625 -3.20 22.96 -31.83
CA TYR A 625 -2.67 22.02 -32.81
C TYR A 625 -3.24 20.62 -32.63
N SER A 626 -4.28 20.32 -33.38
CA SER A 626 -4.12 20.57 -34.80
C SER A 626 -5.27 21.14 -35.57
N ASP A 627 -5.01 22.35 -36.07
CA ASP A 627 -5.75 22.92 -37.18
C ASP A 627 -4.76 23.69 -38.04
N ASP A 628 -5.24 24.13 -39.20
CA ASP A 628 -4.38 24.45 -40.32
C ASP A 628 -4.67 25.86 -40.83
N GLY A 629 -3.87 26.84 -40.41
CA GLY A 629 -2.97 26.68 -39.28
C GLY A 629 -3.28 27.73 -38.26
N ASN A 630 -3.87 27.33 -37.14
CA ASN A 630 -4.12 28.30 -36.09
C ASN A 630 -3.81 27.77 -34.70
N TYR A 631 -4.46 28.37 -33.72
CA TYR A 631 -4.17 28.07 -32.32
C TYR A 631 -5.46 27.70 -31.61
N TYR A 632 -5.85 26.43 -31.68
CA TYR A 632 -7.10 26.02 -31.03
C TYR A 632 -6.83 25.39 -29.67
N CYS A 633 -6.58 26.24 -28.68
CA CYS A 633 -6.07 25.77 -27.40
C CYS A 633 -7.17 25.05 -26.64
N LEU A 634 -6.86 23.88 -26.08
CA LEU A 634 -7.97 23.12 -25.56
C LEU A 634 -8.02 23.26 -24.05
N ARG A 635 -9.09 22.74 -23.48
CA ARG A 635 -9.31 22.78 -22.05
C ARG A 635 -9.87 21.45 -21.59
N ALA A 636 -10.04 21.33 -20.28
CA ALA A 636 -10.62 20.10 -19.76
C ALA A 636 -12.14 20.14 -19.92
N CYS A 637 -12.78 19.03 -19.55
CA CYS A 637 -14.21 18.89 -19.76
C CYS A 637 -14.99 19.80 -18.81
N VAL A 638 -16.17 20.17 -19.25
CA VAL A 638 -17.11 20.95 -18.45
C VAL A 638 -17.86 20.03 -17.52
N SER A 639 -17.88 20.36 -16.23
CA SER A 639 -18.60 19.54 -15.26
C SER A 639 -19.36 20.50 -14.35
N VAL A 640 -20.62 20.21 -14.08
CA VAL A 640 -21.38 21.05 -13.16
C VAL A 640 -21.34 20.41 -11.78
N PRO A 641 -20.72 21.04 -10.82
CA PRO A 641 -20.42 20.37 -9.56
C PRO A 641 -21.56 20.45 -8.57
N VAL A 642 -22.54 19.57 -8.75
CA VAL A 642 -23.86 19.76 -8.19
C VAL A 642 -23.86 19.37 -6.73
N SER A 643 -24.93 19.66 -5.99
CA SER A 643 -25.09 19.13 -4.64
C SER A 643 -26.56 19.02 -4.30
N VAL A 644 -26.85 18.72 -3.03
CA VAL A 644 -28.19 18.42 -2.52
C VAL A 644 -28.33 19.08 -1.16
N ILE A 645 -29.46 19.74 -0.93
CA ILE A 645 -29.71 20.43 0.34
C ILE A 645 -30.87 19.69 1.01
N TYR A 646 -30.62 18.59 1.67
CA TYR A 646 -31.77 17.83 2.03
C TYR A 646 -32.60 18.68 2.94
N ASP A 647 -32.45 18.41 4.22
CA ASP A 647 -33.47 18.82 5.19
C ASP A 647 -34.47 17.71 5.51
N LYS A 648 -34.02 16.67 6.23
CA LYS A 648 -34.84 15.48 6.50
C LYS A 648 -36.05 15.73 7.38
N GLU A 649 -36.10 16.86 8.08
CA GLU A 649 -37.25 17.14 8.96
C GLU A 649 -38.50 17.36 8.13
N THR A 650 -38.40 18.14 7.07
CA THR A 650 -39.54 18.34 6.20
C THR A 650 -39.42 17.59 4.88
N LYS A 651 -38.34 16.82 4.69
CA LYS A 651 -38.14 15.92 3.55
C LYS A 651 -38.17 16.66 2.22
N THR A 652 -37.48 17.79 2.18
CA THR A 652 -37.50 18.65 0.98
C THR A 652 -36.09 18.86 0.43
N HIS A 653 -35.75 18.10 -0.60
CA HIS A 653 -34.45 18.26 -1.25
C HIS A 653 -34.46 19.53 -2.09
N ALA A 654 -33.27 19.99 -2.45
CA ALA A 654 -33.11 21.22 -3.20
C ALA A 654 -31.76 21.28 -3.88
N THR A 655 -31.70 20.99 -5.16
CA THR A 655 -30.43 20.72 -5.84
C THR A 655 -29.67 22.01 -6.09
N LEU A 656 -28.48 22.12 -5.50
CA LEU A 656 -27.60 23.26 -5.70
C LEU A 656 -26.46 22.90 -6.63
N PHE A 657 -26.19 23.78 -7.59
CA PHE A 657 -25.04 23.66 -8.46
C PHE A 657 -23.87 24.41 -7.88
N GLY A 658 -22.67 23.94 -8.14
CA GLY A 658 -21.49 24.61 -7.66
C GLY A 658 -21.04 25.72 -8.59
N SER A 659 -21.32 26.95 -8.19
CA SER A 659 -20.69 28.17 -8.67
C SER A 659 -21.04 28.55 -10.11
N VAL A 660 -21.82 27.74 -10.84
CA VAL A 660 -22.31 28.06 -12.19
C VAL A 660 -23.56 27.28 -12.54
N ALA A 661 -24.55 27.90 -13.19
CA ALA A 661 -24.69 29.36 -13.43
C ALA A 661 -26.15 29.65 -13.38
N CYS A 662 -26.52 30.90 -13.12
CA CYS A 662 -27.91 31.27 -13.25
C CYS A 662 -28.34 31.37 -14.69
N GLU A 663 -27.38 31.49 -15.61
CA GLU A 663 -27.67 31.77 -17.00
C GLU A 663 -27.39 30.58 -17.90
N HIS A 664 -26.48 29.71 -17.50
CA HIS A 664 -25.99 28.68 -18.42
C HIS A 664 -26.75 27.38 -18.27
N ILE A 665 -27.37 27.15 -17.11
CA ILE A 665 -28.05 25.88 -16.91
C ILE A 665 -29.38 25.90 -17.65
N SER A 666 -29.99 24.73 -17.78
CA SER A 666 -31.39 24.62 -18.16
C SER A 666 -32.03 23.62 -17.21
N SER A 667 -33.33 23.77 -16.99
CA SER A 667 -34.02 22.87 -16.08
C SER A 667 -34.14 21.49 -16.70
N THR A 668 -33.76 20.47 -15.91
CA THR A 668 -33.53 19.09 -16.39
C THR A 668 -32.62 19.09 -17.61
N MET A 669 -31.38 19.52 -17.39
CA MET A 669 -30.47 19.89 -18.46
C MET A 669 -30.11 18.71 -19.34
N SER A 670 -30.29 18.90 -20.64
CA SER A 670 -30.17 17.84 -21.63
C SER A 670 -28.81 17.82 -22.32
N GLN A 671 -27.93 18.76 -22.00
CA GLN A 671 -26.59 18.75 -22.55
C GLN A 671 -25.61 17.94 -21.71
N TYR A 672 -26.04 17.40 -20.58
CA TYR A 672 -25.14 16.84 -19.59
C TYR A 672 -25.51 15.39 -19.28
N SER A 673 -24.53 14.66 -18.77
CA SER A 673 -24.64 13.20 -18.69
C SER A 673 -25.40 12.73 -17.45
N ARG A 674 -24.90 13.07 -16.26
CA ARG A 674 -25.30 12.39 -15.04
C ARG A 674 -25.93 13.33 -14.02
N SER A 675 -27.20 13.05 -13.71
CA SER A 675 -27.97 13.81 -12.72
C SER A 675 -27.35 13.80 -11.30
N THR A 676 -27.12 12.64 -10.64
CA THR A 676 -26.81 11.27 -11.11
C THR A 676 -27.87 10.26 -10.75
N ARG A 677 -28.19 9.30 -11.63
CA ARG A 677 -27.68 9.17 -12.98
C ARG A 677 -28.84 9.21 -13.96
N SER A 678 -29.89 8.45 -13.61
CA SER A 678 -30.99 8.26 -14.54
C SER A 678 -31.85 9.50 -14.64
N MET A 679 -32.33 10.02 -13.51
CA MET A 679 -33.21 11.18 -13.54
C MET A 679 -32.74 12.25 -12.56
N LEU A 680 -33.09 13.48 -12.88
CA LEU A 680 -32.76 14.68 -12.11
C LEU A 680 -33.85 14.88 -11.06
N LYS A 681 -34.08 16.12 -10.63
CA LYS A 681 -35.14 16.57 -9.72
C LYS A 681 -34.88 16.03 -8.33
N PRO A 693 -34.90 27.97 -11.12
CA PRO A 693 -33.47 28.25 -10.99
C PRO A 693 -33.18 29.61 -10.39
N VAL A 694 -32.73 29.61 -9.14
CA VAL A 694 -32.50 30.83 -8.39
C VAL A 694 -31.08 30.83 -7.87
N GLY A 695 -30.36 31.89 -8.20
CA GLY A 695 -29.15 32.19 -7.47
C GLY A 695 -29.22 33.61 -6.98
N CYS A 696 -28.10 34.32 -7.10
CA CYS A 696 -26.87 33.83 -7.71
C CYS A 696 -25.73 34.18 -6.77
N VAL A 697 -26.01 34.15 -5.46
CA VAL A 697 -25.02 34.63 -4.50
C VAL A 697 -23.88 33.64 -4.40
N LEU A 698 -24.19 32.37 -4.32
CA LEU A 698 -23.17 31.34 -4.36
C LEU A 698 -23.04 30.82 -5.78
N GLY A 699 -24.06 30.11 -6.22
CA GLY A 699 -24.04 29.40 -7.47
C GLY A 699 -25.48 29.35 -7.89
N LEU A 700 -25.86 28.39 -8.73
CA LEU A 700 -27.27 28.26 -9.06
C LEU A 700 -27.90 27.17 -8.23
N VAL A 701 -29.13 27.44 -7.79
CA VAL A 701 -29.90 26.48 -7.01
C VAL A 701 -31.20 26.24 -7.75
N ASN A 702 -31.69 25.02 -7.70
CA ASN A 702 -33.04 24.71 -8.14
C ASN A 702 -34.02 24.79 -6.97
N SER A 703 -34.02 25.95 -6.32
CA SER A 703 -34.85 26.15 -5.14
C SER A 703 -35.11 27.64 -4.95
N SER A 704 -36.38 27.98 -4.87
CA SER A 704 -36.88 29.29 -4.50
C SER A 704 -36.72 29.42 -2.99
N LEU A 705 -36.32 30.61 -2.50
CA LEU A 705 -36.47 31.94 -3.07
C LEU A 705 -35.34 32.92 -2.74
N PHE A 706 -35.43 34.12 -3.32
CA PHE A 706 -34.45 35.15 -3.05
C PHE A 706 -34.63 35.69 -1.64
N VAL A 707 -33.55 36.25 -1.09
CA VAL A 707 -33.46 36.83 0.26
C VAL A 707 -34.53 37.91 0.46
N GLU A 708 -35.46 37.77 1.45
CA GLU A 708 -35.62 36.86 2.63
C GLU A 708 -34.45 36.94 3.62
N ASP A 709 -34.40 38.07 4.32
CA ASP A 709 -33.46 38.30 5.40
C ASP A 709 -34.23 38.58 6.68
N CYS A 710 -33.66 38.25 7.84
CA CYS A 710 -32.41 37.53 8.08
C CYS A 710 -32.57 36.60 9.29
N LYS A 711 -32.26 35.31 9.14
CA LYS A 711 -32.61 34.34 10.15
C LYS A 711 -31.82 33.04 9.97
N LEU A 712 -31.61 32.31 11.07
CA LEU A 712 -31.63 32.85 12.45
C LEU A 712 -30.32 33.43 13.02
N PRO A 713 -29.13 32.80 12.81
CA PRO A 713 -28.56 31.70 12.01
C PRO A 713 -28.32 30.34 12.66
N LEU A 714 -28.53 29.27 11.87
CA LEU A 714 -28.33 27.90 12.33
C LEU A 714 -28.20 27.01 11.11
N GLY A 715 -27.92 25.73 11.35
CA GLY A 715 -27.97 24.71 10.33
C GLY A 715 -29.32 24.62 9.66
N GLN A 716 -29.37 23.97 8.50
CA GLN A 716 -28.30 23.17 7.95
C GLN A 716 -27.31 23.90 7.06
N SER A 717 -27.40 25.23 7.05
CA SER A 717 -26.27 26.14 6.92
C SER A 717 -25.40 25.89 5.70
N LEU A 718 -25.94 26.14 4.53
CA LEU A 718 -25.23 25.99 3.29
C LEU A 718 -24.14 27.05 3.15
N CYS A 719 -23.57 27.12 1.95
CA CYS A 719 -22.33 27.78 1.60
C CYS A 719 -22.49 29.28 1.57
N ALA A 720 -21.63 30.00 0.84
CA ALA A 720 -20.93 31.22 1.26
C ALA A 720 -21.70 32.07 2.25
N LEU A 721 -22.86 32.65 1.91
CA LEU A 721 -23.85 32.90 2.96
C LEU A 721 -25.34 32.76 2.60
N PRO A 722 -25.81 31.76 1.86
CA PRO A 722 -27.20 31.34 2.10
C PRO A 722 -27.36 30.44 3.31
N ASP A 723 -28.09 30.92 4.33
CA ASP A 723 -28.29 30.17 5.56
C ASP A 723 -29.49 29.23 5.49
N THR A 724 -30.29 29.31 4.41
CA THR A 724 -31.34 28.42 3.90
C THR A 724 -32.24 27.67 4.89
N PRO A 725 -33.17 28.35 5.59
CA PRO A 725 -34.10 27.62 6.45
C PRO A 725 -35.15 26.89 5.63
N SER A 726 -36.01 26.13 6.30
CA SER A 726 -37.01 25.31 5.64
C SER A 726 -38.28 25.38 6.48
N THR A 727 -39.45 25.42 5.82
CA THR A 727 -39.65 25.28 4.38
C THR A 727 -39.71 26.61 3.67
N MET A 740 -35.80 24.84 -0.34
CA MET A 740 -37.05 25.57 -0.23
C MET A 740 -36.87 26.73 0.75
N ARG A 741 -37.15 27.94 0.26
CA ARG A 741 -37.01 29.19 0.99
C ARG A 741 -35.58 29.37 1.48
N LEU A 742 -34.69 29.54 0.50
CA LEU A 742 -33.27 29.60 0.74
C LEU A 742 -32.85 30.95 1.30
N ALA A 743 -31.53 31.10 1.37
CA ALA A 743 -30.83 32.36 1.25
C ALA A 743 -31.21 33.38 2.31
N SER A 744 -30.95 33.07 3.57
CA SER A 744 -31.00 34.10 4.59
C SER A 744 -29.55 34.46 4.94
N ILE A 745 -29.34 35.68 5.40
CA ILE A 745 -27.99 36.13 5.73
C ILE A 745 -28.04 36.74 7.13
N ALA A 746 -27.86 35.93 8.16
CA ALA A 746 -28.34 36.30 9.50
C ALA A 746 -27.21 36.76 10.42
N PHE A 747 -26.59 37.89 10.08
CA PHE A 747 -25.36 38.23 10.80
C PHE A 747 -25.26 39.73 11.02
N ASN A 748 -24.75 40.14 12.19
CA ASN A 748 -24.16 39.24 13.19
C ASN A 748 -25.13 38.97 14.39
N HIS A 749 -25.63 39.93 15.19
CA HIS A 749 -25.32 41.36 15.23
C HIS A 749 -25.17 41.80 16.69
N PRO A 750 -24.00 42.33 17.04
CA PRO A 750 -23.74 42.68 18.44
C PRO A 750 -24.41 43.97 18.83
N ILE A 751 -24.76 44.06 20.11
CA ILE A 751 -25.49 45.23 20.60
C ILE A 751 -24.50 46.38 20.78
N GLN A 752 -24.38 47.20 19.75
CA GLN A 752 -23.26 48.11 19.65
C GLN A 752 -23.50 49.32 20.52
N VAL A 753 -22.76 49.39 21.64
CA VAL A 753 -22.72 50.61 22.41
C VAL A 753 -21.99 51.67 21.57
N ASP A 754 -22.41 52.91 21.72
CA ASP A 754 -21.88 53.99 20.91
C ASP A 754 -20.81 54.73 21.70
N GLN A 755 -19.79 55.22 21.01
CA GLN A 755 -18.68 55.87 21.67
C GLN A 755 -18.95 57.36 21.87
N LEU A 756 -18.82 57.83 23.09
CA LEU A 756 -19.05 59.23 23.34
C LEU A 756 -17.75 60.00 23.08
N ASN A 757 -17.84 61.33 23.11
CA ASN A 757 -16.72 62.20 22.75
C ASN A 757 -15.87 62.81 23.87
N SER A 758 -16.50 63.28 24.94
CA SER A 758 -15.80 64.04 25.96
C SER A 758 -15.27 63.12 27.07
N SER A 759 -14.95 63.70 28.22
CA SER A 759 -14.41 63.03 29.41
C SER A 759 -15.22 61.84 29.92
N TYR A 760 -16.49 61.80 29.57
CA TYR A 760 -17.37 60.68 29.89
C TYR A 760 -17.34 59.66 28.76
N PHE A 761 -17.56 58.39 29.08
CA PHE A 761 -17.58 57.36 28.06
C PHE A 761 -18.56 56.27 28.41
N LYS A 762 -19.48 55.98 27.49
CA LYS A 762 -20.60 55.09 27.75
C LYS A 762 -20.13 53.67 27.94
N LEU A 763 -20.99 52.86 28.57
CA LEU A 763 -20.61 51.51 28.92
C LEU A 763 -21.86 50.66 29.03
N SER A 764 -21.75 49.41 28.64
CA SER A 764 -22.94 48.59 28.55
C SER A 764 -23.14 47.56 29.66
N ILE A 765 -23.35 47.98 30.91
CA ILE A 765 -23.56 47.00 31.98
C ILE A 765 -24.95 46.37 31.90
N PRO A 766 -25.05 45.10 32.23
CA PRO A 766 -26.34 44.43 32.21
C PRO A 766 -27.16 44.48 33.48
N THR A 767 -28.26 43.71 33.49
CA THR A 767 -29.17 43.68 34.62
C THR A 767 -29.48 42.28 35.15
N ASN A 768 -29.52 41.27 34.28
CA ASN A 768 -29.91 39.91 34.69
C ASN A 768 -28.78 38.87 34.69
N PHE A 769 -28.77 37.98 35.69
CA PHE A 769 -27.77 36.91 35.76
C PHE A 769 -27.90 35.89 34.65
N SER A 770 -28.98 35.10 34.69
CA SER A 770 -29.29 34.03 33.74
C SER A 770 -28.16 33.05 33.54
N PHE A 771 -27.86 32.22 34.54
CA PHE A 771 -26.68 31.38 34.50
C PHE A 771 -26.79 30.25 33.51
N GLY A 772 -25.68 29.53 33.37
CA GLY A 772 -25.72 28.09 33.24
C GLY A 772 -25.90 27.45 31.91
N VAL A 773 -25.02 26.50 31.63
CA VAL A 773 -25.01 25.74 30.39
C VAL A 773 -24.39 24.39 30.69
N THR A 774 -24.72 23.37 29.92
CA THR A 774 -23.86 22.20 29.86
C THR A 774 -22.80 22.48 28.80
N GLN A 775 -21.63 21.91 28.97
CA GLN A 775 -20.53 22.25 28.09
C GLN A 775 -19.72 20.99 27.78
N GLU A 776 -18.50 21.14 27.30
CA GLU A 776 -17.96 20.14 26.37
C GLU A 776 -17.27 19.00 27.06
N TYR A 777 -17.28 17.87 26.36
CA TYR A 777 -16.61 16.61 26.58
C TYR A 777 -15.15 16.70 26.17
N ILE A 778 -14.23 16.05 26.88
CA ILE A 778 -12.80 16.29 26.68
C ILE A 778 -11.98 15.02 26.54
N GLN A 779 -12.65 13.90 26.39
CA GLN A 779 -12.23 12.71 25.67
C GLN A 779 -11.12 11.83 26.22
N THR A 780 -10.12 12.37 26.89
CA THR A 780 -9.24 11.73 27.88
C THR A 780 -8.58 10.37 27.55
N THR A 781 -9.14 9.55 26.66
CA THR A 781 -8.73 8.15 26.50
C THR A 781 -9.14 7.60 25.15
N ILE A 782 -8.93 6.30 24.99
CA ILE A 782 -9.59 5.51 23.98
C ILE A 782 -10.29 4.36 24.71
N GLN A 783 -10.90 3.47 23.94
CA GLN A 783 -11.13 2.12 24.39
C GLN A 783 -9.90 1.31 24.07
N LYS A 784 -9.49 0.45 25.01
CA LYS A 784 -8.10 0.04 25.08
C LYS A 784 -7.81 -1.19 24.24
N VAL A 785 -8.54 -1.37 23.15
CA VAL A 785 -8.59 -2.57 22.34
C VAL A 785 -7.23 -3.10 21.89
N THR A 786 -6.98 -4.38 22.13
CA THR A 786 -5.79 -5.05 21.67
C THR A 786 -6.18 -6.21 20.78
N VAL A 787 -5.54 -6.33 19.64
CA VAL A 787 -5.79 -7.43 18.74
C VAL A 787 -4.86 -8.55 19.13
N ASP A 788 -5.37 -9.77 19.08
CA ASP A 788 -4.57 -10.95 19.37
C ASP A 788 -4.19 -11.63 18.05
N CYS A 789 -3.29 -10.95 17.34
CA CYS A 789 -2.74 -11.46 16.09
C CYS A 789 -2.00 -12.76 16.33
N LYS A 790 -1.77 -13.50 15.23
CA LYS A 790 -1.42 -14.92 15.08
C LYS A 790 -2.63 -15.81 15.35
N GLN A 791 -3.76 -15.20 15.78
CA GLN A 791 -5.08 -15.82 15.72
C GLN A 791 -6.19 -14.87 15.31
N TYR A 792 -5.89 -13.62 14.97
CA TYR A 792 -6.86 -12.84 14.21
C TYR A 792 -6.70 -13.18 12.73
N VAL A 793 -5.61 -12.74 12.14
CA VAL A 793 -4.95 -13.54 11.12
C VAL A 793 -4.25 -14.62 11.90
N CYS A 794 -4.50 -15.89 11.60
CA CYS A 794 -5.54 -16.41 10.74
C CYS A 794 -6.61 -16.87 11.67
N ASN A 795 -7.59 -17.60 11.17
CA ASN A 795 -8.72 -17.97 12.01
C ASN A 795 -8.37 -19.10 12.98
N GLY A 796 -7.17 -19.66 12.86
CA GLY A 796 -6.75 -20.73 13.73
C GLY A 796 -6.46 -22.00 12.95
N PHE A 797 -6.07 -21.84 11.70
CA PHE A 797 -5.84 -22.97 10.82
C PHE A 797 -4.35 -23.11 10.56
N GLN A 798 -3.86 -24.35 10.67
CA GLN A 798 -2.45 -24.60 10.95
C GLN A 798 -1.55 -24.20 9.80
N LYS A 799 -1.99 -24.43 8.56
CA LYS A 799 -1.21 -23.99 7.41
C LYS A 799 -1.11 -22.47 7.38
N CYS A 800 -2.21 -21.81 7.73
CA CYS A 800 -2.23 -20.36 7.76
C CYS A 800 -1.43 -19.84 8.94
N GLU A 801 -1.38 -20.63 10.01
CA GLU A 801 -0.54 -20.29 11.16
C GLU A 801 0.95 -20.38 10.81
N GLN A 802 1.30 -21.36 9.97
CA GLN A 802 2.70 -21.47 9.54
C GLN A 802 3.07 -20.33 8.60
N LEU A 803 2.14 -19.95 7.72
CA LEU A 803 2.38 -18.80 6.85
C LEU A 803 2.42 -17.50 7.64
N LEU A 804 1.85 -17.50 8.85
CA LEU A 804 2.10 -16.41 9.79
C LEU A 804 3.48 -16.51 10.41
N ARG A 805 3.92 -17.74 10.60
CA ARG A 805 5.20 -18.02 11.22
C ARG A 805 6.35 -17.52 10.33
N GLU A 806 6.09 -17.39 9.03
CA GLU A 806 6.98 -16.64 8.13
C GLU A 806 6.99 -15.15 8.47
N TYR A 807 5.86 -14.61 8.89
CA TYR A 807 5.74 -13.20 9.27
C TYR A 807 5.74 -13.02 10.77
N GLY A 808 6.50 -13.83 11.50
CA GLY A 808 6.52 -13.77 12.95
C GLY A 808 7.13 -12.51 13.54
N GLN A 809 7.76 -11.67 12.72
CA GLN A 809 8.24 -10.38 13.24
C GLN A 809 7.11 -9.36 13.31
N PHE A 810 6.27 -9.32 12.27
CA PHE A 810 5.27 -8.27 12.14
C PHE A 810 4.22 -8.36 13.23
N CYS A 811 3.79 -9.59 13.56
CA CYS A 811 2.78 -9.78 14.59
C CYS A 811 3.29 -9.34 15.95
N SER A 812 4.56 -9.62 16.22
CA SER A 812 5.20 -9.20 17.45
C SER A 812 5.26 -7.69 17.53
N LYS A 813 5.46 -7.03 16.39
CA LYS A 813 5.48 -5.57 16.42
C LYS A 813 4.09 -5.00 16.53
N ILE A 814 3.07 -5.75 16.10
CA ILE A 814 1.69 -5.31 16.29
C ILE A 814 1.33 -5.31 17.75
N ASN A 815 1.45 -6.47 18.41
CA ASN A 815 0.98 -6.56 19.77
C ASN A 815 1.91 -5.82 20.72
N GLN A 816 3.18 -5.72 20.35
CA GLN A 816 4.10 -4.85 21.07
C GLN A 816 3.65 -3.40 20.98
N ALA A 817 3.21 -2.99 19.79
CA ALA A 817 2.81 -1.61 19.59
C ALA A 817 1.53 -1.27 20.34
N LEU A 818 0.57 -2.18 20.34
CA LEU A 818 -0.68 -1.91 21.06
C LEU A 818 -0.49 -1.97 22.56
N HIS A 819 0.37 -2.86 23.05
CA HIS A 819 0.62 -2.90 24.48
C HIS A 819 1.34 -1.64 24.94
N GLY A 820 2.20 -1.10 24.08
CA GLY A 820 2.77 0.20 24.38
C GLY A 820 1.74 1.31 24.36
N ALA A 821 0.77 1.21 23.44
CA ALA A 821 -0.28 2.22 23.34
C ALA A 821 -1.16 2.20 24.58
N ASN A 822 -1.41 1.02 25.12
CA ASN A 822 -2.25 0.92 26.29
C ASN A 822 -1.51 1.35 27.54
N LEU A 823 -0.19 1.19 27.57
CA LEU A 823 0.51 1.70 28.74
C LEU A 823 0.61 3.21 28.71
N ARG A 824 0.69 3.80 27.52
CA ARG A 824 0.69 5.25 27.45
C ARG A 824 -0.68 5.81 27.82
N GLN A 825 -1.73 5.16 27.33
CA GLN A 825 -3.08 5.59 27.66
C GLN A 825 -3.38 5.36 29.14
N ASP A 826 -2.96 4.23 29.66
CA ASP A 826 -3.18 3.93 31.07
C ASP A 826 -2.40 4.87 31.97
N ASP A 827 -1.23 5.32 31.52
CA ASP A 827 -0.55 6.32 32.32
C ASP A 827 -1.20 7.69 32.16
N SER A 828 -1.95 7.88 31.07
CA SER A 828 -2.75 9.10 30.98
C SER A 828 -3.93 9.07 31.93
N VAL A 829 -4.52 7.89 32.12
CA VAL A 829 -5.63 7.76 33.06
C VAL A 829 -5.12 7.92 34.49
N ARG A 830 -4.06 7.19 34.82
CA ARG A 830 -3.47 7.23 36.15
C ARG A 830 -2.93 8.61 36.49
N ASN A 831 -2.22 9.23 35.56
CA ASN A 831 -1.65 10.54 35.83
C ASN A 831 -2.74 11.59 35.84
N LEU A 832 -3.82 11.34 35.10
CA LEU A 832 -4.94 12.26 35.13
C LEU A 832 -5.59 12.25 36.51
N PHE A 833 -5.93 11.07 37.04
CA PHE A 833 -6.67 11.06 38.29
C PHE A 833 -5.77 11.36 39.48
N ALA A 834 -4.48 11.05 39.36
CA ALA A 834 -3.56 11.48 40.40
C ALA A 834 -3.36 12.99 40.34
N SER A 835 -3.60 13.59 39.18
CA SER A 835 -3.72 15.05 39.16
C SER A 835 -5.18 15.50 39.27
N VAL A 836 -6.08 14.60 39.62
CA VAL A 836 -7.43 15.03 39.98
C VAL A 836 -7.54 15.21 41.48
N LYS A 837 -7.36 14.15 42.26
CA LYS A 837 -7.96 14.21 43.59
C LYS A 837 -7.08 14.96 44.60
N SER A 838 -6.00 14.33 45.06
CA SER A 838 -4.93 14.77 45.96
C SER A 838 -5.34 15.28 47.35
N SER A 839 -6.55 15.85 47.47
CA SER A 839 -7.02 16.65 48.59
C SER A 839 -8.36 17.31 48.26
N GLN A 840 -9.20 17.72 49.21
CA GLN A 840 -9.65 17.05 50.43
C GLN A 840 -11.15 17.25 50.37
N SER A 841 -11.96 16.21 50.58
CA SER A 841 -13.37 16.35 50.30
C SER A 841 -14.12 16.97 51.47
N SER A 842 -15.44 17.11 51.29
CA SER A 842 -16.26 17.81 52.28
C SER A 842 -16.75 16.96 53.45
N PRO A 843 -17.17 15.68 53.28
CA PRO A 843 -17.45 14.73 52.19
C PRO A 843 -18.85 14.87 51.61
N ILE A 844 -19.24 13.89 50.81
CA ILE A 844 -20.52 13.88 50.12
C ILE A 844 -21.65 13.65 51.11
N ILE A 845 -22.37 14.71 51.41
CA ILE A 845 -23.54 14.71 52.29
C ILE A 845 -24.68 15.10 51.37
N PRO A 846 -25.90 14.57 51.54
CA PRO A 846 -27.03 14.98 50.68
C PRO A 846 -27.35 16.46 50.60
N GLY A 847 -26.91 17.26 51.57
CA GLY A 847 -27.02 18.69 51.39
C GLY A 847 -25.68 19.31 51.05
N PHE A 848 -25.50 19.70 49.79
CA PHE A 848 -24.29 20.44 49.43
C PHE A 848 -24.46 21.93 49.72
N GLY A 849 -25.36 22.57 48.97
CA GLY A 849 -25.54 24.00 49.07
C GLY A 849 -26.98 24.37 49.32
N GLY A 850 -27.19 25.32 50.22
CA GLY A 850 -28.51 25.73 50.61
C GLY A 850 -28.93 27.06 50.04
N ASP A 851 -29.86 27.08 49.08
CA ASP A 851 -30.43 25.88 48.50
C ASP A 851 -30.09 25.78 47.04
N PHE A 852 -29.02 25.07 46.72
CA PHE A 852 -28.68 24.79 45.34
C PHE A 852 -28.91 23.30 45.15
N ASN A 853 -30.00 22.95 44.47
CA ASN A 853 -30.31 21.55 44.20
C ASN A 853 -29.27 21.00 43.24
N LEU A 854 -28.35 20.22 43.78
CA LEU A 854 -27.31 19.59 43.00
C LEU A 854 -27.68 18.16 42.68
N THR A 855 -27.76 17.88 41.39
CA THR A 855 -28.02 16.56 40.85
C THR A 855 -26.77 15.69 40.93
N LEU A 856 -25.63 16.31 41.17
CA LEU A 856 -24.34 15.65 41.07
C LEU A 856 -24.03 14.80 42.30
N LEU A 857 -24.89 14.84 43.32
CA LEU A 857 -24.88 13.91 44.44
C LEU A 857 -24.88 12.46 43.98
N GLU A 858 -24.18 11.61 44.71
CA GLU A 858 -24.32 10.18 44.45
C GLU A 858 -25.50 9.63 45.22
N PRO A 859 -26.42 8.92 44.57
CA PRO A 859 -27.59 8.41 45.31
C PRO A 859 -27.27 7.25 46.23
N VAL A 860 -26.40 6.33 45.80
CA VAL A 860 -26.01 5.10 46.52
C VAL A 860 -27.21 4.26 46.94
N ALA A 869 -20.49 5.89 43.49
CA ALA A 869 -21.37 5.00 42.77
C ALA A 869 -22.19 5.73 41.72
N ARG A 870 -21.50 6.47 40.84
CA ARG A 870 -22.03 6.92 39.55
C ARG A 870 -23.28 7.81 39.67
N SER A 871 -23.08 9.08 39.97
CA SER A 871 -24.13 10.05 40.26
C SER A 871 -25.16 10.20 39.14
N ALA A 872 -26.18 11.02 39.44
CA ALA A 872 -27.41 11.08 38.65
C ALA A 872 -27.21 11.67 37.25
N ILE A 873 -26.51 12.80 37.13
CA ILE A 873 -26.22 13.34 35.80
C ILE A 873 -25.31 12.41 35.03
N GLU A 874 -24.36 11.79 35.74
CA GLU A 874 -23.55 10.74 35.14
C GLU A 874 -24.39 9.55 34.73
N ASP A 875 -25.47 9.28 35.47
CA ASP A 875 -26.41 8.25 35.03
C ASP A 875 -27.16 8.66 33.77
N LEU A 876 -27.44 9.95 33.62
CA LEU A 876 -28.12 10.40 32.41
C LEU A 876 -27.22 10.28 31.19
N LEU A 877 -25.98 10.71 31.32
CA LEU A 877 -25.08 10.62 30.19
C LEU A 877 -24.38 9.29 30.09
N PHE A 878 -24.75 8.31 30.90
CA PHE A 878 -24.44 6.94 30.56
C PHE A 878 -25.65 6.16 30.06
N ASP A 879 -26.86 6.57 30.40
CA ASP A 879 -28.01 5.86 29.85
C ASP A 879 -28.30 6.32 28.43
N LYS A 880 -28.19 7.62 28.16
CA LYS A 880 -28.56 8.14 26.86
C LYS A 880 -27.53 7.84 25.79
N VAL A 881 -26.28 7.64 26.17
CA VAL A 881 -25.25 7.21 25.23
C VAL A 881 -25.45 5.73 24.95
N THR A 882 -25.38 5.36 23.66
CA THR A 882 -25.67 4.00 23.21
C THR A 882 -24.37 3.22 23.12
N ILE A 883 -24.12 2.37 24.11
CA ILE A 883 -22.99 1.45 24.12
C ILE A 883 -23.57 0.04 24.11
N ALA A 884 -23.12 -0.79 23.17
CA ALA A 884 -23.56 -2.18 23.15
C ALA A 884 -22.71 -3.05 24.05
N ASP A 885 -21.49 -2.60 24.33
CA ASP A 885 -20.53 -3.17 25.27
C ASP A 885 -20.98 -2.87 26.70
N PRO A 886 -20.26 -3.33 27.76
CA PRO A 886 -19.13 -4.24 28.00
C PRO A 886 -19.50 -5.52 28.70
N GLY A 887 -18.54 -6.44 28.75
CA GLY A 887 -18.74 -7.68 29.45
C GLY A 887 -17.66 -7.99 30.45
N TYR A 888 -18.02 -8.09 31.73
CA TYR A 888 -17.09 -8.44 32.79
C TYR A 888 -17.74 -9.51 33.67
N MET A 889 -17.58 -10.78 33.26
CA MET A 889 -18.18 -11.97 33.86
C MET A 889 -19.71 -12.01 33.93
N GLN A 890 -20.39 -11.10 33.24
CA GLN A 890 -21.81 -11.25 33.00
C GLN A 890 -22.17 -10.99 31.54
N GLY A 891 -21.33 -10.24 30.83
CA GLY A 891 -21.65 -9.88 29.46
C GLY A 891 -21.11 -10.84 28.43
N TYR A 892 -20.01 -11.54 28.75
CA TYR A 892 -19.57 -12.65 27.92
C TYR A 892 -20.62 -13.75 27.90
N ASP A 893 -21.02 -14.20 29.09
CA ASP A 893 -22.04 -15.23 29.21
C ASP A 893 -23.37 -14.71 28.73
N ASP A 894 -23.62 -13.41 28.94
CA ASP A 894 -24.89 -12.80 28.53
C ASP A 894 -24.98 -12.71 27.02
N CYS A 895 -23.85 -12.53 26.35
CA CYS A 895 -23.86 -12.57 24.89
C CYS A 895 -23.81 -14.02 24.39
N MET A 896 -23.31 -14.92 25.23
CA MET A 896 -23.33 -16.34 24.91
C MET A 896 -24.74 -16.91 24.96
N GLN A 897 -25.60 -16.29 25.76
CA GLN A 897 -27.00 -16.69 25.83
C GLN A 897 -27.75 -16.34 24.55
N GLN A 898 -27.21 -15.41 23.76
CA GLN A 898 -27.85 -14.98 22.53
C GLN A 898 -27.76 -16.05 21.46
N ILE A 907 -18.55 -5.43 20.58
CA ILE A 907 -19.57 -6.39 20.92
C ILE A 907 -18.96 -7.77 20.97
N CYS A 908 -18.46 -8.21 19.84
CA CYS A 908 -17.74 -9.48 19.74
C CYS A 908 -16.25 -9.29 19.89
N ALA A 909 -15.87 -8.57 20.95
CA ALA A 909 -14.49 -8.50 21.40
C ALA A 909 -14.04 -9.79 22.05
N GLN A 910 -14.98 -10.67 22.36
CA GLN A 910 -14.74 -11.88 23.12
C GLN A 910 -15.25 -13.11 22.37
N TYR A 911 -15.46 -12.95 21.06
CA TYR A 911 -15.98 -14.05 20.26
C TYR A 911 -15.20 -14.24 18.97
N VAL A 912 -14.70 -13.16 18.36
CA VAL A 912 -13.79 -13.39 17.26
C VAL A 912 -12.45 -13.82 17.79
N ALA A 913 -11.83 -12.98 18.63
CA ALA A 913 -10.56 -13.20 19.34
C ALA A 913 -9.41 -13.77 18.51
N GLY A 914 -8.86 -13.03 17.54
CA GLY A 914 -9.28 -11.71 17.12
C GLY A 914 -8.91 -10.54 18.02
N TYR A 915 -9.68 -9.48 17.87
CA TYR A 915 -9.56 -8.30 18.71
C TYR A 915 -10.14 -8.58 20.09
N LYS A 916 -9.81 -7.73 21.06
CA LYS A 916 -10.21 -7.93 22.44
C LYS A 916 -10.05 -6.62 23.19
N VAL A 917 -11.11 -6.19 23.87
CA VAL A 917 -11.13 -4.94 24.58
C VAL A 917 -10.67 -5.16 26.01
N LEU A 918 -9.69 -4.38 26.46
CA LEU A 918 -9.28 -4.49 27.84
C LEU A 918 -10.10 -3.55 28.73
N PRO A 919 -10.26 -3.87 30.00
CA PRO A 919 -11.01 -3.02 30.93
C PRO A 919 -10.27 -1.74 31.28
N PRO A 920 -10.99 -0.69 31.66
CA PRO A 920 -10.36 0.62 31.74
C PRO A 920 -9.70 0.96 33.06
N LEU A 921 -8.93 0.05 33.66
CA LEU A 921 -7.99 0.29 34.77
C LEU A 921 -8.67 0.65 36.08
N MET A 922 -9.93 1.03 36.05
CA MET A 922 -10.62 1.57 37.20
C MET A 922 -12.07 1.12 37.16
N ASP A 923 -12.55 0.65 38.29
CA ASP A 923 -13.95 0.31 38.36
C ASP A 923 -14.75 1.59 38.49
N VAL A 924 -16.00 1.52 38.06
CA VAL A 924 -16.80 2.71 37.85
C VAL A 924 -17.11 3.38 39.18
N ASN A 925 -17.22 2.57 40.23
CA ASN A 925 -17.40 3.11 41.57
C ASN A 925 -16.18 3.92 42.02
N MET A 926 -15.02 3.63 41.45
CA MET A 926 -13.83 4.31 41.92
C MET A 926 -13.54 5.58 41.14
N GLU A 927 -13.78 5.56 39.82
CA GLU A 927 -13.78 6.81 39.07
C GLU A 927 -14.84 7.74 39.62
N ALA A 928 -15.97 7.17 40.01
CA ALA A 928 -16.99 7.90 40.75
C ALA A 928 -16.46 8.39 42.09
N ALA A 929 -15.52 7.66 42.69
CA ALA A 929 -14.97 8.13 43.94
C ALA A 929 -14.05 9.32 43.73
N TYR A 930 -13.25 9.30 42.65
CA TYR A 930 -12.40 10.44 42.33
C TYR A 930 -13.23 11.69 42.10
N THR A 931 -14.22 11.59 41.21
CA THR A 931 -14.96 12.79 40.86
C THR A 931 -15.92 13.19 41.95
N SER A 932 -16.24 12.27 42.86
CA SER A 932 -17.10 12.67 43.97
C SER A 932 -16.30 13.38 45.04
N SER A 933 -15.05 12.97 45.28
CA SER A 933 -14.21 13.78 46.14
C SER A 933 -13.82 15.07 45.44
N LEU A 934 -13.87 15.08 44.11
CA LEU A 934 -13.64 16.32 43.38
C LEU A 934 -14.81 17.27 43.57
N LEU A 935 -16.03 16.74 43.57
CA LEU A 935 -17.20 17.57 43.90
C LEU A 935 -17.17 18.01 45.35
N GLY A 936 -16.57 17.21 46.21
CA GLY A 936 -16.37 17.67 47.58
C GLY A 936 -15.40 18.84 47.64
N SER A 937 -14.35 18.78 46.83
CA SER A 937 -13.33 19.81 46.86
C SER A 937 -13.69 21.02 46.01
N ILE A 938 -14.82 21.00 45.31
CA ILE A 938 -15.30 22.16 44.55
C ILE A 938 -15.47 23.36 45.45
N ALA A 939 -16.09 23.18 46.60
CA ALA A 939 -16.44 24.30 47.44
C ALA A 939 -15.22 24.89 48.14
N GLY A 940 -14.51 24.06 48.87
CA GLY A 940 -13.40 24.56 49.65
C GLY A 940 -12.20 24.89 48.79
N VAL A 941 -11.93 24.07 47.79
CA VAL A 941 -10.79 24.33 46.92
C VAL A 941 -11.09 25.53 46.03
N GLY A 942 -12.34 25.71 45.64
CA GLY A 942 -12.73 26.94 44.96
C GLY A 942 -12.84 28.14 45.89
N TRP A 943 -11.71 28.52 46.49
CA TRP A 943 -11.71 29.63 47.42
C TRP A 943 -10.57 30.68 47.26
N THR A 944 -9.28 30.36 46.99
CA THR A 944 -8.64 29.03 46.94
C THR A 944 -7.93 28.60 48.27
N ALA A 945 -7.01 29.33 48.93
CA ALA A 945 -6.19 30.44 48.47
C ALA A 945 -4.84 29.87 47.96
N GLY A 946 -4.80 28.53 47.79
CA GLY A 946 -3.67 27.79 47.29
C GLY A 946 -4.04 26.35 46.97
N LEU A 947 -3.50 25.80 45.88
CA LEU A 947 -3.91 24.47 45.41
C LEU A 947 -2.83 23.44 45.67
N SER A 948 -3.02 22.57 46.67
CA SER A 948 -4.23 22.43 47.45
C SER A 948 -3.89 22.16 48.91
N SER A 949 -4.33 23.07 49.77
CA SER A 949 -4.01 22.99 51.19
C SER A 949 -5.20 23.43 52.03
N PHE A 950 -6.41 23.03 51.63
CA PHE A 950 -7.68 23.61 52.04
C PHE A 950 -8.81 22.65 51.66
N ALA A 951 -10.09 22.92 51.90
CA ALA A 951 -10.74 23.54 53.06
C ALA A 951 -12.08 22.83 53.11
N ALA A 952 -12.99 23.38 53.93
CA ALA A 952 -14.35 22.88 54.09
C ALA A 952 -15.26 24.08 54.31
N ILE A 953 -15.81 24.60 53.22
CA ILE A 953 -16.66 25.79 53.20
C ILE A 953 -17.93 25.33 52.49
N PRO A 954 -19.12 25.79 52.87
CA PRO A 954 -20.34 25.26 52.26
C PRO A 954 -20.42 25.74 50.82
N PHE A 955 -21.17 25.00 50.01
CA PHE A 955 -21.15 25.25 48.58
C PHE A 955 -21.81 26.56 48.21
N ALA A 956 -22.83 26.98 48.98
CA ALA A 956 -23.49 28.25 48.75
C ALA A 956 -22.52 29.42 48.87
N GLN A 957 -21.76 29.45 49.97
CA GLN A 957 -20.78 30.51 50.15
C GLN A 957 -19.65 30.40 49.12
N SER A 958 -19.40 29.20 48.61
CA SER A 958 -18.43 29.07 47.55
C SER A 958 -18.91 29.71 46.26
N ILE A 959 -20.23 29.75 46.04
CA ILE A 959 -20.67 30.38 44.80
C ILE A 959 -20.98 31.86 45.04
N PHE A 960 -21.03 32.28 46.30
CA PHE A 960 -21.10 33.72 46.51
C PHE A 960 -19.71 34.35 46.47
N TYR A 961 -18.66 33.57 46.73
CA TYR A 961 -17.33 34.12 46.51
C TYR A 961 -16.87 33.92 45.06
N ARG A 962 -17.17 32.75 44.47
CA ARG A 962 -16.93 32.57 43.05
C ARG A 962 -17.74 33.54 42.21
N LEU A 963 -18.94 33.90 42.69
CA LEU A 963 -19.77 34.88 42.00
C LEU A 963 -19.33 36.29 42.34
N ASN A 964 -18.76 36.48 43.52
CA ASN A 964 -18.25 37.79 43.89
C ASN A 964 -17.00 38.10 43.09
N GLY A 965 -16.33 37.07 42.59
CA GLY A 965 -15.04 37.26 41.97
C GLY A 965 -15.11 37.92 40.60
N VAL A 966 -15.66 37.23 39.62
CA VAL A 966 -15.48 37.66 38.23
C VAL A 966 -16.79 38.23 37.70
N GLY A 967 -17.89 37.74 38.19
CA GLY A 967 -19.08 38.54 37.99
C GLY A 967 -19.14 39.57 39.10
N ILE A 968 -18.32 40.62 39.05
CA ILE A 968 -17.73 41.27 40.23
C ILE A 968 -18.75 42.01 41.12
N THR A 969 -20.06 41.77 40.90
CA THR A 969 -21.13 42.11 41.83
C THR A 969 -20.76 41.81 43.26
N GLN A 970 -20.55 42.84 44.07
CA GLN A 970 -20.11 42.63 45.44
C GLN A 970 -21.30 42.33 46.32
N GLN A 971 -21.08 42.45 47.63
CA GLN A 971 -21.86 41.70 48.59
C GLN A 971 -23.30 42.18 48.69
N VAL A 972 -23.57 43.44 48.32
CA VAL A 972 -24.91 43.96 48.54
C VAL A 972 -25.89 43.35 47.55
N LEU A 973 -25.40 42.95 46.38
CA LEU A 973 -26.30 42.30 45.44
C LEU A 973 -26.58 40.86 45.81
N SER A 974 -25.58 40.13 46.30
CA SER A 974 -25.81 38.74 46.62
C SER A 974 -26.53 38.60 47.96
N GLU A 975 -26.39 39.59 48.84
CA GLU A 975 -27.26 39.68 50.01
C GLU A 975 -28.69 39.99 49.60
N ASN A 976 -28.89 41.07 48.85
CA ASN A 976 -30.21 41.53 48.44
C ASN A 976 -30.26 41.57 46.92
N GLN A 977 -30.65 40.46 46.28
CA GLN A 977 -31.01 39.24 46.96
C GLN A 977 -30.26 38.04 46.48
N LYS A 978 -30.54 36.93 47.14
CA LYS A 978 -30.29 35.60 46.58
C LYS A 978 -31.43 35.30 45.61
N LEU A 979 -31.60 34.00 45.29
CA LEU A 979 -32.60 33.49 44.35
C LEU A 979 -32.41 34.17 42.99
N ILE A 980 -31.14 34.38 42.64
CA ILE A 980 -30.09 33.45 42.19
C ILE A 980 -30.11 31.92 42.40
N ALA A 981 -30.28 31.46 43.64
CA ALA A 981 -30.47 30.04 43.95
C ALA A 981 -31.52 29.35 43.08
N ASN A 982 -32.65 30.01 42.86
CA ASN A 982 -33.65 29.42 41.97
C ASN A 982 -33.29 29.60 40.52
N LYS A 983 -32.44 30.58 40.22
CA LYS A 983 -31.95 30.75 38.85
C LYS A 983 -30.78 29.83 38.58
N PHE A 984 -29.94 29.60 39.60
CA PHE A 984 -28.90 28.58 39.50
C PHE A 984 -29.52 27.20 39.34
N ASN A 985 -30.51 26.90 40.17
CA ASN A 985 -31.19 25.61 40.10
C ASN A 985 -32.01 25.49 38.84
N GLN A 986 -32.50 26.61 38.31
CA GLN A 986 -33.20 26.57 37.03
C GLN A 986 -32.24 26.26 35.90
N ALA A 987 -31.04 26.84 35.97
CA ALA A 987 -29.99 26.57 35.00
C ALA A 987 -29.59 25.12 35.01
N LEU A 988 -29.36 24.57 36.21
CA LEU A 988 -29.03 23.16 36.35
C LEU A 988 -30.20 22.27 35.96
N GLY A 989 -31.42 22.78 36.07
CA GLY A 989 -32.58 22.00 35.66
C GLY A 989 -32.67 21.83 34.16
N ALA A 990 -32.45 22.91 33.41
CA ALA A 990 -32.36 22.77 31.95
C ALA A 990 -31.10 21.99 31.57
N MET A 991 -30.09 22.01 32.44
CA MET A 991 -28.93 21.15 32.23
C MET A 991 -29.26 19.69 32.50
N GLN A 992 -30.32 19.42 33.26
CA GLN A 992 -30.77 18.04 33.41
C GLN A 992 -31.55 17.58 32.19
N THR A 993 -32.48 18.43 31.72
CA THR A 993 -33.41 17.97 30.69
C THR A 993 -32.72 17.80 29.34
N GLY A 994 -31.80 18.69 29.00
CA GLY A 994 -31.22 18.72 27.68
C GLY A 994 -29.95 17.94 27.50
N PHE A 995 -30.07 16.73 26.95
CA PHE A 995 -28.90 16.03 26.42
C PHE A 995 -29.08 15.76 24.93
N THR A 996 -30.21 15.19 24.57
CA THR A 996 -30.45 14.80 23.19
C THR A 996 -31.29 15.88 22.51
N THR A 997 -31.04 16.14 21.22
CA THR A 997 -29.92 15.62 20.44
C THR A 997 -29.12 16.80 19.99
N THR A 998 -29.73 17.97 20.11
CA THR A 998 -29.24 19.22 19.56
C THR A 998 -28.31 19.95 20.51
N ASN A 999 -27.66 19.21 21.41
CA ASN A 999 -26.89 19.82 22.47
C ASN A 999 -25.50 19.25 22.49
N GLU A 1000 -24.81 19.24 21.34
CA GLU A 1000 -23.39 18.94 21.39
C GLU A 1000 -22.70 20.03 22.20
N ALA A 1001 -21.98 19.67 23.27
CA ALA A 1001 -21.32 18.42 23.70
C ALA A 1001 -21.79 16.96 23.60
N PHE A 1002 -23.07 16.68 23.75
CA PHE A 1002 -23.51 15.29 23.81
C PHE A 1002 -23.31 14.55 22.49
N GLN A 1003 -23.48 15.24 21.37
CA GLN A 1003 -23.21 14.61 20.09
C GLN A 1003 -21.72 14.43 19.88
N LYS A 1004 -20.90 15.18 20.62
CA LYS A 1004 -19.47 14.91 20.62
C LYS A 1004 -19.18 13.64 21.40
N VAL A 1005 -19.96 13.39 22.46
CA VAL A 1005 -19.77 12.19 23.27
C VAL A 1005 -20.10 10.96 22.45
N GLN A 1006 -21.23 10.98 21.76
CA GLN A 1006 -21.54 9.84 20.91
C GLN A 1006 -20.73 9.86 19.63
N ASP A 1007 -20.08 10.98 19.33
CA ASP A 1007 -19.09 10.94 18.27
C ASP A 1007 -17.85 10.22 18.75
N ALA A 1008 -17.62 10.23 20.05
CA ALA A 1008 -16.47 9.51 20.59
C ALA A 1008 -16.77 8.03 20.75
N VAL A 1009 -17.92 7.70 21.33
CA VAL A 1009 -18.27 6.29 21.49
C VAL A 1009 -18.54 5.66 20.14
N ASN A 1010 -19.17 6.40 19.24
CA ASN A 1010 -19.33 5.90 17.89
C ASN A 1010 -18.03 5.98 17.13
N ASN A 1011 -17.08 6.78 17.60
CA ASN A 1011 -15.76 6.83 16.97
C ASN A 1011 -15.00 5.55 17.26
N ASN A 1012 -14.81 5.24 18.53
CA ASN A 1012 -13.95 4.11 18.84
C ASN A 1012 -14.67 2.79 18.67
N ALA A 1013 -15.99 2.81 18.88
CA ALA A 1013 -16.78 1.62 18.56
C ALA A 1013 -16.84 1.39 17.06
N GLN A 1014 -16.93 2.47 16.29
CA GLN A 1014 -16.90 2.38 14.83
C GLN A 1014 -15.55 1.85 14.35
N ALA A 1015 -14.47 2.38 14.91
CA ALA A 1015 -13.14 1.98 14.48
C ALA A 1015 -12.86 0.53 14.81
N LEU A 1016 -13.14 0.16 16.06
CA LEU A 1016 -12.92 -1.17 16.58
C LEU A 1016 -13.75 -2.18 15.80
N SER A 1017 -15.07 -2.11 15.99
CA SER A 1017 -15.93 -3.17 15.49
C SER A 1017 -16.12 -3.04 13.99
N LYS A 1018 -16.31 -1.83 13.49
CA LYS A 1018 -16.61 -1.69 12.08
C LYS A 1018 -15.35 -1.81 11.23
N LEU A 1019 -14.22 -1.27 11.72
CA LEU A 1019 -13.00 -1.48 10.95
C LEU A 1019 -12.56 -2.93 11.03
N ALA A 1020 -12.80 -3.59 12.16
CA ALA A 1020 -12.51 -5.02 12.26
C ALA A 1020 -13.50 -5.85 11.45
N SER A 1021 -14.65 -5.29 11.11
CA SER A 1021 -15.57 -5.98 10.22
C SER A 1021 -15.16 -5.77 8.77
N GLU A 1022 -14.45 -4.68 8.47
CA GLU A 1022 -13.90 -4.52 7.13
C GLU A 1022 -12.65 -5.36 6.97
N LEU A 1023 -11.90 -5.53 8.06
CA LEU A 1023 -10.63 -6.23 8.01
C LEU A 1023 -10.86 -7.70 7.67
N SER A 1024 -11.72 -8.36 8.45
CA SER A 1024 -12.21 -9.68 8.09
C SER A 1024 -13.32 -9.51 7.07
N ASN A 1025 -13.78 -10.63 6.51
CA ASN A 1025 -15.08 -10.88 5.84
C ASN A 1025 -15.73 -9.73 5.07
N THR A 1026 -15.09 -9.20 4.03
CA THR A 1026 -14.00 -9.84 3.30
C THR A 1026 -12.95 -8.83 2.92
N PHE A 1027 -11.74 -9.31 2.66
CA PHE A 1027 -10.78 -8.44 1.98
C PHE A 1027 -10.25 -9.03 0.69
N GLY A 1028 -9.66 -10.22 0.77
CA GLY A 1028 -8.74 -10.69 -0.24
C GLY A 1028 -9.35 -11.10 -1.56
N ALA A 1029 -8.52 -11.64 -2.45
CA ALA A 1029 -8.95 -11.96 -3.81
C ALA A 1029 -9.97 -13.08 -3.81
N ILE A 1030 -9.64 -14.20 -3.17
CA ILE A 1030 -10.63 -15.20 -2.79
C ILE A 1030 -10.55 -15.29 -1.27
N SER A 1031 -11.62 -14.87 -0.61
CA SER A 1031 -11.55 -14.55 0.80
C SER A 1031 -12.70 -15.11 1.62
N ALA A 1032 -12.99 -16.41 1.50
CA ALA A 1032 -13.97 -17.05 2.35
C ALA A 1032 -13.38 -17.45 3.70
N SER A 1033 -12.66 -16.51 4.32
CA SER A 1033 -12.05 -16.50 5.65
C SER A 1033 -10.87 -17.45 5.78
N ILE A 1034 -10.72 -18.36 4.81
CA ILE A 1034 -9.47 -19.02 4.46
C ILE A 1034 -9.50 -19.12 2.94
N GLY A 1035 -8.44 -18.67 2.29
CA GLY A 1035 -8.35 -18.84 0.85
C GLY A 1035 -8.29 -20.31 0.51
N ASP A 1036 -9.35 -20.80 -0.14
CA ASP A 1036 -9.54 -22.21 -0.48
C ASP A 1036 -9.52 -23.10 0.76
N ILE A 1037 -10.57 -23.00 1.59
CA ILE A 1037 -10.54 -23.30 3.03
C ILE A 1037 -10.11 -24.74 3.28
N ILE A 1038 -11.01 -25.67 2.99
CA ILE A 1038 -10.71 -27.08 2.83
C ILE A 1038 -11.41 -27.47 1.55
N GLN A 1039 -12.50 -26.76 1.25
CA GLN A 1039 -13.50 -27.27 0.32
C GLN A 1039 -13.13 -27.04 -1.12
N ARG A 1040 -12.27 -26.07 -1.41
CA ARG A 1040 -11.88 -25.86 -2.80
C ARG A 1040 -10.37 -25.82 -2.99
N LEU A 1041 -10.00 -25.90 -4.26
CA LEU A 1041 -8.68 -26.24 -4.77
C LEU A 1041 -7.90 -24.95 -5.05
N ASP A 1042 -6.56 -24.99 -4.98
CA ASP A 1042 -5.70 -26.17 -4.84
C ASP A 1042 -5.19 -26.41 -3.44
N VAL A 1043 -4.24 -27.33 -3.36
CA VAL A 1043 -3.39 -27.44 -2.18
C VAL A 1043 -2.07 -26.71 -2.44
N LEU A 1044 -1.59 -26.71 -3.68
CA LEU A 1044 -0.37 -25.99 -4.02
C LEU A 1044 -0.60 -24.49 -4.03
N GLU A 1045 -1.69 -24.04 -4.64
CA GLU A 1045 -2.00 -22.62 -4.78
C GLU A 1045 -2.69 -22.05 -3.56
N GLN A 1046 -3.02 -22.94 -2.60
CA GLN A 1046 -3.68 -22.54 -1.36
C GLN A 1046 -2.80 -21.58 -0.59
N ASP A 1047 -1.49 -21.83 -0.57
CA ASP A 1047 -0.56 -20.92 0.09
C ASP A 1047 -0.46 -19.59 -0.64
N ALA A 1048 -0.71 -19.59 -1.95
CA ALA A 1048 -0.63 -18.34 -2.70
C ALA A 1048 -1.79 -17.43 -2.36
N GLN A 1049 -3.03 -17.95 -2.42
CA GLN A 1049 -4.18 -17.12 -2.10
C GLN A 1049 -4.23 -16.76 -0.61
N ILE A 1050 -3.82 -17.70 0.25
CA ILE A 1050 -3.75 -17.42 1.67
C ILE A 1050 -2.71 -16.37 1.97
N ASP A 1051 -1.56 -16.40 1.28
CA ASP A 1051 -0.54 -15.38 1.53
C ASP A 1051 -0.96 -14.02 1.01
N ARG A 1052 -1.82 -13.99 -0.02
CA ARG A 1052 -2.50 -12.75 -0.35
C ARG A 1052 -3.34 -12.26 0.83
N LEU A 1053 -4.07 -13.18 1.45
CA LEU A 1053 -5.01 -12.78 2.49
C LEU A 1053 -4.29 -12.39 3.77
N ILE A 1054 -3.08 -12.92 3.98
CA ILE A 1054 -2.34 -12.60 5.20
C ILE A 1054 -1.58 -11.29 5.01
N ASN A 1055 -0.96 -11.10 3.85
CA ASN A 1055 -0.31 -9.83 3.57
C ASN A 1055 -1.29 -8.69 3.60
N GLY A 1056 -2.44 -8.87 2.97
CA GLY A 1056 -3.46 -7.85 3.02
C GLY A 1056 -4.09 -7.66 4.39
N ARG A 1057 -4.50 -8.76 5.02
CA ARG A 1057 -5.26 -8.64 6.27
C ARG A 1057 -4.37 -8.13 7.40
N LEU A 1058 -3.12 -8.57 7.42
CA LEU A 1058 -2.20 -8.10 8.44
C LEU A 1058 -1.74 -6.69 8.13
N THR A 1059 -1.66 -6.32 6.85
CA THR A 1059 -1.27 -4.95 6.52
C THR A 1059 -2.36 -3.98 6.96
N THR A 1060 -3.62 -4.34 6.74
CA THR A 1060 -4.71 -3.48 7.19
C THR A 1060 -4.83 -3.48 8.72
N LEU A 1061 -4.45 -4.59 9.35
CA LEU A 1061 -4.32 -4.59 10.81
C LEU A 1061 -3.24 -3.64 11.26
N ASN A 1062 -2.17 -3.52 10.47
CA ASN A 1062 -1.10 -2.62 10.85
C ASN A 1062 -1.53 -1.17 10.62
N ALA A 1063 -2.45 -0.96 9.69
CA ALA A 1063 -3.08 0.35 9.55
C ALA A 1063 -3.93 0.67 10.77
N PHE A 1064 -4.63 -0.34 11.30
CA PHE A 1064 -5.37 -0.16 12.55
C PHE A 1064 -4.45 0.19 13.71
N VAL A 1065 -3.25 -0.38 13.72
CA VAL A 1065 -2.35 -0.10 14.82
C VAL A 1065 -1.80 1.32 14.72
N ALA A 1066 -1.54 1.77 13.49
CA ALA A 1066 -1.13 3.15 13.28
C ALA A 1066 -2.24 4.11 13.67
N GLN A 1067 -3.49 3.72 13.41
CA GLN A 1067 -4.64 4.54 13.80
C GLN A 1067 -4.79 4.63 15.30
N GLN A 1068 -4.57 3.50 16.00
CA GLN A 1068 -4.63 3.52 17.46
C GLN A 1068 -3.52 4.35 18.06
N LEU A 1069 -2.36 4.40 17.40
CA LEU A 1069 -1.31 5.30 17.87
C LEU A 1069 -1.71 6.75 17.66
N VAL A 1070 -2.42 7.04 16.57
CA VAL A 1070 -2.84 8.41 16.30
C VAL A 1070 -3.87 8.87 17.32
N ARG A 1071 -4.94 8.09 17.51
CA ARG A 1071 -5.99 8.53 18.43
C ARG A 1071 -5.54 8.37 19.86
N SER A 1072 -4.52 7.56 20.11
CA SER A 1072 -3.95 7.51 21.45
C SER A 1072 -3.15 8.76 21.76
N GLU A 1073 -2.35 9.22 20.80
CA GLU A 1073 -1.57 10.43 21.03
C GLU A 1073 -2.45 11.65 21.12
N SER A 1074 -3.48 11.73 20.28
CA SER A 1074 -4.40 12.85 20.35
C SER A 1074 -5.27 12.76 21.60
N ALA A 1075 -5.52 11.54 22.06
CA ALA A 1075 -6.26 11.39 23.31
C ALA A 1075 -5.41 11.81 24.50
N ALA A 1076 -4.09 11.62 24.41
CA ALA A 1076 -3.23 12.08 25.49
C ALA A 1076 -3.06 13.59 25.47
N LEU A 1077 -3.09 14.19 24.27
CA LEU A 1077 -3.11 15.65 24.17
C LEU A 1077 -4.37 16.21 24.79
N SER A 1078 -5.51 15.59 24.50
CA SER A 1078 -6.78 16.09 25.02
C SER A 1078 -6.93 15.76 26.49
N ALA A 1079 -6.25 14.72 26.95
CA ALA A 1079 -6.30 14.40 28.37
C ALA A 1079 -5.47 15.36 29.16
N GLN A 1080 -4.34 15.78 28.59
CA GLN A 1080 -3.56 16.83 29.22
C GLN A 1080 -4.31 18.14 29.18
N LEU A 1081 -5.16 18.32 28.17
CA LEU A 1081 -6.06 19.45 28.18
C LEU A 1081 -7.09 19.34 29.28
N ALA A 1082 -7.57 18.12 29.55
CA ALA A 1082 -8.57 17.92 30.60
C ALA A 1082 -7.98 18.16 31.97
N LYS A 1083 -6.74 17.74 32.16
CA LYS A 1083 -6.00 18.06 33.36
C LYS A 1083 -5.79 19.57 33.48
N ASP A 1084 -5.68 20.25 32.34
CA ASP A 1084 -5.56 21.70 32.37
C ASP A 1084 -6.91 22.37 32.60
N LYS A 1085 -7.99 21.64 32.37
CA LYS A 1085 -9.33 22.16 32.58
C LYS A 1085 -9.84 21.84 33.97
N VAL A 1086 -9.30 20.81 34.60
CA VAL A 1086 -9.61 20.47 35.97
C VAL A 1086 -8.80 21.33 36.92
N ASN A 1087 -7.54 21.55 36.60
CA ASN A 1087 -6.72 22.33 37.52
C ASN A 1087 -7.01 23.81 37.39
N GLU A 1088 -7.57 24.25 36.27
CA GLU A 1088 -7.91 25.66 36.16
C GLU A 1088 -9.38 25.91 36.41
N CYS A 1089 -10.25 25.24 35.67
CA CYS A 1089 -11.63 25.67 35.63
C CYS A 1089 -12.44 25.05 36.76
N VAL A 1090 -11.93 23.98 37.34
CA VAL A 1090 -12.72 23.18 38.28
C VAL A 1090 -12.32 23.48 39.71
N LYS A 1091 -11.03 23.46 40.01
CA LYS A 1091 -10.53 23.96 41.27
C LYS A 1091 -10.73 25.46 41.37
N ALA A 1092 -9.99 26.22 40.57
CA ALA A 1092 -10.12 27.68 40.60
C ALA A 1092 -11.16 28.13 39.60
N GLN A 1093 -11.23 29.43 39.32
CA GLN A 1093 -12.49 29.95 38.81
C GLN A 1093 -12.77 29.93 37.31
N SER A 1094 -11.98 30.52 36.39
CA SER A 1094 -10.55 30.77 36.42
C SER A 1094 -10.10 32.10 35.82
N LYS A 1095 -10.99 33.10 35.82
CA LYS A 1095 -10.72 34.48 35.40
C LYS A 1095 -10.29 34.58 33.94
N ARG A 1096 -10.58 33.56 33.15
CA ARG A 1096 -10.14 33.45 31.78
C ARG A 1096 -11.39 33.12 30.99
N SER A 1097 -11.39 33.38 29.69
CA SER A 1097 -12.58 33.13 28.90
C SER A 1097 -12.67 31.64 28.55
N GLY A 1098 -13.49 31.34 27.54
CA GLY A 1098 -13.51 30.01 26.95
C GLY A 1098 -12.12 29.63 26.50
N PHE A 1099 -11.43 28.64 27.10
CA PHE A 1099 -11.86 27.38 27.77
C PHE A 1099 -13.06 27.23 28.70
N CYS A 1100 -13.14 28.02 29.74
CA CYS A 1100 -14.29 27.91 30.63
C CYS A 1100 -15.54 28.52 30.02
N GLY A 1101 -16.13 27.82 29.04
CA GLY A 1101 -17.02 28.34 28.01
C GLY A 1101 -18.02 29.46 28.25
N GLN A 1102 -17.96 30.48 27.38
CA GLN A 1102 -19.04 31.42 27.09
C GLN A 1102 -19.57 32.20 28.28
N GLY A 1103 -18.80 33.14 28.80
CA GLY A 1103 -19.32 34.01 29.82
C GLY A 1103 -18.36 34.05 30.97
N THR A 1104 -18.52 35.00 31.89
CA THR A 1104 -17.62 35.04 33.03
C THR A 1104 -17.92 33.85 33.92
N HIS A 1105 -17.00 32.89 33.93
CA HIS A 1105 -17.22 31.58 34.49
C HIS A 1105 -17.43 31.62 36.00
N ILE A 1106 -18.28 30.72 36.53
CA ILE A 1106 -18.62 30.71 37.94
C ILE A 1106 -18.27 29.39 38.62
N VAL A 1107 -18.90 28.28 38.21
CA VAL A 1107 -18.63 26.97 38.79
C VAL A 1107 -18.33 26.04 37.64
N SER A 1108 -17.69 24.91 37.92
CA SER A 1108 -17.69 23.89 36.89
C SER A 1108 -17.64 22.52 37.52
N PHE A 1109 -18.34 21.58 36.94
CA PHE A 1109 -18.52 20.28 37.52
C PHE A 1109 -18.00 19.21 36.59
N VAL A 1110 -17.54 18.12 37.18
CA VAL A 1110 -16.90 17.06 36.43
C VAL A 1110 -17.68 15.79 36.66
N VAL A 1111 -18.03 15.11 35.58
CA VAL A 1111 -18.61 13.79 35.66
C VAL A 1111 -17.95 12.92 34.62
N ASN A 1112 -17.83 11.65 34.91
CA ASN A 1112 -17.15 10.77 33.98
C ASN A 1112 -18.09 10.41 32.85
N ALA A 1113 -17.69 10.70 31.64
CA ALA A 1113 -18.47 10.36 30.47
C ALA A 1113 -17.89 9.08 29.89
N PRO A 1114 -18.50 8.49 28.88
CA PRO A 1114 -17.81 7.40 28.19
C PRO A 1114 -16.56 7.85 27.49
N ASN A 1115 -15.46 7.27 27.94
CA ASN A 1115 -14.06 7.44 27.56
C ASN A 1115 -13.44 8.73 28.05
N GLY A 1116 -14.22 9.67 28.51
CA GLY A 1116 -13.67 10.96 28.83
C GLY A 1116 -14.26 11.53 30.05
N LEU A 1117 -13.87 12.76 30.35
CA LEU A 1117 -14.60 13.52 31.33
C LEU A 1117 -15.77 14.21 30.66
N TYR A 1118 -16.37 15.17 31.36
CA TYR A 1118 -17.56 15.85 30.86
C TYR A 1118 -17.76 17.04 31.76
N PHE A 1119 -17.92 18.23 31.21
CA PHE A 1119 -18.00 19.38 32.09
C PHE A 1119 -19.34 20.07 31.98
N MET A 1120 -19.74 20.65 33.09
CA MET A 1120 -21.01 21.30 33.24
C MET A 1120 -20.72 22.73 33.67
N HIS A 1121 -19.90 23.43 32.89
CA HIS A 1121 -19.45 24.78 33.19
C HIS A 1121 -20.60 25.72 33.40
N VAL A 1122 -20.69 26.34 34.58
CA VAL A 1122 -21.81 27.20 34.93
C VAL A 1122 -21.36 28.63 34.74
N GLY A 1123 -21.70 29.18 33.62
CA GLY A 1123 -21.28 30.53 33.30
C GLY A 1123 -22.37 31.53 33.43
N TYR A 1124 -21.94 32.78 33.47
CA TYR A 1124 -22.81 33.93 33.54
C TYR A 1124 -23.28 34.27 32.13
N TYR A 1125 -24.46 34.90 32.01
CA TYR A 1125 -24.93 35.35 30.71
C TYR A 1125 -25.75 36.63 30.86
N PRO A 1126 -25.15 37.76 30.57
CA PRO A 1126 -25.76 39.06 30.91
C PRO A 1126 -27.15 39.47 30.39
N SER A 1127 -27.33 39.54 29.08
CA SER A 1127 -28.63 39.57 28.39
C SER A 1127 -29.56 40.77 28.58
N ASN A 1128 -29.30 41.72 29.49
CA ASN A 1128 -30.13 42.94 29.50
C ASN A 1128 -29.29 44.19 29.67
N HIS A 1129 -28.79 44.70 28.56
CA HIS A 1129 -27.73 45.69 28.60
C HIS A 1129 -28.29 47.09 28.67
N ILE A 1130 -27.77 47.90 29.59
CA ILE A 1130 -28.23 49.26 29.80
C ILE A 1130 -27.04 50.20 29.71
N GLU A 1131 -27.04 51.08 28.71
CA GLU A 1131 -25.91 51.95 28.49
C GLU A 1131 -25.97 53.14 29.42
N VAL A 1132 -24.97 53.25 30.31
CA VAL A 1132 -24.92 54.34 31.27
C VAL A 1132 -23.62 55.09 30.96
N VAL A 1133 -23.23 56.05 31.78
CA VAL A 1133 -22.13 56.96 31.52
C VAL A 1133 -21.08 56.82 32.64
N SER A 1134 -19.79 56.92 32.28
CA SER A 1134 -18.62 56.94 33.18
C SER A 1134 -18.51 58.31 33.89
N ALA A 1135 -17.41 58.84 34.49
CA ALA A 1135 -15.92 58.75 34.46
C ALA A 1135 -15.47 57.41 35.04
N TYR A 1136 -14.23 56.87 34.99
CA TYR A 1136 -12.81 57.35 34.94
C TYR A 1136 -12.33 58.04 36.22
N GLY A 1137 -13.21 58.29 37.17
CA GLY A 1137 -12.74 58.77 38.44
C GLY A 1137 -13.20 60.13 38.92
N LEU A 1138 -12.59 60.64 39.99
CA LEU A 1138 -13.05 61.87 40.62
C LEU A 1138 -11.86 62.65 41.17
N CYS A 1139 -12.05 63.96 41.35
CA CYS A 1139 -11.19 64.84 42.15
C CYS A 1139 -12.00 66.03 42.63
N ASP A 1140 -11.31 66.91 43.36
CA ASP A 1140 -11.92 68.03 44.07
C ASP A 1140 -10.97 69.22 43.97
N ALA A 1141 -11.11 70.17 44.89
CA ALA A 1141 -10.11 71.23 45.06
C ALA A 1141 -8.73 70.65 45.32
N ALA A 1142 -8.61 69.78 46.32
CA ALA A 1142 -7.44 68.93 46.42
C ALA A 1142 -7.59 67.77 45.46
N ASN A 1143 -6.47 67.21 45.00
CA ASN A 1143 -6.50 66.19 43.94
C ASN A 1143 -5.88 64.85 44.32
N PRO A 1144 -6.53 64.05 45.22
CA PRO A 1144 -6.37 62.60 45.13
C PRO A 1144 -7.53 61.97 44.37
N THR A 1145 -7.33 60.82 43.73
CA THR A 1145 -8.39 60.31 42.89
C THR A 1145 -9.05 59.08 43.51
N ASN A 1146 -9.90 58.44 42.71
CA ASN A 1146 -10.59 57.18 42.99
C ASN A 1146 -10.39 56.26 41.80
N CYS A 1147 -11.28 55.27 41.65
CA CYS A 1147 -11.44 54.55 40.38
C CYS A 1147 -10.28 53.67 39.96
N ILE A 1148 -10.34 52.37 40.28
CA ILE A 1148 -11.62 51.63 40.42
C ILE A 1148 -11.33 50.39 41.23
N ALA A 1149 -12.29 49.87 42.00
CA ALA A 1149 -12.12 48.56 42.61
C ALA A 1149 -13.32 47.69 42.29
N PRO A 1150 -13.33 47.03 41.14
CA PRO A 1150 -12.39 47.18 40.05
C PRO A 1150 -13.05 47.63 38.75
N VAL A 1151 -14.31 48.06 38.82
CA VAL A 1151 -15.22 48.06 37.66
C VAL A 1151 -15.93 49.42 37.56
N ASN A 1152 -16.28 49.81 36.33
CA ASN A 1152 -16.41 51.21 35.87
C ASN A 1152 -17.82 51.64 35.46
N GLY A 1153 -18.27 52.78 35.98
CA GLY A 1153 -17.47 53.78 36.64
C GLY A 1153 -17.42 53.65 38.15
N TYR A 1154 -18.10 54.44 38.97
CA TYR A 1154 -18.46 55.84 38.84
C TYR A 1154 -19.41 56.31 37.75
N PHE A 1155 -20.66 55.93 37.92
CA PHE A 1155 -21.69 56.45 37.05
C PHE A 1155 -22.09 57.87 37.39
N ILE A 1156 -23.20 58.31 36.81
CA ILE A 1156 -23.90 59.50 37.25
C ILE A 1156 -25.18 58.98 37.91
N LYS A 1157 -25.96 59.91 38.47
CA LYS A 1157 -27.05 59.70 39.43
C LYS A 1157 -26.60 58.94 40.68
N THR A 1158 -25.73 59.50 41.54
CA THR A 1158 -25.03 60.79 41.41
C THR A 1158 -23.60 60.47 40.99
N ASN A 1159 -23.03 59.48 41.67
CA ASN A 1159 -21.78 58.84 41.29
C ASN A 1159 -21.74 57.47 41.96
N ASN A 1160 -22.32 56.49 41.28
CA ASN A 1160 -22.66 55.21 41.85
C ASN A 1160 -22.00 54.09 41.06
N THR A 1161 -21.84 52.92 41.73
CA THR A 1161 -20.79 51.99 41.35
C THR A 1161 -21.09 50.48 41.32
N ARG A 1162 -22.33 50.00 41.28
CA ARG A 1162 -22.46 48.57 41.00
C ARG A 1162 -22.14 48.41 39.55
N ILE A 1163 -20.98 47.81 39.29
CA ILE A 1163 -20.53 47.50 37.95
C ILE A 1163 -20.05 46.06 38.07
N VAL A 1164 -19.57 45.51 36.95
CA VAL A 1164 -20.02 44.27 36.35
C VAL A 1164 -20.49 43.27 37.39
N ASP A 1165 -21.76 42.86 37.31
CA ASP A 1165 -22.69 43.14 36.23
C ASP A 1165 -23.84 44.13 36.47
N GLU A 1166 -24.50 44.11 37.61
CA GLU A 1166 -25.74 44.86 37.74
C GLU A 1166 -25.46 46.28 38.20
N TRP A 1167 -26.49 47.07 38.52
CA TRP A 1167 -26.29 48.48 38.88
C TRP A 1167 -27.40 48.90 39.82
N SER A 1168 -27.16 49.89 40.73
CA SER A 1168 -25.96 50.73 41.01
C SER A 1168 -25.74 50.97 42.54
N TYR A 1169 -24.49 51.08 43.05
CA TYR A 1169 -24.21 51.14 44.50
C TYR A 1169 -24.40 52.51 45.09
N THR A 1170 -23.86 52.62 46.30
CA THR A 1170 -23.88 53.83 47.12
C THR A 1170 -22.55 54.54 46.97
N GLY A 1171 -22.31 55.51 47.84
CA GLY A 1171 -21.02 56.13 48.03
C GLY A 1171 -19.98 55.10 48.36
N SER A 1172 -18.78 55.31 47.82
CA SER A 1172 -17.94 54.18 47.43
C SER A 1172 -17.26 53.51 48.63
N SER A 1173 -16.34 54.23 49.27
CA SER A 1173 -15.73 53.98 50.58
C SER A 1173 -14.83 52.74 50.67
N PHE A 1174 -14.99 51.76 49.78
CA PHE A 1174 -14.10 50.62 49.63
C PHE A 1174 -14.05 50.19 48.18
N TYR A 1175 -14.56 51.04 47.30
CA TYR A 1175 -14.63 50.73 45.89
C TYR A 1175 -13.61 51.58 45.15
N ALA A 1176 -12.55 52.00 45.86
CA ALA A 1176 -11.69 53.05 45.32
C ALA A 1176 -10.23 52.94 45.76
N PRO A 1177 -9.33 52.53 44.84
CA PRO A 1177 -7.92 52.84 44.97
C PRO A 1177 -7.71 54.30 44.67
N GLU A 1178 -6.56 54.87 44.96
CA GLU A 1178 -6.38 56.31 44.80
C GLU A 1178 -5.16 56.59 43.92
N PRO A 1179 -5.28 56.40 42.59
CA PRO A 1179 -4.14 56.68 41.72
C PRO A 1179 -3.88 58.16 41.47
N ILE A 1180 -2.95 58.42 40.56
CA ILE A 1180 -2.52 59.77 40.24
C ILE A 1180 -3.62 60.41 39.40
N THR A 1181 -3.67 61.73 39.39
CA THR A 1181 -4.63 62.44 38.58
C THR A 1181 -4.32 62.29 37.11
N SER A 1182 -5.34 62.46 36.26
CA SER A 1182 -5.18 62.49 34.81
C SER A 1182 -5.89 63.71 34.24
N LEU A 1183 -6.02 63.74 32.91
CA LEU A 1183 -6.51 64.92 32.22
C LEU A 1183 -8.02 65.08 32.41
N ASN A 1184 -8.58 66.07 31.72
CA ASN A 1184 -10.00 66.44 31.78
C ASN A 1184 -10.41 66.72 33.23
N THR A 1185 -9.80 67.78 33.76
CA THR A 1185 -9.53 67.94 35.18
C THR A 1185 -10.79 67.93 36.04
N LYS A 1186 -10.57 67.55 37.30
CA LYS A 1186 -11.44 67.47 38.46
C LYS A 1186 -12.46 66.33 38.46
N TYR A 1187 -12.80 65.71 37.30
CA TYR A 1187 -13.55 64.43 37.35
C TYR A 1187 -13.30 63.57 36.10
N VAL A 1188 -12.25 62.76 36.09
CA VAL A 1188 -10.87 63.12 36.41
C VAL A 1188 -10.14 62.50 35.20
N ALA A 1189 -10.97 62.17 34.21
CA ALA A 1189 -10.67 61.38 32.99
C ALA A 1189 -9.29 61.44 32.36
N TYR B 1 18.20 -1.03 -55.59
CA TYR B 1 19.24 -0.08 -55.20
C TYR B 1 19.16 1.21 -56.02
N VAL B 2 19.75 2.28 -55.50
CA VAL B 2 19.61 3.61 -56.08
C VAL B 2 20.78 4.00 -56.98
N ASP B 3 20.48 4.67 -58.09
CA ASP B 3 21.50 5.25 -58.96
C ASP B 3 22.07 6.49 -58.30
N VAL B 4 23.36 6.46 -57.97
CA VAL B 4 23.99 7.63 -57.35
C VAL B 4 24.96 8.32 -58.30
N GLY B 5 24.76 8.11 -59.60
CA GLY B 5 25.61 8.72 -60.59
C GLY B 5 26.81 7.84 -60.87
N PRO B 6 27.58 8.19 -61.89
CA PRO B 6 28.65 7.32 -62.36
C PRO B 6 29.84 7.21 -61.39
N ASP B 7 30.56 6.11 -61.48
CA ASP B 7 31.84 5.97 -60.82
C ASP B 7 32.80 7.05 -61.31
N SER B 8 33.81 7.38 -60.51
CA SER B 8 34.89 8.21 -60.99
C SER B 8 35.66 7.51 -62.10
N VAL B 9 36.05 8.26 -63.14
CA VAL B 9 36.87 7.68 -64.20
C VAL B 9 38.35 7.96 -64.00
N LYS B 10 38.70 8.58 -62.87
CA LYS B 10 40.11 8.83 -62.62
C LYS B 10 40.86 7.54 -62.29
N SER B 11 42.12 7.48 -62.68
CA SER B 11 42.91 6.27 -62.50
C SER B 11 43.81 6.36 -61.27
N ALA B 12 43.79 7.52 -60.62
CA ALA B 12 44.55 7.69 -59.38
C ALA B 12 43.74 8.57 -58.45
N CYS B 13 44.17 8.63 -57.20
CA CYS B 13 43.60 9.56 -56.23
C CYS B 13 44.55 10.71 -55.99
N ILE B 14 44.01 11.82 -55.47
CA ILE B 14 44.85 12.94 -55.07
C ILE B 14 45.65 12.52 -53.84
N GLU B 15 46.94 12.86 -53.87
CA GLU B 15 47.82 12.53 -52.76
C GLU B 15 47.43 13.30 -51.51
N VAL B 16 47.55 12.64 -50.36
CA VAL B 16 47.10 13.20 -49.11
C VAL B 16 48.26 13.27 -48.11
N ASP B 17 48.50 14.47 -47.59
CA ASP B 17 49.53 14.72 -46.60
C ASP B 17 48.90 14.83 -45.21
N ILE B 18 49.22 13.85 -44.37
CA ILE B 18 48.74 13.85 -42.99
C ILE B 18 49.76 14.50 -42.08
N GLN B 19 49.38 15.59 -41.42
CA GLN B 19 50.27 16.27 -40.49
C GLN B 19 49.51 16.67 -39.25
N GLN B 20 49.26 15.70 -38.38
CA GLN B 20 48.43 15.90 -37.18
C GLN B 20 48.87 17.08 -36.31
N THR B 21 50.17 17.33 -36.22
CA THR B 21 50.65 18.41 -35.35
C THR B 21 50.17 19.81 -35.75
N PHE B 22 49.82 19.99 -37.01
CA PHE B 22 49.28 21.27 -37.48
C PHE B 22 47.82 21.47 -37.06
N PHE B 23 47.19 20.39 -36.62
CA PHE B 23 45.76 20.38 -36.28
C PHE B 23 45.56 20.25 -34.78
N ASP B 24 46.68 20.12 -34.06
CA ASP B 24 46.66 20.05 -32.62
C ASP B 24 46.62 21.45 -32.03
N LYS B 25 45.42 21.94 -31.78
CA LYS B 25 45.28 23.27 -31.22
C LYS B 25 44.40 23.18 -29.99
N THR B 26 44.55 24.15 -29.10
CA THR B 26 43.65 24.25 -27.97
C THR B 26 42.77 25.46 -28.18
N TRP B 27 41.55 25.21 -28.63
CA TRP B 27 40.54 26.25 -28.82
C TRP B 27 39.27 25.82 -28.07
N PRO B 28 39.31 25.92 -26.74
CA PRO B 28 38.22 25.33 -25.94
C PRO B 28 36.87 26.01 -26.14
N ARG B 29 35.85 25.18 -26.40
CA ARG B 29 34.47 25.61 -26.48
C ARG B 29 33.59 24.61 -25.76
N PRO B 30 33.74 24.55 -24.42
CA PRO B 30 33.04 23.53 -23.63
C PRO B 30 31.53 23.75 -23.62
N ILE B 31 30.80 22.68 -23.39
CA ILE B 31 29.36 22.74 -23.23
C ILE B 31 29.03 23.67 -22.07
N ASP B 32 28.17 24.64 -22.33
CA ASP B 32 27.59 25.45 -21.26
C ASP B 32 26.08 25.31 -21.36
N VAL B 33 25.49 24.46 -20.54
CA VAL B 33 24.06 24.24 -20.71
C VAL B 33 23.24 25.42 -20.16
N SER B 34 23.88 26.31 -19.41
N SER B 34 23.88 26.31 -19.41
CA SER B 34 23.19 27.53 -18.96
CA SER B 34 23.24 27.55 -18.97
C SER B 34 22.79 28.40 -20.15
C SER B 34 22.75 28.35 -20.16
N LYS B 35 23.46 28.19 -21.27
CA LYS B 35 23.10 28.86 -22.52
C LYS B 35 22.43 27.89 -23.48
N ALA B 36 22.07 26.71 -22.96
CA ALA B 36 21.42 25.68 -23.76
C ALA B 36 22.28 25.22 -24.94
N ASP B 37 23.58 25.08 -24.69
CA ASP B 37 24.46 24.40 -25.64
C ASP B 37 24.07 22.94 -25.79
N GLY B 38 23.95 22.46 -27.02
CA GLY B 38 23.88 21.02 -27.26
C GLY B 38 22.58 20.36 -26.88
N ILE B 39 21.49 21.12 -26.95
CA ILE B 39 20.17 20.65 -26.53
C ILE B 39 19.30 20.21 -27.71
N ILE B 40 18.98 18.93 -27.74
CA ILE B 40 17.95 18.42 -28.61
C ILE B 40 16.58 18.65 -27.93
N TYR B 41 15.65 19.32 -28.60
CA TYR B 41 14.32 19.53 -28.04
C TYR B 41 13.63 18.17 -27.91
N PRO B 42 12.68 17.99 -26.98
CA PRO B 42 12.11 16.63 -26.82
C PRO B 42 11.23 16.20 -27.99
N GLN B 43 11.44 14.96 -28.44
CA GLN B 43 10.67 14.39 -29.55
C GLN B 43 9.18 14.16 -29.29
N GLY B 44 8.85 13.66 -28.09
CA GLY B 44 7.51 13.15 -27.83
C GLY B 44 6.39 14.18 -27.95
N ARG B 45 6.69 15.39 -27.48
CA ARG B 45 5.79 16.54 -27.47
C ARG B 45 6.58 17.85 -27.38
N THR B 46 5.91 19.00 -27.51
CA THR B 46 6.58 20.31 -27.38
C THR B 46 5.87 21.25 -26.40
N TYR B 47 6.59 22.23 -25.85
CA TYR B 47 6.09 22.99 -24.69
C TYR B 47 6.21 24.52 -24.70
N SER B 48 5.34 25.16 -23.92
CA SER B 48 5.31 26.60 -23.68
C SER B 48 5.97 26.97 -22.36
N ASN B 49 6.27 28.26 -22.19
CA ASN B 49 6.98 28.83 -21.03
C ASN B 49 7.27 27.95 -19.79
N ILE B 50 6.87 26.70 -19.80
CA ILE B 50 7.10 25.80 -18.66
C ILE B 50 8.56 25.40 -18.46
N THR B 51 8.96 25.30 -17.19
CA THR B 51 10.20 24.68 -16.75
C THR B 51 9.88 23.29 -16.22
N ILE B 52 10.90 22.44 -16.19
CA ILE B 52 10.69 21.02 -15.88
C ILE B 52 12.01 20.30 -15.69
N THR B 53 11.97 19.14 -15.04
CA THR B 53 13.10 18.25 -15.07
C THR B 53 12.72 17.16 -16.07
N TYR B 54 13.67 16.81 -16.92
CA TYR B 54 13.42 15.96 -18.06
C TYR B 54 14.63 15.06 -18.27
N GLN B 55 14.35 13.80 -18.56
CA GLN B 55 15.36 12.79 -18.75
C GLN B 55 15.54 12.46 -20.23
N GLY B 56 16.67 12.83 -20.82
CA GLY B 56 16.87 12.49 -22.22
C GLY B 56 18.33 12.51 -22.57
N LEU B 57 18.63 12.42 -23.87
CA LEU B 57 20.01 12.42 -24.31
C LEU B 57 20.58 13.84 -24.37
N PHE B 58 21.61 14.07 -23.57
CA PHE B 58 22.26 15.38 -23.46
C PHE B 58 23.76 15.23 -23.35
N PRO B 59 24.51 16.25 -23.77
CA PRO B 59 25.93 16.30 -23.45
C PRO B 59 26.10 16.81 -22.02
N TYR B 60 27.23 16.53 -21.39
CA TYR B 60 27.35 16.96 -20.01
C TYR B 60 27.98 18.34 -19.89
N GLN B 61 27.58 19.03 -18.84
CA GLN B 61 28.07 20.37 -18.56
C GLN B 61 29.60 20.39 -18.49
N GLY B 62 30.19 21.32 -19.24
CA GLY B 62 31.64 21.49 -19.23
C GLY B 62 32.44 20.56 -20.12
N ASP B 63 31.75 19.68 -20.85
CA ASP B 63 32.42 18.75 -21.76
C ASP B 63 33.11 19.54 -22.84
N HIS B 64 34.40 19.31 -23.00
CA HIS B 64 35.13 20.03 -24.05
C HIS B 64 34.90 19.38 -25.41
N GLY B 65 34.46 18.13 -25.40
CA GLY B 65 34.21 17.38 -26.63
C GLY B 65 35.50 17.13 -27.42
N ASP B 66 35.32 16.72 -28.68
CA ASP B 66 36.45 16.46 -29.56
C ASP B 66 36.45 17.55 -30.60
N MET B 67 37.58 18.20 -30.79
CA MET B 67 37.67 19.25 -31.81
C MET B 67 38.26 18.74 -33.13
N TYR B 68 37.65 19.18 -34.23
CA TYR B 68 38.12 18.85 -35.57
C TYR B 68 38.29 20.11 -36.40
N VAL B 69 39.33 20.13 -37.23
CA VAL B 69 39.59 21.28 -38.09
C VAL B 69 39.94 20.79 -39.49
N TYR B 70 39.41 21.48 -40.50
CA TYR B 70 39.72 21.24 -41.90
C TYR B 70 40.60 22.36 -42.43
N SER B 71 41.53 22.02 -43.32
CA SER B 71 42.52 22.96 -43.81
C SER B 71 42.59 23.07 -45.34
N ALA B 72 42.95 24.27 -45.79
CA ALA B 72 43.47 24.46 -47.14
C ALA B 72 44.56 23.42 -47.44
N GLY B 73 44.65 22.97 -48.68
CA GLY B 73 45.69 22.03 -49.05
C GLY B 73 46.98 22.71 -49.45
N HIS B 74 47.98 21.90 -49.76
CA HIS B 74 49.20 22.44 -50.32
C HIS B 74 48.89 23.12 -51.64
N ALA B 75 49.68 24.12 -51.98
CA ALA B 75 49.48 24.84 -53.23
C ALA B 75 50.72 25.64 -53.58
N THR B 76 50.91 25.83 -54.87
CA THR B 76 51.84 26.85 -55.33
C THR B 76 51.03 28.12 -55.51
N GLY B 77 51.61 29.12 -56.16
CA GLY B 77 50.86 30.31 -56.47
C GLY B 77 49.71 30.03 -57.44
N THR B 78 49.86 29.01 -58.27
CA THR B 78 48.90 28.75 -59.33
C THR B 78 48.14 27.43 -59.22
N THR B 79 48.70 26.48 -58.49
CA THR B 79 48.25 25.10 -58.62
C THR B 79 48.06 24.42 -57.28
N PRO B 80 46.83 23.93 -57.02
CA PRO B 80 46.66 23.11 -55.82
C PRO B 80 47.44 21.82 -55.95
N GLN B 81 48.00 21.37 -54.83
CA GLN B 81 48.81 20.17 -54.83
C GLN B 81 48.24 19.19 -53.81
N LYS B 82 49.08 18.57 -52.99
CA LYS B 82 48.64 17.54 -52.05
C LYS B 82 47.54 18.08 -51.14
N LEU B 83 46.62 17.20 -50.75
CA LEU B 83 45.66 17.59 -49.71
C LEU B 83 46.41 17.69 -48.37
N PHE B 84 45.83 18.42 -47.42
CA PHE B 84 46.47 18.62 -46.13
C PHE B 84 45.43 18.32 -45.07
N VAL B 85 45.65 17.24 -44.31
CA VAL B 85 44.64 16.78 -43.37
C VAL B 85 45.21 16.30 -42.03
N ALA B 86 44.34 16.22 -41.05
CA ALA B 86 44.66 15.53 -39.81
C ALA B 86 44.53 14.00 -39.94
N ASN B 87 44.80 13.29 -38.84
CA ASN B 87 44.78 11.83 -38.83
C ASN B 87 43.39 11.27 -38.52
N TYR B 88 42.33 12.01 -38.87
CA TYR B 88 41.00 11.62 -38.40
C TYR B 88 40.48 10.29 -38.94
N SER B 89 40.88 9.89 -40.15
CA SER B 89 40.31 8.68 -40.73
C SER B 89 40.64 7.40 -39.98
N GLN B 90 41.80 7.38 -39.32
CA GLN B 90 42.19 6.21 -38.55
C GLN B 90 41.63 6.25 -37.14
N ASP B 91 41.02 7.37 -36.74
CA ASP B 91 40.50 7.47 -35.38
C ASP B 91 39.03 7.11 -35.30
N VAL B 92 38.75 5.82 -35.29
CA VAL B 92 37.38 5.35 -35.24
C VAL B 92 36.86 5.40 -33.82
N LYS B 93 35.71 6.03 -33.68
CA LYS B 93 35.07 6.26 -32.38
C LYS B 93 33.86 5.34 -32.19
N GLN B 94 33.51 5.07 -30.93
CA GLN B 94 32.28 4.33 -30.64
C GLN B 94 31.09 5.28 -30.70
N PHE B 95 30.05 4.88 -31.41
CA PHE B 95 28.88 5.73 -31.59
C PHE B 95 28.17 5.88 -30.25
N ALA B 96 27.95 4.75 -29.56
CA ALA B 96 27.16 4.72 -28.33
C ALA B 96 25.82 5.38 -28.66
N ASN B 97 25.40 6.37 -27.87
CA ASN B 97 24.07 6.95 -28.02
C ASN B 97 23.99 8.08 -29.04
N GLY B 98 25.10 8.33 -29.73
CA GLY B 98 25.15 9.39 -30.71
C GLY B 98 25.84 10.63 -30.16
N PHE B 99 25.71 11.74 -30.88
CA PHE B 99 26.46 12.92 -30.52
C PHE B 99 25.83 14.19 -31.08
N VAL B 100 26.25 15.33 -30.55
CA VAL B 100 25.87 16.63 -31.08
C VAL B 100 27.12 17.40 -31.47
N VAL B 101 26.95 18.37 -32.36
CA VAL B 101 28.08 19.03 -32.99
C VAL B 101 27.90 20.51 -33.02
N ARG B 102 28.87 21.26 -32.49
CA ARG B 102 28.87 22.72 -32.56
C ARG B 102 29.59 23.13 -33.82
N ILE B 103 28.89 23.82 -34.71
CA ILE B 103 29.39 24.12 -36.06
C ILE B 103 29.54 25.61 -36.25
N GLY B 104 30.69 26.04 -36.75
CA GLY B 104 30.87 27.43 -37.14
C GLY B 104 31.05 28.46 -36.04
N ALA B 105 31.39 28.03 -34.84
CA ALA B 105 31.34 28.97 -33.69
C ALA B 105 32.29 30.15 -33.85
N ALA B 106 33.45 29.90 -34.44
CA ALA B 106 34.47 30.95 -34.59
C ALA B 106 34.31 31.80 -35.83
N ALA B 107 33.30 31.52 -36.64
CA ALA B 107 33.10 32.26 -37.90
C ALA B 107 33.10 33.76 -37.65
N ASN B 108 33.78 34.51 -38.50
CA ASN B 108 33.83 35.96 -38.37
C ASN B 108 35.13 36.42 -37.73
N SER B 109 35.67 35.62 -36.84
CA SER B 109 36.86 36.00 -36.09
C SER B 109 38.10 35.76 -36.95
N THR B 110 39.25 36.22 -36.48
CA THR B 110 40.49 36.04 -37.23
C THR B 110 41.25 34.84 -36.70
N GLY B 111 41.75 34.01 -37.61
CA GLY B 111 42.46 32.80 -37.23
C GLY B 111 43.48 32.38 -38.26
N THR B 112 44.29 31.43 -37.93
CA THR B 112 45.31 30.91 -38.81
C THR B 112 44.77 30.04 -39.93
N VAL B 113 45.55 29.93 -41.02
CA VAL B 113 45.16 29.17 -42.20
C VAL B 113 45.50 27.66 -42.08
N ILE B 114 46.13 27.32 -40.94
CA ILE B 114 46.50 25.97 -40.52
C ILE B 114 47.72 25.46 -41.28
N ILE B 115 47.63 25.36 -42.60
CA ILE B 115 48.76 24.81 -43.34
C ILE B 115 49.89 25.83 -43.41
N SER B 116 49.54 27.10 -43.22
CA SER B 116 50.53 28.17 -43.10
C SER B 116 50.26 28.97 -41.84
N PRO B 117 50.78 28.49 -40.70
CA PRO B 117 50.43 29.06 -39.38
C PRO B 117 50.71 30.56 -39.25
N SER B 118 51.66 31.09 -40.01
CA SER B 118 52.01 32.49 -39.88
C SER B 118 51.03 33.39 -40.63
N THR B 119 50.11 32.77 -41.37
CA THR B 119 49.14 33.49 -42.19
C THR B 119 47.77 33.48 -41.54
N SER B 120 47.21 34.66 -41.28
CA SER B 120 45.90 34.71 -40.68
C SER B 120 44.85 35.11 -41.71
N ALA B 121 43.60 34.76 -41.42
CA ALA B 121 42.50 35.07 -42.30
C ALA B 121 41.21 35.08 -41.51
N THR B 122 40.18 35.69 -42.08
CA THR B 122 38.85 35.64 -41.49
C THR B 122 38.33 34.21 -41.54
N ILE B 123 37.81 33.76 -40.40
CA ILE B 123 37.32 32.40 -40.30
C ILE B 123 35.91 32.28 -40.90
N ARG B 124 35.73 31.26 -41.73
CA ARG B 124 34.42 30.95 -42.31
C ARG B 124 33.93 29.61 -41.79
N LYS B 125 32.62 29.52 -41.58
CA LYS B 125 32.00 28.26 -41.21
C LYS B 125 32.30 27.18 -42.25
N ILE B 126 32.55 25.96 -41.78
CA ILE B 126 32.61 24.81 -42.67
C ILE B 126 31.80 23.68 -42.04
N TYR B 127 31.19 22.85 -42.89
CA TYR B 127 30.37 21.75 -42.38
C TYR B 127 31.17 20.47 -42.22
N PRO B 128 30.87 19.73 -41.13
CA PRO B 128 31.55 18.44 -40.88
C PRO B 128 31.03 17.33 -41.78
N ALA B 129 31.84 16.28 -41.96
CA ALA B 129 31.41 15.07 -42.66
C ALA B 129 31.71 13.85 -41.79
N PHE B 130 30.83 12.87 -41.85
CA PHE B 130 30.92 11.69 -40.99
C PHE B 130 30.74 10.40 -41.77
N MET B 131 31.45 9.38 -41.32
CA MET B 131 31.29 8.02 -41.81
C MET B 131 30.83 7.19 -40.61
N LEU B 132 29.72 6.48 -40.76
CA LEU B 132 29.15 5.68 -39.65
C LEU B 132 28.76 4.30 -40.10
N GLY B 133 28.88 3.32 -39.21
CA GLY B 133 28.59 1.97 -39.62
C GLY B 133 28.61 0.97 -38.49
N SER B 134 28.57 -0.30 -38.87
CA SER B 134 28.33 -1.39 -37.92
C SER B 134 29.56 -2.28 -37.75
N SER B 135 30.52 -2.13 -38.65
CA SER B 135 31.66 -3.02 -38.69
C SER B 135 32.84 -2.30 -39.30
N VAL B 136 33.97 -2.31 -38.59
CA VAL B 136 35.17 -1.64 -39.07
C VAL B 136 36.41 -2.53 -39.02
N GLY B 137 37.47 -2.09 -39.67
CA GLY B 137 38.72 -2.81 -39.69
C GLY B 137 39.79 -2.03 -40.44
N ASN B 138 40.73 -2.76 -41.03
CA ASN B 138 41.85 -2.11 -41.67
C ASN B 138 41.81 -2.23 -43.17
N PHE B 139 42.43 -1.28 -43.85
CA PHE B 139 42.59 -1.34 -45.29
C PHE B 139 43.70 -2.32 -45.61
N SER B 140 43.89 -2.60 -46.89
CA SER B 140 44.81 -3.67 -47.30
C SER B 140 46.24 -3.42 -46.82
N ASP B 141 46.68 -2.15 -46.78
CA ASP B 141 48.04 -1.84 -46.32
C ASP B 141 48.14 -1.75 -44.80
N GLY B 142 47.05 -2.09 -44.12
CA GLY B 142 47.05 -2.20 -42.66
C GLY B 142 46.54 -0.99 -41.90
N LYS B 143 46.31 0.13 -42.59
CA LYS B 143 45.84 1.34 -41.91
C LYS B 143 44.40 1.20 -41.47
N MET B 144 44.09 1.79 -40.32
CA MET B 144 42.75 1.71 -39.75
C MET B 144 41.78 2.63 -40.49
N GLY B 145 40.49 2.45 -40.21
CA GLY B 145 39.50 3.38 -40.72
C GLY B 145 38.62 2.83 -41.83
N ARG B 146 38.73 1.54 -42.11
CA ARG B 146 37.87 0.96 -43.14
C ARG B 146 36.52 0.51 -42.59
N PHE B 147 35.44 0.99 -43.21
CA PHE B 147 34.09 0.55 -42.82
C PHE B 147 33.58 -0.53 -43.77
N PHE B 148 33.10 -1.63 -43.20
CA PHE B 148 32.62 -2.78 -43.98
C PHE B 148 31.12 -2.82 -44.12
N ASN B 149 30.65 -3.54 -45.14
CA ASN B 149 29.22 -3.64 -45.46
C ASN B 149 28.59 -2.25 -45.67
N HIS B 150 27.29 -2.13 -45.48
CA HIS B 150 26.67 -0.83 -45.72
C HIS B 150 27.12 0.19 -44.69
N THR B 151 27.48 1.34 -45.22
CA THR B 151 28.06 2.42 -44.43
C THR B 151 27.28 3.71 -44.67
N LEU B 152 26.99 4.43 -43.59
CA LEU B 152 26.27 5.69 -43.70
C LEU B 152 27.28 6.81 -43.86
N VAL B 153 27.12 7.61 -44.91
CA VAL B 153 28.00 8.73 -45.12
C VAL B 153 27.18 10.02 -45.10
N LEU B 154 27.61 10.99 -44.28
CA LEU B 154 27.01 12.34 -44.23
C LEU B 154 28.02 13.32 -44.79
N LEU B 155 27.74 13.85 -45.98
CA LEU B 155 28.76 14.61 -46.71
C LEU B 155 28.15 15.90 -47.25
N PRO B 156 28.55 17.04 -46.68
CA PRO B 156 28.12 18.33 -47.22
C PRO B 156 28.69 18.56 -48.62
N ASP B 157 28.04 19.43 -49.39
CA ASP B 157 28.52 19.71 -50.73
C ASP B 157 28.06 21.07 -51.21
N GLY B 158 28.45 21.40 -52.44
CA GLY B 158 28.05 22.67 -53.03
C GLY B 158 28.49 23.89 -52.24
N CYS B 159 29.72 23.88 -51.75
CA CYS B 159 30.25 25.03 -51.01
C CYS B 159 29.32 25.34 -49.83
N GLY B 160 28.91 24.29 -49.13
CA GLY B 160 28.09 24.46 -47.95
C GLY B 160 26.64 24.84 -48.23
N THR B 161 26.08 24.33 -49.33
CA THR B 161 24.67 24.59 -49.64
C THR B 161 23.79 23.34 -49.71
N LEU B 162 24.36 22.18 -49.41
CA LEU B 162 23.54 21.00 -49.21
C LEU B 162 24.25 19.98 -48.35
N LEU B 163 23.45 19.10 -47.76
CA LEU B 163 23.95 17.90 -47.09
C LEU B 163 23.48 16.69 -47.85
N ARG B 164 24.40 15.77 -48.14
CA ARG B 164 24.04 14.49 -48.75
C ARG B 164 24.14 13.42 -47.69
N ALA B 165 23.13 12.55 -47.63
CA ALA B 165 23.16 11.41 -46.73
C ALA B 165 22.95 10.16 -47.57
N PHE B 166 23.87 9.21 -47.49
CA PHE B 166 23.72 8.01 -48.31
C PHE B 166 24.27 6.79 -47.62
N TYR B 167 23.72 5.63 -47.99
CA TYR B 167 23.99 4.37 -47.30
C TYR B 167 24.36 3.33 -48.34
N CYS B 168 25.65 3.05 -48.45
CA CYS B 168 26.19 2.21 -49.51
C CYS B 168 27.30 1.33 -48.99
N ILE B 169 27.60 0.26 -49.71
CA ILE B 169 28.88 -0.39 -49.57
C ILE B 169 29.97 0.46 -50.20
N LEU B 170 31.07 0.64 -49.48
CA LEU B 170 32.20 1.45 -49.92
C LEU B 170 33.31 0.54 -50.40
N GLU B 171 33.44 0.42 -51.72
CA GLU B 171 34.47 -0.40 -52.31
C GLU B 171 35.75 0.39 -52.49
N PRO B 172 36.80 0.09 -51.71
CA PRO B 172 38.02 0.90 -51.89
C PRO B 172 38.62 0.73 -53.27
N ARG B 173 39.01 1.86 -53.87
CA ARG B 173 39.56 1.85 -55.22
C ARG B 173 41.08 1.65 -55.20
N SER B 174 41.61 1.19 -56.33
CA SER B 174 42.98 0.67 -56.35
C SER B 174 44.05 1.54 -57.02
N GLY B 175 43.70 2.74 -57.48
CA GLY B 175 44.72 3.59 -58.08
C GLY B 175 45.70 4.13 -57.05
N ASN B 176 46.77 4.78 -57.52
CA ASN B 176 47.74 5.38 -56.60
C ASN B 176 47.09 6.34 -55.60
N HIS B 177 47.42 6.16 -54.33
CA HIS B 177 46.95 6.98 -53.20
C HIS B 177 45.51 6.64 -52.82
N CYS B 178 44.91 5.69 -53.52
CA CYS B 178 43.55 5.24 -53.17
C CYS B 178 43.67 4.15 -52.10
N PRO B 179 42.59 3.85 -51.37
CA PRO B 179 42.69 2.97 -50.19
C PRO B 179 43.04 1.50 -50.48
N ALA B 180 42.89 1.04 -51.72
CA ALA B 180 43.31 -0.33 -52.08
C ALA B 180 44.45 -0.23 -53.09
N GLY B 181 45.09 0.92 -53.15
CA GLY B 181 46.19 1.13 -54.06
C GLY B 181 47.53 1.35 -53.35
N ASN B 182 48.55 1.65 -54.14
CA ASN B 182 49.86 1.96 -53.55
C ASN B 182 49.90 3.38 -53.01
N SER B 183 50.83 3.63 -52.07
CA SER B 183 51.06 4.97 -51.52
C SER B 183 49.82 5.55 -50.86
N TYR B 184 49.03 4.71 -50.21
CA TYR B 184 47.85 5.18 -49.48
C TYR B 184 48.26 5.75 -48.13
N THR B 185 47.74 6.94 -47.81
CA THR B 185 47.99 7.53 -46.49
C THR B 185 46.65 7.65 -45.75
N SER B 186 45.76 8.48 -46.29
CA SER B 186 44.39 8.58 -45.80
C SER B 186 43.48 8.91 -46.95
N PHE B 187 42.21 8.48 -46.87
CA PHE B 187 41.21 9.01 -47.80
C PHE B 187 40.79 10.39 -47.29
N ALA B 188 40.08 11.12 -48.12
CA ALA B 188 39.64 12.47 -47.75
C ALA B 188 38.60 12.91 -48.76
N THR B 189 37.97 14.05 -48.50
CA THR B 189 37.20 14.70 -49.54
C THR B 189 37.80 16.07 -49.78
N TYR B 190 37.42 16.68 -50.89
CA TYR B 190 37.91 18.00 -51.22
C TYR B 190 36.97 18.71 -52.15
N HIS B 191 37.13 20.01 -52.24
CA HIS B 191 36.55 20.77 -53.34
C HIS B 191 37.55 21.83 -53.75
N THR B 192 37.30 22.45 -54.89
CA THR B 192 38.27 23.32 -55.52
C THR B 192 37.61 24.67 -55.75
N PRO B 193 37.78 25.61 -54.82
CA PRO B 193 36.87 26.75 -54.83
C PRO B 193 36.90 27.59 -56.11
N ALA B 194 38.06 27.70 -56.74
CA ALA B 194 38.19 28.51 -57.96
C ALA B 194 37.23 28.04 -59.06
N THR B 195 36.96 26.74 -59.09
CA THR B 195 36.09 26.17 -60.12
C THR B 195 34.77 25.63 -59.57
N ASP B 196 34.68 25.42 -58.26
CA ASP B 196 33.50 24.80 -57.68
C ASP B 196 32.59 25.79 -56.98
N CYS B 197 33.13 26.96 -56.64
CA CYS B 197 32.35 27.90 -55.84
C CYS B 197 32.22 29.27 -56.51
N SER B 198 32.15 29.28 -57.83
CA SER B 198 31.97 30.54 -58.55
C SER B 198 30.52 30.97 -58.44
N ASP B 199 30.33 32.29 -58.37
CA ASP B 199 29.02 32.88 -58.17
C ASP B 199 27.97 32.35 -59.13
N GLY B 200 26.88 31.85 -58.56
CA GLY B 200 25.74 31.36 -59.33
C GLY B 200 25.91 29.97 -59.94
N ASN B 201 27.05 29.34 -59.70
CA ASN B 201 27.34 28.06 -60.32
C ASN B 201 28.13 27.15 -59.40
N TYR B 202 27.66 27.01 -58.16
CA TYR B 202 28.30 26.10 -57.21
C TYR B 202 28.21 24.67 -57.74
N ASN B 203 29.29 23.92 -57.54
CA ASN B 203 29.34 22.53 -57.96
C ASN B 203 28.74 21.67 -56.84
N ARG B 204 27.53 21.18 -57.04
CA ARG B 204 26.84 20.46 -56.00
C ARG B 204 27.64 19.23 -55.61
N ASN B 205 28.21 18.57 -56.61
CA ASN B 205 28.79 17.24 -56.41
C ASN B 205 30.27 17.20 -56.05
N ALA B 206 30.88 18.37 -55.92
CA ALA B 206 32.34 18.44 -55.81
C ALA B 206 32.87 17.46 -54.76
N SER B 207 32.33 17.54 -53.55
CA SER B 207 32.77 16.65 -52.48
C SER B 207 32.42 15.21 -52.77
N LEU B 208 31.20 14.98 -53.25
CA LEU B 208 30.80 13.63 -53.64
C LEU B 208 31.74 13.02 -54.68
N ASN B 209 32.11 13.82 -55.67
CA ASN B 209 33.04 13.35 -56.70
C ASN B 209 34.40 13.00 -56.13
N SER B 210 34.88 13.80 -55.18
CA SER B 210 36.18 13.52 -54.56
C SER B 210 36.09 12.21 -53.76
N PHE B 211 34.97 12.01 -53.08
CA PHE B 211 34.76 10.78 -52.32
C PHE B 211 34.76 9.56 -53.24
N LYS B 212 34.10 9.69 -54.39
CA LYS B 212 34.04 8.63 -55.39
C LYS B 212 35.39 8.29 -56.00
N GLU B 213 36.39 9.16 -55.86
CA GLU B 213 37.73 8.82 -56.31
C GLU B 213 38.39 7.80 -55.35
N TYR B 214 38.06 7.88 -54.07
CA TYR B 214 38.64 6.93 -53.11
C TYR B 214 37.80 5.65 -52.98
N PHE B 215 36.48 5.77 -53.14
CA PHE B 215 35.58 4.62 -53.04
C PHE B 215 34.58 4.53 -54.19
N ASN B 216 34.34 3.33 -54.70
CA ASN B 216 33.15 3.11 -55.52
C ASN B 216 31.98 2.89 -54.60
N LEU B 217 30.86 3.56 -54.89
CA LEU B 217 29.64 3.37 -54.11
C LEU B 217 28.84 2.23 -54.71
N ARG B 218 28.51 1.25 -53.87
CA ARG B 218 27.82 0.06 -54.37
C ARG B 218 26.57 -0.25 -53.55
N ASN B 219 25.51 -0.63 -54.26
CA ASN B 219 24.26 -1.06 -53.63
C ASN B 219 23.72 -0.06 -52.62
N CYS B 220 23.64 1.18 -53.05
CA CYS B 220 23.12 2.25 -52.20
C CYS B 220 21.63 2.09 -52.02
N THR B 221 21.17 2.08 -50.77
CA THR B 221 19.73 1.95 -50.53
C THR B 221 19.02 3.29 -50.58
N PHE B 222 19.76 4.37 -50.31
CA PHE B 222 19.20 5.71 -50.48
C PHE B 222 20.32 6.72 -50.63
N MET B 223 19.99 7.82 -51.28
CA MET B 223 20.84 9.02 -51.29
C MET B 223 19.92 10.22 -51.22
N TYR B 224 19.89 10.89 -50.06
CA TYR B 224 19.02 12.05 -49.85
C TYR B 224 19.85 13.32 -49.87
N THR B 225 19.25 14.42 -50.31
CA THR B 225 19.91 15.72 -50.21
C THR B 225 19.04 16.70 -49.45
N TYR B 226 19.69 17.55 -48.66
CA TYR B 226 19.01 18.58 -47.87
C TYR B 226 19.65 19.91 -48.18
N ASN B 227 18.87 20.83 -48.74
CA ASN B 227 19.40 22.14 -49.08
C ASN B 227 19.75 22.93 -47.83
N ILE B 228 20.75 23.79 -47.96
CA ILE B 228 21.19 24.66 -46.88
C ILE B 228 21.36 26.06 -47.41
N THR B 229 20.74 27.03 -46.76
CA THR B 229 20.98 28.43 -47.11
C THR B 229 22.36 28.89 -46.61
N GLU B 230 23.10 29.56 -47.48
CA GLU B 230 24.45 30.03 -47.17
C GLU B 230 24.46 31.18 -46.14
N ASP B 231 25.14 30.98 -45.01
CA ASP B 231 25.37 32.05 -44.05
C ASP B 231 26.54 31.68 -43.16
N GLU B 232 26.90 32.55 -42.22
CA GLU B 232 28.01 32.29 -41.30
C GLU B 232 27.51 32.15 -39.88
N ILE B 233 26.25 31.73 -39.73
CA ILE B 233 25.62 31.61 -38.42
C ILE B 233 25.99 30.29 -37.74
N LEU B 234 26.29 30.38 -36.44
CA LEU B 234 26.52 29.22 -35.58
C LEU B 234 25.36 28.24 -35.67
N GLU B 235 25.65 26.95 -35.77
CA GLU B 235 24.57 25.99 -35.70
C GLU B 235 24.95 24.71 -34.99
N TRP B 236 23.93 23.93 -34.63
CA TRP B 236 24.09 22.65 -33.97
C TRP B 236 23.50 21.56 -34.81
N PHE B 237 24.21 20.42 -34.85
CA PHE B 237 23.77 19.22 -35.55
C PHE B 237 23.78 18.04 -34.59
N GLY B 238 22.81 17.13 -34.71
CA GLY B 238 22.81 15.99 -33.81
C GLY B 238 22.44 14.70 -34.54
N ILE B 239 22.83 13.56 -33.98
CA ILE B 239 22.49 12.28 -34.58
C ILE B 239 22.29 11.25 -33.48
N THR B 240 21.19 10.50 -33.59
CA THR B 240 20.88 9.39 -32.69
C THR B 240 20.38 8.22 -33.52
N GLN B 241 20.09 7.10 -32.87
CA GLN B 241 19.51 5.97 -33.59
C GLN B 241 18.51 5.26 -32.69
N THR B 242 17.43 4.80 -33.30
CA THR B 242 16.50 3.93 -32.61
C THR B 242 16.17 2.78 -33.54
N ALA B 243 15.24 1.92 -33.14
CA ALA B 243 14.82 0.83 -34.03
C ALA B 243 14.14 1.37 -35.28
N GLN B 244 13.74 2.65 -35.25
CA GLN B 244 13.10 3.28 -36.40
C GLN B 244 14.10 3.78 -37.43
N GLY B 245 15.38 3.79 -37.06
CA GLY B 245 16.42 4.23 -37.96
C GLY B 245 17.31 5.30 -37.36
N VAL B 246 18.08 5.97 -38.21
CA VAL B 246 19.02 7.00 -37.76
C VAL B 246 18.37 8.36 -37.87
N HIS B 247 18.38 9.12 -36.76
CA HIS B 247 17.68 10.40 -36.70
C HIS B 247 18.68 11.53 -36.79
N LEU B 248 18.44 12.47 -37.72
CA LEU B 248 19.29 13.64 -37.85
C LEU B 248 18.60 14.87 -37.28
N PHE B 249 19.36 15.69 -36.55
CA PHE B 249 18.83 16.89 -35.89
C PHE B 249 19.61 18.11 -36.33
N SER B 250 18.93 19.25 -36.40
CA SER B 250 19.60 20.51 -36.71
C SER B 250 18.89 21.67 -36.04
N SER B 251 19.64 22.73 -35.76
CA SER B 251 19.02 23.96 -35.30
C SER B 251 18.53 24.81 -36.48
N ARG B 252 18.96 24.48 -37.70
CA ARG B 252 18.80 25.38 -38.86
C ARG B 252 17.37 25.73 -39.24
N TYR B 253 16.47 24.76 -39.20
CA TYR B 253 15.17 24.99 -39.80
C TYR B 253 14.18 25.57 -38.80
N VAL B 254 14.31 25.17 -37.54
CA VAL B 254 13.34 25.55 -36.51
C VAL B 254 13.87 26.61 -35.52
N ASP B 255 15.17 26.66 -35.29
CA ASP B 255 15.75 27.62 -34.33
C ASP B 255 17.12 28.13 -34.81
N LEU B 256 17.14 28.67 -36.02
CA LEU B 256 18.37 29.11 -36.64
C LEU B 256 19.18 30.05 -35.76
N TYR B 257 18.48 30.95 -35.07
CA TYR B 257 19.14 32.00 -34.31
C TYR B 257 19.37 31.66 -32.84
N GLY B 258 18.82 30.52 -32.38
CA GLY B 258 18.91 30.17 -30.98
C GLY B 258 19.62 28.86 -30.65
N GLY B 259 19.67 27.95 -31.60
CA GLY B 259 20.47 26.74 -31.44
C GLY B 259 19.80 25.44 -31.01
N ASN B 260 18.53 25.50 -30.59
CA ASN B 260 17.82 24.28 -30.22
C ASN B 260 17.76 23.34 -31.44
N MET B 261 18.00 22.04 -31.22
CA MET B 261 17.97 21.08 -32.31
C MET B 261 16.64 20.34 -32.42
N PHE B 262 16.20 20.22 -33.67
CA PHE B 262 14.97 19.51 -33.99
C PHE B 262 15.22 18.53 -35.11
N GLN B 263 14.46 17.44 -35.05
CA GLN B 263 14.56 16.38 -36.03
C GLN B 263 14.19 16.78 -37.46
N PHE B 264 15.07 16.52 -38.43
CA PHE B 264 14.74 16.84 -39.82
C PHE B 264 14.77 15.61 -40.75
N ALA B 265 15.21 14.47 -40.23
CA ALA B 265 15.21 13.25 -41.03
C ALA B 265 15.29 12.00 -40.18
N THR B 266 14.64 10.95 -40.67
CA THR B 266 14.87 9.61 -40.16
C THR B 266 15.33 8.78 -41.35
N LEU B 267 16.54 8.23 -41.25
CA LEU B 267 17.13 7.46 -42.32
C LEU B 267 16.86 6.00 -42.09
N PRO B 268 16.48 5.27 -43.15
CA PRO B 268 16.19 3.85 -43.04
C PRO B 268 17.47 3.04 -42.89
N VAL B 269 18.09 3.21 -41.74
CA VAL B 269 19.28 2.47 -41.40
C VAL B 269 18.97 1.70 -40.13
N TYR B 270 18.80 0.39 -40.27
CA TYR B 270 18.29 -0.41 -39.16
C TYR B 270 19.34 -1.36 -38.60
N ASP B 271 20.47 -1.43 -39.29
CA ASP B 271 21.64 -2.10 -38.73
C ASP B 271 22.24 -1.16 -37.72
N THR B 272 22.48 -1.62 -36.51
CA THR B 272 22.91 -0.69 -35.45
C THR B 272 24.27 -0.08 -35.75
N ILE B 273 24.30 1.25 -35.72
CA ILE B 273 25.54 1.97 -35.85
C ILE B 273 26.35 1.84 -34.56
N LYS B 274 27.57 1.32 -34.68
CA LYS B 274 28.46 1.14 -33.54
C LYS B 274 29.69 2.04 -33.62
N TYR B 275 30.02 2.48 -34.83
CA TYR B 275 31.26 3.21 -35.04
C TYR B 275 31.06 4.43 -35.92
N TYR B 276 31.88 5.44 -35.70
CA TYR B 276 31.93 6.55 -36.64
C TYR B 276 33.34 7.13 -36.75
N SER B 277 33.59 7.81 -37.85
CA SER B 277 34.78 8.63 -37.95
C SER B 277 34.44 9.97 -38.61
N ILE B 278 35.33 10.94 -38.44
CA ILE B 278 35.19 12.23 -39.10
C ILE B 278 35.96 12.12 -40.40
N ILE B 279 35.29 12.42 -41.51
CA ILE B 279 35.93 12.40 -42.81
C ILE B 279 36.69 13.69 -43.01
N PRO B 280 38.01 13.61 -43.14
CA PRO B 280 38.76 14.85 -43.38
C PRO B 280 38.44 15.46 -44.74
N HIS B 281 38.26 16.78 -44.73
CA HIS B 281 38.10 17.54 -45.95
C HIS B 281 39.29 18.46 -46.10
N SER B 282 39.80 18.62 -47.31
CA SER B 282 40.83 19.63 -47.54
C SER B 282 40.39 20.51 -48.72
N ILE B 283 40.65 21.80 -48.61
CA ILE B 283 40.15 22.77 -49.57
C ILE B 283 41.25 23.07 -50.59
N ARG B 284 41.02 22.69 -51.85
CA ARG B 284 42.05 22.85 -52.87
C ARG B 284 42.08 24.27 -53.39
N SER B 285 42.44 25.19 -52.51
CA SER B 285 42.63 26.58 -52.88
C SER B 285 44.04 26.78 -53.43
N ILE B 286 44.26 27.91 -54.12
CA ILE B 286 45.61 28.32 -54.41
C ILE B 286 46.08 29.21 -53.27
N GLN B 287 47.38 29.46 -53.20
CA GLN B 287 47.93 30.15 -52.03
C GLN B 287 47.23 31.48 -51.73
N SER B 288 46.92 32.27 -52.75
CA SER B 288 46.34 33.60 -52.52
C SER B 288 44.85 33.54 -52.13
N ASP B 289 44.25 32.35 -52.20
CA ASP B 289 42.83 32.19 -51.93
C ASP B 289 42.60 31.47 -50.61
N ARG B 290 43.66 31.32 -49.80
CA ARG B 290 43.53 30.50 -48.59
C ARG B 290 42.69 31.18 -47.51
N LYS B 291 41.78 30.40 -46.95
CA LYS B 291 40.94 30.89 -45.88
C LYS B 291 41.17 30.05 -44.64
N ALA B 292 40.65 30.51 -43.50
CA ALA B 292 40.60 29.73 -42.28
C ALA B 292 39.19 29.20 -42.12
N TRP B 293 39.05 27.93 -41.75
CA TRP B 293 37.77 27.27 -41.65
C TRP B 293 37.50 26.92 -40.17
N ALA B 294 36.31 27.30 -39.70
CA ALA B 294 35.92 27.12 -38.31
C ALA B 294 36.02 25.69 -37.84
N ALA B 295 36.73 25.48 -36.74
CA ALA B 295 36.73 24.18 -36.10
C ALA B 295 35.31 23.80 -35.71
N PHE B 296 35.02 22.50 -35.72
CA PHE B 296 33.77 22.03 -35.16
C PHE B 296 34.06 21.05 -34.01
N TYR B 297 33.05 20.85 -33.17
CA TYR B 297 33.24 20.14 -31.92
C TYR B 297 32.15 19.10 -31.73
N VAL B 298 32.56 17.87 -31.43
CA VAL B 298 31.64 16.74 -31.26
C VAL B 298 31.57 16.38 -29.79
N TYR B 299 30.34 16.31 -29.26
CA TYR B 299 30.11 15.97 -27.86
C TYR B 299 29.20 14.75 -27.77
N LYS B 300 29.61 13.73 -27.02
CA LYS B 300 28.84 12.51 -26.91
C LYS B 300 27.57 12.74 -26.09
N LEU B 301 26.50 12.05 -26.46
CA LEU B 301 25.23 12.10 -25.74
C LEU B 301 25.13 10.98 -24.73
N GLN B 302 24.43 11.24 -23.62
CA GLN B 302 24.08 10.20 -22.66
C GLN B 302 22.77 10.56 -21.98
N PRO B 303 22.08 9.55 -21.42
CA PRO B 303 20.83 9.82 -20.71
C PRO B 303 21.10 10.53 -19.39
N LEU B 304 20.60 11.75 -19.30
CA LEU B 304 20.78 12.61 -18.14
C LEU B 304 19.49 13.33 -17.85
N THR B 305 19.26 13.67 -16.59
CA THR B 305 18.13 14.50 -16.23
C THR B 305 18.57 15.94 -16.13
N PHE B 306 17.93 16.78 -16.93
CA PHE B 306 18.20 18.21 -16.95
C PHE B 306 17.02 18.99 -16.41
N LEU B 307 17.29 20.12 -15.78
CA LEU B 307 16.28 21.15 -15.65
C LEU B 307 16.20 21.87 -16.99
N LEU B 308 15.02 21.93 -17.57
CA LEU B 308 14.82 22.66 -18.82
C LEU B 308 13.92 23.86 -18.57
N ASP B 309 14.40 25.03 -18.95
CA ASP B 309 13.64 26.28 -18.83
C ASP B 309 13.11 26.68 -20.21
N PHE B 310 11.80 26.55 -20.40
CA PHE B 310 11.14 26.89 -21.65
C PHE B 310 10.61 28.31 -21.63
N SER B 311 10.98 29.12 -22.62
CA SER B 311 10.46 30.46 -22.72
C SER B 311 8.97 30.46 -23.09
N VAL B 312 8.38 31.65 -23.14
CA VAL B 312 7.00 31.79 -23.56
C VAL B 312 6.82 31.27 -24.97
N ASP B 313 7.80 31.53 -25.83
CA ASP B 313 7.68 31.13 -27.23
C ASP B 313 8.04 29.65 -27.44
N GLY B 314 8.36 28.95 -26.35
CA GLY B 314 8.56 27.52 -26.41
C GLY B 314 10.00 27.04 -26.48
N TYR B 315 10.94 27.95 -26.73
CA TYR B 315 12.33 27.51 -26.89
C TYR B 315 13.05 27.39 -25.53
N ILE B 316 14.11 26.60 -25.53
CA ILE B 316 14.92 26.40 -24.32
C ILE B 316 16.15 27.29 -24.37
N ARG B 317 16.24 28.23 -23.42
CA ARG B 317 17.35 29.17 -23.42
C ARG B 317 18.22 29.01 -22.18
N ARG B 318 17.80 28.14 -21.29
CA ARG B 318 18.60 27.78 -20.13
C ARG B 318 18.36 26.32 -19.79
N ALA B 319 19.39 25.68 -19.24
CA ALA B 319 19.24 24.35 -18.68
C ALA B 319 20.21 24.16 -17.53
N ILE B 320 19.96 23.15 -16.71
CA ILE B 320 20.90 22.75 -15.68
C ILE B 320 21.17 21.28 -15.80
N ASP B 321 22.45 20.92 -15.83
CA ASP B 321 22.86 19.52 -15.74
C ASP B 321 22.80 19.10 -14.27
N CYS B 322 21.72 18.44 -13.87
CA CYS B 322 21.48 18.20 -12.44
C CYS B 322 22.58 17.41 -11.74
N GLY B 323 23.20 16.49 -12.47
CA GLY B 323 24.23 15.63 -11.89
C GLY B 323 25.63 16.23 -11.85
N PHE B 324 25.75 17.47 -12.31
CA PHE B 324 27.05 18.11 -12.43
C PHE B 324 27.68 18.27 -11.05
N ASN B 325 26.90 18.74 -10.08
CA ASN B 325 27.34 18.78 -8.69
C ASN B 325 26.15 18.92 -7.74
N ASP B 326 26.41 18.99 -6.44
CA ASP B 326 25.33 19.02 -5.45
C ASP B 326 24.55 20.34 -5.57
N LEU B 327 25.26 21.42 -5.85
CA LEU B 327 24.60 22.70 -6.05
C LEU B 327 23.60 22.65 -7.20
N SER B 328 24.01 22.09 -8.33
CA SER B 328 23.08 21.93 -9.46
C SER B 328 21.96 20.97 -9.11
N GLN B 329 22.30 19.91 -8.38
CA GLN B 329 21.34 18.94 -7.88
C GLN B 329 20.23 19.63 -7.11
N LEU B 330 20.63 20.46 -6.15
CA LEU B 330 19.68 21.19 -5.31
C LEU B 330 18.77 22.07 -6.13
N HIS B 331 19.42 22.70 -7.12
CA HIS B 331 18.88 23.63 -8.13
C HIS B 331 17.81 23.02 -8.99
N CYS B 332 17.96 21.74 -9.20
CA CYS B 332 17.04 20.92 -9.99
C CYS B 332 15.83 20.47 -9.15
N SER B 333 16.13 20.12 -7.90
CA SER B 333 15.10 19.81 -6.96
C SER B 333 14.44 21.15 -6.92
N TYR B 334 13.14 21.13 -6.62
CA TYR B 334 12.31 22.33 -6.61
C TYR B 334 11.70 22.55 -7.99
N GLU B 335 12.15 21.75 -8.95
CA GLU B 335 11.61 21.78 -10.29
C GLU B 335 11.68 23.20 -10.83
N SER B 336 12.76 23.89 -10.48
CA SER B 336 12.92 25.28 -10.86
C SER B 336 14.37 25.65 -11.11
N PHE B 337 14.59 26.68 -11.90
CA PHE B 337 15.93 27.21 -12.12
C PHE B 337 16.47 27.75 -10.80
N ASP B 338 15.60 28.39 -10.02
CA ASP B 338 16.01 29.02 -8.79
C ASP B 338 15.65 28.16 -7.59
N VAL B 339 16.63 27.98 -6.71
CA VAL B 339 16.51 27.21 -5.48
C VAL B 339 16.89 28.11 -4.31
N GLU B 340 16.00 28.19 -3.33
CA GLU B 340 16.10 29.11 -2.22
C GLU B 340 17.34 28.81 -1.36
N SER B 341 17.85 29.82 -0.69
CA SER B 341 19.19 29.75 -0.12
C SER B 341 19.19 28.92 1.16
N GLY B 342 19.91 27.79 1.14
CA GLY B 342 20.01 26.96 2.32
C GLY B 342 20.98 25.83 2.11
N VAL B 343 20.92 24.87 3.03
CA VAL B 343 21.72 23.66 2.99
C VAL B 343 20.91 22.57 2.33
N TYR B 344 21.47 21.88 1.36
CA TYR B 344 20.73 20.89 0.59
C TYR B 344 21.58 19.65 0.49
N SER B 345 21.03 18.52 0.91
CA SER B 345 21.84 17.32 1.00
C SER B 345 21.85 16.56 -0.33
N VAL B 346 23.05 16.36 -0.86
CA VAL B 346 23.28 15.64 -2.10
C VAL B 346 23.98 14.34 -1.69
N SER B 347 23.76 13.27 -2.47
CA SER B 347 24.21 11.96 -2.02
C SER B 347 25.72 11.76 -2.22
N SER B 348 26.21 10.67 -1.65
CA SER B 348 27.60 10.22 -1.70
C SER B 348 27.98 9.88 -3.14
N PHE B 349 29.28 9.77 -3.54
CA PHE B 349 30.61 9.47 -2.91
C PHE B 349 30.74 8.17 -2.12
N GLU B 350 30.66 7.05 -2.84
CA GLU B 350 31.00 5.74 -2.29
C GLU B 350 32.33 5.29 -2.88
N ALA B 351 33.13 4.59 -2.06
CA ALA B 351 34.51 4.27 -2.45
C ALA B 351 34.54 3.17 -3.52
N LYS B 352 35.70 3.09 -4.21
CA LYS B 352 35.88 2.19 -5.35
C LYS B 352 36.40 0.82 -4.91
N PRO B 353 35.90 -0.25 -5.52
CA PRO B 353 36.35 -1.61 -5.17
C PRO B 353 37.77 -1.86 -5.64
N SER B 354 38.63 -2.29 -4.73
CA SER B 354 40.04 -2.51 -5.02
C SER B 354 40.55 -3.66 -4.15
N GLY B 355 41.00 -4.74 -4.79
CA GLY B 355 41.51 -5.88 -4.07
C GLY B 355 40.43 -6.89 -3.85
N SER B 356 39.78 -7.29 -4.93
CA SER B 356 38.57 -8.11 -4.88
C SER B 356 38.92 -9.51 -4.40
N VAL B 357 38.72 -9.76 -3.11
CA VAL B 357 39.11 -11.01 -2.49
C VAL B 357 38.12 -12.11 -2.87
N VAL B 358 38.65 -13.22 -3.38
CA VAL B 358 37.87 -14.38 -3.75
C VAL B 358 38.39 -15.56 -2.93
N GLU B 359 37.49 -16.34 -2.35
CA GLU B 359 37.86 -17.45 -1.49
C GLU B 359 37.13 -18.71 -1.92
N GLN B 360 37.87 -19.81 -1.95
CA GLN B 360 37.32 -21.13 -2.24
C GLN B 360 37.93 -22.17 -1.31
N VAL B 364 41.26 -26.21 -1.33
CA VAL B 364 42.02 -25.04 -1.80
C VAL B 364 43.47 -25.45 -2.08
N GLU B 365 44.05 -24.89 -3.15
CA GLU B 365 45.39 -25.26 -3.65
C GLU B 365 45.46 -26.70 -4.16
N CYS B 366 45.72 -26.86 -5.46
CA CYS B 366 45.70 -28.18 -6.11
C CYS B 366 46.93 -29.04 -5.83
N ASP B 367 46.69 -30.30 -5.49
CA ASP B 367 47.72 -31.22 -5.01
C ASP B 367 48.49 -31.99 -6.09
N PHE B 368 49.60 -31.42 -6.54
CA PHE B 368 50.44 -32.04 -7.57
C PHE B 368 51.47 -33.02 -6.98
N SER B 369 51.34 -33.29 -5.67
CA SER B 369 52.35 -34.05 -4.92
C SER B 369 52.95 -35.27 -5.61
N PRO B 370 52.16 -36.35 -5.82
CA PRO B 370 52.75 -37.68 -6.10
C PRO B 370 53.53 -37.72 -7.43
N LEU B 371 53.46 -36.62 -8.18
CA LEU B 371 54.19 -36.48 -9.44
C LEU B 371 55.69 -36.29 -9.19
N LEU B 372 56.00 -35.50 -8.16
CA LEU B 372 57.38 -35.16 -7.85
C LEU B 372 58.12 -36.29 -7.13
N SER B 373 57.36 -37.22 -6.53
CA SER B 373 57.96 -38.28 -5.72
C SER B 373 57.92 -39.65 -6.41
N GLY B 374 59.07 -40.06 -6.96
CA GLY B 374 59.19 -41.38 -7.56
C GLY B 374 59.63 -41.40 -9.01
N THR B 375 59.26 -42.47 -9.72
CA THR B 375 59.62 -42.64 -11.11
C THR B 375 58.41 -42.50 -12.02
N PRO B 376 58.41 -41.47 -12.89
CA PRO B 376 57.34 -41.34 -13.87
C PRO B 376 57.21 -42.63 -14.68
N PRO B 377 56.00 -43.22 -14.74
CA PRO B 377 55.82 -44.49 -15.45
C PRO B 377 55.97 -44.32 -16.96
N GLN B 378 55.89 -45.40 -17.72
CA GLN B 378 56.00 -45.27 -19.18
C GLN B 378 54.68 -44.82 -19.78
N VAL B 379 54.75 -44.12 -20.91
CA VAL B 379 53.57 -43.54 -21.58
C VAL B 379 52.31 -44.45 -21.57
N TYR B 380 52.51 -45.75 -21.77
CA TYR B 380 51.37 -46.68 -21.80
C TYR B 380 50.86 -47.04 -20.41
N ASN B 381 51.57 -46.59 -19.37
CA ASN B 381 51.13 -46.75 -17.98
C ASN B 381 50.95 -45.39 -17.33
N PHE B 382 50.59 -44.38 -18.13
CA PHE B 382 50.45 -43.00 -17.66
C PHE B 382 49.62 -42.86 -16.38
N LYS B 383 50.13 -42.08 -15.43
CA LYS B 383 49.38 -41.84 -14.19
C LYS B 383 48.49 -40.61 -14.31
N ARG B 384 47.29 -40.73 -13.75
CA ARG B 384 46.25 -39.70 -13.90
C ARG B 384 45.93 -38.99 -12.59
N LEU B 385 46.13 -37.67 -12.59
CA LEU B 385 45.73 -36.84 -11.48
C LEU B 385 44.44 -36.08 -11.83
N VAL B 386 43.42 -36.23 -10.99
CA VAL B 386 42.12 -35.58 -11.19
C VAL B 386 41.96 -34.35 -10.29
N PHE B 387 41.37 -33.29 -10.82
CA PHE B 387 41.21 -32.07 -10.03
C PHE B 387 39.81 -31.49 -10.04
N THR B 388 39.16 -31.60 -8.89
CA THR B 388 37.85 -31.00 -8.65
C THR B 388 37.99 -30.05 -7.47
N ASN B 389 37.36 -28.88 -7.57
CA ASN B 389 37.21 -28.00 -6.41
C ASN B 389 38.54 -27.63 -5.73
N CYS B 390 39.39 -26.90 -6.45
CA CYS B 390 40.64 -26.42 -5.87
C CYS B 390 41.24 -25.25 -6.67
N ASN B 391 42.27 -24.64 -6.10
CA ASN B 391 42.98 -23.57 -6.79
C ASN B 391 44.30 -24.09 -7.32
N TYR B 392 44.68 -23.64 -8.51
CA TYR B 392 45.91 -24.14 -9.11
C TYR B 392 46.91 -23.03 -9.39
N ASN B 393 48.15 -23.24 -8.97
CA ASN B 393 49.25 -22.50 -9.56
C ASN B 393 50.02 -23.46 -10.47
N LEU B 394 49.75 -23.33 -11.77
CA LEU B 394 50.34 -24.20 -12.77
C LEU B 394 51.66 -23.65 -13.28
N THR B 395 51.74 -22.32 -13.42
CA THR B 395 53.00 -21.67 -13.77
C THR B 395 54.02 -21.89 -12.65
N LYS B 396 53.53 -22.19 -11.44
CA LYS B 396 54.36 -22.69 -10.36
C LYS B 396 55.00 -24.02 -10.76
N LEU B 397 54.16 -24.99 -11.09
CA LEU B 397 54.60 -26.34 -11.46
C LEU B 397 55.56 -26.32 -12.65
N LEU B 398 55.27 -25.48 -13.65
CA LEU B 398 56.07 -25.42 -14.86
C LEU B 398 57.31 -24.54 -14.68
N SER B 399 57.55 -24.08 -13.46
CA SER B 399 58.75 -23.32 -13.15
C SER B 399 59.79 -24.24 -12.50
N LEU B 400 59.33 -25.39 -12.00
CA LEU B 400 60.23 -26.43 -11.52
C LEU B 400 61.00 -27.05 -12.68
N PHE B 401 60.27 -27.42 -13.73
CA PHE B 401 60.84 -28.12 -14.86
C PHE B 401 61.43 -27.14 -15.87
N SER B 402 62.22 -27.67 -16.80
CA SER B 402 62.58 -26.91 -18.00
C SER B 402 61.61 -27.37 -19.08
N VAL B 403 60.87 -26.44 -19.67
CA VAL B 403 59.82 -26.79 -20.61
C VAL B 403 60.25 -26.59 -22.07
N ASN B 404 60.12 -27.64 -22.85
CA ASN B 404 60.63 -27.65 -24.23
C ASN B 404 59.55 -27.47 -25.29
N ASP B 405 58.33 -27.93 -25.01
CA ASP B 405 57.22 -27.69 -25.92
C ASP B 405 55.87 -27.61 -25.21
N PHE B 406 55.02 -26.70 -25.69
CA PHE B 406 53.69 -26.45 -25.14
C PHE B 406 52.71 -26.19 -26.29
N THR B 407 51.95 -27.21 -26.66
CA THR B 407 50.87 -27.04 -27.62
C THR B 407 49.54 -27.51 -27.02
N CYS B 408 48.48 -26.80 -27.37
CA CYS B 408 47.14 -27.14 -26.91
C CYS B 408 46.20 -27.32 -28.10
N SER B 409 45.09 -28.02 -27.86
CA SER B 409 44.03 -28.13 -28.87
C SER B 409 42.73 -27.54 -28.32
N GLN B 410 42.09 -26.69 -29.13
CA GLN B 410 40.87 -25.97 -28.72
C GLN B 410 41.08 -25.10 -27.49
N ILE B 411 42.34 -24.75 -27.22
CA ILE B 411 42.69 -23.82 -26.16
C ILE B 411 44.12 -23.35 -26.42
N SER B 412 44.60 -22.38 -25.66
CA SER B 412 45.98 -21.90 -25.80
C SER B 412 46.69 -22.07 -24.45
N PRO B 413 48.03 -22.00 -24.45
CA PRO B 413 48.74 -22.16 -23.17
C PRO B 413 48.47 -20.95 -22.28
N ALA B 414 48.37 -19.77 -22.88
CA ALA B 414 47.97 -18.57 -22.15
C ALA B 414 46.60 -18.77 -21.49
N ALA B 415 45.64 -19.21 -22.30
CA ALA B 415 44.27 -19.40 -21.83
C ALA B 415 44.13 -20.47 -20.74
N ILE B 416 44.90 -21.54 -20.85
CA ILE B 416 44.74 -22.69 -19.94
C ILE B 416 45.29 -22.41 -18.54
N ALA B 417 46.10 -21.37 -18.41
CA ALA B 417 46.54 -20.93 -17.10
C ALA B 417 45.45 -20.09 -16.43
N SER B 418 44.81 -19.25 -17.22
CA SER B 418 43.86 -18.26 -16.74
C SER B 418 42.48 -18.80 -16.32
N ASN B 419 41.81 -19.52 -17.22
CA ASN B 419 40.42 -19.94 -17.01
C ASN B 419 40.13 -20.77 -15.77
N CYS B 420 38.85 -20.86 -15.40
CA CYS B 420 38.40 -21.76 -14.34
C CYS B 420 37.68 -22.94 -14.99
N TYR B 421 37.71 -24.10 -14.35
CA TYR B 421 37.12 -25.31 -14.93
C TYR B 421 36.33 -26.09 -13.88
N SER B 422 35.52 -27.04 -14.30
CA SER B 422 34.78 -27.89 -13.37
C SER B 422 35.56 -29.17 -13.12
N SER B 423 36.59 -29.39 -13.92
CA SER B 423 37.37 -30.61 -13.86
C SER B 423 38.70 -30.44 -14.59
N LEU B 424 39.80 -30.75 -13.92
CA LEU B 424 41.12 -30.75 -14.55
C LEU B 424 41.80 -32.10 -14.36
N ILE B 425 42.19 -32.71 -15.48
CA ILE B 425 42.93 -33.98 -15.43
C ILE B 425 44.38 -33.81 -15.88
N LEU B 426 45.31 -34.22 -15.02
CA LEU B 426 46.73 -34.18 -15.36
C LEU B 426 47.31 -35.59 -15.52
N ASP B 427 47.76 -35.90 -16.74
CA ASP B 427 48.40 -37.17 -17.03
C ASP B 427 49.90 -36.92 -17.23
N TYR B 428 50.72 -37.69 -16.52
CA TYR B 428 52.18 -37.54 -16.60
C TYR B 428 52.86 -38.91 -16.78
N PHE B 429 54.02 -38.90 -17.45
CA PHE B 429 54.78 -40.10 -17.77
C PHE B 429 56.18 -39.71 -18.25
N SER B 430 57.09 -40.67 -18.29
CA SER B 430 58.42 -40.47 -18.88
C SER B 430 58.27 -40.49 -20.39
N TYR B 431 58.98 -39.61 -21.08
CA TYR B 431 58.88 -39.50 -22.53
C TYR B 431 60.02 -38.68 -23.11
N PRO B 432 60.74 -39.24 -24.09
CA PRO B 432 61.91 -38.60 -24.70
C PRO B 432 61.56 -37.50 -25.68
N LEU B 433 62.30 -36.38 -25.63
CA LEU B 433 62.13 -35.26 -26.55
C LEU B 433 62.31 -35.67 -28.00
N SER B 434 63.10 -36.73 -28.22
CA SER B 434 63.39 -37.22 -29.56
C SER B 434 62.12 -37.67 -30.26
N MET B 435 61.11 -38.03 -29.47
CA MET B 435 59.86 -38.55 -30.01
C MET B 435 58.71 -37.53 -29.95
N LYS B 436 59.04 -36.26 -30.16
CA LYS B 436 58.05 -35.18 -30.09
C LYS B 436 57.05 -35.27 -31.23
N SER B 437 57.53 -35.65 -32.41
CA SER B 437 56.68 -35.76 -33.59
C SER B 437 55.61 -36.86 -33.47
N ASP B 438 55.73 -37.69 -32.44
CA ASP B 438 54.79 -38.80 -32.23
C ASP B 438 53.80 -38.51 -31.13
N LEU B 439 54.10 -37.47 -30.34
CA LEU B 439 53.20 -37.02 -29.30
C LEU B 439 52.43 -35.81 -29.80
N SER B 440 51.42 -36.07 -30.63
CA SER B 440 50.68 -35.01 -31.29
C SER B 440 49.19 -35.37 -31.28
N VAL B 441 48.32 -34.36 -31.24
CA VAL B 441 46.88 -34.59 -31.30
C VAL B 441 46.51 -34.96 -32.75
N SER B 442 47.35 -34.51 -33.69
CA SER B 442 47.19 -34.82 -35.10
C SER B 442 48.25 -35.83 -35.57
N SER B 443 48.27 -37.00 -34.93
CA SER B 443 49.29 -38.01 -35.24
C SER B 443 48.73 -39.42 -35.21
N ALA B 444 49.12 -40.22 -36.20
CA ALA B 444 48.74 -41.62 -36.23
C ALA B 444 49.95 -42.54 -36.02
N GLY B 445 50.85 -42.12 -35.15
CA GLY B 445 51.97 -42.96 -34.74
C GLY B 445 51.51 -44.00 -33.73
N PRO B 446 52.47 -44.74 -33.16
CA PRO B 446 52.15 -45.79 -32.19
C PRO B 446 51.61 -45.23 -30.88
N ILE B 447 51.99 -43.99 -30.56
CA ILE B 447 51.59 -43.37 -29.29
C ILE B 447 50.08 -43.18 -29.19
N SER B 448 49.51 -42.56 -30.23
CA SER B 448 48.06 -42.38 -30.32
C SER B 448 47.34 -43.70 -30.61
N GLN B 449 47.96 -44.58 -31.37
CA GLN B 449 47.36 -45.88 -31.68
C GLN B 449 47.26 -46.80 -30.47
N PHE B 450 48.37 -47.00 -29.76
CA PHE B 450 48.45 -48.04 -28.73
C PHE B 450 48.83 -47.58 -27.33
N ASN B 451 49.20 -46.32 -27.16
CA ASN B 451 49.75 -45.90 -25.86
C ASN B 451 48.92 -44.89 -25.07
N TYR B 452 48.73 -43.72 -25.64
CA TYR B 452 48.07 -42.62 -24.94
C TYR B 452 47.26 -41.76 -25.91
N LYS B 453 45.96 -41.69 -25.69
CA LYS B 453 45.11 -40.84 -26.52
C LYS B 453 44.25 -39.90 -25.69
N GLN B 454 44.33 -38.60 -25.99
CA GLN B 454 43.49 -37.61 -25.33
C GLN B 454 42.10 -37.57 -25.96
N SER B 455 41.15 -36.96 -25.25
CA SER B 455 39.80 -36.78 -25.81
C SER B 455 39.82 -35.68 -26.88
N PHE B 456 38.98 -35.83 -27.90
CA PHE B 456 38.87 -34.82 -28.93
C PHE B 456 37.68 -33.90 -28.66
N SER B 457 36.87 -34.29 -27.68
CA SER B 457 35.66 -33.53 -27.34
C SER B 457 35.90 -32.50 -26.24
N ASN B 458 37.04 -32.56 -25.58
CA ASN B 458 37.43 -31.55 -24.58
C ASN B 458 38.66 -30.80 -25.05
N PRO B 459 38.85 -29.57 -24.54
CA PRO B 459 40.10 -28.89 -24.90
C PRO B 459 41.29 -29.57 -24.21
N THR B 460 42.40 -29.72 -24.91
CA THR B 460 43.55 -30.45 -24.39
C THR B 460 44.87 -29.72 -24.57
N CYS B 461 45.82 -30.00 -23.68
CA CYS B 461 47.18 -29.50 -23.83
C CYS B 461 48.21 -30.62 -23.71
N LEU B 462 49.36 -30.44 -24.35
CA LEU B 462 50.42 -31.44 -24.36
C LEU B 462 51.76 -30.75 -24.06
N ILE B 463 52.40 -31.16 -22.95
CA ILE B 463 53.63 -30.53 -22.50
C ILE B 463 54.84 -31.47 -22.49
N LEU B 464 55.92 -31.04 -23.13
CA LEU B 464 57.20 -31.75 -23.05
C LEU B 464 58.18 -31.00 -22.15
N ALA B 465 58.71 -31.69 -21.13
CA ALA B 465 59.62 -31.06 -20.17
C ALA B 465 60.86 -31.89 -19.84
N THR B 466 61.75 -31.29 -19.06
CA THR B 466 63.02 -31.91 -18.66
C THR B 466 63.31 -31.60 -17.19
N VAL B 467 63.32 -32.62 -16.33
CA VAL B 467 63.67 -32.42 -14.91
C VAL B 467 65.17 -32.10 -14.78
N PRO B 468 65.47 -31.04 -14.03
CA PRO B 468 66.78 -30.41 -14.09
C PRO B 468 67.82 -31.28 -13.45
N HIS B 469 68.30 -30.87 -12.29
CA HIS B 469 69.14 -31.70 -11.47
C HIS B 469 68.66 -31.29 -10.15
N ASN B 470 68.38 -30.00 -10.11
CA ASN B 470 67.80 -29.30 -8.97
C ASN B 470 66.61 -30.08 -8.39
N LEU B 471 65.89 -30.78 -9.26
CA LEU B 471 64.82 -31.69 -8.86
C LEU B 471 65.37 -33.10 -8.71
N THR B 472 65.29 -33.63 -7.49
CA THR B 472 66.01 -34.86 -7.15
C THR B 472 65.07 -35.95 -6.63
N THR B 473 63.84 -35.59 -6.31
CA THR B 473 62.88 -36.56 -5.81
C THR B 473 62.22 -37.31 -6.99
N ILE B 474 62.45 -36.79 -8.20
CA ILE B 474 62.02 -37.47 -9.43
C ILE B 474 63.13 -38.37 -9.98
N THR B 475 62.92 -39.68 -9.86
CA THR B 475 63.91 -40.68 -10.27
C THR B 475 63.71 -41.13 -11.72
N LYS B 476 64.82 -41.41 -12.42
CA LYS B 476 64.77 -41.94 -13.79
C LYS B 476 64.70 -43.47 -13.82
N PRO B 477 64.03 -44.03 -14.84
CA PRO B 477 63.99 -45.49 -15.05
C PRO B 477 65.10 -45.95 -16.00
N LEU B 478 65.24 -47.26 -16.20
CA LEU B 478 66.31 -47.81 -17.03
C LEU B 478 66.37 -47.19 -18.43
N LYS B 479 65.20 -46.98 -19.03
CA LYS B 479 65.09 -46.43 -20.38
C LYS B 479 63.67 -45.95 -20.61
N TYR B 480 63.43 -45.28 -21.74
CA TYR B 480 62.06 -44.98 -22.16
C TYR B 480 61.51 -46.17 -22.94
N SER B 481 60.26 -46.54 -22.67
CA SER B 481 59.62 -47.64 -23.38
C SER B 481 58.26 -47.22 -23.94
N TYR B 482 57.90 -47.76 -25.10
CA TYR B 482 56.56 -47.58 -25.66
C TYR B 482 56.12 -48.80 -26.47
N ILE B 483 54.81 -48.94 -26.64
CA ILE B 483 54.24 -50.04 -27.42
C ILE B 483 54.22 -49.68 -28.91
N ASN B 484 54.85 -50.51 -29.74
CA ASN B 484 54.84 -50.27 -31.19
C ASN B 484 53.92 -51.21 -31.99
N LYS B 485 53.26 -52.13 -31.29
CA LYS B 485 52.26 -52.99 -31.90
C LYS B 485 51.34 -53.57 -30.85
N CYS B 486 50.04 -53.42 -31.06
CA CYS B 486 49.06 -54.10 -30.23
C CYS B 486 47.95 -54.62 -31.11
N SER B 487 47.94 -55.93 -31.35
CA SER B 487 46.90 -56.50 -32.21
C SER B 487 46.38 -57.84 -31.71
N ARG B 488 45.21 -58.20 -32.20
CA ARG B 488 44.65 -59.53 -31.97
C ARG B 488 44.81 -60.38 -33.21
N LEU B 489 45.13 -61.65 -33.00
CA LEU B 489 45.09 -62.62 -34.09
C LEU B 489 43.82 -63.42 -33.89
N LEU B 490 42.90 -63.34 -34.84
CA LEU B 490 41.62 -64.02 -34.71
C LEU B 490 41.79 -65.54 -34.66
N SER B 491 40.73 -66.26 -34.29
CA SER B 491 40.77 -67.71 -34.13
C SER B 491 40.92 -68.43 -35.47
N ASP B 492 41.08 -67.68 -36.55
CA ASP B 492 41.32 -68.28 -37.86
C ASP B 492 42.80 -68.38 -38.16
N ASP B 493 43.63 -67.88 -37.25
CA ASP B 493 45.09 -67.90 -37.39
C ASP B 493 45.62 -67.07 -38.59
N ARG B 494 44.78 -66.22 -39.15
CA ARG B 494 45.14 -65.46 -40.34
C ARG B 494 44.90 -63.97 -40.17
N THR B 495 43.75 -63.63 -39.57
CA THR B 495 43.30 -62.26 -39.50
C THR B 495 43.89 -61.50 -38.32
N GLU B 496 44.62 -60.44 -38.62
CA GLU B 496 45.22 -59.57 -37.62
C GLU B 496 44.41 -58.28 -37.48
N VAL B 497 43.97 -58.00 -36.25
CA VAL B 497 43.18 -56.80 -35.98
C VAL B 497 43.86 -55.96 -34.91
N PRO B 498 44.48 -54.85 -35.33
CA PRO B 498 45.07 -53.90 -34.37
C PRO B 498 44.09 -53.48 -33.27
N GLN B 499 44.56 -53.51 -32.03
CA GLN B 499 43.76 -53.06 -30.90
C GLN B 499 44.13 -51.63 -30.57
N LEU B 500 43.33 -50.68 -31.04
CA LEU B 500 43.59 -49.26 -30.84
C LEU B 500 43.13 -48.81 -29.45
N VAL B 501 43.91 -47.93 -28.83
CA VAL B 501 43.58 -47.41 -27.51
C VAL B 501 42.53 -46.31 -27.62
N ASN B 502 41.54 -46.37 -26.74
CA ASN B 502 40.51 -45.34 -26.66
C ASN B 502 40.93 -44.28 -25.66
N ALA B 503 40.50 -43.03 -25.90
CA ALA B 503 40.80 -41.92 -25.00
C ALA B 503 40.44 -42.24 -23.55
N ASN B 504 41.21 -41.66 -22.63
CA ASN B 504 41.04 -41.92 -21.19
C ASN B 504 41.08 -43.40 -20.80
N GLN B 505 41.81 -44.21 -21.57
CA GLN B 505 41.97 -45.63 -21.25
C GLN B 505 43.40 -46.10 -21.50
N TYR B 506 43.74 -47.25 -20.93
CA TYR B 506 45.02 -47.89 -21.19
C TYR B 506 44.89 -48.85 -22.34
N SER B 507 46.01 -49.20 -22.96
CA SER B 507 46.04 -50.21 -24.02
C SER B 507 45.64 -51.56 -23.47
N PRO B 508 44.91 -52.35 -24.27
CA PRO B 508 44.57 -53.74 -23.92
C PRO B 508 45.81 -54.59 -23.79
N CYS B 509 46.95 -54.08 -24.23
CA CYS B 509 48.20 -54.83 -24.16
C CYS B 509 49.04 -54.57 -22.90
N VAL B 510 48.60 -53.65 -22.05
CA VAL B 510 49.34 -53.34 -20.81
C VAL B 510 49.39 -54.53 -19.86
N SER B 511 48.56 -55.54 -20.12
CA SER B 511 48.54 -56.75 -19.31
C SER B 511 49.71 -57.68 -19.64
N ILE B 512 50.30 -57.49 -20.82
CA ILE B 512 51.36 -58.38 -21.28
C ILE B 512 52.68 -57.66 -21.57
N VAL B 513 52.66 -56.32 -21.61
CA VAL B 513 53.87 -55.53 -21.80
C VAL B 513 54.38 -55.03 -20.46
N PRO B 514 55.61 -55.45 -20.06
CA PRO B 514 56.25 -55.07 -18.79
C PRO B 514 56.26 -53.56 -18.57
N SER B 515 56.39 -53.12 -17.33
CA SER B 515 56.33 -51.69 -17.03
C SER B 515 57.50 -50.95 -17.68
N THR B 516 58.59 -51.65 -17.92
CA THR B 516 59.67 -51.14 -18.76
C THR B 516 60.07 -52.25 -19.71
N VAL B 517 60.24 -51.93 -20.99
CA VAL B 517 60.63 -52.93 -21.98
C VAL B 517 62.10 -53.29 -21.82
N TRP B 518 62.38 -54.59 -21.70
CA TRP B 518 63.74 -55.04 -21.46
C TRP B 518 64.69 -54.73 -22.61
N GLU B 519 64.25 -55.02 -23.84
CA GLU B 519 65.08 -54.75 -25.00
C GLU B 519 64.27 -54.30 -26.22
N ASP B 520 64.79 -53.33 -26.96
CA ASP B 520 64.11 -52.80 -28.15
C ASP B 520 63.67 -53.93 -29.06
N GLY B 521 62.37 -53.96 -29.38
CA GLY B 521 61.86 -54.94 -30.32
C GLY B 521 61.33 -56.22 -29.71
N ASP B 522 61.37 -56.34 -28.37
CA ASP B 522 60.79 -57.52 -27.71
C ASP B 522 59.31 -57.63 -28.07
N TYR B 523 58.80 -58.86 -28.09
CA TYR B 523 57.41 -59.09 -28.43
C TYR B 523 56.73 -60.00 -27.41
N TYR B 524 55.43 -59.77 -27.22
CA TYR B 524 54.68 -60.43 -26.16
C TYR B 524 53.45 -61.10 -26.77
N ARG B 525 53.04 -62.21 -26.18
CA ARG B 525 51.90 -62.95 -26.68
C ARG B 525 51.13 -63.55 -25.52
N LYS B 526 49.87 -63.89 -25.76
CA LYS B 526 49.00 -64.43 -24.73
C LYS B 526 47.81 -65.04 -25.45
N GLN B 527 47.63 -66.33 -25.31
CA GLN B 527 46.51 -67.00 -25.96
C GLN B 527 45.21 -66.61 -25.27
N LEU B 528 44.15 -66.42 -26.05
CA LEU B 528 42.87 -65.97 -25.48
C LEU B 528 41.91 -67.12 -25.23
N SER B 529 41.17 -67.03 -24.11
CA SER B 529 40.12 -67.98 -23.80
C SER B 529 38.99 -67.82 -24.81
N PRO B 530 38.27 -68.92 -25.11
CA PRO B 530 37.13 -68.93 -26.04
C PRO B 530 36.11 -67.85 -25.69
N LEU B 531 35.98 -67.55 -24.40
CA LEU B 531 35.13 -66.47 -23.93
C LEU B 531 35.68 -65.08 -24.31
N GLU B 532 36.99 -64.92 -24.19
CA GLU B 532 37.65 -63.67 -24.57
C GLU B 532 37.62 -63.43 -26.09
N GLY B 533 37.27 -64.48 -26.84
CA GLY B 533 37.17 -64.38 -28.28
C GLY B 533 37.99 -65.44 -29.02
N GLY B 534 38.87 -66.11 -28.28
CA GLY B 534 39.79 -67.05 -28.91
C GLY B 534 40.90 -66.31 -29.63
N GLY B 535 41.72 -67.06 -30.36
CA GLY B 535 42.87 -66.49 -31.02
C GLY B 535 43.91 -66.02 -30.00
N TRP B 536 44.67 -64.98 -30.36
CA TRP B 536 45.75 -64.51 -29.50
C TRP B 536 45.72 -63.00 -29.27
N LEU B 537 46.40 -62.56 -28.21
CA LEU B 537 46.75 -61.16 -28.03
C LEU B 537 48.26 -61.01 -28.22
N VAL B 538 48.69 -59.99 -28.94
CA VAL B 538 50.08 -59.85 -29.34
C VAL B 538 50.55 -58.39 -29.23
N ALA B 539 51.77 -58.19 -28.75
CA ALA B 539 52.32 -56.84 -28.64
C ALA B 539 53.83 -56.80 -28.86
N SER B 540 54.35 -55.60 -29.16
CA SER B 540 55.78 -55.43 -29.34
C SER B 540 56.25 -54.10 -28.77
N GLY B 541 57.33 -54.13 -27.98
CA GLY B 541 57.81 -52.94 -27.31
C GLY B 541 59.05 -52.32 -27.94
N SER B 542 59.11 -50.99 -27.85
CA SER B 542 60.26 -50.24 -28.34
C SER B 542 60.95 -49.49 -27.21
N THR B 543 62.23 -49.18 -27.38
CA THR B 543 62.97 -48.47 -26.34
C THR B 543 63.72 -47.29 -26.93
N VAL B 544 63.92 -46.27 -26.10
CA VAL B 544 64.79 -45.15 -26.44
C VAL B 544 65.73 -45.00 -25.25
N ALA B 545 67.00 -44.74 -25.53
CA ALA B 545 68.02 -44.66 -24.48
C ALA B 545 67.70 -43.54 -23.49
N MET B 546 67.92 -43.82 -22.20
CA MET B 546 67.69 -42.82 -21.15
C MET B 546 68.59 -41.62 -21.38
N THR B 547 68.13 -40.43 -20.99
CA THR B 547 68.88 -39.19 -21.19
C THR B 547 69.63 -38.75 -19.93
N GLU B 548 70.47 -37.73 -20.06
CA GLU B 548 71.21 -37.17 -18.93
C GLU B 548 70.24 -36.72 -17.85
N GLN B 549 69.41 -35.74 -18.22
CA GLN B 549 68.29 -35.35 -17.39
C GLN B 549 67.03 -36.05 -17.88
N LEU B 550 66.26 -36.62 -16.96
CA LEU B 550 65.00 -37.29 -17.32
C LEU B 550 64.07 -36.35 -18.09
N GLN B 551 63.40 -36.89 -19.11
CA GLN B 551 62.47 -36.12 -19.93
C GLN B 551 61.05 -36.66 -19.76
N MET B 552 60.07 -35.77 -19.57
CA MET B 552 58.71 -36.19 -19.24
C MET B 552 57.65 -35.65 -20.20
N GLY B 553 56.48 -36.28 -20.16
CA GLY B 553 55.33 -35.82 -20.91
C GLY B 553 54.11 -35.55 -20.03
N PHE B 554 53.46 -34.41 -20.27
CA PHE B 554 52.26 -34.04 -19.53
C PHE B 554 51.08 -33.80 -20.46
N GLY B 555 49.95 -34.45 -20.15
CA GLY B 555 48.73 -34.24 -20.91
C GLY B 555 47.64 -33.71 -20.01
N ILE B 556 47.15 -32.52 -20.31
CA ILE B 556 46.06 -31.93 -19.53
C ILE B 556 44.74 -31.85 -20.30
N THR B 557 43.66 -32.20 -19.61
CA THR B 557 42.32 -32.12 -20.19
C THR B 557 41.37 -31.36 -19.26
N VAL B 558 40.78 -30.28 -19.79
CA VAL B 558 39.87 -29.44 -19.00
C VAL B 558 38.41 -29.63 -19.41
N GLN B 559 37.52 -29.57 -18.43
CA GLN B 559 36.09 -29.56 -18.68
C GLN B 559 35.48 -28.27 -18.11
N TYR B 560 34.84 -27.50 -18.97
CA TYR B 560 34.08 -26.35 -18.52
C TYR B 560 32.68 -26.80 -18.13
N GLY B 561 32.32 -26.53 -16.87
CA GLY B 561 31.01 -26.91 -16.37
C GLY B 561 29.98 -25.83 -16.58
N THR B 562 28.75 -26.11 -16.15
CA THR B 562 27.64 -25.16 -16.24
C THR B 562 27.70 -24.17 -15.08
N ASP B 563 27.74 -24.70 -13.85
CA ASP B 563 27.80 -23.90 -12.63
C ASP B 563 28.92 -24.38 -11.70
N THR B 564 29.47 -25.55 -12.01
CA THR B 564 30.41 -26.24 -11.12
C THR B 564 31.89 -25.86 -11.31
N ASN B 565 32.15 -24.72 -11.96
CA ASN B 565 33.54 -24.29 -12.22
C ASN B 565 34.38 -24.00 -10.97
N SER B 566 34.56 -25.04 -10.16
CA SER B 566 35.25 -24.93 -8.87
C SER B 566 36.75 -25.16 -8.93
N VAL B 567 37.29 -25.38 -10.13
CA VAL B 567 38.73 -25.45 -10.32
C VAL B 567 39.24 -24.17 -11.00
N CYS B 568 39.64 -23.20 -10.19
CA CYS B 568 40.08 -21.91 -10.69
C CYS B 568 41.54 -21.68 -10.32
N PRO B 569 42.21 -20.72 -10.99
CA PRO B 569 43.57 -20.41 -10.52
C PRO B 569 43.55 -19.72 -9.17
N LYS B 570 44.72 -19.31 -8.69
CA LYS B 570 44.85 -18.51 -7.49
C LYS B 570 46.04 -17.57 -7.63
N LEU B 571 45.96 -16.39 -7.02
CA LEU B 571 47.08 -15.45 -7.06
C LEU B 571 47.36 -14.81 -5.70
N LYS B 578 48.48 -11.72 -5.61
CA LYS B 578 47.66 -12.24 -4.52
C LYS B 578 46.53 -11.29 -4.18
N ILE B 579 46.06 -10.55 -5.17
CA ILE B 579 44.97 -9.58 -4.98
C ILE B 579 43.69 -10.29 -4.56
N ALA B 580 43.41 -11.44 -5.18
CA ALA B 580 42.23 -12.22 -4.85
C ALA B 580 42.27 -12.63 -3.38
N SER B 581 43.35 -12.25 -2.71
CA SER B 581 43.53 -12.56 -1.31
C SER B 581 43.93 -11.30 -0.55
N GLN B 582 44.37 -11.50 0.68
CA GLN B 582 44.87 -10.45 1.56
C GLN B 582 46.16 -9.85 0.99
N LEU B 583 46.43 -8.56 1.28
CA LEU B 583 45.65 -7.66 2.12
C LEU B 583 44.84 -6.65 1.35
N GLY B 584 43.67 -7.07 0.90
CA GLY B 584 42.69 -6.15 0.37
C GLY B 584 41.94 -5.53 1.51
N ASN B 585 42.58 -4.57 2.19
CA ASN B 585 42.06 -3.96 3.40
C ASN B 585 41.03 -2.86 3.13
N CYS B 586 40.43 -2.84 1.94
CA CYS B 586 39.25 -2.05 1.68
C CYS B 586 38.35 -2.88 0.76
N VAL B 587 37.29 -2.24 0.28
CA VAL B 587 36.34 -2.75 -0.71
C VAL B 587 37.16 -3.23 -1.90
N GLU B 588 36.97 -4.47 -2.37
CA GLU B 588 35.79 -5.32 -2.28
C GLU B 588 36.21 -6.72 -1.84
N TYR B 589 35.23 -7.57 -1.48
CA TYR B 589 35.42 -9.00 -1.38
C TYR B 589 34.39 -9.70 -2.26
N SER B 590 34.63 -11.00 -2.50
CA SER B 590 33.60 -11.87 -3.07
C SER B 590 33.87 -13.28 -2.55
N LEU B 591 33.17 -13.66 -1.50
CA LEU B 591 33.35 -14.94 -0.83
C LEU B 591 32.46 -16.00 -1.48
N TYR B 592 32.21 -17.10 -0.76
CA TYR B 592 31.81 -18.38 -1.36
C TYR B 592 30.51 -18.31 -2.14
N GLY B 593 29.40 -18.08 -1.46
CA GLY B 593 28.15 -17.92 -2.17
C GLY B 593 27.62 -16.53 -1.92
N VAL B 594 28.46 -15.70 -1.30
CA VAL B 594 28.03 -14.41 -0.80
C VAL B 594 28.85 -13.32 -1.47
N SER B 595 28.19 -12.26 -1.87
CA SER B 595 28.82 -11.10 -2.46
C SER B 595 29.08 -10.10 -1.34
N GLY B 596 29.39 -8.86 -1.70
CA GLY B 596 29.47 -7.83 -0.70
C GLY B 596 30.64 -6.90 -0.89
N ARG B 597 30.65 -5.82 -0.13
CA ARG B 597 31.68 -4.79 -0.21
C ARG B 597 32.04 -4.38 1.20
N GLY B 598 33.27 -4.64 1.62
CA GLY B 598 33.61 -4.43 3.01
C GLY B 598 35.04 -4.03 3.22
N VAL B 599 35.33 -3.61 4.45
CA VAL B 599 36.67 -3.23 4.87
C VAL B 599 37.10 -4.23 5.93
N PHE B 600 37.92 -5.20 5.54
CA PHE B 600 38.29 -6.22 6.48
C PHE B 600 39.33 -5.69 7.45
N GLN B 601 39.22 -6.09 8.71
CA GLN B 601 40.23 -5.74 9.71
C GLN B 601 40.49 -6.98 10.54
N ASN B 602 41.69 -7.10 11.09
CA ASN B 602 41.97 -8.19 12.01
C ASN B 602 41.37 -7.86 13.37
N CYS B 603 40.15 -8.35 13.58
CA CYS B 603 39.40 -8.05 14.78
C CYS B 603 39.44 -9.26 15.72
N THR B 604 38.69 -9.21 16.82
CA THR B 604 38.62 -10.29 17.80
C THR B 604 37.21 -10.32 18.37
N ALA B 605 36.73 -11.49 18.84
CA ALA B 605 37.18 -12.86 18.55
C ALA B 605 35.91 -13.73 18.47
N VAL B 606 34.79 -13.11 18.12
CA VAL B 606 33.46 -13.64 18.35
C VAL B 606 32.99 -14.44 17.14
N GLY B 607 32.63 -15.69 17.33
CA GLY B 607 32.03 -16.44 16.25
C GLY B 607 31.70 -17.86 16.62
N VAL B 608 31.60 -18.67 15.58
CA VAL B 608 31.40 -20.11 15.68
C VAL B 608 32.70 -20.85 15.47
N ARG B 609 33.44 -20.41 14.44
CA ARG B 609 34.76 -20.83 13.99
C ARG B 609 34.82 -22.17 13.29
N GLN B 610 33.69 -22.84 13.13
CA GLN B 610 33.73 -24.11 12.42
C GLN B 610 33.03 -24.01 11.07
N GLN B 611 31.84 -23.43 11.02
CA GLN B 611 31.37 -22.82 9.80
C GLN B 611 31.76 -21.36 9.83
N ARG B 612 31.75 -20.72 8.66
CA ARG B 612 32.66 -19.59 8.49
C ARG B 612 32.00 -18.30 8.03
N PHE B 613 30.98 -17.84 8.75
CA PHE B 613 30.58 -16.45 8.68
C PHE B 613 30.27 -15.99 10.09
N VAL B 614 29.82 -14.76 10.25
CA VAL B 614 29.08 -14.37 11.44
C VAL B 614 28.15 -13.22 11.08
N TYR B 615 26.88 -13.35 11.42
CA TYR B 615 25.92 -12.32 11.10
C TYR B 615 25.66 -11.52 12.36
N ASP B 616 24.91 -10.43 12.22
CA ASP B 616 24.42 -9.70 13.39
C ASP B 616 22.95 -9.42 13.19
N ALA B 617 22.11 -10.40 13.54
CA ALA B 617 20.67 -10.28 13.67
C ALA B 617 19.93 -9.85 12.41
N TYR B 618 20.62 -9.77 11.27
CA TYR B 618 19.98 -9.37 10.02
C TYR B 618 20.56 -10.23 8.92
N GLN B 619 20.39 -9.80 7.67
CA GLN B 619 21.01 -10.52 6.56
C GLN B 619 22.50 -10.25 6.49
N ASN B 620 22.96 -9.13 7.05
CA ASN B 620 24.35 -8.72 6.87
C ASN B 620 25.29 -9.65 7.64
N LEU B 621 26.56 -9.57 7.28
CA LEU B 621 27.61 -10.35 7.93
C LEU B 621 28.63 -9.37 8.48
N VAL B 622 28.86 -9.40 9.79
CA VAL B 622 29.77 -8.48 10.45
C VAL B 622 30.87 -9.28 11.17
N GLY B 623 31.47 -10.29 10.55
CA GLY B 623 31.81 -10.35 9.14
C GLY B 623 33.08 -11.09 8.81
N TYR B 624 33.75 -11.67 9.80
CA TYR B 624 35.02 -12.31 9.50
C TYR B 624 34.75 -13.65 8.81
N TYR B 625 35.83 -14.36 8.48
CA TYR B 625 35.73 -15.63 7.76
C TYR B 625 35.12 -15.44 6.37
N SER B 626 35.97 -15.30 5.38
CA SER B 626 36.99 -16.33 5.29
C SER B 626 38.38 -15.93 4.93
N ASP B 627 39.26 -16.17 5.89
CA ASP B 627 40.69 -16.28 5.67
C ASP B 627 41.21 -17.36 6.59
N ASP B 628 42.48 -17.73 6.39
CA ASP B 628 43.00 -19.02 6.80
C ASP B 628 44.26 -18.84 7.64
N GLY B 629 44.11 -18.88 8.97
CA GLY B 629 42.82 -18.77 9.62
C GLY B 629 42.86 -17.59 10.56
N ASN B 630 42.17 -16.51 10.23
CA ASN B 630 42.10 -15.40 11.15
C ASN B 630 40.73 -14.79 11.26
N TYR B 631 40.69 -13.52 11.66
CA TYR B 631 39.44 -12.84 11.94
C TYR B 631 39.38 -11.56 11.13
N TYR B 632 38.93 -11.62 9.89
CA TYR B 632 38.87 -10.41 9.07
C TYR B 632 37.46 -9.83 9.06
N CYS B 633 37.14 -9.12 10.15
CA CYS B 633 35.76 -8.70 10.38
C CYS B 633 35.38 -7.59 9.42
N LEU B 634 34.22 -7.70 8.79
CA LEU B 634 33.98 -6.76 7.72
C LEU B 634 33.06 -5.65 8.21
N ARG B 635 32.91 -4.64 7.36
CA ARG B 635 32.07 -3.50 7.67
C ARG B 635 31.29 -3.11 6.42
N ALA B 636 30.42 -2.13 6.57
CA ALA B 636 29.68 -1.66 5.42
C ALA B 636 30.54 -0.71 4.60
N CYS B 637 30.01 -0.28 3.46
CA CYS B 637 30.76 0.54 2.53
C CYS B 637 31.00 1.94 3.09
N VAL B 638 32.08 2.54 2.64
CA VAL B 638 32.42 3.92 2.99
C VAL B 638 31.64 4.85 2.08
N SER B 639 30.96 5.84 2.67
CA SER B 639 30.20 6.80 1.89
C SER B 639 30.48 8.17 2.50
N VAL B 640 30.74 9.16 1.66
CA VAL B 640 30.95 10.51 2.17
C VAL B 640 29.65 11.28 2.05
N PRO B 641 29.04 11.65 3.14
CA PRO B 641 27.66 12.15 3.09
C PRO B 641 27.59 13.64 2.82
N VAL B 642 27.71 13.99 1.54
CA VAL B 642 28.09 15.33 1.13
C VAL B 642 26.86 16.24 1.20
N SER B 643 27.04 17.55 1.06
CA SER B 643 25.92 18.45 0.92
C SER B 643 26.35 19.68 0.12
N VAL B 644 25.46 20.67 0.06
CA VAL B 644 25.60 21.88 -0.75
C VAL B 644 25.11 23.06 0.06
N ILE B 645 25.85 24.16 0.06
CA ILE B 645 25.50 25.35 0.81
C ILE B 645 25.20 26.44 -0.22
N TYR B 646 24.03 26.45 -0.80
CA TYR B 646 23.93 27.33 -1.93
C TYR B 646 24.18 28.72 -1.45
N ASP B 647 23.09 29.44 -1.25
CA ASP B 647 23.15 30.91 -1.22
C ASP B 647 22.82 31.55 -2.55
N LYS B 648 21.54 31.49 -2.95
CA LYS B 648 21.10 31.95 -4.28
C LYS B 648 21.23 33.45 -4.49
N GLU B 649 21.39 34.24 -3.42
CA GLU B 649 21.51 35.68 -3.59
C GLU B 649 22.81 36.04 -4.30
N THR B 650 23.89 35.42 -3.89
CA THR B 650 25.16 35.66 -4.56
C THR B 650 25.58 34.51 -5.46
N LYS B 651 24.77 33.46 -5.55
CA LYS B 651 24.95 32.33 -6.48
C LYS B 651 26.28 31.60 -6.25
N THR B 652 26.60 31.36 -4.97
CA THR B 652 27.89 30.76 -4.62
C THR B 652 27.68 29.46 -3.83
N HIS B 653 27.79 28.34 -4.54
CA HIS B 653 27.70 27.04 -3.89
C HIS B 653 28.98 26.77 -3.10
N ALA B 654 28.89 25.81 -2.19
CA ALA B 654 30.00 25.47 -1.32
C ALA B 654 29.83 24.09 -0.72
N THR B 655 30.52 23.10 -1.26
CA THR B 655 30.20 21.71 -0.98
C THR B 655 30.71 21.30 0.40
N LEU B 656 29.80 20.91 1.26
CA LEU B 656 30.12 20.44 2.60
C LEU B 656 30.01 18.92 2.68
N PHE B 657 31.01 18.29 3.27
CA PHE B 657 30.98 16.86 3.56
C PHE B 657 30.42 16.64 4.95
N GLY B 658 29.76 15.51 5.13
CA GLY B 658 29.23 15.18 6.43
C GLY B 658 30.24 14.50 7.32
N SER B 659 30.78 15.26 8.27
CA SER B 659 31.47 14.77 9.45
C SER B 659 32.84 14.12 9.19
N VAL B 660 33.27 13.97 7.93
CA VAL B 660 34.59 13.46 7.57
C VAL B 660 35.01 13.89 6.18
N ALA B 661 36.28 14.28 5.99
CA ALA B 661 37.30 14.56 7.01
C ALA B 661 38.14 15.67 6.48
N CYS B 662 38.83 16.38 7.36
CA CYS B 662 39.80 17.36 6.87
C CYS B 662 41.05 16.68 6.34
N GLU B 663 41.27 15.42 6.70
CA GLU B 663 42.51 14.74 6.41
C GLU B 663 42.34 13.64 5.37
N HIS B 664 41.14 13.09 5.26
CA HIS B 664 40.97 11.89 4.45
C HIS B 664 40.52 12.22 3.04
N ILE B 665 39.90 13.37 2.83
CA ILE B 665 39.39 13.69 1.50
C ILE B 665 40.56 14.10 0.60
N SER B 666 40.30 14.16 -0.69
CA SER B 666 41.18 14.84 -1.63
C SER B 666 40.31 15.70 -2.52
N SER B 667 40.88 16.78 -3.03
CA SER B 667 40.10 17.68 -3.88
C SER B 667 39.82 17.01 -5.22
N THR B 668 38.55 17.04 -5.63
CA THR B 668 37.99 16.24 -6.73
C THR B 668 38.39 14.77 -6.57
N MET B 669 37.86 14.17 -5.51
CA MET B 669 38.36 12.89 -5.01
C MET B 669 38.13 11.76 -6.00
N SER B 670 39.21 11.04 -6.29
CA SER B 670 39.24 10.04 -7.34
C SER B 670 39.05 8.63 -6.81
N GLN B 671 38.90 8.45 -5.50
CA GLN B 671 38.62 7.15 -4.94
C GLN B 671 37.13 6.87 -4.83
N TYR B 672 36.27 7.81 -5.22
CA TYR B 672 34.86 7.72 -4.92
C TYR B 672 34.03 7.85 -6.19
N SER B 673 32.80 7.35 -6.13
CA SER B 673 32.01 7.15 -7.33
C SER B 673 31.27 8.41 -7.78
N ARG B 674 30.40 8.95 -6.93
CA ARG B 674 29.39 9.91 -7.37
C ARG B 674 29.53 11.26 -6.68
N SER B 675 29.79 12.28 -7.49
CA SER B 675 29.90 13.67 -7.03
C SER B 675 28.63 14.21 -6.34
N THR B 676 27.44 14.23 -6.98
CA THR B 676 26.85 13.37 -8.03
C THR B 676 26.56 14.12 -9.31
N ARG B 677 26.79 13.52 -10.49
CA ARG B 677 27.40 12.20 -10.68
C ARG B 677 28.64 12.34 -11.53
N SER B 678 28.50 13.13 -12.59
CA SER B 678 29.57 13.22 -13.60
C SER B 678 30.74 14.04 -13.08
N MET B 679 30.48 15.25 -12.61
CA MET B 679 31.57 16.11 -12.17
C MET B 679 31.26 16.71 -10.80
N LEU B 680 32.33 17.03 -10.07
CA LEU B 680 32.31 17.60 -8.74
C LEU B 680 32.22 19.12 -8.88
N LYS B 681 32.71 19.86 -7.89
CA LYS B 681 32.87 21.32 -7.85
C LYS B 681 31.50 21.97 -7.78
N PRO B 693 39.95 22.87 1.06
CA PRO B 693 39.32 22.02 2.08
C PRO B 693 39.53 22.56 3.48
N VAL B 694 38.46 23.10 4.05
CA VAL B 694 38.50 23.75 5.36
C VAL B 694 37.46 23.12 6.25
N GLY B 695 37.90 22.65 7.40
CA GLY B 695 36.99 22.38 8.48
C GLY B 695 37.45 23.10 9.71
N CYS B 696 37.39 22.42 10.85
CA CYS B 696 36.93 21.03 10.96
C CYS B 696 35.93 20.95 12.09
N VAL B 697 35.16 22.03 12.27
CA VAL B 697 34.29 22.12 13.43
C VAL B 697 33.12 21.17 13.27
N LEU B 698 32.52 21.15 12.11
CA LEU B 698 31.49 20.18 11.82
C LEU B 698 32.10 18.99 11.09
N GLY B 699 32.52 19.23 9.86
CA GLY B 699 32.96 18.20 8.96
C GLY B 699 33.92 18.88 8.04
N LEU B 700 34.15 18.37 6.86
CA LEU B 700 35.00 19.07 5.91
C LEU B 700 34.14 19.82 4.91
N VAL B 701 34.58 21.04 4.60
CA VAL B 701 33.91 21.87 3.62
C VAL B 701 34.92 22.21 2.54
N ASN B 702 34.45 22.30 1.30
CA ASN B 702 35.23 22.86 0.21
C ASN B 702 34.96 24.35 0.08
N SER B 703 35.15 25.08 1.17
CA SER B 703 34.87 26.49 1.21
C SER B 703 35.68 27.16 2.31
N SER B 704 36.43 28.17 1.92
CA SER B 704 37.14 29.08 2.81
C SER B 704 36.11 30.02 3.40
N LEU B 705 36.23 30.36 4.69
CA LEU B 705 37.43 30.39 5.54
C LEU B 705 37.18 30.07 7.01
N PHE B 706 38.27 30.01 7.77
CA PHE B 706 38.19 29.76 9.20
C PHE B 706 37.60 30.98 9.91
N VAL B 707 37.01 30.74 11.07
CA VAL B 707 36.38 31.73 11.94
C VAL B 707 37.34 32.87 12.30
N GLU B 708 37.05 34.15 11.94
CA GLU B 708 35.83 34.85 11.45
C GLU B 708 34.63 34.73 12.39
N ASP B 709 34.75 35.44 13.52
CA ASP B 709 33.68 35.58 14.50
C ASP B 709 33.35 37.06 14.64
N CYS B 710 32.10 37.39 14.99
CA CYS B 710 30.93 36.52 15.15
C CYS B 710 29.68 37.24 14.63
N LYS B 711 28.92 36.61 13.73
CA LYS B 711 27.87 37.33 13.01
C LYS B 711 26.90 36.36 12.35
N LEU B 712 25.64 36.79 12.18
CA LEU B 712 25.01 37.88 12.95
C LEU B 712 24.30 37.50 14.28
N PRO B 713 23.52 36.39 14.35
CA PRO B 713 23.19 35.18 13.55
C PRO B 713 21.88 35.15 12.76
N LEU B 714 21.93 34.50 11.59
CA LEU B 714 20.77 34.36 10.71
C LEU B 714 21.06 33.21 9.75
N GLY B 715 20.04 32.89 8.94
CA GLY B 715 20.20 31.99 7.82
C GLY B 715 21.28 32.45 6.84
N GLN B 716 21.73 31.53 6.00
CA GLN B 716 21.14 30.22 5.77
C GLN B 716 21.66 29.10 6.65
N SER B 717 22.44 29.48 7.66
CA SER B 717 22.48 28.82 8.97
C SER B 717 22.74 27.33 8.91
N LEU B 718 23.94 26.96 8.52
CA LEU B 718 24.36 25.58 8.44
C LEU B 718 24.51 24.98 9.84
N CYS B 719 25.08 23.79 9.88
CA CYS B 719 25.08 22.84 10.98
C CYS B 719 26.00 23.29 12.10
N ALA B 720 26.47 22.36 12.93
CA ALA B 720 26.51 22.45 14.40
C ALA B 720 26.68 23.86 14.94
N LEU B 721 27.79 24.55 14.70
CA LEU B 721 27.70 26.02 14.64
C LEU B 721 28.60 26.77 13.63
N PRO B 722 28.78 26.35 12.39
CA PRO B 722 29.06 27.38 11.38
C PRO B 722 27.82 28.11 10.88
N ASP B 723 27.75 29.41 11.15
CA ASP B 723 26.60 30.23 10.77
C ASP B 723 26.72 30.78 9.35
N THR B 724 27.88 30.63 8.71
CA THR B 724 28.26 30.79 7.29
C THR B 724 27.61 31.91 6.48
N PRO B 725 27.96 33.19 6.72
CA PRO B 725 27.43 34.25 5.85
C PRO B 725 28.10 34.25 4.49
N SER B 726 27.63 35.11 3.60
CA SER B 726 28.13 35.17 2.23
C SER B 726 28.22 36.64 1.82
N THR B 727 29.26 37.01 1.06
CA THR B 727 30.25 36.12 0.46
C THR B 727 31.49 35.99 1.31
N MET B 740 31.34 30.14 0.91
CA MET B 740 32.28 31.25 0.86
C MET B 740 32.17 32.06 2.14
N ARG B 741 33.29 32.20 2.84
CA ARG B 741 33.42 32.90 4.11
C ARG B 741 32.48 32.28 5.15
N LEU B 742 32.82 31.04 5.50
CA LEU B 742 31.99 30.24 6.37
C LEU B 742 32.15 30.64 7.83
N ALA B 743 31.54 29.82 8.67
CA ALA B 743 31.97 29.55 10.03
C ALA B 743 31.99 30.77 10.93
N SER B 744 30.85 31.38 11.16
CA SER B 744 30.73 32.35 12.22
C SER B 744 29.99 31.67 13.36
N ILE B 745 30.23 32.13 14.59
CA ILE B 745 29.61 31.54 15.76
C ILE B 745 29.01 32.67 16.59
N ALA B 746 27.77 33.06 16.31
CA ALA B 746 27.30 34.39 16.71
C ALA B 746 26.39 34.35 17.93
N PHE B 747 26.92 33.95 19.07
CA PHE B 747 26.03 33.67 20.18
C PHE B 747 26.66 34.11 21.50
N ASN B 748 25.84 34.64 22.42
CA ASN B 748 24.37 34.72 22.27
C ASN B 748 23.88 36.15 21.86
N HIS B 749 24.10 37.27 22.58
CA HIS B 749 24.71 37.41 23.90
C HIS B 749 23.90 38.41 24.72
N PRO B 750 23.36 37.97 25.86
CA PRO B 750 22.48 38.82 26.65
C PRO B 750 23.25 39.86 27.44
N ILE B 751 22.60 41.00 27.66
CA ILE B 751 23.26 42.10 28.33
C ILE B 751 23.29 41.82 29.83
N GLN B 752 24.38 41.22 30.27
CA GLN B 752 24.40 40.58 31.59
C GLN B 752 24.58 41.63 32.66
N VAL B 753 23.51 41.90 33.41
CA VAL B 753 23.63 42.69 34.62
C VAL B 753 24.42 41.86 35.62
N ASP B 754 25.22 42.54 36.44
CA ASP B 754 26.10 41.87 37.38
C ASP B 754 25.44 41.85 38.75
N GLN B 755 25.69 40.79 39.51
CA GLN B 755 25.05 40.63 40.80
C GLN B 755 25.87 41.29 41.90
N LEU B 756 25.23 42.15 42.67
CA LEU B 756 25.94 42.81 43.74
C LEU B 756 25.91 41.91 44.98
N ASN B 757 26.65 42.31 46.01
CA ASN B 757 26.84 41.49 47.21
C ASN B 757 25.99 41.81 48.45
N SER B 758 25.83 43.09 48.77
CA SER B 758 25.20 43.48 50.03
C SER B 758 23.70 43.66 49.87
N SER B 759 23.07 44.36 50.81
CA SER B 759 21.64 44.63 50.87
C SER B 759 21.04 45.27 49.63
N TYR B 760 21.87 45.90 48.81
CA TYR B 760 21.47 46.46 47.54
C TYR B 760 21.66 45.44 46.44
N PHE B 761 20.85 45.51 45.38
CA PHE B 761 21.00 44.58 44.28
C PHE B 761 20.63 45.25 42.96
N LYS B 762 21.54 45.18 42.00
CA LYS B 762 21.43 45.92 40.76
C LYS B 762 20.29 45.40 39.92
N LEU B 763 19.84 46.22 38.97
CA LEU B 763 18.67 45.89 38.19
C LEU B 763 18.74 46.62 36.87
N SER B 764 18.27 45.99 35.81
CA SER B 764 18.46 46.57 34.50
C SER B 764 17.24 47.22 33.86
N ILE B 765 16.72 48.32 34.42
CA ILE B 765 15.57 48.96 33.79
C ILE B 765 15.94 49.72 32.53
N PRO B 766 15.08 49.73 31.56
CA PRO B 766 15.35 50.45 30.31
C PRO B 766 14.91 51.90 30.24
N THR B 767 15.02 52.47 29.04
CA THR B 767 14.69 53.88 28.84
C THR B 767 13.70 54.12 27.69
N ASN B 768 13.77 53.31 26.62
CA ASN B 768 12.93 53.55 25.43
C ASN B 768 11.80 52.53 25.19
N PHE B 769 10.64 53.00 24.75
CA PHE B 769 9.52 52.11 24.45
C PHE B 769 9.78 51.20 23.27
N SER B 770 9.84 51.78 22.07
CA SER B 770 10.05 51.10 20.80
C SER B 770 9.09 49.95 20.55
N PHE B 771 7.82 50.23 20.31
CA PHE B 771 6.80 49.20 20.26
C PHE B 771 6.91 48.32 19.03
N GLY B 772 6.07 47.30 19.00
CA GLY B 772 5.40 46.90 17.80
C GLY B 772 6.03 45.96 16.83
N VAL B 773 5.28 44.94 16.47
CA VAL B 773 5.69 43.91 15.53
C VAL B 773 4.44 43.36 14.86
N THR B 774 4.58 42.83 13.65
CA THR B 774 3.56 41.91 13.17
C THR B 774 3.91 40.53 13.67
N GLN B 775 2.90 39.71 13.89
CA GLN B 775 3.15 38.42 14.51
C GLN B 775 2.29 37.36 13.85
N GLU B 776 2.09 36.21 14.49
CA GLU B 776 1.93 34.99 13.74
C GLU B 776 0.48 34.70 13.37
N TYR B 777 0.36 33.98 12.28
CA TYR B 777 -0.82 33.36 11.69
C TYR B 777 -1.20 32.10 12.42
N ILE B 778 -2.48 31.79 12.58
CA ILE B 778 -2.91 30.72 13.48
C ILE B 778 -3.92 29.77 12.87
N GLN B 779 -4.10 29.87 11.57
CA GLN B 779 -4.46 28.80 10.64
C GLN B 779 -5.86 28.20 10.68
N THR B 780 -6.52 28.10 11.83
CA THR B 780 -7.96 28.01 12.03
C THR B 780 -8.81 27.01 11.22
N THR B 781 -8.38 26.60 10.02
CA THR B 781 -9.24 25.88 9.07
C THR B 781 -8.42 25.11 8.06
N ILE B 782 -9.13 24.56 7.08
CA ILE B 782 -8.55 24.15 5.83
C ILE B 782 -9.34 24.84 4.73
N GLN B 783 -9.01 24.53 3.49
CA GLN B 783 -9.93 24.69 2.39
C GLN B 783 -10.77 23.43 2.32
N LYS B 784 -12.07 23.59 2.09
CA LYS B 784 -13.03 22.58 2.52
C LYS B 784 -13.27 21.52 1.48
N VAL B 785 -12.27 21.24 0.65
CA VAL B 785 -12.36 20.43 -0.57
C VAL B 785 -13.00 19.06 -0.38
N THR B 786 -13.99 18.75 -1.20
CA THR B 786 -14.62 17.45 -1.23
C THR B 786 -14.46 16.85 -2.61
N VAL B 787 -14.07 15.60 -2.66
CA VAL B 787 -13.93 14.91 -3.93
C VAL B 787 -15.27 14.26 -4.22
N ASP B 788 -15.66 14.30 -5.49
CA ASP B 788 -16.89 13.66 -5.93
C ASP B 788 -16.55 12.34 -6.62
N CYS B 789 -16.13 11.39 -5.78
CA CYS B 789 -15.82 10.04 -6.23
C CYS B 789 -17.07 9.37 -6.81
N LYS B 790 -16.83 8.30 -7.58
CA LYS B 790 -17.68 7.62 -8.57
C LYS B 790 -17.76 8.44 -9.86
N GLN B 791 -17.18 9.65 -9.86
CA GLN B 791 -16.84 10.38 -11.07
C GLN B 791 -15.49 11.09 -11.01
N TYR B 792 -14.72 10.93 -9.94
CA TYR B 792 -13.31 11.27 -10.04
C TYR B 792 -12.56 10.08 -10.61
N VAL B 793 -12.46 9.02 -9.83
CA VAL B 793 -12.51 7.69 -10.39
C VAL B 793 -13.98 7.47 -10.68
N CYS B 794 -14.35 7.14 -11.92
CA CYS B 794 -13.55 7.15 -13.11
C CYS B 794 -13.91 8.42 -13.81
N ASN B 795 -13.49 8.58 -15.06
CA ASN B 795 -13.72 9.85 -15.73
C ASN B 795 -15.16 10.01 -16.19
N GLY B 796 -15.97 8.97 -16.03
CA GLY B 796 -17.35 9.03 -16.44
C GLY B 796 -17.67 8.00 -17.51
N PHE B 797 -16.92 6.91 -17.50
CA PHE B 797 -17.05 5.89 -18.52
C PHE B 797 -17.67 4.64 -17.90
N GLN B 798 -18.67 4.08 -18.62
CA GLN B 798 -19.69 3.24 -17.99
C GLN B 798 -19.12 1.93 -17.49
N LYS B 799 -18.19 1.33 -18.23
CA LYS B 799 -17.54 0.11 -17.76
C LYS B 799 -16.74 0.38 -16.51
N CYS B 800 -16.08 1.53 -16.47
CA CYS B 800 -15.28 1.89 -15.31
C CYS B 800 -16.20 2.28 -14.15
N GLU B 801 -17.39 2.79 -14.47
CA GLU B 801 -18.39 3.07 -13.44
C GLU B 801 -18.93 1.79 -12.82
N GLN B 802 -19.07 0.73 -13.64
CA GLN B 802 -19.52 -0.54 -13.10
C GLN B 802 -18.43 -1.17 -12.23
N LEU B 803 -17.17 -1.04 -12.65
CA LEU B 803 -16.07 -1.54 -11.84
C LEU B 803 -15.92 -0.73 -10.56
N LEU B 804 -16.46 0.50 -10.54
CA LEU B 804 -16.62 1.22 -9.28
C LEU B 804 -17.77 0.67 -8.45
N ARG B 805 -18.83 0.28 -9.15
CA ARG B 805 -19.95 -0.33 -8.49
C ARG B 805 -19.38 -1.39 -7.57
N GLU B 806 -18.58 -2.29 -8.14
CA GLU B 806 -17.99 -3.34 -7.32
C GLU B 806 -17.42 -2.77 -6.01
N TYR B 807 -16.86 -1.56 -6.08
CA TYR B 807 -16.27 -0.90 -4.91
C TYR B 807 -17.20 0.17 -4.36
N GLY B 808 -18.51 -0.04 -4.42
CA GLY B 808 -19.47 0.95 -3.96
C GLY B 808 -19.48 1.23 -2.47
N GLN B 809 -18.77 0.43 -1.67
CA GLN B 809 -18.64 0.75 -0.26
C GLN B 809 -17.59 1.82 -0.02
N PHE B 810 -16.44 1.70 -0.71
CA PHE B 810 -15.30 2.55 -0.44
C PHE B 810 -15.58 3.99 -0.78
N CYS B 811 -16.27 4.22 -1.90
CA CYS B 811 -16.58 5.59 -2.33
C CYS B 811 -17.51 6.27 -1.35
N SER B 812 -18.46 5.50 -0.82
CA SER B 812 -19.39 6.01 0.19
C SER B 812 -18.64 6.38 1.46
N LYS B 813 -17.60 5.61 1.79
CA LYS B 813 -16.84 5.95 2.98
C LYS B 813 -15.92 7.14 2.73
N ILE B 814 -15.54 7.36 1.47
CA ILE B 814 -14.75 8.54 1.12
C ILE B 814 -15.57 9.80 1.33
N ASN B 815 -16.71 9.89 0.64
CA ASN B 815 -17.46 11.14 0.66
C ASN B 815 -18.15 11.32 2.00
N GLN B 816 -18.47 10.21 2.67
CA GLN B 816 -18.93 10.26 4.05
C GLN B 816 -17.85 10.85 4.96
N ALA B 817 -16.60 10.44 4.72
CA ALA B 817 -15.51 10.90 5.58
C ALA B 817 -15.21 12.38 5.36
N LEU B 818 -15.24 12.83 4.11
CA LEU B 818 -14.98 14.24 3.85
C LEU B 818 -16.12 15.12 4.31
N HIS B 819 -17.36 14.66 4.17
CA HIS B 819 -18.47 15.47 4.66
C HIS B 819 -18.45 15.57 6.18
N GLY B 820 -17.99 14.52 6.85
CA GLY B 820 -17.75 14.62 8.27
C GLY B 820 -16.63 15.59 8.60
N ALA B 821 -15.59 15.60 7.76
CA ALA B 821 -14.46 16.49 7.99
C ALA B 821 -14.87 17.94 7.84
N ASN B 822 -15.77 18.22 6.89
CA ASN B 822 -16.22 19.58 6.67
C ASN B 822 -17.19 20.02 7.75
N LEU B 823 -17.94 19.09 8.32
CA LEU B 823 -18.81 19.52 9.42
C LEU B 823 -18.00 19.79 10.68
N ARG B 824 -16.91 19.06 10.89
CA ARG B 824 -16.06 19.34 12.03
C ARG B 824 -15.34 20.66 11.85
N GLN B 825 -14.85 20.91 10.63
CA GLN B 825 -14.18 22.17 10.34
C GLN B 825 -15.16 23.34 10.39
N ASP B 826 -16.35 23.14 9.85
CA ASP B 826 -17.36 24.18 9.86
C ASP B 826 -17.84 24.48 11.27
N ASP B 827 -17.85 23.48 12.13
CA ASP B 827 -18.18 23.79 13.51
C ASP B 827 -17.00 24.44 14.21
N SER B 828 -15.80 24.27 13.69
CA SER B 828 -14.68 25.04 14.22
C SER B 828 -14.76 26.50 13.81
N VAL B 829 -15.25 26.76 12.60
CA VAL B 829 -15.43 28.14 12.15
C VAL B 829 -16.55 28.80 12.94
N ARG B 830 -17.70 28.12 13.00
CA ARG B 830 -18.86 28.63 13.70
C ARG B 830 -18.60 28.82 15.19
N ASN B 831 -17.98 27.83 15.82
CA ASN B 831 -17.72 27.94 17.25
C ASN B 831 -16.62 28.94 17.50
N LEU B 832 -15.73 29.12 16.53
CA LEU B 832 -14.70 30.13 16.67
C LEU B 832 -15.32 31.52 16.69
N PHE B 833 -16.16 31.83 15.70
CA PHE B 833 -16.66 33.21 15.63
C PHE B 833 -17.75 33.47 16.67
N ALA B 834 -18.46 32.43 17.08
CA ALA B 834 -19.38 32.59 18.19
C ALA B 834 -18.61 32.77 19.49
N SER B 835 -17.37 32.28 19.54
CA SER B 835 -16.50 32.70 20.63
C SER B 835 -15.62 33.88 20.25
N VAL B 836 -15.91 34.55 19.14
CA VAL B 836 -15.26 35.82 18.86
C VAL B 836 -16.13 36.97 19.35
N LYS B 837 -17.34 37.13 18.79
CA LYS B 837 -17.91 38.46 18.87
C LYS B 837 -18.61 38.71 20.21
N SER B 838 -19.80 38.14 20.41
CA SER B 838 -20.69 38.11 21.57
C SER B 838 -21.15 39.48 22.13
N SER B 839 -20.33 40.52 21.96
CA SER B 839 -20.44 41.81 22.66
C SER B 839 -19.20 42.65 22.39
N GLN B 840 -19.20 43.98 22.52
CA GLN B 840 -20.18 44.97 22.06
C GLN B 840 -19.30 46.02 21.41
N SER B 841 -19.61 46.47 20.20
CA SER B 841 -18.65 47.30 19.48
C SER B 841 -18.75 48.76 19.89
N SER B 842 -17.91 49.58 19.25
CA SER B 842 -17.80 50.98 19.64
C SER B 842 -18.81 51.92 18.99
N PRO B 843 -19.19 51.79 17.70
CA PRO B 843 -18.83 51.02 16.50
C PRO B 843 -17.70 51.63 15.71
N ILE B 844 -17.50 51.11 14.50
CA ILE B 844 -16.41 51.53 13.63
C ILE B 844 -16.65 52.93 13.10
N ILE B 845 -15.91 53.88 13.65
CA ILE B 845 -15.96 55.28 13.26
C ILE B 845 -14.56 55.53 12.72
N PRO B 846 -14.37 56.38 11.68
CA PRO B 846 -13.02 56.66 11.18
C PRO B 846 -11.99 57.18 12.18
N GLY B 847 -12.42 57.72 13.31
CA GLY B 847 -11.47 58.02 14.35
C GLY B 847 -11.54 57.01 15.47
N PHE B 848 -10.56 56.10 15.56
CA PHE B 848 -10.49 55.20 16.70
C PHE B 848 -9.79 55.86 17.88
N GLY B 849 -8.50 56.12 17.72
CA GLY B 849 -7.70 56.65 18.80
C GLY B 849 -6.96 57.90 18.39
N GLY B 850 -6.95 58.88 19.29
CA GLY B 850 -6.34 60.16 19.00
C GLY B 850 -5.03 60.37 19.71
N ASP B 851 -3.91 60.36 18.97
CA ASP B 851 -3.90 60.08 17.54
C ASP B 851 -3.13 58.81 17.25
N PHE B 852 -3.82 57.69 17.18
CA PHE B 852 -3.21 56.44 16.77
C PHE B 852 -3.77 56.13 15.40
N ASN B 853 -2.97 56.33 14.36
CA ASN B 853 -3.40 56.04 12.99
C ASN B 853 -3.57 54.54 12.86
N LEU B 854 -4.81 54.09 12.86
CA LEU B 854 -5.13 52.68 12.71
C LEU B 854 -5.50 52.39 11.27
N THR B 855 -4.75 51.50 10.66
CA THR B 855 -4.98 50.99 9.33
C THR B 855 -6.12 49.99 9.31
N LEU B 856 -6.50 49.50 10.49
CA LEU B 856 -7.42 48.39 10.62
C LEU B 856 -8.87 48.81 10.43
N LEU B 857 -9.12 50.12 10.26
CA LEU B 857 -10.40 50.66 9.82
C LEU B 857 -10.89 50.00 8.54
N GLU B 858 -12.19 49.82 8.42
CA GLU B 858 -12.73 49.41 7.13
C GLU B 858 -12.98 50.63 6.26
N PRO B 859 -12.47 50.65 5.03
CA PRO B 859 -12.69 51.84 4.19
C PRO B 859 -14.11 51.97 3.67
N VAL B 860 -14.74 50.86 3.29
CA VAL B 860 -16.09 50.80 2.69
C VAL B 860 -16.26 51.73 1.50
N ALA B 869 -16.29 45.09 5.48
CA ALA B 869 -15.86 45.01 4.10
C ALA B 869 -14.35 45.02 3.97
N ARG B 870 -13.67 44.13 4.70
CA ARG B 870 -12.30 43.71 4.44
C ARG B 870 -11.30 44.87 4.52
N SER B 871 -10.89 45.23 5.73
CA SER B 871 -10.04 46.38 6.02
C SER B 871 -8.70 46.37 5.29
N ALA B 872 -7.96 47.46 5.48
CA ALA B 872 -6.79 47.78 4.67
C ALA B 872 -5.61 46.82 4.87
N ILE B 873 -5.25 46.52 6.13
CA ILE B 873 -4.19 45.54 6.37
C ILE B 873 -4.63 44.17 5.89
N GLU B 874 -5.90 43.85 6.09
CA GLU B 874 -6.48 42.64 5.53
C GLU B 874 -6.43 42.67 4.02
N ASP B 875 -6.56 43.85 3.42
CA ASP B 875 -6.37 43.96 1.97
C ASP B 875 -4.92 43.71 1.57
N LEU B 876 -3.97 44.10 2.42
CA LEU B 876 -2.57 43.84 2.09
C LEU B 876 -2.24 42.36 2.15
N LEU B 877 -2.71 41.69 3.20
CA LEU B 877 -2.42 40.28 3.30
C LEU B 877 -3.42 39.42 2.57
N PHE B 878 -4.33 40.00 1.81
CA PHE B 878 -5.01 39.24 0.78
C PHE B 878 -4.50 39.54 -0.62
N ASP B 879 -3.92 40.70 -0.84
CA ASP B 879 -3.37 40.96 -2.17
C ASP B 879 -2.01 40.30 -2.34
N LYS B 880 -1.18 40.35 -1.30
CA LYS B 880 0.17 39.83 -1.43
C LYS B 880 0.24 38.31 -1.40
N VAL B 881 -0.74 37.67 -0.80
CA VAL B 881 -0.84 36.21 -0.84
C VAL B 881 -1.35 35.81 -2.21
N THR B 882 -0.72 34.80 -2.80
CA THR B 882 -1.03 34.37 -4.16
C THR B 882 -2.01 33.21 -4.14
N ILE B 883 -3.28 33.53 -4.42
CA ILE B 883 -4.34 32.54 -4.56
C ILE B 883 -4.83 32.60 -6.00
N ALA B 884 -4.86 31.46 -6.67
CA ALA B 884 -5.39 31.42 -8.03
C ALA B 884 -6.90 31.24 -8.03
N ASP B 885 -7.44 30.70 -6.94
CA ASP B 885 -8.86 30.54 -6.64
C ASP B 885 -9.45 31.90 -6.26
N PRO B 886 -10.77 32.03 -5.97
CA PRO B 886 -11.98 31.20 -6.02
C PRO B 886 -12.98 31.62 -7.07
N GLY B 887 -13.99 30.78 -7.29
CA GLY B 887 -15.04 31.12 -8.21
C GLY B 887 -16.42 30.98 -7.61
N TYR B 888 -17.17 32.08 -7.54
CA TYR B 888 -18.53 32.07 -7.04
C TYR B 888 -19.41 32.87 -8.02
N MET B 889 -19.89 32.19 -9.06
CA MET B 889 -20.67 32.74 -10.18
C MET B 889 -19.99 33.83 -11.01
N GLN B 890 -18.69 34.04 -10.82
CA GLN B 890 -17.91 34.83 -11.77
C GLN B 890 -16.61 34.14 -12.14
N GLY B 891 -16.12 33.25 -11.28
CA GLY B 891 -14.84 32.62 -11.52
C GLY B 891 -14.92 31.31 -12.27
N TYR B 892 -16.06 30.61 -12.17
CA TYR B 892 -16.32 29.48 -13.05
C TYR B 892 -16.41 29.93 -14.49
N ASP B 893 -17.27 30.92 -14.75
CA ASP B 893 -17.41 31.46 -16.09
C ASP B 893 -16.15 32.18 -16.50
N ASP B 894 -15.46 32.80 -15.54
CA ASP B 894 -14.23 33.53 -15.83
C ASP B 894 -13.10 32.59 -16.21
N CYS B 895 -13.10 31.39 -15.64
CA CYS B 895 -12.13 30.38 -16.07
C CYS B 895 -12.61 29.67 -17.33
N MET B 896 -13.92 29.69 -17.58
CA MET B 896 -14.47 29.15 -18.80
C MET B 896 -14.12 30.03 -20.00
N GLN B 897 -13.91 31.32 -19.76
CA GLN B 897 -13.50 32.24 -20.81
C GLN B 897 -12.07 31.96 -21.26
N GLN B 898 -11.29 31.26 -20.44
CA GLN B 898 -9.91 30.96 -20.76
C GLN B 898 -9.80 29.92 -21.86
N ILE B 907 -7.87 25.44 -8.63
CA ILE B 907 -8.13 26.16 -9.86
C ILE B 907 -9.22 25.45 -10.63
N CYS B 908 -8.94 24.21 -11.03
CA CYS B 908 -9.92 23.35 -11.69
C CYS B 908 -10.64 22.47 -10.69
N ALA B 909 -11.15 23.11 -9.64
CA ALA B 909 -12.09 22.48 -8.73
C ALA B 909 -13.45 22.32 -9.35
N GLN B 910 -13.69 22.96 -10.48
CA GLN B 910 -14.99 23.04 -11.12
C GLN B 910 -14.90 22.60 -12.56
N TYR B 911 -13.83 21.88 -12.90
CA TYR B 911 -13.63 21.43 -14.27
C TYR B 911 -13.23 19.97 -14.35
N VAL B 912 -12.48 19.46 -13.38
CA VAL B 912 -12.29 18.02 -13.37
C VAL B 912 -13.55 17.35 -12.86
N ALA B 913 -13.96 17.69 -11.64
CA ALA B 913 -15.18 17.25 -10.95
C ALA B 913 -15.49 15.75 -11.01
N GLY B 914 -14.69 14.88 -10.38
CA GLY B 914 -13.48 15.20 -9.65
C GLY B 914 -13.64 15.84 -8.28
N TYR B 915 -12.57 16.51 -7.87
CA TYR B 915 -12.56 17.28 -6.64
C TYR B 915 -13.37 18.55 -6.81
N LYS B 916 -13.72 19.18 -5.70
CA LYS B 916 -14.57 20.37 -5.70
C LYS B 916 -14.44 21.08 -4.36
N VAL B 917 -14.15 22.37 -4.41
CA VAL B 917 -13.94 23.17 -3.23
C VAL B 917 -15.26 23.77 -2.77
N LEU B 918 -15.60 23.59 -1.51
CA LEU B 918 -16.81 24.21 -1.01
C LEU B 918 -16.49 25.62 -0.47
N PRO B 919 -17.46 26.51 -0.47
CA PRO B 919 -17.26 27.87 0.05
C PRO B 919 -17.17 27.90 1.57
N PRO B 920 -16.49 28.90 2.14
CA PRO B 920 -16.13 28.84 3.55
C PRO B 920 -17.16 29.36 4.53
N LEU B 921 -18.45 29.02 4.36
CA LEU B 921 -19.52 29.19 5.34
C LEU B 921 -19.89 30.65 5.62
N MET B 922 -19.04 31.58 5.24
CA MET B 922 -19.19 32.97 5.61
C MET B 922 -18.70 33.83 4.48
N ASP B 923 -19.51 34.83 4.13
CA ASP B 923 -19.05 35.76 3.12
C ASP B 923 -18.05 36.71 3.78
N VAL B 924 -17.19 37.27 2.93
CA VAL B 924 -15.99 37.96 3.40
C VAL B 924 -16.38 39.23 4.12
N ASN B 925 -17.49 39.84 3.70
CA ASN B 925 -18.03 41.01 4.39
C ASN B 925 -18.48 40.66 5.80
N MET B 926 -18.82 39.39 6.04
CA MET B 926 -19.34 39.05 7.35
C MET B 926 -18.25 38.62 8.32
N GLU B 927 -17.24 37.88 7.83
CA GLU B 927 -16.05 37.67 8.63
C GLU B 927 -15.40 38.99 8.97
N ALA B 928 -15.44 39.91 7.99
CA ALA B 928 -15.04 41.28 8.24
C ALA B 928 -15.93 41.94 9.26
N ALA B 929 -17.20 41.53 9.33
CA ALA B 929 -18.06 42.12 10.35
C ALA B 929 -17.72 41.62 11.74
N TYR B 930 -17.38 40.32 11.86
CA TYR B 930 -16.95 39.78 13.15
C TYR B 930 -15.71 40.48 13.64
N THR B 931 -14.68 40.54 12.80
CA THR B 931 -13.42 41.08 13.27
C THR B 931 -13.47 42.60 13.37
N SER B 932 -14.44 43.23 12.71
CA SER B 932 -14.55 44.67 12.86
C SER B 932 -15.28 45.02 14.14
N SER B 933 -16.28 44.23 14.53
CA SER B 933 -16.83 44.42 15.86
C SER B 933 -15.83 43.98 16.93
N LEU B 934 -14.90 43.11 16.56
CA LEU B 934 -13.84 42.73 17.48
C LEU B 934 -12.87 43.89 17.68
N LEU B 935 -12.57 44.62 16.60
CA LEU B 935 -11.77 45.84 16.71
C LEU B 935 -12.53 46.91 17.47
N GLY B 936 -13.85 46.91 17.38
CA GLY B 936 -14.63 47.80 18.22
C GLY B 936 -14.49 47.45 19.68
N SER B 937 -14.49 46.16 19.98
CA SER B 937 -14.44 45.72 21.37
C SER B 937 -13.03 45.66 21.93
N ILE B 938 -12.01 45.96 21.12
CA ILE B 938 -10.63 46.05 21.59
C ILE B 938 -10.50 47.06 22.71
N ALA B 939 -11.08 48.23 22.53
CA ALA B 939 -10.86 49.31 23.47
C ALA B 939 -11.60 49.08 24.77
N GLY B 940 -12.91 48.91 24.69
CA GLY B 940 -13.70 48.78 25.89
C GLY B 940 -13.53 47.45 26.57
N VAL B 941 -13.42 46.38 25.78
CA VAL B 941 -13.24 45.06 26.36
C VAL B 941 -11.83 44.94 26.94
N GLY B 942 -10.86 45.58 26.31
CA GLY B 942 -9.53 45.67 26.91
C GLY B 942 -9.47 46.65 28.06
N TRP B 943 -10.20 46.39 29.12
CA TRP B 943 -10.23 47.28 30.28
C TRP B 943 -10.10 46.63 31.68
N THR B 944 -10.73 45.48 32.04
CA THR B 944 -11.73 44.69 31.29
C THR B 944 -13.22 45.01 31.69
N ALA B 945 -13.72 44.99 32.94
CA ALA B 945 -13.20 44.37 34.15
C ALA B 945 -13.81 42.96 34.27
N GLY B 946 -14.45 42.51 33.18
CA GLY B 946 -15.08 41.20 33.05
C GLY B 946 -15.46 40.90 31.61
N LEU B 947 -15.28 39.66 31.16
CA LEU B 947 -15.49 39.30 29.76
C LEU B 947 -16.76 38.51 29.58
N SER B 948 -17.82 39.11 29.04
CA SER B 948 -17.84 40.45 28.49
C SER B 948 -19.15 41.14 28.85
N SER B 949 -19.03 42.25 29.56
CA SER B 949 -20.18 42.98 30.04
C SER B 949 -19.94 44.49 29.98
N PHE B 950 -19.29 44.96 28.91
CA PHE B 950 -18.63 46.24 28.81
C PHE B 950 -18.35 46.54 27.33
N ALA B 951 -17.75 47.66 26.92
CA ALA B 951 -17.87 49.05 27.39
C ALA B 951 -17.65 49.84 26.13
N ALA B 952 -17.46 51.15 26.29
CA ALA B 952 -17.17 52.09 25.20
C ALA B 952 -16.22 53.15 25.75
N ILE B 953 -14.93 52.90 25.57
CA ILE B 953 -13.85 53.76 26.06
C ILE B 953 -13.01 54.04 24.84
N PRO B 954 -12.43 55.24 24.67
CA PRO B 954 -11.71 55.52 23.44
C PRO B 954 -10.43 54.72 23.39
N PHE B 955 -9.92 54.50 22.19
CA PHE B 955 -8.82 53.58 22.01
C PHE B 955 -7.53 54.08 22.63
N ALA B 956 -7.34 55.40 22.62
CA ALA B 956 -6.15 56.00 23.22
C ALA B 956 -6.07 55.70 24.70
N GLN B 957 -7.16 55.93 25.42
CA GLN B 957 -7.18 55.61 26.86
C GLN B 957 -7.10 54.11 27.10
N SER B 958 -7.52 53.31 26.13
CA SER B 958 -7.35 51.88 26.26
C SER B 958 -5.89 51.48 26.17
N ILE B 959 -5.08 52.25 25.45
CA ILE B 959 -3.68 51.86 25.39
C ILE B 959 -2.88 52.57 26.47
N PHE B 960 -3.48 53.57 27.12
CA PHE B 960 -2.79 54.10 28.29
C PHE B 960 -3.10 53.27 29.53
N TYR B 961 -4.22 52.54 29.54
CA TYR B 961 -4.42 51.58 30.63
C TYR B 961 -3.76 50.24 30.32
N ARG B 962 -3.85 49.76 29.08
CA ARG B 962 -3.10 48.58 28.67
C ARG B 962 -1.61 48.80 28.80
N LEU B 963 -1.15 50.04 28.58
CA LEU B 963 0.25 50.37 28.75
C LEU B 963 0.58 50.63 30.20
N ASN B 964 -0.40 51.09 30.97
CA ASN B 964 -0.18 51.29 32.39
C ASN B 964 -0.07 49.96 33.10
N GLY B 965 -0.62 48.91 32.49
CA GLY B 965 -0.71 47.63 33.17
C GLY B 965 0.60 46.90 33.31
N VAL B 966 1.17 46.44 32.20
CA VAL B 966 2.26 45.48 32.27
C VAL B 966 3.56 46.15 31.89
N GLY B 967 3.50 47.14 31.02
CA GLY B 967 4.65 48.00 30.99
C GLY B 967 4.49 49.04 32.08
N ILE B 968 4.70 48.69 33.35
CA ILE B 968 3.96 49.24 34.51
C ILE B 968 4.28 50.73 34.78
N THR B 969 4.92 51.43 33.83
CA THR B 969 5.00 52.88 33.78
C THR B 969 3.67 53.54 34.11
N GLN B 970 3.60 54.19 35.27
CA GLN B 970 2.34 54.76 35.70
C GLN B 970 2.16 56.13 35.05
N GLN B 971 1.22 56.89 35.62
CA GLN B 971 0.54 57.91 34.84
C GLN B 971 1.43 59.09 34.50
N VAL B 972 2.50 59.32 35.26
CA VAL B 972 3.30 60.53 35.02
C VAL B 972 4.11 60.37 33.74
N LEU B 973 4.46 59.14 33.38
CA LEU B 973 5.17 58.97 32.12
C LEU B 973 4.27 59.08 30.91
N SER B 974 3.05 58.55 31.00
CA SER B 974 2.17 58.60 29.84
C SER B 974 1.54 59.99 29.70
N GLU B 975 1.41 60.73 30.80
CA GLU B 975 1.10 62.15 30.72
C GLU B 975 2.24 62.92 30.09
N ASN B 976 3.44 62.80 30.66
CA ASN B 976 4.61 63.54 30.21
C ASN B 976 5.70 62.54 29.81
N GLN B 977 5.71 62.11 28.55
CA GLN B 977 4.74 62.55 27.56
C GLN B 977 4.06 61.42 26.85
N LYS B 978 3.13 61.80 25.99
CA LYS B 978 2.67 60.94 24.91
C LYS B 978 3.71 61.00 23.80
N LEU B 979 3.31 60.59 22.59
CA LEU B 979 4.16 60.52 21.40
C LEU B 979 5.36 59.61 21.68
N ILE B 980 5.09 58.55 22.45
CA ILE B 980 4.37 57.29 22.13
C ILE B 980 3.40 57.09 20.96
N ALA B 981 2.39 57.95 20.81
CA ALA B 981 1.50 57.95 19.66
C ALA B 981 2.23 57.93 18.32
N ASN B 982 3.29 58.71 18.18
CA ASN B 982 4.05 58.67 16.93
C ASN B 982 4.96 57.46 16.89
N LYS B 983 5.29 56.90 18.05
CA LYS B 983 6.07 55.67 18.09
C LYS B 983 5.18 54.46 17.90
N PHE B 984 3.96 54.52 18.43
CA PHE B 984 2.96 53.50 18.15
C PHE B 984 2.62 53.49 16.68
N ASN B 985 2.36 54.67 16.12
CA ASN B 985 2.04 54.79 14.71
C ASN B 985 3.23 54.46 13.83
N GLN B 986 4.44 54.70 14.33
CA GLN B 986 5.63 54.30 13.58
C GLN B 986 5.76 52.80 13.54
N ALA B 987 5.44 52.15 14.67
CA ALA B 987 5.44 50.70 14.76
C ALA B 987 4.44 50.09 13.81
N LEU B 988 3.22 50.62 13.80
CA LEU B 988 2.19 50.15 12.88
C LEU B 988 2.53 50.50 11.44
N GLY B 989 3.35 51.53 11.24
CA GLY B 989 3.75 51.87 9.89
C GLY B 989 4.72 50.86 9.30
N ALA B 990 5.72 50.46 10.08
CA ALA B 990 6.58 49.37 9.64
C ALA B 990 5.81 48.05 9.59
N MET B 991 4.74 47.94 10.36
CA MET B 991 3.84 46.80 10.24
C MET B 991 3.01 46.87 8.96
N GLN B 992 2.87 48.06 8.38
CA GLN B 992 2.22 48.15 7.07
C GLN B 992 3.18 47.75 5.97
N THR B 993 4.41 48.26 6.02
CA THR B 993 5.32 48.09 4.89
C THR B 993 5.81 46.66 4.76
N GLY B 994 6.08 46.00 5.89
CA GLY B 994 6.71 44.71 5.87
C GLY B 994 5.79 43.52 5.86
N PHE B 995 5.56 42.94 4.69
CA PHE B 995 4.97 41.61 4.60
C PHE B 995 5.91 40.65 3.90
N THR B 996 6.40 41.05 2.74
CA THR B 996 7.24 40.18 1.94
C THR B 996 8.70 40.54 2.18
N THR B 997 9.60 39.55 2.18
CA THR B 997 9.30 38.12 2.14
C THR B 997 9.87 37.53 3.41
N THR B 998 10.72 38.32 4.04
CA THR B 998 11.54 37.89 5.17
C THR B 998 10.84 38.07 6.50
N ASN B 999 9.52 38.06 6.50
CA ASN B 999 8.75 38.41 7.67
C ASN B 999 7.74 37.32 7.97
N GLU B 1000 8.18 36.06 8.02
CA GLU B 1000 7.29 35.04 8.56
C GLU B 1000 7.01 35.38 10.01
N ALA B 1001 5.74 35.53 10.40
CA ALA B 1001 4.43 35.07 9.86
C ALA B 1001 3.92 34.99 8.41
N PHE B 1002 4.30 35.91 7.53
CA PHE B 1002 3.71 35.92 6.20
C PHE B 1002 4.10 34.71 5.37
N GLN B 1003 5.33 34.22 5.53
CA GLN B 1003 5.72 33.01 4.82
C GLN B 1003 5.03 31.80 5.42
N LYS B 1004 4.55 31.91 6.66
CA LYS B 1004 3.70 30.87 7.21
C LYS B 1004 2.33 30.90 6.56
N VAL B 1005 1.86 32.11 6.21
CA VAL B 1005 0.56 32.25 5.56
C VAL B 1005 0.59 31.63 4.19
N GLN B 1006 1.63 31.94 3.43
CA GLN B 1006 1.73 31.30 2.11
C GLN B 1006 2.22 29.87 2.23
N ASP B 1007 2.72 29.48 3.39
CA ASP B 1007 2.94 28.06 3.59
C ASP B 1007 1.61 27.37 3.81
N ALA B 1008 0.62 28.10 4.29
CA ALA B 1008 -0.70 27.52 4.47
C ALA B 1008 -1.48 27.47 3.16
N VAL B 1009 -1.49 28.58 2.44
CA VAL B 1009 -2.20 28.61 1.16
C VAL B 1009 -1.50 27.73 0.15
N ASN B 1010 -0.17 27.73 0.17
CA ASN B 1010 0.55 26.79 -0.67
C ASN B 1010 0.47 25.39 -0.12
N ASN B 1011 0.13 25.24 1.16
CA ASN B 1011 -0.05 23.91 1.73
C ASN B 1011 -1.33 23.29 1.20
N ASN B 1012 -2.46 23.95 1.39
CA ASN B 1012 -3.71 23.30 1.02
C ASN B 1012 -3.95 23.38 -0.47
N ALA B 1013 -3.44 24.44 -1.12
CA ALA B 1013 -3.50 24.49 -2.57
C ALA B 1013 -2.58 23.45 -3.18
N GLN B 1014 -1.41 23.24 -2.56
CA GLN B 1014 -0.50 22.19 -3.02
C GLN B 1014 -1.10 20.82 -2.85
N ALA B 1015 -1.73 20.57 -1.70
CA ALA B 1015 -2.30 19.25 -1.41
C ALA B 1015 -3.45 18.96 -2.34
N LEU B 1016 -4.37 19.91 -2.46
CA LEU B 1016 -5.56 19.82 -3.28
C LEU B 1016 -5.18 19.62 -4.73
N SER B 1017 -4.63 20.67 -5.33
CA SER B 1017 -4.45 20.68 -6.77
C SER B 1017 -3.27 19.82 -7.17
N LYS B 1018 -2.17 19.89 -6.43
CA LYS B 1018 -0.98 19.15 -6.85
C LYS B 1018 -1.09 17.68 -6.50
N LEU B 1019 -1.67 17.36 -5.34
CA LEU B 1019 -1.87 15.95 -5.06
C LEU B 1019 -2.93 15.35 -5.97
N ALA B 1020 -3.94 16.15 -6.32
CA ALA B 1020 -4.94 15.67 -7.29
C ALA B 1020 -4.36 15.61 -8.70
N SER B 1021 -3.26 16.31 -8.95
CA SER B 1021 -2.58 16.16 -10.23
C SER B 1021 -1.69 14.93 -10.24
N GLU B 1022 -1.23 14.51 -9.05
CA GLU B 1022 -0.50 13.25 -8.98
C GLU B 1022 -1.46 12.08 -9.04
N LEU B 1023 -2.65 12.26 -8.48
CA LEU B 1023 -3.63 11.18 -8.38
C LEU B 1023 -4.09 10.77 -9.78
N SER B 1024 -4.56 11.74 -10.55
CA SER B 1024 -4.80 11.52 -11.97
C SER B 1024 -3.48 11.62 -12.70
N ASN B 1025 -3.48 11.31 -14.00
CA ASN B 1025 -2.54 11.69 -15.06
C ASN B 1025 -1.06 11.88 -14.70
N THR B 1026 -0.38 10.85 -14.21
CA THR B 1026 -0.75 9.44 -14.33
C THR B 1026 -0.46 8.69 -13.05
N PHE B 1027 -1.13 7.56 -12.86
CA PHE B 1027 -0.67 6.65 -11.83
C PHE B 1027 -0.37 5.25 -12.37
N GLY B 1028 -1.36 4.63 -12.98
CA GLY B 1028 -1.38 3.19 -13.13
C GLY B 1028 -0.41 2.62 -14.14
N ALA B 1029 -0.51 1.31 -14.36
CA ALA B 1029 0.44 0.60 -15.20
C ALA B 1029 0.33 1.03 -16.66
N ILE B 1030 -0.88 0.99 -17.21
CA ILE B 1030 -1.20 1.70 -18.44
C ILE B 1030 -2.32 2.65 -18.07
N SER B 1031 -2.03 3.95 -18.13
CA SER B 1031 -2.85 4.94 -17.46
C SER B 1031 -3.15 6.16 -18.31
N ALA B 1032 -3.62 5.97 -19.53
CA ALA B 1032 -4.08 7.09 -20.36
C ALA B 1032 -5.50 7.51 -19.99
N SER B 1033 -5.76 7.64 -18.69
CA SER B 1033 -6.95 8.15 -18.02
C SER B 1033 -8.15 7.19 -18.12
N ILE B 1034 -8.06 6.22 -19.01
CA ILE B 1034 -8.79 4.95 -18.97
C ILE B 1034 -7.81 3.92 -19.47
N GLY B 1035 -7.63 2.84 -18.71
CA GLY B 1035 -6.78 1.76 -19.18
C GLY B 1035 -7.39 1.14 -20.42
N ASP B 1036 -6.70 1.32 -21.56
CA ASP B 1036 -7.14 0.87 -22.88
C ASP B 1036 -8.49 1.51 -23.24
N ILE B 1037 -8.49 2.82 -23.50
CA ILE B 1037 -9.65 3.71 -23.36
C ILE B 1037 -10.81 3.26 -24.21
N ILE B 1038 -10.69 3.47 -25.52
CA ILE B 1038 -11.50 2.81 -26.54
C ILE B 1038 -10.49 2.34 -27.57
N GLN B 1039 -9.37 3.05 -27.64
CA GLN B 1039 -8.54 2.98 -28.84
C GLN B 1039 -7.60 1.79 -28.84
N ARG B 1040 -7.30 1.22 -27.68
CA ARG B 1040 -6.43 0.06 -27.67
C ARG B 1040 -7.01 -1.10 -26.89
N LEU B 1041 -6.38 -2.25 -27.08
CA LEU B 1041 -6.87 -3.58 -26.79
C LEU B 1041 -6.34 -4.02 -25.42
N ASP B 1042 -7.06 -4.91 -24.72
CA ASP B 1042 -8.22 -5.68 -25.16
C ASP B 1042 -9.55 -5.13 -24.70
N VAL B 1043 -10.58 -5.95 -24.92
CA VAL B 1043 -11.85 -5.76 -24.23
C VAL B 1043 -11.93 -6.66 -23.02
N LEU B 1044 -11.31 -7.85 -23.10
CA LEU B 1044 -11.29 -8.76 -21.96
C LEU B 1044 -10.34 -8.26 -20.86
N GLU B 1045 -9.14 -7.81 -21.26
CA GLU B 1045 -8.12 -7.36 -20.32
C GLU B 1045 -8.32 -5.92 -19.91
N GLN B 1046 -9.29 -5.25 -20.55
CA GLN B 1046 -9.58 -3.85 -20.24
C GLN B 1046 -10.01 -3.71 -18.79
N ASP B 1047 -10.79 -4.66 -18.29
CA ASP B 1047 -11.20 -4.64 -16.90
C ASP B 1047 -10.02 -4.89 -15.97
N ALA B 1048 -9.01 -5.61 -16.45
CA ALA B 1048 -7.86 -5.88 -15.61
C ALA B 1048 -7.02 -4.63 -15.40
N GLN B 1049 -6.67 -3.94 -16.49
CA GLN B 1049 -5.86 -2.73 -16.36
C GLN B 1049 -6.67 -1.60 -15.70
N ILE B 1050 -7.95 -1.52 -16.01
CA ILE B 1050 -8.80 -0.52 -15.38
C ILE B 1050 -8.94 -0.79 -13.89
N ASP B 1051 -9.05 -2.06 -13.49
CA ASP B 1051 -9.16 -2.36 -12.05
C ASP B 1051 -7.85 -2.11 -11.32
N ARG B 1052 -6.71 -2.21 -12.03
CA ARG B 1052 -5.48 -1.68 -11.48
C ARG B 1052 -5.61 -0.18 -11.23
N LEU B 1053 -6.17 0.53 -12.19
CA LEU B 1053 -6.20 1.99 -12.10
C LEU B 1053 -7.22 2.46 -11.06
N ILE B 1054 -8.24 1.65 -10.79
CA ILE B 1054 -9.25 2.04 -9.81
C ILE B 1054 -8.78 1.70 -8.41
N ASN B 1055 -8.18 0.51 -8.24
CA ASN B 1055 -7.61 0.16 -6.94
C ASN B 1055 -6.53 1.14 -6.53
N GLY B 1056 -5.64 1.47 -7.46
CA GLY B 1056 -4.62 2.44 -7.18
C GLY B 1056 -5.13 3.86 -7.00
N ARG B 1057 -5.97 4.32 -7.92
CA ARG B 1057 -6.38 5.71 -7.90
C ARG B 1057 -7.30 5.99 -6.73
N LEU B 1058 -8.17 5.04 -6.41
CA LEU B 1058 -9.05 5.21 -5.27
C LEU B 1058 -8.29 5.02 -3.96
N THR B 1059 -7.27 4.16 -3.97
CA THR B 1059 -6.46 4.00 -2.75
C THR B 1059 -5.71 5.27 -2.43
N THR B 1060 -5.15 5.91 -3.45
CA THR B 1060 -4.45 7.17 -3.23
C THR B 1060 -5.42 8.29 -2.89
N LEU B 1061 -6.65 8.21 -3.41
CA LEU B 1061 -7.70 9.12 -2.95
C LEU B 1061 -8.02 8.90 -1.50
N ASN B 1062 -7.94 7.66 -1.03
CA ASN B 1062 -8.21 7.38 0.36
C ASN B 1062 -7.07 7.87 1.24
N ALA B 1063 -5.87 7.91 0.66
CA ALA B 1063 -4.75 8.56 1.34
C ALA B 1063 -4.98 10.06 1.46
N PHE B 1064 -5.56 10.66 0.42
CA PHE B 1064 -5.95 12.07 0.51
C PHE B 1064 -6.99 12.31 1.58
N VAL B 1065 -7.90 11.37 1.77
CA VAL B 1065 -8.93 11.56 2.78
C VAL B 1065 -8.34 11.44 4.16
N ALA B 1066 -7.40 10.52 4.34
CA ALA B 1066 -6.69 10.42 5.63
C ALA B 1066 -5.89 11.68 5.90
N GLN B 1067 -5.32 12.27 4.85
CA GLN B 1067 -4.58 13.51 5.00
C GLN B 1067 -5.49 14.68 5.38
N GLN B 1068 -6.67 14.74 4.78
CA GLN B 1068 -7.63 15.78 5.15
C GLN B 1068 -8.12 15.62 6.58
N LEU B 1069 -8.21 14.38 7.06
CA LEU B 1069 -8.55 14.20 8.46
C LEU B 1069 -7.42 14.66 9.36
N VAL B 1070 -6.18 14.47 8.93
CA VAL B 1070 -5.02 14.90 9.72
C VAL B 1070 -4.97 16.42 9.82
N ARG B 1071 -5.01 17.10 8.67
CA ARG B 1071 -4.88 18.55 8.71
C ARG B 1071 -6.16 19.20 9.19
N SER B 1072 -7.27 18.47 9.16
CA SER B 1072 -8.48 18.97 9.77
C SER B 1072 -8.40 18.93 11.29
N GLU B 1073 -7.89 17.83 11.83
CA GLU B 1073 -7.77 17.73 13.28
C GLU B 1073 -6.72 18.69 13.82
N SER B 1074 -5.60 18.84 13.11
CA SER B 1074 -4.59 19.79 13.54
C SER B 1074 -5.06 21.22 13.32
N ALA B 1075 -5.93 21.43 12.34
CA ALA B 1075 -6.50 22.75 12.15
C ALA B 1075 -7.48 23.07 13.26
N ALA B 1076 -8.16 22.06 13.79
CA ALA B 1076 -9.08 22.31 14.90
C ALA B 1076 -8.32 22.53 16.20
N LEU B 1077 -7.16 21.87 16.35
CA LEU B 1077 -6.29 22.16 17.48
C LEU B 1077 -5.79 23.59 17.42
N SER B 1078 -5.37 24.03 16.23
CA SER B 1078 -4.83 25.37 16.11
C SER B 1078 -5.93 26.41 16.15
N ALA B 1079 -7.15 26.02 15.79
CA ALA B 1079 -8.27 26.94 15.87
C ALA B 1079 -8.68 27.14 17.31
N GLN B 1080 -8.61 26.07 18.10
CA GLN B 1080 -8.85 26.21 19.52
C GLN B 1080 -7.73 27.01 20.16
N LEU B 1081 -6.54 26.94 19.59
CA LEU B 1081 -5.48 27.82 20.03
C LEU B 1081 -5.80 29.28 19.67
N ALA B 1082 -6.41 29.50 18.51
CA ALA B 1082 -6.74 30.87 18.08
C ALA B 1082 -7.83 31.44 18.95
N LYS B 1083 -8.79 30.62 19.34
CA LYS B 1083 -9.80 31.01 20.31
C LYS B 1083 -9.16 31.30 21.66
N ASP B 1084 -8.06 30.60 21.96
CA ASP B 1084 -7.34 30.88 23.21
C ASP B 1084 -6.47 32.12 23.07
N LYS B 1085 -6.19 32.55 21.85
CA LYS B 1085 -5.40 33.75 21.62
C LYS B 1085 -6.27 34.96 21.45
N VAL B 1086 -7.53 34.77 21.08
CA VAL B 1086 -8.49 35.86 21.00
C VAL B 1086 -9.06 36.13 22.38
N ASN B 1087 -9.33 35.10 23.15
CA ASN B 1087 -9.93 35.35 24.45
C ASN B 1087 -8.89 35.82 25.46
N GLU B 1088 -7.63 35.53 25.21
CA GLU B 1088 -6.60 36.02 26.13
C GLU B 1088 -5.92 37.26 25.61
N CYS B 1089 -5.37 37.21 24.41
CA CYS B 1089 -4.42 38.23 24.01
C CYS B 1089 -5.15 39.42 23.39
N VAL B 1090 -6.38 39.22 22.94
CA VAL B 1090 -7.07 40.22 22.13
C VAL B 1090 -8.06 40.98 22.98
N LYS B 1091 -8.90 40.28 23.72
CA LYS B 1091 -9.73 40.93 24.71
C LYS B 1091 -8.87 41.48 25.84
N ALA B 1092 -8.29 40.61 26.64
CA ALA B 1092 -7.44 41.06 27.74
C ALA B 1092 -6.01 41.21 27.29
N GLN B 1093 -5.07 41.35 28.22
CA GLN B 1093 -3.82 42.00 27.83
C GLN B 1093 -2.67 41.16 27.27
N SER B 1094 -2.11 40.13 27.92
CA SER B 1094 -2.69 39.22 28.89
C SER B 1094 -1.77 38.81 30.03
N LYS B 1095 -0.79 39.66 30.37
CA LYS B 1095 0.12 39.50 31.51
C LYS B 1095 0.96 38.23 31.44
N ARG B 1096 1.07 37.65 30.25
CA ARG B 1096 1.73 36.39 30.03
C ARG B 1096 2.70 36.63 28.90
N SER B 1097 3.71 35.81 28.76
CA SER B 1097 4.71 36.03 27.71
C SER B 1097 4.17 35.51 26.38
N GLY B 1098 5.08 35.31 25.42
CA GLY B 1098 4.77 34.61 24.20
C GLY B 1098 4.18 33.24 24.51
N PHE B 1099 2.90 32.95 24.24
CA PHE B 1099 1.97 33.41 23.18
C PHE B 1099 1.83 34.84 22.65
N CYS B 1100 1.60 35.80 23.53
CA CYS B 1100 1.50 37.18 23.07
C CYS B 1100 2.86 37.77 22.71
N GLY B 1101 3.43 37.34 21.59
CA GLY B 1101 4.85 37.37 21.26
C GLY B 1101 5.78 38.48 21.68
N GLN B 1102 6.91 38.08 22.31
CA GLN B 1102 8.13 38.85 22.41
C GLN B 1102 8.02 40.22 23.06
N GLY B 1103 7.80 40.26 24.37
CA GLY B 1103 7.85 41.53 25.06
C GLY B 1103 6.62 41.66 25.91
N THR B 1104 6.58 42.61 26.83
CA THR B 1104 5.39 42.79 27.65
C THR B 1104 4.28 43.32 26.77
N HIS B 1105 3.31 42.47 26.49
CA HIS B 1105 2.31 42.70 25.45
C HIS B 1105 1.41 43.88 25.78
N ILE B 1106 0.98 44.61 24.75
CA ILE B 1106 0.17 45.82 24.94
C ILE B 1106 -1.18 45.74 24.25
N VAL B 1107 -1.20 45.63 22.91
CA VAL B 1107 -2.45 45.54 22.15
C VAL B 1107 -2.33 44.32 21.26
N SER B 1108 -3.46 43.81 20.77
CA SER B 1108 -3.31 42.87 19.67
C SER B 1108 -4.52 42.94 18.78
N PHE B 1109 -4.28 42.81 17.49
CA PHE B 1109 -5.32 43.02 16.50
C PHE B 1109 -5.53 41.77 15.67
N VAL B 1110 -6.75 41.61 15.20
CA VAL B 1110 -7.12 40.40 14.49
C VAL B 1110 -7.60 40.80 13.12
N VAL B 1111 -7.06 40.14 12.11
CA VAL B 1111 -7.56 40.30 10.74
C VAL B 1111 -7.65 38.92 10.13
N ASN B 1112 -8.61 38.74 9.25
CA ASN B 1112 -8.78 37.43 8.66
C ASN B 1112 -7.76 37.22 7.57
N ALA B 1113 -6.96 36.19 7.70
CA ALA B 1113 -5.98 35.85 6.69
C ALA B 1113 -6.58 34.76 5.84
N PRO B 1114 -5.92 34.34 4.76
CA PRO B 1114 -6.36 33.14 4.07
C PRO B 1114 -6.25 31.90 4.91
N ASN B 1115 -7.42 31.31 5.16
CA ASN B 1115 -7.75 30.12 5.94
C ASN B 1115 -7.67 30.33 7.44
N GLY B 1116 -7.09 31.41 7.89
CA GLY B 1116 -6.88 31.55 9.30
C GLY B 1116 -7.10 32.93 9.79
N LEU B 1117 -6.81 33.14 11.05
CA LEU B 1117 -6.72 34.51 11.53
C LEU B 1117 -5.31 35.02 11.27
N TYR B 1118 -4.96 36.12 11.91
CA TYR B 1118 -3.68 36.78 11.69
C TYR B 1118 -3.53 37.81 12.78
N PHE B 1119 -2.44 37.81 13.50
CA PHE B 1119 -2.36 38.73 14.61
C PHE B 1119 -1.26 39.75 14.44
N MET B 1120 -1.50 40.92 14.98
CA MET B 1120 -0.62 42.05 14.86
C MET B 1120 -0.27 42.49 16.28
N HIS B 1121 0.23 41.54 17.07
CA HIS B 1121 0.55 41.76 18.48
C HIS B 1121 1.49 42.93 18.67
N VAL B 1122 1.07 43.93 19.43
CA VAL B 1122 1.84 45.15 19.62
C VAL B 1122 2.54 45.03 20.96
N GLY B 1123 3.78 44.64 20.92
CA GLY B 1123 4.52 44.44 22.14
C GLY B 1123 5.51 45.52 22.40
N TYR B 1124 5.97 45.54 23.64
CA TYR B 1124 6.97 46.47 24.13
C TYR B 1124 8.35 45.91 23.78
N TYR B 1125 9.34 46.78 23.61
CA TYR B 1125 10.72 46.33 23.37
C TYR B 1125 11.71 47.28 24.01
N PRO B 1126 12.23 46.95 25.16
CA PRO B 1126 13.01 47.90 25.97
C PRO B 1126 14.26 48.59 25.41
N SER B 1127 15.28 47.84 25.02
CA SER B 1127 16.40 48.28 24.18
C SER B 1127 17.38 49.34 24.69
N ASN B 1128 17.17 50.00 25.83
CA ASN B 1128 18.22 50.87 26.37
C ASN B 1128 18.39 50.69 27.87
N HIS B 1129 19.17 49.70 28.25
CA HIS B 1129 19.17 49.24 29.62
C HIS B 1129 20.17 49.99 30.47
N ILE B 1130 19.73 50.45 31.64
CA ILE B 1130 20.56 51.24 32.54
C ILE B 1130 20.56 50.57 33.91
N GLU B 1131 21.72 50.10 34.34
CA GLU B 1131 21.79 49.36 35.59
C GLU B 1131 21.84 50.32 36.77
N VAL B 1132 20.81 50.26 37.63
CA VAL B 1132 20.73 51.15 38.78
C VAL B 1132 20.72 50.21 39.98
N VAL B 1133 20.49 50.73 41.19
CA VAL B 1133 20.63 50.00 42.44
C VAL B 1133 19.30 50.00 43.18
N SER B 1134 18.95 48.90 43.86
CA SER B 1134 17.78 48.70 44.73
C SER B 1134 18.00 49.43 46.09
N ALA B 1135 17.35 49.21 47.26
CA ALA B 1135 16.59 48.14 47.96
C ALA B 1135 15.25 47.91 47.29
N TYR B 1136 14.38 46.89 47.51
CA TYR B 1136 13.99 45.99 48.63
C TYR B 1136 13.27 46.69 49.78
N GLY B 1137 13.18 48.01 49.76
CA GLY B 1137 12.35 48.67 50.75
C GLY B 1137 12.99 49.63 51.70
N LEU B 1138 12.25 50.07 52.72
CA LEU B 1138 12.72 51.09 53.64
C LEU B 1138 12.18 50.84 55.05
N CYS B 1139 12.87 51.40 56.04
CA CYS B 1139 12.41 51.55 57.42
C CYS B 1139 13.13 52.72 58.08
N ASP B 1140 12.77 52.96 59.33
CA ASP B 1140 13.20 54.11 60.11
C ASP B 1140 13.46 53.67 61.53
N ALA B 1141 13.42 54.62 62.47
CA ALA B 1141 13.40 54.29 63.89
C ALA B 1141 12.23 53.38 64.23
N ALA B 1142 11.01 53.78 63.87
CA ALA B 1142 9.91 52.85 63.84
C ALA B 1142 10.00 52.01 62.56
N ASN B 1143 9.47 50.80 62.60
CA ASN B 1143 9.64 49.86 61.49
C ASN B 1143 8.34 49.38 60.83
N PRO B 1144 7.62 50.25 60.08
CA PRO B 1144 6.79 49.74 58.98
C PRO B 1144 7.53 49.87 57.67
N THR B 1145 7.24 49.02 56.68
CA THR B 1145 8.05 49.07 55.47
C THR B 1145 7.28 49.66 54.30
N ASN B 1146 7.88 49.55 53.11
CA ASN B 1146 7.35 49.93 51.82
C ASN B 1146 7.55 48.75 50.87
N CYS B 1147 7.54 49.03 49.55
CA CYS B 1147 8.09 48.11 48.55
C CYS B 1147 7.32 46.82 48.35
N ILE B 1148 6.42 46.76 47.36
CA ILE B 1148 6.54 47.58 46.13
C ILE B 1148 5.17 47.65 45.49
N ALA B 1149 4.84 48.71 44.78
CA ALA B 1149 3.61 48.70 43.98
C ALA B 1149 3.95 49.11 42.55
N PRO B 1150 4.37 48.18 41.70
CA PRO B 1150 4.74 46.81 42.04
C PRO B 1150 6.18 46.49 41.71
N VAL B 1151 6.99 47.51 41.40
CA VAL B 1151 8.22 47.35 40.62
C VAL B 1151 9.37 48.08 41.30
N ASN B 1152 10.60 47.57 41.09
CA ASN B 1152 11.73 47.68 42.03
C ASN B 1152 12.94 48.47 41.52
N GLY B 1153 13.43 49.41 42.32
CA GLY B 1153 13.14 49.54 43.74
C GLY B 1153 12.02 50.51 44.04
N TYR B 1154 12.23 51.72 44.53
CA TYR B 1154 13.25 52.20 45.43
C TYR B 1154 14.72 52.22 45.02
N PHE B 1155 15.01 53.12 44.09
CA PHE B 1155 16.39 53.35 43.72
C PHE B 1155 17.13 54.20 44.74
N ILE B 1156 18.30 54.67 44.36
CA ILE B 1156 18.99 55.74 45.05
C ILE B 1156 18.90 56.95 44.12
N LYS B 1157 19.40 58.08 44.60
CA LYS B 1157 19.16 59.45 44.10
C LYS B 1157 17.67 59.81 44.07
N THR B 1158 16.97 59.93 45.21
CA THR B 1158 17.41 59.66 46.58
C THR B 1158 16.84 58.31 46.97
N ASN B 1159 15.55 58.16 46.67
CA ASN B 1159 14.85 56.89 46.72
C ASN B 1159 13.62 56.98 45.82
N ASN B 1160 13.83 56.69 44.54
CA ASN B 1160 12.91 57.03 43.48
C ASN B 1160 12.50 55.76 42.73
N THR B 1161 11.35 55.84 42.06
CA THR B 1161 10.58 54.64 41.76
C THR B 1161 9.92 54.46 40.39
N ARG B 1162 10.28 55.19 39.32
CA ARG B 1162 9.75 54.74 38.03
C ARG B 1162 10.49 53.50 37.70
N ILE B 1163 9.78 52.38 37.76
CA ILE B 1163 10.30 51.08 37.40
C ILE B 1163 9.19 50.49 36.53
N VAL B 1164 9.41 49.26 36.04
CA VAL B 1164 9.38 48.88 34.65
C VAL B 1164 8.35 49.68 33.87
N ASP B 1165 8.80 50.40 32.84
CA ASP B 1165 10.14 50.37 32.29
C ASP B 1165 11.07 51.57 32.53
N GLU B 1166 10.61 52.79 32.46
CA GLU B 1166 11.53 53.92 32.44
C GLU B 1166 11.86 54.37 33.85
N TRP B 1167 12.58 55.48 34.01
CA TRP B 1167 13.02 55.92 35.35
C TRP B 1167 13.15 57.44 35.35
N SER B 1168 12.95 58.12 36.51
CA SER B 1168 12.64 57.67 37.90
C SER B 1168 11.62 58.63 38.62
N TYR B 1169 10.73 58.14 39.51
CA TYR B 1169 9.64 58.95 40.08
C TYR B 1169 10.07 59.81 41.24
N THR B 1170 9.06 60.29 41.95
CA THR B 1170 9.16 61.14 43.12
C THR B 1170 9.01 60.29 44.36
N GLY B 1171 8.84 60.96 45.49
CA GLY B 1171 8.42 60.33 46.74
C GLY B 1171 7.11 59.59 46.56
N SER B 1172 7.01 58.44 47.22
CA SER B 1172 6.25 57.34 46.66
C SER B 1172 4.74 57.54 46.79
N SER B 1173 4.25 57.50 48.03
CA SER B 1173 2.93 57.91 48.50
C SER B 1173 1.75 57.07 48.02
N PHE B 1174 1.90 56.35 46.91
CA PHE B 1174 0.94 55.36 46.43
C PHE B 1174 1.67 54.22 45.73
N TYR B 1175 2.97 54.18 45.90
CA TYR B 1175 3.80 53.19 45.25
C TYR B 1175 4.27 52.18 46.28
N ALA B 1176 3.51 52.03 47.37
CA ALA B 1176 4.02 51.31 48.53
C ALA B 1176 2.96 50.58 49.33
N PRO B 1177 2.92 49.24 49.23
CA PRO B 1177 2.30 48.41 50.29
C PRO B 1177 3.21 48.41 51.48
N GLU B 1178 2.77 47.95 52.63
CA GLU B 1178 3.58 48.04 53.84
C GLU B 1178 3.74 46.68 54.49
N PRO B 1179 4.60 45.79 53.92
CA PRO B 1179 4.79 44.47 54.53
C PRO B 1179 5.63 44.47 55.78
N ILE B 1180 5.95 43.27 56.24
CA ILE B 1180 6.70 43.08 57.47
C ILE B 1180 8.15 43.41 57.18
N THR B 1181 8.90 43.74 58.22
CA THR B 1181 10.31 44.02 58.06
C THR B 1181 11.09 42.75 57.70
N SER B 1182 12.25 42.93 57.08
CA SER B 1182 13.16 41.84 56.81
C SER B 1182 14.58 42.22 57.25
N LEU B 1183 15.55 41.40 56.86
CA LEU B 1183 16.92 41.56 57.36
C LEU B 1183 17.61 42.75 56.72
N ASN B 1184 18.89 42.91 57.05
CA ASN B 1184 19.75 44.02 56.60
C ASN B 1184 19.11 45.36 56.99
N THR B 1185 19.04 45.55 58.30
CA THR B 1185 18.03 46.36 58.95
C THR B 1185 18.06 47.82 58.50
N LYS B 1186 16.88 48.44 58.64
CA LYS B 1186 16.48 49.82 58.42
C LYS B 1186 16.34 50.26 56.96
N TYR B 1187 16.95 49.56 55.97
CA TYR B 1187 16.59 49.81 54.55
C TYR B 1187 16.85 48.58 53.67
N VAL B 1188 15.89 47.65 53.58
CA VAL B 1188 15.21 47.00 54.68
C VAL B 1188 15.33 45.52 54.26
N ALA B 1189 16.23 45.34 53.29
CA ALA B 1189 16.47 44.12 52.49
C ALA B 1189 16.27 42.74 53.11
N TYR C 1 28.42 -50.78 -5.77
CA TYR C 1 28.16 -51.00 -4.35
C TYR C 1 29.46 -51.23 -3.58
N VAL C 2 29.39 -51.02 -2.27
CA VAL C 2 30.58 -51.02 -1.41
C VAL C 2 30.82 -52.37 -0.72
N ASP C 3 32.10 -52.76 -0.63
CA ASP C 3 32.49 -53.92 0.15
C ASP C 3 32.44 -53.58 1.63
N VAL C 4 31.56 -54.26 2.37
CA VAL C 4 31.46 -54.01 3.81
C VAL C 4 32.01 -55.17 4.63
N GLY C 5 32.87 -55.97 4.02
CA GLY C 5 33.46 -57.10 4.70
C GLY C 5 32.58 -58.32 4.53
N PRO C 6 33.09 -59.48 4.95
CA PRO C 6 32.41 -60.74 4.70
C PRO C 6 31.11 -60.91 5.48
N ASP C 7 30.21 -61.73 4.95
CA ASP C 7 29.05 -62.21 5.69
C ASP C 7 29.50 -62.95 6.93
N SER C 8 28.63 -63.02 7.94
CA SER C 8 28.89 -63.92 9.06
C SER C 8 28.88 -65.37 8.61
N VAL C 9 29.80 -66.17 9.14
CA VAL C 9 29.80 -67.60 8.82
C VAL C 9 29.08 -68.43 9.89
N LYS C 10 28.48 -67.76 10.88
CA LYS C 10 27.75 -68.49 11.89
C LYS C 10 26.45 -69.09 11.31
N SER C 11 26.07 -70.25 11.83
CA SER C 11 24.90 -70.94 11.31
C SER C 11 23.67 -70.70 12.18
N ALA C 12 23.87 -69.99 13.28
CA ALA C 12 22.75 -69.62 14.15
C ALA C 12 22.99 -68.22 14.68
N CYS C 13 21.96 -67.65 15.28
CA CYS C 13 22.08 -66.38 15.98
C CYS C 13 22.07 -66.60 17.49
N ILE C 14 22.58 -65.62 18.23
CA ILE C 14 22.51 -65.68 19.68
C ILE C 14 21.05 -65.50 20.09
N GLU C 15 20.62 -66.31 21.03
CA GLU C 15 19.25 -66.25 21.51
C GLU C 15 19.01 -64.94 22.27
N VAL C 16 17.82 -64.41 22.10
CA VAL C 16 17.49 -63.09 22.65
C VAL C 16 16.28 -63.20 23.59
N ASP C 17 16.45 -62.74 24.81
CA ASP C 17 15.40 -62.72 25.82
C ASP C 17 14.83 -61.31 25.92
N ILE C 18 13.57 -61.17 25.53
CA ILE C 18 12.86 -59.91 25.64
C ILE C 18 12.09 -59.84 26.94
N GLN C 19 12.43 -58.87 27.80
CA GLN C 19 11.73 -58.71 29.06
C GLN C 19 11.47 -57.22 29.32
N GLN C 20 10.47 -56.68 28.61
CA GLN C 20 10.19 -55.24 28.66
C GLN C 20 10.01 -54.69 30.08
N THR C 21 9.45 -55.46 30.99
CA THR C 21 9.19 -54.95 32.35
C THR C 21 10.46 -54.57 33.12
N PHE C 22 11.60 -55.15 32.74
CA PHE C 22 12.87 -54.81 33.37
C PHE C 22 13.41 -53.47 32.87
N PHE C 23 12.84 -52.97 31.78
CA PHE C 23 13.32 -51.75 31.12
C PHE C 23 12.32 -50.62 31.30
N ASP C 24 11.22 -50.93 31.98
CA ASP C 24 10.19 -49.94 32.28
C ASP C 24 10.57 -49.19 33.55
N LYS C 25 11.26 -48.09 33.38
CA LYS C 25 11.67 -47.30 34.52
C LYS C 25 11.22 -45.87 34.32
N THR C 26 11.06 -45.14 35.42
CA THR C 26 10.80 -43.72 35.32
C THR C 26 12.03 -42.98 35.78
N TRP C 27 12.80 -42.50 34.81
CA TRP C 27 13.98 -41.69 35.07
C TRP C 27 13.88 -40.40 34.26
N PRO C 28 13.00 -39.49 34.70
CA PRO C 28 12.67 -38.33 33.86
C PRO C 28 13.84 -37.38 33.65
N ARG C 29 14.08 -37.04 32.38
CA ARG C 29 15.05 -36.03 31.98
C ARG C 29 14.44 -35.17 30.89
N PRO C 30 13.43 -34.37 31.28
CA PRO C 30 12.69 -33.57 30.28
C PRO C 30 13.55 -32.47 29.67
N ILE C 31 13.16 -32.04 28.48
CA ILE C 31 13.81 -30.93 27.81
C ILE C 31 13.68 -29.69 28.70
N ASP C 32 14.81 -29.05 28.97
CA ASP C 32 14.81 -27.74 29.59
C ASP C 32 15.54 -26.79 28.66
N VAL C 33 14.81 -26.01 27.88
CA VAL C 33 15.51 -25.19 26.90
C VAL C 33 16.17 -23.98 27.56
N SER C 34 15.84 -23.69 28.82
N SER C 34 15.83 -23.70 28.82
CA SER C 34 16.53 -22.63 29.55
CA SER C 34 16.51 -22.67 29.60
C SER C 34 18.01 -22.97 29.74
C SER C 34 18.01 -22.96 29.67
N LYS C 35 18.34 -24.26 29.63
CA LYS C 35 19.72 -24.71 29.66
C LYS C 35 20.17 -25.12 28.26
N ALA C 36 19.36 -24.79 27.26
CA ALA C 36 19.66 -25.12 25.87
C ALA C 36 19.79 -26.63 25.64
N ASP C 37 18.91 -27.40 26.29
CA ASP C 37 18.75 -28.81 25.95
C ASP C 37 18.25 -28.98 24.52
N GLY C 38 18.90 -29.84 23.75
CA GLY C 38 18.31 -30.28 22.49
C GLY C 38 18.34 -29.27 21.36
N ILE C 39 19.33 -28.40 21.39
CA ILE C 39 19.43 -27.31 20.42
C ILE C 39 20.43 -27.60 19.30
N ILE C 40 19.92 -27.69 18.09
CA ILE C 40 20.74 -27.69 16.89
C ILE C 40 21.07 -26.23 16.55
N TYR C 41 22.36 -25.89 16.42
CA TYR C 41 22.74 -24.53 16.04
C TYR C 41 22.26 -24.28 14.60
N PRO C 42 21.99 -23.03 14.21
CA PRO C 42 21.43 -22.84 12.85
C PRO C 42 22.42 -23.13 11.72
N GLN C 43 21.96 -23.87 10.72
CA GLN C 43 22.78 -24.21 9.56
C GLN C 43 23.21 -23.06 8.66
N GLY C 44 22.30 -22.13 8.40
CA GLY C 44 22.51 -21.14 7.35
C GLY C 44 23.69 -20.21 7.56
N ARG C 45 23.88 -19.82 8.82
CA ARG C 45 24.93 -18.92 9.27
C ARG C 45 25.21 -19.11 10.78
N THR C 46 26.24 -18.48 11.31
CA THR C 46 26.53 -18.55 12.76
C THR C 46 26.73 -17.17 13.41
N TYR C 47 26.52 -17.06 14.72
CA TYR C 47 26.40 -15.76 15.39
C TYR C 47 27.18 -15.49 16.69
N SER C 48 27.43 -14.21 16.94
CA SER C 48 28.05 -13.69 18.15
C SER C 48 27.02 -13.17 19.14
N ASN C 49 27.47 -12.97 20.38
CA ASN C 49 26.63 -12.52 21.52
C ASN C 49 25.17 -12.08 21.31
N ILE C 50 24.69 -12.10 20.07
CA ILE C 50 23.33 -11.69 19.76
C ILE C 50 22.24 -12.66 20.26
N THR C 51 21.14 -12.08 20.73
CA THR C 51 19.89 -12.78 20.99
C THR C 51 18.93 -12.52 19.85
N ILE C 52 17.94 -13.39 19.70
CA ILE C 52 17.07 -13.35 18.53
C ILE C 52 15.90 -14.32 18.69
N THR C 53 14.85 -14.10 17.90
CA THR C 53 13.83 -15.11 17.77
C THR C 53 14.11 -15.79 16.43
N TYR C 54 14.02 -17.10 16.42
CA TYR C 54 14.46 -17.90 15.30
C TYR C 54 13.52 -19.09 15.16
N GLN C 55 13.10 -19.41 13.93
CA GLN C 55 12.12 -20.50 13.74
C GLN C 55 12.67 -21.72 13.00
N GLY C 56 13.04 -22.76 13.76
CA GLY C 56 13.71 -23.93 13.22
C GLY C 56 13.24 -25.19 13.91
N LEU C 57 13.92 -26.29 13.65
CA LEU C 57 13.54 -27.56 14.27
C LEU C 57 14.07 -27.66 15.69
N PHE C 58 13.15 -27.77 16.64
CA PHE C 58 13.47 -27.85 18.07
C PHE C 58 12.56 -28.85 18.75
N PRO C 59 13.04 -29.42 19.87
CA PRO C 59 12.15 -30.17 20.75
C PRO C 59 11.36 -29.21 21.62
N TYR C 60 10.22 -29.62 22.16
CA TYR C 60 9.46 -28.65 22.93
C TYR C 60 9.82 -28.69 24.41
N GLN C 61 9.67 -27.54 25.04
CA GLN C 61 9.96 -27.38 26.45
C GLN C 61 9.18 -28.38 27.29
N GLY C 62 9.90 -29.10 28.15
CA GLY C 62 9.28 -30.04 29.06
C GLY C 62 8.98 -31.43 28.50
N ASP C 63 9.33 -31.66 27.23
CA ASP C 63 9.12 -32.95 26.59
C ASP C 63 9.95 -33.99 27.31
N HIS C 64 9.30 -35.05 27.76
CA HIS C 64 10.03 -36.11 28.44
C HIS C 64 10.71 -37.02 27.45
N GLY C 65 10.25 -37.00 26.20
CA GLY C 65 10.82 -37.84 25.15
C GLY C 65 10.58 -39.33 25.41
N ASP C 66 11.30 -40.17 24.66
CA ASP C 66 11.20 -41.60 24.81
C ASP C 66 12.50 -42.07 25.41
N MET C 67 12.43 -42.84 26.49
CA MET C 67 13.64 -43.35 27.11
C MET C 67 13.97 -44.78 26.68
N TYR C 68 15.26 -45.00 26.42
CA TYR C 68 15.77 -46.33 26.04
C TYR C 68 16.92 -46.73 26.93
N VAL C 69 16.98 -48.01 27.29
CA VAL C 69 18.07 -48.51 28.11
C VAL C 69 18.58 -49.82 27.54
N TYR C 70 19.91 -49.99 27.55
CA TYR C 70 20.57 -51.22 27.16
C TYR C 70 21.11 -51.93 28.39
N SER C 71 21.08 -53.26 28.35
CA SER C 71 21.43 -54.07 29.52
C SER C 71 22.50 -55.14 29.24
N ALA C 72 23.28 -55.43 30.27
CA ALA C 72 24.04 -56.67 30.36
C ALA C 72 23.15 -57.85 30.01
N GLY C 73 23.71 -58.87 29.37
CA GLY C 73 22.93 -60.06 29.05
C GLY C 73 22.93 -61.07 30.18
N HIS C 74 22.21 -62.17 29.98
CA HIS C 74 22.28 -63.28 30.90
C HIS C 74 23.71 -63.79 30.94
N ALA C 75 24.09 -64.35 32.09
CA ALA C 75 25.43 -64.90 32.23
C ALA C 75 25.49 -65.81 33.43
N THR C 76 26.38 -66.79 33.36
CA THR C 76 26.78 -67.51 34.54
C THR C 76 27.98 -66.79 35.10
N GLY C 77 28.69 -67.41 36.04
CA GLY C 77 29.92 -66.83 36.52
C GLY C 77 30.99 -66.75 35.43
N THR C 78 30.93 -67.67 34.48
CA THR C 78 31.99 -67.78 33.48
C THR C 78 31.57 -67.49 32.04
N THR C 79 30.27 -67.58 31.76
CA THR C 79 29.85 -67.68 30.38
C THR C 79 28.65 -66.79 30.07
N PRO C 80 28.81 -65.88 29.10
CA PRO C 80 27.65 -65.12 28.66
C PRO C 80 26.64 -66.05 28.00
N GLN C 81 25.37 -65.77 28.22
CA GLN C 81 24.31 -66.60 27.67
C GLN C 81 23.37 -65.74 26.84
N LYS C 82 22.07 -65.89 27.01
CA LYS C 82 21.08 -65.18 26.20
C LYS C 82 21.29 -63.68 26.28
N LEU C 83 21.01 -62.97 25.20
CA LEU C 83 20.98 -61.51 25.28
C LEU C 83 19.76 -61.09 26.10
N PHE C 84 19.80 -59.88 26.64
CA PHE C 84 18.70 -59.38 27.47
C PHE C 84 18.33 -58.01 26.97
N VAL C 85 17.13 -57.89 26.41
CA VAL C 85 16.74 -56.64 25.75
C VAL C 85 15.29 -56.25 26.03
N ALA C 86 15.00 -55.00 25.75
CA ALA C 86 13.62 -54.51 25.69
C ALA C 86 12.95 -54.85 24.35
N ASN C 87 11.68 -54.46 24.20
CA ASN C 87 10.89 -54.78 23.02
C ASN C 87 11.07 -53.73 21.91
N TYR C 88 12.22 -53.07 21.86
CA TYR C 88 12.36 -51.91 20.97
C TYR C 88 12.26 -52.24 19.48
N SER C 89 12.66 -53.42 19.05
CA SER C 89 12.69 -53.70 17.62
C SER C 89 11.31 -53.70 16.96
N GLN C 90 10.28 -54.07 17.72
CA GLN C 90 8.93 -54.08 17.19
C GLN C 90 8.27 -52.71 17.29
N ASP C 91 8.91 -51.76 17.97
CA ASP C 91 8.30 -50.45 18.16
C ASP C 91 8.77 -49.46 17.10
N VAL C 92 8.19 -49.56 15.91
CA VAL C 92 8.58 -48.68 14.83
C VAL C 92 7.89 -47.33 14.96
N LYS C 93 8.71 -46.28 14.91
CA LYS C 93 8.26 -44.91 15.09
C LYS C 93 8.24 -44.15 13.77
N GLN C 94 7.41 -43.12 13.69
CA GLN C 94 7.42 -42.24 12.52
C GLN C 94 8.56 -41.23 12.65
N PHE C 95 9.34 -41.09 11.58
CA PHE C 95 10.50 -40.21 11.61
C PHE C 95 10.02 -38.76 11.72
N ALA C 96 9.05 -38.40 10.87
CA ALA C 96 8.59 -37.01 10.74
C ALA C 96 9.82 -36.16 10.49
N ASN C 97 10.03 -35.11 11.27
CA ASN C 97 11.11 -34.15 11.01
C ASN C 97 12.45 -34.54 11.61
N GLY C 98 12.50 -35.72 12.20
CA GLY C 98 13.72 -36.19 12.84
C GLY C 98 13.68 -36.00 14.35
N PHE C 99 14.83 -36.15 14.98
CA PHE C 99 14.86 -36.14 16.43
C PHE C 99 16.24 -35.81 16.97
N VAL C 100 16.29 -35.46 18.27
CA VAL C 100 17.56 -35.28 18.97
C VAL C 100 17.62 -36.23 20.15
N VAL C 101 18.83 -36.49 20.61
CA VAL C 101 19.05 -37.57 21.58
C VAL C 101 19.98 -37.13 22.68
N ARG C 102 19.54 -37.27 23.92
CA ARG C 102 20.36 -36.97 25.09
C ARG C 102 21.09 -38.25 25.48
N ILE C 103 22.43 -38.21 25.43
CA ILE C 103 23.26 -39.41 25.58
C ILE C 103 24.13 -39.31 26.81
N GLY C 104 24.13 -40.35 27.64
CA GLY C 104 25.06 -40.42 28.75
C GLY C 104 24.79 -39.55 29.96
N ALA C 105 23.56 -39.06 30.12
CA ALA C 105 23.32 -38.03 31.14
C ALA C 105 23.59 -38.53 32.57
N ALA C 106 23.30 -39.80 32.81
CA ALA C 106 23.45 -40.36 34.16
C ALA C 106 24.85 -40.91 34.44
N ALA C 107 25.74 -40.82 33.45
CA ALA C 107 27.09 -41.37 33.63
C ALA C 107 27.74 -40.86 34.91
N ASN C 108 28.39 -41.74 35.65
CA ASN C 108 29.06 -41.36 36.88
C ASN C 108 28.25 -41.72 38.11
N SER C 109 26.92 -41.66 37.97
CA SER C 109 26.04 -41.89 39.10
C SER C 109 25.88 -43.39 39.34
N THR C 110 25.24 -43.75 40.44
CA THR C 110 25.05 -45.17 40.75
C THR C 110 23.66 -45.61 40.32
N GLY C 111 23.58 -46.77 39.67
CA GLY C 111 22.33 -47.28 39.17
C GLY C 111 22.30 -48.79 39.10
N THR C 112 21.15 -49.34 38.84
CA THR C 112 20.96 -50.76 38.74
C THR C 112 21.52 -51.36 37.45
N VAL C 113 21.81 -52.66 37.48
CA VAL C 113 22.39 -53.39 36.35
C VAL C 113 21.33 -53.87 35.34
N ILE C 114 20.07 -53.61 35.70
CA ILE C 114 18.87 -53.89 34.91
C ILE C 114 18.50 -55.36 34.95
N ILE C 115 19.39 -56.23 34.46
CA ILE C 115 19.03 -57.65 34.43
C ILE C 115 19.08 -58.24 35.83
N SER C 116 19.82 -57.57 36.71
CA SER C 116 19.82 -57.94 38.13
C SER C 116 19.54 -56.70 38.97
N PRO C 117 18.24 -56.39 39.16
CA PRO C 117 17.83 -55.12 39.78
C PRO C 117 18.40 -54.88 41.17
N SER C 118 18.75 -55.94 41.90
CA SER C 118 19.25 -55.78 43.25
C SER C 118 20.73 -55.40 43.26
N THR C 119 21.35 -55.43 42.08
CA THR C 119 22.77 -55.14 41.95
C THR C 119 23.00 -53.74 41.38
N SER C 120 23.74 -52.91 42.11
CA SER C 120 24.01 -51.57 41.61
C SER C 120 25.44 -51.46 41.12
N ALA C 121 25.67 -50.48 40.25
CA ALA C 121 26.98 -50.25 39.69
C ALA C 121 27.08 -48.82 39.22
N THR C 122 28.31 -48.35 39.03
CA THR C 122 28.54 -47.04 38.46
C THR C 122 28.04 -47.04 37.00
N ILE C 123 27.29 -46.01 36.67
CA ILE C 123 26.72 -45.90 35.33
C ILE C 123 27.76 -45.37 34.34
N ARG C 124 27.87 -46.04 33.19
CA ARG C 124 28.73 -45.62 32.11
C ARG C 124 27.90 -45.21 30.91
N LYS C 125 28.36 -44.19 30.19
CA LYS C 125 27.72 -43.79 28.94
C LYS C 125 27.70 -44.96 27.95
N ILE C 126 26.60 -45.09 27.23
CA ILE C 126 26.54 -46.00 26.10
C ILE C 126 25.90 -45.27 24.91
N TYR C 127 26.33 -45.62 23.70
CA TYR C 127 25.79 -44.96 22.52
C TYR C 127 24.59 -45.69 21.94
N PRO C 128 23.59 -44.91 21.47
CA PRO C 128 22.40 -45.51 20.86
C PRO C 128 22.66 -46.01 19.44
N ALA C 129 21.81 -46.93 18.98
CA ALA C 129 21.84 -47.39 17.59
C ALA C 129 20.45 -47.29 16.99
N PHE C 130 20.39 -46.95 15.71
CA PHE C 130 19.12 -46.69 15.04
C PHE C 130 19.04 -47.39 13.70
N MET C 131 17.83 -47.81 13.36
CA MET C 131 17.51 -48.34 12.05
C MET C 131 16.47 -47.39 11.45
N LEU C 132 16.73 -46.88 10.25
CA LEU C 132 15.82 -45.92 9.61
C LEU C 132 15.56 -46.28 8.16
N GLY C 133 14.38 -45.97 7.67
CA GLY C 133 14.06 -46.35 6.31
C GLY C 133 12.74 -45.82 5.81
N SER C 134 12.33 -46.34 4.67
CA SER C 134 11.22 -45.80 3.91
C SER C 134 10.02 -46.72 3.88
N SER C 135 10.23 -47.97 4.27
CA SER C 135 9.21 -48.99 4.13
C SER C 135 9.44 -50.07 5.19
N VAL C 136 8.40 -50.37 5.95
CA VAL C 136 8.48 -51.38 7.01
C VAL C 136 7.36 -52.40 6.95
N GLY C 137 7.53 -53.48 7.70
CA GLY C 137 6.53 -54.52 7.77
C GLY C 137 6.92 -55.59 8.76
N ASN C 138 6.47 -56.81 8.51
CA ASN C 138 6.70 -57.87 9.46
C ASN C 138 7.69 -58.90 8.94
N PHE C 139 8.36 -59.57 9.87
CA PHE C 139 9.22 -60.68 9.52
C PHE C 139 8.36 -61.90 9.23
N SER C 140 8.99 -62.98 8.75
CA SER C 140 8.24 -64.13 8.28
C SER C 140 7.33 -64.74 9.37
N ASP C 141 7.78 -64.72 10.62
CA ASP C 141 6.97 -65.29 11.71
C ASP C 141 5.94 -64.29 12.24
N GLY C 142 5.82 -63.14 11.57
CA GLY C 142 4.78 -62.18 11.87
C GLY C 142 5.16 -61.03 12.77
N LYS C 143 6.35 -61.09 13.38
CA LYS C 143 6.78 -60.03 14.29
C LYS C 143 7.11 -58.74 13.53
N MET C 144 6.80 -57.61 14.15
CA MET C 144 7.04 -56.32 13.52
C MET C 144 8.51 -55.94 13.57
N GLY C 145 8.86 -54.89 12.82
CA GLY C 145 10.20 -54.34 12.91
C GLY C 145 11.10 -54.62 11.71
N ARG C 146 10.53 -55.18 10.64
CA ARG C 146 11.34 -55.42 9.45
C ARG C 146 11.38 -54.21 8.53
N PHE C 147 12.59 -53.78 8.18
CA PHE C 147 12.75 -52.69 7.23
C PHE C 147 13.07 -53.22 5.83
N PHE C 148 12.33 -52.75 4.83
CA PHE C 148 12.47 -53.22 3.45
C PHE C 148 13.29 -52.28 2.58
N ASN C 149 13.82 -52.82 1.48
CA ASN C 149 14.68 -52.08 0.58
C ASN C 149 15.89 -51.46 1.31
N HIS C 150 16.46 -50.39 0.77
CA HIS C 150 17.64 -49.85 1.43
C HIS C 150 17.27 -49.22 2.76
N THR C 151 18.07 -49.57 3.76
CA THR C 151 17.86 -49.18 5.13
C THR C 151 19.09 -48.50 5.69
N LEU C 152 18.89 -47.41 6.42
CA LEU C 152 20.00 -46.69 7.03
C LEU C 152 20.22 -47.24 8.42
N VAL C 153 21.44 -47.67 8.71
CA VAL C 153 21.76 -48.17 10.03
C VAL C 153 22.85 -47.29 10.65
N LEU C 154 22.61 -46.81 11.87
CA LEU C 154 23.60 -46.05 12.65
C LEU C 154 24.01 -46.91 13.83
N LEU C 155 25.25 -47.41 13.79
CA LEU C 155 25.66 -48.43 14.75
C LEU C 155 27.02 -48.09 15.34
N PRO C 156 27.06 -47.71 16.62
CA PRO C 156 28.34 -47.50 17.30
C PRO C 156 29.13 -48.79 17.42
N ASP C 157 30.44 -48.67 17.57
CA ASP C 157 31.28 -49.85 17.70
C ASP C 157 32.57 -49.56 18.43
N GLY C 158 33.39 -50.58 18.58
CA GLY C 158 34.68 -50.42 19.24
C GLY C 158 34.58 -49.91 20.66
N CYS C 159 33.64 -50.44 21.44
CA CYS C 159 33.50 -50.03 22.83
C CYS C 159 33.32 -48.51 22.91
N GLY C 160 32.48 -47.98 22.02
CA GLY C 160 32.18 -46.56 22.03
C GLY C 160 33.29 -45.67 21.51
N THR C 161 34.04 -46.15 20.52
CA THR C 161 35.08 -45.32 19.91
C THR C 161 34.88 -45.04 18.41
N LEU C 162 33.77 -45.51 17.85
CA LEU C 162 33.41 -45.08 16.51
C LEU C 162 31.91 -45.21 16.29
N LEU C 163 31.43 -44.45 15.31
CA LEU C 163 30.07 -44.61 14.79
C LEU C 163 30.17 -45.09 13.36
N ARG C 164 29.41 -46.13 13.03
CA ARG C 164 29.30 -46.58 11.64
C ARG C 164 27.95 -46.18 11.11
N ALA C 165 27.94 -45.64 9.89
CA ALA C 165 26.70 -45.30 9.22
C ALA C 165 26.70 -46.03 7.87
N PHE C 166 25.67 -46.83 7.61
CA PHE C 166 25.66 -47.55 6.35
C PHE C 166 24.25 -47.73 5.83
N TYR C 167 24.15 -47.87 4.52
CA TYR C 167 22.86 -47.88 3.81
C TYR C 167 22.82 -49.09 2.88
N CYS C 168 22.11 -50.12 3.32
CA CYS C 168 22.10 -51.40 2.64
C CYS C 168 20.73 -52.02 2.66
N ILE C 169 20.49 -52.97 1.76
CA ILE C 169 19.40 -53.91 1.94
C ILE C 169 19.76 -54.90 3.04
N LEU C 170 18.83 -55.12 3.95
CA LEU C 170 19.01 -56.02 5.08
C LEU C 170 18.30 -57.33 4.82
N GLU C 171 19.06 -58.34 4.44
CA GLU C 171 18.52 -59.65 4.16
C GLU C 171 18.44 -60.48 5.42
N PRO C 172 17.22 -60.74 5.93
CA PRO C 172 17.19 -61.52 7.18
C PRO C 172 17.73 -62.93 7.02
N ARG C 173 18.57 -63.35 7.97
CA ARG C 173 19.21 -64.65 7.91
C ARG C 173 18.33 -65.74 8.54
N SER C 174 18.59 -66.99 8.16
CA SER C 174 17.64 -68.07 8.44
C SER C 174 18.05 -69.07 9.54
N GLY C 175 19.18 -68.87 10.20
CA GLY C 175 19.56 -69.79 11.27
C GLY C 175 18.66 -69.65 12.49
N ASN C 176 18.80 -70.55 13.45
CA ASN C 176 18.02 -70.46 14.69
C ASN C 176 18.19 -69.11 15.38
N HIS C 177 17.06 -68.51 15.75
CA HIS C 177 16.97 -67.22 16.46
C HIS C 177 17.23 -66.04 15.53
N CYS C 178 17.50 -66.32 14.26
CA CYS C 178 17.68 -65.24 13.28
C CYS C 178 16.30 -64.85 12.74
N PRO C 179 16.17 -63.67 12.12
CA PRO C 179 14.85 -63.13 11.76
C PRO C 179 14.08 -63.90 10.68
N ALA C 180 14.74 -64.75 9.91
CA ALA C 180 14.04 -65.61 8.94
C ALA C 180 14.21 -67.05 9.33
N GLY C 181 14.56 -67.28 10.59
CA GLY C 181 14.75 -68.62 11.10
C GLY C 181 13.74 -69.00 12.17
N ASN C 182 13.93 -70.18 12.76
CA ASN C 182 13.05 -70.61 13.84
C ASN C 182 13.44 -69.95 15.17
N SER C 183 12.48 -69.90 16.09
CA SER C 183 12.71 -69.38 17.45
C SER C 183 13.20 -67.93 17.44
N TYR C 184 12.68 -67.13 16.51
CA TYR C 184 13.02 -65.71 16.46
C TYR C 184 12.21 -64.93 17.50
N THR C 185 12.88 -64.09 18.26
CA THR C 185 12.19 -63.22 19.21
C THR C 185 12.41 -61.77 18.80
N SER C 186 13.67 -61.32 18.87
CA SER C 186 14.06 -60.02 18.36
C SER C 186 15.48 -60.09 17.83
N PHE C 187 15.82 -59.26 16.84
CA PHE C 187 17.23 -59.08 16.50
C PHE C 187 17.84 -58.13 17.53
N ALA C 188 19.15 -58.03 17.53
CA ALA C 188 19.85 -57.17 18.48
C ALA C 188 21.28 -57.04 18.03
N THR C 189 22.03 -56.17 18.68
CA THR C 189 23.47 -56.20 18.54
C THR C 189 24.08 -56.46 19.89
N TYR C 190 25.36 -56.81 19.90
CA TYR C 190 26.05 -57.09 21.14
C TYR C 190 27.54 -56.90 20.96
N HIS C 191 28.23 -56.77 22.08
CA HIS C 191 29.67 -56.96 22.09
C HIS C 191 30.03 -57.68 23.38
N THR C 192 31.27 -58.15 23.44
CA THR C 192 31.70 -59.06 24.49
C THR C 192 32.90 -58.44 25.16
N PRO C 193 32.70 -57.71 26.27
CA PRO C 193 33.77 -56.83 26.71
C PRO C 193 35.08 -57.53 27.08
N ALA C 194 35.01 -58.74 27.61
CA ALA C 194 36.20 -59.48 28.01
C ALA C 194 37.16 -59.67 26.84
N THR C 195 36.61 -59.81 25.63
CA THR C 195 37.43 -60.04 24.44
C THR C 195 37.43 -58.87 23.45
N ASP C 196 36.46 -57.97 23.59
CA ASP C 196 36.30 -56.90 22.61
C ASP C 196 36.81 -55.56 23.12
N CYS C 197 36.96 -55.42 24.43
CA CYS C 197 37.32 -54.13 25.00
C CYS C 197 38.57 -54.18 25.85
N SER C 198 39.51 -55.04 25.47
CA SER C 198 40.76 -55.11 26.21
C SER C 198 41.64 -53.94 25.83
N ASP C 199 42.40 -53.46 26.82
CA ASP C 199 43.23 -52.28 26.66
C ASP C 199 44.12 -52.33 25.42
N GLY C 200 44.00 -51.30 24.58
CA GLY C 200 44.82 -51.15 23.39
C GLY C 200 44.40 -51.99 22.20
N ASN C 201 43.33 -52.77 22.36
CA ASN C 201 42.91 -53.69 21.31
C ASN C 201 41.40 -53.82 21.23
N TYR C 202 40.71 -52.68 21.19
CA TYR C 202 39.27 -52.67 21.04
C TYR C 202 38.89 -53.29 19.71
N ASN C 203 37.83 -54.09 19.71
CA ASN C 203 37.32 -54.72 18.51
C ASN C 203 36.39 -53.74 17.79
N ARG C 204 36.86 -53.15 16.70
CA ARG C 204 36.10 -52.11 16.04
C ARG C 204 34.77 -52.69 15.57
N ASN C 205 34.81 -53.92 15.07
CA ASN C 205 33.67 -54.50 14.35
C ASN C 205 32.68 -55.28 15.19
N ALA C 206 32.92 -55.35 16.50
CA ALA C 206 32.16 -56.27 17.35
C ALA C 206 30.65 -56.13 17.12
N SER C 207 30.15 -54.91 17.20
CA SER C 207 28.71 -54.70 17.00
C SER C 207 28.30 -54.99 15.57
N LEU C 208 29.10 -54.52 14.63
CA LEU C 208 28.83 -54.81 13.21
C LEU C 208 28.74 -56.32 12.95
N ASN C 209 29.68 -57.06 13.53
CA ASN C 209 29.66 -58.52 13.36
C ASN C 209 28.42 -59.15 13.95
N SER C 210 27.96 -58.66 15.10
CA SER C 210 26.76 -59.19 15.72
C SER C 210 25.54 -58.88 14.83
N PHE C 211 25.52 -57.69 14.24
CA PHE C 211 24.44 -57.31 13.35
C PHE C 211 24.40 -58.21 12.12
N LYS C 212 25.57 -58.51 11.57
CA LYS C 212 25.72 -59.39 10.42
C LYS C 212 25.28 -60.84 10.70
N GLU C 213 25.17 -61.22 11.96
CA GLU C 213 24.63 -62.53 12.28
C GLU C 213 23.10 -62.57 12.05
N TYR C 214 22.42 -61.46 12.27
CA TYR C 214 20.98 -61.42 12.07
C TYR C 214 20.61 -61.04 10.62
N PHE C 215 21.43 -60.21 9.98
CA PHE C 215 21.18 -59.77 8.61
C PHE C 215 22.41 -59.89 7.71
N ASN C 216 22.22 -60.34 6.48
CA ASN C 216 23.25 -60.13 5.46
C ASN C 216 23.08 -58.74 4.90
N LEU C 217 24.20 -58.01 4.78
CA LEU C 217 24.16 -56.68 4.19
C LEU C 217 24.34 -56.79 2.69
N ARG C 218 23.42 -56.22 1.94
CA ARG C 218 23.44 -56.35 0.48
C ARG C 218 23.34 -55.01 -0.21
N ASN C 219 24.14 -54.82 -1.26
CA ASN C 219 24.09 -53.63 -2.10
C ASN C 219 24.21 -52.34 -1.32
N CYS C 220 25.22 -52.30 -0.45
CA CYS C 220 25.47 -51.12 0.36
C CYS C 220 26.00 -49.99 -0.51
N THR C 221 25.37 -48.82 -0.45
CA THR C 221 25.85 -47.69 -1.24
C THR C 221 26.96 -46.93 -0.54
N PHE C 222 27.00 -47.00 0.79
CA PHE C 222 28.11 -46.43 1.54
C PHE C 222 28.21 -47.09 2.90
N MET C 223 29.42 -47.05 3.45
CA MET C 223 29.64 -47.36 4.86
C MET C 223 30.71 -46.40 5.37
N TYR C 224 30.29 -45.44 6.19
CA TYR C 224 31.20 -44.43 6.74
C TYR C 224 31.50 -44.72 8.20
N THR C 225 32.69 -44.34 8.65
CA THR C 225 33.01 -44.45 10.07
C THR C 225 33.45 -43.10 10.61
N TYR C 226 33.05 -42.82 11.84
CA TYR C 226 33.40 -41.57 12.52
C TYR C 226 34.03 -41.93 13.85
N ASN C 227 35.29 -41.56 14.05
CA ASN C 227 35.97 -41.85 15.29
C ASN C 227 35.38 -41.06 16.44
N ILE C 228 35.43 -41.64 17.62
CA ILE C 228 34.95 -41.01 18.85
C ILE C 228 36.00 -41.18 19.94
N THR C 229 36.38 -40.08 20.57
CA THR C 229 37.26 -40.16 21.73
C THR C 229 36.49 -40.66 22.96
N GLU C 230 37.07 -41.62 23.67
CA GLU C 230 36.46 -42.24 24.84
C GLU C 230 36.38 -41.28 26.04
N ASP C 231 35.17 -41.02 26.53
CA ASP C 231 34.98 -40.28 27.77
C ASP C 231 33.59 -40.57 28.32
N GLU C 232 33.24 -39.97 29.46
CA GLU C 232 31.93 -40.17 30.08
C GLU C 232 31.13 -38.89 30.08
N ILE C 233 31.43 -38.00 29.11
CA ILE C 233 30.78 -36.70 29.03
C ILE C 233 29.42 -36.79 28.34
N LEU C 234 28.44 -36.09 28.91
CA LEU C 234 27.11 -35.93 28.32
C LEU C 234 27.23 -35.41 26.89
N GLU C 235 26.44 -35.97 25.97
CA GLU C 235 26.40 -35.40 24.64
C GLU C 235 25.04 -35.47 24.00
N TRP C 236 24.88 -34.70 22.93
CA TRP C 236 23.65 -34.64 22.15
C TRP C 236 23.92 -35.06 20.73
N PHE C 237 22.99 -35.84 20.17
CA PHE C 237 23.03 -36.29 18.78
C PHE C 237 21.72 -35.92 18.10
N GLY C 238 21.79 -35.54 16.81
CA GLY C 238 20.56 -35.17 16.12
C GLY C 238 20.55 -35.71 14.71
N ILE C 239 19.36 -35.86 14.13
CA ILE C 239 19.23 -36.33 12.76
C ILE C 239 18.02 -35.68 12.11
N THR C 240 18.24 -35.16 10.90
CA THR C 240 17.18 -34.58 10.08
C THR C 240 17.36 -35.07 8.64
N GLN C 241 16.44 -34.69 7.75
CA GLN C 241 16.61 -35.03 6.35
C GLN C 241 16.10 -33.88 5.49
N THR C 242 16.80 -33.65 4.39
CA THR C 242 16.31 -32.74 3.37
C THR C 242 16.49 -33.41 2.02
N ALA C 243 16.21 -32.69 0.95
CA ALA C 243 16.43 -33.26 -0.39
C ALA C 243 17.91 -33.52 -0.64
N GLN C 244 18.78 -32.93 0.18
CA GLN C 244 20.22 -33.13 0.06
C GLN C 244 20.70 -34.41 0.72
N GLY C 245 19.81 -35.04 1.49
CA GLY C 245 20.16 -36.28 2.17
C GLY C 245 19.89 -36.24 3.66
N VAL C 246 20.45 -37.20 4.38
CA VAL C 246 20.24 -37.31 5.83
C VAL C 246 21.38 -36.62 6.56
N HIS C 247 21.03 -35.70 7.46
CA HIS C 247 22.03 -34.88 8.15
C HIS C 247 22.22 -35.37 9.57
N LEU C 248 23.47 -35.62 9.95
CA LEU C 248 23.78 -36.04 11.32
C LEU C 248 24.39 -34.88 12.10
N PHE C 249 23.97 -34.72 13.35
CA PHE C 249 24.43 -33.63 14.22
C PHE C 249 25.00 -34.19 15.50
N SER C 250 25.99 -33.51 16.04
CA SER C 250 26.56 -33.90 17.33
C SER C 250 27.09 -32.69 18.07
N SER C 251 27.10 -32.77 19.40
CA SER C 251 27.77 -31.74 20.18
C SER C 251 29.27 -32.02 20.30
N ARG C 252 29.71 -33.23 19.95
CA ARG C 252 31.07 -33.70 20.28
C ARG C 252 32.22 -32.89 19.71
N TYR C 253 32.11 -32.47 18.47
CA TYR C 253 33.29 -31.92 17.81
C TYR C 253 33.40 -30.42 18.01
N VAL C 254 32.27 -29.74 18.10
CA VAL C 254 32.26 -28.28 18.16
C VAL C 254 31.90 -27.71 19.56
N ASP C 255 31.13 -28.47 20.35
CA ASP C 255 30.70 -27.98 21.68
C ASP C 255 30.64 -29.14 22.68
N LEU C 256 31.74 -29.86 22.82
CA LEU C 256 31.79 -31.05 23.66
C LEU C 256 31.30 -30.77 25.08
N TYR C 257 31.67 -29.61 25.61
CA TYR C 257 31.39 -29.32 27.02
C TYR C 257 30.10 -28.54 27.24
N GLY C 258 29.44 -28.11 26.16
CA GLY C 258 28.25 -27.28 26.28
C GLY C 258 26.97 -27.86 25.69
N GLY C 259 27.09 -28.75 24.73
CA GLY C 259 25.93 -29.47 24.21
C GLY C 259 25.26 -29.01 22.93
N ASN C 260 25.64 -27.83 22.42
CA ASN C 260 25.07 -27.37 21.14
C ASN C 260 25.42 -28.37 20.04
N MET C 261 24.45 -28.69 19.17
CA MET C 261 24.69 -29.64 18.09
C MET C 261 25.02 -28.96 16.77
N PHE C 262 26.03 -29.53 16.10
CA PHE C 262 26.46 -29.06 14.79
C PHE C 262 26.57 -30.23 13.84
N GLN C 263 26.31 -29.92 12.58
CA GLN C 263 26.35 -30.89 11.52
C GLN C 263 27.74 -31.52 11.27
N PHE C 264 27.82 -32.85 11.28
CA PHE C 264 29.09 -33.50 10.99
C PHE C 264 29.04 -34.44 9.76
N ALA C 265 27.86 -34.64 9.21
CA ALA C 265 27.73 -35.48 8.01
C ALA C 265 26.44 -35.24 7.27
N THR C 266 26.52 -35.37 5.94
CA THR C 266 25.34 -35.49 5.12
C THR C 266 25.47 -36.82 4.38
N LEU C 267 24.52 -37.70 4.61
CA LEU C 267 24.53 -39.02 4.01
C LEU C 267 23.71 -39.00 2.75
N PRO C 268 24.22 -39.63 1.67
CA PRO C 268 23.53 -39.67 0.40
C PRO C 268 22.36 -40.64 0.46
N VAL C 269 21.36 -40.25 1.23
CA VAL C 269 20.13 -41.02 1.34
C VAL C 269 19.01 -40.11 0.89
N TYR C 270 18.47 -40.39 -0.30
CA TYR C 270 17.53 -39.46 -0.92
C TYR C 270 16.13 -40.02 -0.98
N ASP C 271 15.99 -41.30 -0.62
CA ASP C 271 14.67 -41.87 -0.41
C ASP C 271 14.21 -41.38 0.95
N THR C 272 13.01 -40.81 1.01
CA THR C 272 12.58 -40.18 2.26
C THR C 272 12.46 -41.19 3.40
N ILE C 273 13.13 -40.89 4.49
CA ILE C 273 13.00 -41.67 5.70
C ILE C 273 11.65 -41.37 6.35
N LYS C 274 10.85 -42.42 6.54
CA LYS C 274 9.54 -42.31 7.17
C LYS C 274 9.47 -43.01 8.52
N TYR C 275 10.38 -43.96 8.74
CA TYR C 275 10.32 -44.79 9.92
C TYR C 275 11.67 -44.97 10.57
N TYR C 276 11.66 -45.16 11.88
CA TYR C 276 12.88 -45.59 12.56
C TYR C 276 12.57 -46.50 13.74
N SER C 277 13.56 -47.26 14.13
CA SER C 277 13.49 -47.98 15.39
C SER C 277 14.82 -47.89 16.13
N ILE C 278 14.81 -48.17 17.42
CA ILE C 278 16.02 -48.23 18.22
C ILE C 278 16.47 -49.67 18.19
N ILE C 279 17.72 -49.90 17.79
CA ILE C 279 18.28 -51.25 17.76
C ILE C 279 18.73 -51.61 19.17
N PRO C 280 18.13 -52.63 19.76
CA PRO C 280 18.59 -53.02 21.08
C PRO C 280 20.00 -53.59 21.07
N HIS C 281 20.80 -53.17 22.03
CA HIS C 281 22.13 -53.71 22.24
C HIS C 281 22.14 -54.43 23.58
N SER C 282 22.80 -55.58 23.66
CA SER C 282 23.00 -56.21 24.95
C SER C 282 24.49 -56.51 25.12
N ILE C 283 24.99 -56.33 26.34
CA ILE C 283 26.41 -56.41 26.60
C ILE C 283 26.73 -57.80 27.15
N ARG C 284 27.49 -58.59 26.39
CA ARG C 284 27.76 -59.97 26.80
C ARG C 284 28.87 -60.01 27.82
N SER C 285 28.60 -59.46 28.99
CA SER C 285 29.51 -59.52 30.12
C SER C 285 29.30 -60.83 30.88
N ILE C 286 30.27 -61.18 31.72
CA ILE C 286 30.03 -62.24 32.69
C ILE C 286 29.50 -61.58 33.96
N GLN C 287 28.95 -62.37 34.86
CA GLN C 287 28.26 -61.80 36.02
C GLN C 287 29.11 -60.80 36.81
N SER C 288 30.39 -61.11 37.03
CA SER C 288 31.23 -60.23 37.84
C SER C 288 31.68 -58.97 37.11
N ASP C 289 31.37 -58.87 35.82
CA ASP C 289 31.81 -57.73 35.01
C ASP C 289 30.62 -56.83 34.65
N ARG C 290 29.48 -57.04 35.29
CA ARG C 290 28.28 -56.31 34.89
C ARG C 290 28.32 -54.84 35.28
N LYS C 291 27.97 -54.00 34.31
CA LYS C 291 27.92 -52.57 34.54
C LYS C 291 26.50 -52.08 34.33
N ALA C 292 26.24 -50.84 34.72
CA ALA C 292 25.00 -50.15 34.38
C ALA C 292 25.30 -49.18 33.25
N TRP C 293 24.44 -49.13 32.26
CA TRP C 293 24.64 -48.31 31.06
C TRP C 293 23.58 -47.20 31.03
N ALA C 294 24.05 -45.96 30.83
CA ALA C 294 23.20 -44.78 30.85
C ALA C 294 22.06 -44.86 29.87
N ALA C 295 20.85 -44.66 30.37
CA ALA C 295 19.70 -44.51 29.47
C ALA C 295 19.93 -43.35 28.52
N PHE C 296 19.37 -43.45 27.33
CA PHE C 296 19.35 -42.30 26.43
C PHE C 296 17.90 -41.94 26.09
N TYR C 297 17.71 -40.72 25.62
CA TYR C 297 16.38 -40.15 25.47
C TYR C 297 16.23 -39.51 24.10
N VAL C 298 15.15 -39.87 23.40
CA VAL C 298 14.88 -39.38 22.06
C VAL C 298 13.72 -38.40 22.11
N TYR C 299 13.94 -37.21 21.55
CA TYR C 299 12.91 -36.15 21.53
C TYR C 299 12.64 -35.74 20.08
N LYS C 300 11.37 -35.75 19.68
CA LYS C 300 11.00 -35.42 18.30
C LYS C 300 11.19 -33.93 18.04
N LEU C 301 11.60 -33.61 16.82
CA LEU C 301 11.77 -32.23 16.37
C LEU C 301 10.52 -31.71 15.68
N GLN C 302 10.25 -30.42 15.83
CA GLN C 302 9.22 -29.74 15.05
C GLN C 302 9.59 -28.29 14.83
N PRO C 303 9.00 -27.66 13.79
CA PRO C 303 9.28 -26.25 13.54
C PRO C 303 8.64 -25.37 14.61
N LEU C 304 9.49 -24.68 15.35
CA LEU C 304 9.07 -23.82 16.45
C LEU C 304 9.90 -22.56 16.42
N THR C 305 9.33 -21.47 16.92
CA THR C 305 10.10 -20.26 17.07
C THR C 305 10.60 -20.15 18.49
N PHE C 306 11.91 -20.07 18.64
CA PHE C 306 12.57 -19.94 19.93
C PHE C 306 13.21 -18.57 20.07
N LEU C 307 13.26 -18.07 21.30
CA LEU C 307 14.22 -17.04 21.63
C LEU C 307 15.56 -17.75 21.81
N LEU C 308 16.58 -17.30 21.10
CA LEU C 308 17.92 -17.86 21.25
C LEU C 308 18.83 -16.79 21.82
N ASP C 309 19.50 -17.12 22.92
CA ASP C 309 20.47 -16.23 23.56
C ASP C 309 21.89 -16.70 23.24
N PHE C 310 22.59 -15.95 22.39
CA PHE C 310 23.95 -16.28 21.99
C PHE C 310 24.97 -15.57 22.87
N SER C 311 25.90 -16.33 23.45
CA SER C 311 26.96 -15.73 24.24
C SER C 311 27.94 -14.96 23.36
N VAL C 312 28.90 -14.30 24.00
CA VAL C 312 29.95 -13.59 23.28
C VAL C 312 30.73 -14.56 22.39
N ASP C 313 30.97 -15.76 22.88
CA ASP C 313 31.75 -16.72 22.13
C ASP C 313 30.92 -17.47 21.07
N GLY C 314 29.64 -17.11 20.96
CA GLY C 314 28.81 -17.61 19.88
C GLY C 314 27.89 -18.76 20.25
N TYR C 315 28.08 -19.38 21.40
CA TYR C 315 27.26 -20.54 21.75
C TYR C 315 25.93 -20.14 22.37
N ILE C 316 24.96 -21.05 22.30
CA ILE C 316 23.63 -20.83 22.88
C ILE C 316 23.55 -21.51 24.24
N ARG C 317 23.37 -20.72 25.30
CA ARG C 317 23.33 -21.26 26.64
C ARG C 317 21.98 -21.06 27.30
N ARG C 318 21.10 -20.36 26.60
CA ARG C 318 19.73 -20.20 27.04
C ARG C 318 18.82 -20.14 25.83
N ALA C 319 17.59 -20.62 25.99
CA ALA C 319 16.57 -20.44 24.98
C ALA C 319 15.20 -20.37 25.65
N ILE C 320 14.22 -19.86 24.91
CA ILE C 320 12.84 -19.90 25.36
C ILE C 320 11.99 -20.51 24.27
N ASP C 321 11.18 -21.49 24.65
CA ASP C 321 10.16 -22.04 23.76
C ASP C 321 8.96 -21.09 23.79
N CYS C 322 8.87 -20.21 22.78
CA CYS C 322 7.88 -19.12 22.82
C CYS C 322 6.43 -19.59 22.96
N GLY C 323 6.11 -20.73 22.34
CA GLY C 323 4.76 -21.24 22.35
C GLY C 323 4.36 -22.04 23.57
N PHE C 324 5.29 -22.16 24.52
CA PHE C 324 5.07 -22.98 25.69
C PHE C 324 3.91 -22.46 26.52
N ASN C 325 3.90 -21.14 26.74
CA ASN C 325 2.74 -20.49 27.37
C ASN C 325 2.77 -18.98 27.10
N ASP C 326 1.79 -18.25 27.64
CA ASP C 326 1.67 -16.82 27.37
C ASP C 326 2.84 -16.06 27.98
N LEU C 327 3.28 -16.50 29.15
CA LEU C 327 4.43 -15.89 29.80
C LEU C 327 5.68 -15.99 28.93
N SER C 328 5.95 -17.18 28.39
CA SER C 328 7.08 -17.34 27.48
C SER C 328 6.88 -16.55 26.20
N GLN C 329 5.64 -16.54 25.71
CA GLN C 329 5.25 -15.74 24.55
C GLN C 329 5.64 -14.28 24.73
N LEU C 330 5.25 -13.72 25.86
CA LEU C 330 5.53 -12.32 26.17
C LEU C 330 7.02 -12.05 26.19
N HIS C 331 7.71 -13.03 26.78
CA HIS C 331 9.17 -13.14 26.98
C HIS C 331 9.96 -13.13 25.71
N CYS C 332 9.34 -13.66 24.68
CA CYS C 332 9.87 -13.74 23.33
C CYS C 332 9.65 -12.44 22.55
N SER C 333 8.48 -11.88 22.76
CA SER C 333 8.16 -10.58 22.21
C SER C 333 9.20 -9.81 22.95
N TYR C 334 9.62 -8.71 22.34
CA TYR C 334 10.67 -7.83 22.87
C TYR C 334 12.03 -8.31 22.37
N GLU C 335 12.02 -9.47 21.70
CA GLU C 335 13.23 -10.00 21.09
C GLU C 335 14.33 -10.10 22.14
N SER C 336 13.93 -10.44 23.36
CA SER C 336 14.87 -10.50 24.46
C SER C 336 14.51 -11.60 25.46
N PHE C 337 15.50 -12.05 26.20
CA PHE C 337 15.29 -13.00 27.28
C PHE C 337 14.42 -12.34 28.35
N ASP C 338 14.66 -11.07 28.60
CA ASP C 338 13.96 -10.36 29.66
C ASP C 338 12.85 -9.49 29.09
N VAL C 339 11.67 -9.61 29.69
CA VAL C 339 10.47 -8.86 29.32
C VAL C 339 9.98 -8.12 30.55
N GLU C 340 9.79 -6.82 30.40
CA GLU C 340 9.49 -5.92 31.52
C GLU C 340 8.13 -6.25 32.13
N SER C 341 7.98 -5.92 33.40
CA SER C 341 6.89 -6.46 34.19
C SER C 341 5.57 -5.79 33.86
N GLY C 342 4.61 -6.55 33.33
CA GLY C 342 3.31 -6.01 33.02
C GLY C 342 2.36 -7.08 32.55
N VAL C 343 1.25 -6.63 32.00
CA VAL C 343 0.22 -7.49 31.44
C VAL C 343 0.48 -7.62 29.94
N TYR C 344 0.50 -8.84 29.44
CA TYR C 344 0.84 -9.07 28.04
C TYR C 344 -0.18 -10.01 27.45
N SER C 345 -0.81 -9.61 26.36
CA SER C 345 -1.91 -10.39 25.83
C SER C 345 -1.44 -11.47 24.89
N VAL C 346 -1.77 -12.71 25.22
CA VAL C 346 -1.44 -13.89 24.43
C VAL C 346 -2.76 -14.39 23.85
N SER C 347 -2.71 -15.01 22.68
CA SER C 347 -3.93 -15.32 21.96
C SER C 347 -4.65 -16.54 22.54
N SER C 348 -5.88 -16.74 22.06
CA SER C 348 -6.77 -17.85 22.42
C SER C 348 -6.16 -19.18 21.98
N PHE C 349 -6.59 -20.37 22.46
CA PHE C 349 -7.84 -20.92 23.08
C PHE C 349 -9.14 -20.78 22.31
N GLU C 350 -9.22 -21.47 21.18
CA GLU C 350 -10.47 -21.63 20.44
C GLU C 350 -10.98 -23.05 20.62
N ALA C 351 -12.30 -23.22 20.70
CA ALA C 351 -12.89 -24.50 21.05
C ALA C 351 -12.78 -25.50 19.91
N LYS C 352 -12.93 -26.80 20.27
CA LYS C 352 -12.73 -27.90 19.33
C LYS C 352 -14.03 -28.28 18.62
N PRO C 353 -13.95 -28.60 17.32
CA PRO C 353 -15.14 -28.99 16.56
C PRO C 353 -15.66 -30.35 16.98
N SER C 354 -16.94 -30.41 17.33
CA SER C 354 -17.55 -31.65 17.82
C SER C 354 -19.01 -31.67 17.38
N GLY C 355 -19.39 -32.67 16.58
CA GLY C 355 -20.75 -32.78 16.12
C GLY C 355 -20.93 -32.11 14.78
N SER C 356 -20.08 -32.49 13.83
CA SER C 356 -19.95 -31.82 12.54
C SER C 356 -21.21 -32.05 11.72
N VAL C 357 -22.13 -31.07 11.76
CA VAL C 357 -23.42 -31.21 11.12
C VAL C 357 -23.28 -31.04 9.61
N VAL C 358 -23.79 -32.01 8.87
CA VAL C 358 -23.79 -31.98 7.40
C VAL C 358 -25.23 -32.05 6.94
N GLU C 359 -25.61 -31.20 5.99
CA GLU C 359 -26.98 -31.14 5.51
C GLU C 359 -27.01 -31.21 4.00
N GLN C 360 -27.96 -32.00 3.49
CA GLN C 360 -28.20 -32.11 2.06
C GLN C 360 -29.70 -32.13 1.78
N VAL C 364 -33.50 -35.39 0.27
CA VAL C 364 -32.93 -35.96 1.48
C VAL C 364 -33.69 -37.25 1.85
N GLU C 365 -32.94 -38.26 2.31
CA GLU C 365 -33.46 -39.61 2.60
C GLU C 365 -33.92 -40.34 1.32
N CYS C 366 -33.26 -41.45 1.00
CA CYS C 366 -33.51 -42.17 -0.25
C CYS C 366 -34.78 -43.04 -0.22
N ASP C 367 -35.58 -42.93 -1.28
CA ASP C 367 -36.91 -43.52 -1.34
C ASP C 367 -36.97 -44.97 -1.85
N PHE C 368 -36.90 -45.93 -0.92
CA PHE C 368 -36.96 -47.35 -1.26
C PHE C 368 -38.40 -47.87 -1.34
N SER C 369 -39.36 -46.95 -1.30
CA SER C 369 -40.79 -47.31 -1.19
C SER C 369 -41.29 -48.49 -2.03
N PRO C 370 -41.33 -48.33 -3.37
CA PRO C 370 -42.15 -49.24 -4.21
C PRO C 370 -41.66 -50.69 -4.18
N LEU C 371 -40.51 -50.91 -3.54
CA LEU C 371 -39.94 -52.24 -3.35
C LEU C 371 -40.75 -53.06 -2.35
N LEU C 372 -41.17 -52.40 -1.28
CA LEU C 372 -41.88 -53.06 -0.20
C LEU C 372 -43.35 -53.33 -0.54
N SER C 373 -43.88 -52.61 -1.52
CA SER C 373 -45.30 -52.72 -1.85
C SER C 373 -45.56 -53.47 -3.16
N GLY C 374 -45.97 -54.74 -3.04
CA GLY C 374 -46.35 -55.53 -4.20
C GLY C 374 -45.58 -56.84 -4.36
N THR C 375 -45.50 -57.30 -5.61
CA THR C 375 -44.82 -58.55 -5.91
C THR C 375 -43.53 -58.30 -6.68
N PRO C 376 -42.38 -58.66 -6.08
CA PRO C 376 -41.10 -58.56 -6.80
C PRO C 376 -41.20 -59.32 -8.13
N PRO C 377 -40.88 -58.66 -9.25
CA PRO C 377 -40.99 -59.31 -10.57
C PRO C 377 -39.95 -60.40 -10.73
N GLN C 378 -39.98 -61.12 -11.86
CA GLN C 378 -38.97 -62.16 -12.07
C GLN C 378 -37.67 -61.55 -12.56
N VAL C 379 -36.55 -62.22 -12.25
CA VAL C 379 -35.20 -61.73 -12.59
C VAL C 379 -35.09 -61.06 -13.97
N TYR C 380 -35.75 -61.62 -14.98
CA TYR C 380 -35.67 -61.08 -16.34
C TYR C 380 -36.57 -59.84 -16.53
N ASN C 381 -37.38 -59.53 -15.52
CA ASN C 381 -38.18 -58.31 -15.52
C ASN C 381 -37.80 -57.43 -14.34
N PHE C 382 -36.54 -57.50 -13.93
CA PHE C 382 -36.04 -56.77 -12.75
C PHE C 382 -36.43 -55.28 -12.76
N LYS C 383 -36.90 -54.80 -11.60
CA LYS C 383 -37.25 -53.38 -11.48
C LYS C 383 -36.06 -52.57 -10.99
N ARG C 384 -35.90 -51.38 -11.56
CA ARG C 384 -34.74 -50.53 -11.31
C ARG C 384 -35.08 -49.25 -10.56
N LEU C 385 -34.47 -49.08 -9.40
CA LEU C 385 -34.58 -47.85 -8.64
C LEU C 385 -33.29 -47.02 -8.81
N VAL C 386 -33.45 -45.77 -9.23
CA VAL C 386 -32.32 -44.87 -9.45
C VAL C 386 -32.18 -43.87 -8.29
N PHE C 387 -30.95 -43.57 -7.89
CA PHE C 387 -30.76 -42.65 -6.78
C PHE C 387 -29.74 -41.54 -7.05
N THR C 388 -30.26 -40.32 -7.18
CA THR C 388 -29.45 -39.13 -7.32
C THR C 388 -29.81 -38.20 -6.18
N ASN C 389 -28.80 -37.56 -5.58
CA ASN C 389 -29.04 -36.47 -4.65
C ASN C 389 -29.94 -36.83 -3.47
N CYS C 390 -29.48 -37.75 -2.63
CA CYS C 390 -30.23 -38.11 -1.43
C CYS C 390 -29.35 -38.81 -0.38
N ASN C 391 -29.91 -38.99 0.80
CA ASN C 391 -29.22 -39.71 1.87
C ASN C 391 -29.78 -41.10 2.01
N TYR C 392 -28.92 -42.07 2.27
CA TYR C 392 -29.39 -43.44 2.34
C TYR C 392 -29.09 -44.09 3.69
N ASN C 393 -30.10 -44.71 4.29
CA ASN C 393 -29.85 -45.70 5.31
C ASN C 393 -30.12 -47.07 4.71
N LEU C 394 -29.04 -47.74 4.32
CA LEU C 394 -29.11 -49.04 3.66
C LEU C 394 -29.11 -50.18 4.68
N THR C 395 -28.34 -50.02 5.75
CA THR C 395 -28.38 -50.99 6.85
C THR C 395 -29.76 -50.98 7.50
N LYS C 396 -30.50 -49.88 7.31
CA LYS C 396 -31.92 -49.83 7.64
C LYS C 396 -32.68 -50.85 6.80
N LEU C 397 -32.58 -50.71 5.48
CA LEU C 397 -33.27 -51.58 4.53
C LEU C 397 -32.93 -53.06 4.74
N LEU C 398 -31.64 -53.34 4.99
CA LEU C 398 -31.19 -54.72 5.14
C LEU C 398 -31.44 -55.25 6.56
N SER C 399 -32.14 -54.47 7.37
CA SER C 399 -32.54 -54.92 8.71
C SER C 399 -33.99 -55.41 8.68
N LEU C 400 -34.72 -55.01 7.65
CA LEU C 400 -36.06 -55.54 7.40
C LEU C 400 -35.97 -57.01 6.99
N PHE C 401 -35.11 -57.30 6.04
CA PHE C 401 -35.00 -58.65 5.48
C PHE C 401 -34.07 -59.51 6.31
N SER C 402 -34.11 -60.82 6.06
CA SER C 402 -33.06 -61.72 6.54
C SER C 402 -32.10 -61.88 5.37
N VAL C 403 -30.83 -61.57 5.59
CA VAL C 403 -29.86 -61.56 4.50
C VAL C 403 -28.98 -62.81 4.52
N ASN C 404 -28.95 -63.50 3.38
CA ASN C 404 -28.26 -64.79 3.28
C ASN C 404 -26.91 -64.74 2.57
N ASP C 405 -26.75 -63.80 1.65
CA ASP C 405 -25.45 -63.60 1.02
C ASP C 405 -25.23 -62.15 0.55
N PHE C 406 -23.98 -61.69 0.72
CA PHE C 406 -23.58 -60.33 0.35
C PHE C 406 -22.17 -60.39 -0.24
N THR C 407 -22.10 -60.34 -1.58
CA THR C 407 -20.81 -60.21 -2.25
C THR C 407 -20.83 -59.00 -3.18
N CYS C 408 -19.67 -58.34 -3.26
CA CYS C 408 -19.51 -57.17 -4.12
C CYS C 408 -18.35 -57.37 -5.07
N SER C 409 -18.32 -56.59 -6.16
CA SER C 409 -17.19 -56.58 -7.06
C SER C 409 -16.59 -55.17 -7.13
N GLN C 410 -15.27 -55.08 -6.99
CA GLN C 410 -14.56 -53.80 -6.94
C GLN C 410 -15.03 -52.90 -5.81
N ILE C 411 -15.64 -53.52 -4.79
CA ILE C 411 -16.03 -52.81 -3.57
C ILE C 411 -16.30 -53.88 -2.51
N SER C 412 -16.53 -53.47 -1.27
CA SER C 412 -16.85 -54.40 -0.20
C SER C 412 -18.21 -54.02 0.39
N PRO C 413 -18.84 -54.94 1.16
CA PRO C 413 -20.14 -54.58 1.74
C PRO C 413 -19.97 -53.50 2.80
N ALA C 414 -18.86 -53.58 3.55
CA ALA C 414 -18.50 -52.53 4.50
C ALA C 414 -18.39 -51.18 3.79
N ALA C 415 -17.61 -51.15 2.72
CA ALA C 415 -17.35 -49.92 1.97
C ALA C 415 -18.61 -49.33 1.32
N ILE C 416 -19.49 -50.19 0.82
CA ILE C 416 -20.66 -49.73 0.05
C ILE C 416 -21.73 -49.09 0.93
N ALA C 417 -21.65 -49.32 2.24
CA ALA C 417 -22.53 -48.62 3.17
C ALA C 417 -21.99 -47.22 3.46
N SER C 418 -20.67 -47.12 3.58
CA SER C 418 -20.00 -45.90 4.01
C SER C 418 -19.90 -44.79 2.96
N ASN C 419 -19.35 -45.10 1.78
CA ASN C 419 -19.03 -44.08 0.77
C ASN C 419 -20.19 -43.23 0.27
N CYS C 420 -19.86 -42.12 -0.38
CA CYS C 420 -20.84 -41.29 -1.06
C CYS C 420 -20.68 -41.50 -2.57
N TYR C 421 -21.77 -41.35 -3.32
CA TYR C 421 -21.73 -41.61 -4.76
C TYR C 421 -22.48 -40.52 -5.52
N SER C 422 -22.30 -40.47 -6.84
CA SER C 422 -23.03 -39.52 -7.67
C SER C 422 -24.29 -40.18 -8.23
N SER C 423 -24.36 -41.49 -8.07
CA SER C 423 -25.46 -42.28 -8.63
C SER C 423 -25.52 -43.65 -7.99
N LEU C 424 -26.70 -44.02 -7.48
CA LEU C 424 -26.91 -45.38 -6.96
C LEU C 424 -28.11 -46.03 -7.64
N ILE C 425 -27.87 -47.20 -8.23
CA ILE C 425 -28.95 -47.96 -8.85
C ILE C 425 -29.28 -49.24 -8.07
N LEU C 426 -30.54 -49.39 -7.68
CA LEU C 426 -30.99 -50.60 -6.99
C LEU C 426 -31.92 -51.43 -7.87
N ASP C 427 -31.49 -52.64 -8.20
CA ASP C 427 -32.30 -53.58 -8.96
C ASP C 427 -32.77 -54.69 -8.02
N TYR C 428 -34.07 -54.95 -8.02
CA TYR C 428 -34.66 -55.99 -7.16
C TYR C 428 -35.61 -56.89 -7.96
N PHE C 429 -35.71 -58.15 -7.51
CA PHE C 429 -36.51 -59.17 -8.17
C PHE C 429 -36.67 -60.38 -7.24
N SER C 430 -37.63 -61.26 -7.54
CA SER C 430 -37.77 -62.53 -6.84
C SER C 430 -36.67 -63.47 -7.34
N TYR C 431 -36.08 -64.24 -6.42
CA TYR C 431 -34.99 -65.12 -6.78
C TYR C 431 -34.70 -66.13 -5.66
N PRO C 432 -34.69 -67.43 -6.00
CA PRO C 432 -34.51 -68.50 -5.02
C PRO C 432 -33.07 -68.69 -4.57
N LEU C 433 -32.88 -68.91 -3.27
CA LEU C 433 -31.55 -69.15 -2.70
C LEU C 433 -30.88 -70.37 -3.31
N SER C 434 -31.69 -71.31 -3.80
CA SER C 434 -31.19 -72.54 -4.40
C SER C 434 -30.33 -72.24 -5.62
N MET C 435 -30.57 -71.09 -6.24
CA MET C 435 -29.85 -70.70 -7.45
C MET C 435 -28.79 -69.64 -7.22
N LYS C 436 -28.11 -69.73 -6.08
CA LYS C 436 -27.09 -68.74 -5.70
C LYS C 436 -25.87 -68.85 -6.60
N SER C 437 -25.51 -70.08 -6.97
CA SER C 437 -24.34 -70.33 -7.82
C SER C 437 -24.50 -69.75 -9.23
N ASP C 438 -25.70 -69.31 -9.57
CA ASP C 438 -25.99 -68.78 -10.91
C ASP C 438 -26.09 -67.27 -10.90
N LEU C 439 -26.21 -66.70 -9.70
CA LEU C 439 -26.23 -65.25 -9.55
C LEU C 439 -24.86 -64.79 -9.10
N SER C 440 -23.94 -64.72 -10.05
CA SER C 440 -22.54 -64.42 -9.77
C SER C 440 -22.01 -63.47 -10.83
N VAL C 441 -21.07 -62.60 -10.47
CA VAL C 441 -20.44 -61.70 -11.44
C VAL C 441 -19.47 -62.52 -12.29
N SER C 442 -19.00 -63.64 -11.74
CA SER C 442 -18.13 -64.56 -12.45
C SER C 442 -18.89 -65.85 -12.83
N SER C 443 -19.96 -65.69 -13.60
CA SER C 443 -20.80 -66.84 -13.96
C SER C 443 -21.31 -66.76 -15.39
N ALA C 444 -21.27 -67.89 -16.08
CA ALA C 444 -21.81 -67.97 -17.43
C ALA C 444 -23.05 -68.87 -17.49
N GLY C 445 -23.86 -68.80 -16.43
CA GLY C 445 -25.14 -69.49 -16.42
C GLY C 445 -26.17 -68.72 -17.23
N PRO C 446 -27.43 -69.16 -17.18
CA PRO C 446 -28.51 -68.52 -17.93
C PRO C 446 -28.83 -67.12 -17.42
N ILE C 447 -28.57 -66.88 -16.14
CA ILE C 447 -28.90 -65.59 -15.52
C ILE C 447 -28.10 -64.43 -16.13
N SER C 448 -26.78 -64.60 -16.21
CA SER C 448 -25.90 -63.63 -16.84
C SER C 448 -26.07 -63.63 -18.37
N GLN C 449 -26.34 -64.79 -18.96
CA GLN C 449 -26.53 -64.87 -20.40
C GLN C 449 -27.81 -64.18 -20.88
N PHE C 450 -28.94 -64.52 -20.27
CA PHE C 450 -30.25 -64.11 -20.81
C PHE C 450 -31.14 -63.31 -19.87
N ASN C 451 -30.76 -63.15 -18.60
CA ASN C 451 -31.69 -62.55 -17.63
C ASN C 451 -31.28 -61.20 -17.04
N TYR C 452 -30.15 -61.19 -16.34
CA TYR C 452 -29.70 -60.01 -15.62
C TYR C 452 -28.18 -59.92 -15.61
N LYS C 453 -27.65 -58.85 -16.18
CA LYS C 453 -26.20 -58.64 -16.15
C LYS C 453 -25.84 -57.25 -15.63
N GLN C 454 -24.97 -57.21 -14.62
CA GLN C 454 -24.47 -55.95 -14.09
C GLN C 454 -23.33 -55.42 -14.95
N SER C 455 -23.01 -54.14 -14.77
CA SER C 455 -21.87 -53.54 -15.48
C SER C 455 -20.56 -54.03 -14.86
N PHE C 456 -19.53 -54.18 -15.69
CA PHE C 456 -18.22 -54.59 -15.22
C PHE C 456 -17.32 -53.36 -15.01
N SER C 457 -17.80 -52.22 -15.51
CA SER C 457 -17.02 -50.98 -15.45
C SER C 457 -17.33 -50.15 -14.18
N ASN C 458 -18.39 -50.50 -13.47
CA ASN C 458 -18.70 -49.86 -12.19
C ASN C 458 -18.58 -50.85 -11.04
N PRO C 459 -18.36 -50.36 -9.82
CA PRO C 459 -18.36 -51.32 -8.70
C PRO C 459 -19.78 -51.82 -8.46
N THR C 460 -19.93 -53.11 -8.17
CA THR C 460 -21.26 -53.72 -8.02
C THR C 460 -21.38 -54.59 -6.78
N CYS C 461 -22.61 -54.69 -6.27
CA CYS C 461 -22.91 -55.63 -5.19
C CYS C 461 -24.11 -56.51 -5.53
N LEU C 462 -24.14 -57.71 -4.94
CA LEU C 462 -25.20 -58.68 -5.18
C LEU C 462 -25.69 -59.24 -3.86
N ILE C 463 -26.98 -59.02 -3.56
CA ILE C 463 -27.56 -59.42 -2.27
C ILE C 463 -28.67 -60.46 -2.40
N LEU C 464 -28.53 -61.55 -1.65
CA LEU C 464 -29.59 -62.55 -1.53
C LEU C 464 -30.29 -62.45 -0.17
N ALA C 465 -31.61 -62.27 -0.18
CA ALA C 465 -32.36 -62.10 1.06
C ALA C 465 -33.66 -62.92 1.13
N THR C 466 -34.31 -62.87 2.29
CA THR C 466 -35.54 -63.61 2.57
C THR C 466 -36.53 -62.73 3.35
N VAL C 467 -37.66 -62.39 2.75
CA VAL C 467 -38.70 -61.62 3.48
C VAL C 467 -39.34 -62.49 4.56
N PRO C 468 -39.44 -61.94 5.77
CA PRO C 468 -39.69 -62.75 6.95
C PRO C 468 -41.11 -63.23 6.97
N HIS C 469 -41.91 -62.68 7.86
CA HIS C 469 -43.33 -62.88 7.84
C HIS C 469 -43.77 -61.55 8.27
N ASN C 470 -42.96 -61.04 9.17
CA ASN C 470 -43.07 -59.70 9.74
C ASN C 470 -43.31 -58.66 8.63
N LEU C 471 -42.75 -58.92 7.46
CA LEU C 471 -42.98 -58.10 6.26
C LEU C 471 -44.11 -58.70 5.44
N THR C 472 -45.19 -57.95 5.30
CA THR C 472 -46.45 -58.48 4.77
C THR C 472 -46.93 -57.73 3.54
N THR C 473 -46.35 -56.57 3.27
CA THR C 473 -46.73 -55.79 2.10
C THR C 473 -46.02 -56.31 0.85
N ILE C 474 -45.02 -57.18 1.06
CA ILE C 474 -44.35 -57.87 -0.04
C ILE C 474 -45.00 -59.23 -0.33
N THR C 475 -45.70 -59.31 -1.46
CA THR C 475 -46.45 -60.50 -1.85
C THR C 475 -45.60 -61.46 -2.71
N LYS C 476 -45.82 -62.76 -2.53
CA LYS C 476 -45.16 -63.79 -3.34
C LYS C 476 -45.93 -64.11 -4.63
N PRO C 477 -45.21 -64.47 -5.71
CA PRO C 477 -45.84 -64.92 -6.96
C PRO C 477 -45.99 -66.45 -7.00
N LEU C 478 -46.63 -66.98 -8.04
CA LEU C 478 -46.89 -68.41 -8.13
C LEU C 478 -45.64 -69.28 -7.97
N LYS C 479 -44.53 -68.82 -8.56
CA LYS C 479 -43.27 -69.54 -8.53
C LYS C 479 -42.14 -68.61 -8.96
N TYR C 480 -40.90 -69.06 -8.84
CA TYR C 480 -39.78 -68.32 -9.43
C TYR C 480 -39.62 -68.76 -10.89
N SER C 481 -39.38 -67.79 -11.78
CA SER C 481 -39.17 -68.08 -13.19
C SER C 481 -37.90 -67.43 -13.71
N TYR C 482 -37.24 -68.10 -14.65
CA TYR C 482 -36.09 -67.52 -15.35
C TYR C 482 -35.99 -68.04 -16.78
N ILE C 483 -35.30 -67.28 -17.62
CA ILE C 483 -35.08 -67.67 -19.02
C ILE C 483 -33.86 -68.60 -19.13
N ASN C 484 -34.05 -69.79 -19.70
CA ASN C 484 -32.93 -70.72 -19.88
C ASN C 484 -32.46 -70.85 -21.34
N LYS C 485 -33.11 -70.12 -22.24
CA LYS C 485 -32.66 -70.05 -23.63
C LYS C 485 -33.24 -68.82 -24.31
N CYS C 486 -32.37 -68.03 -24.93
CA CYS C 486 -32.82 -66.93 -25.76
C CYS C 486 -31.96 -66.89 -27.01
N SER C 487 -32.49 -67.35 -28.13
CA SER C 487 -31.71 -67.34 -29.36
C SER C 487 -32.52 -66.95 -30.59
N ARG C 488 -31.81 -66.55 -31.64
CA ARG C 488 -32.41 -66.31 -32.94
C ARG C 488 -32.10 -67.47 -33.87
N LEU C 489 -33.09 -67.84 -34.68
CA LEU C 489 -32.87 -68.79 -35.77
C LEU C 489 -32.80 -67.94 -37.03
N LEU C 490 -31.66 -67.94 -37.70
CA LEU C 490 -31.48 -67.11 -38.89
C LEU C 490 -32.44 -67.55 -40.02
N SER C 491 -32.54 -66.72 -41.05
CA SER C 491 -33.45 -66.97 -42.16
C SER C 491 -33.01 -68.16 -43.02
N ASP C 492 -31.96 -68.84 -42.61
CA ASP C 492 -31.50 -70.04 -43.32
C ASP C 492 -32.09 -71.30 -42.70
N ASP C 493 -32.84 -71.13 -41.62
CA ASP C 493 -33.48 -72.25 -40.90
C ASP C 493 -32.48 -73.25 -40.27
N ARG C 494 -31.21 -72.85 -40.17
CA ARG C 494 -30.17 -73.74 -39.67
C ARG C 494 -29.36 -73.11 -38.55
N THR C 495 -29.03 -71.83 -38.73
CA THR C 495 -28.10 -71.16 -37.83
C THR C 495 -28.78 -70.58 -36.61
N GLU C 496 -28.35 -71.05 -35.43
CA GLU C 496 -28.87 -70.58 -34.15
C GLU C 496 -27.86 -69.63 -33.51
N VAL C 497 -28.32 -68.43 -33.19
CA VAL C 497 -27.48 -67.42 -32.57
C VAL C 497 -28.08 -66.96 -31.24
N PRO C 498 -27.49 -67.42 -30.12
CA PRO C 498 -27.92 -66.96 -28.79
C PRO C 498 -27.98 -65.44 -28.69
N GLN C 499 -29.06 -64.92 -28.14
CA GLN C 499 -29.19 -63.49 -27.90
C GLN C 499 -28.82 -63.18 -26.46
N LEU C 500 -27.59 -62.75 -26.24
CA LEU C 500 -27.10 -62.45 -24.90
C LEU C 500 -27.56 -61.09 -24.41
N VAL C 501 -27.88 -61.00 -23.12
CA VAL C 501 -28.35 -59.76 -22.53
C VAL C 501 -27.15 -58.85 -22.23
N ASN C 502 -27.30 -57.57 -22.57
CA ASN C 502 -26.28 -56.57 -22.26
C ASN C 502 -26.59 -55.93 -20.92
N ALA C 503 -25.55 -55.52 -20.19
CA ALA C 503 -25.70 -54.85 -18.90
C ALA C 503 -26.69 -53.69 -18.97
N ASN C 504 -27.38 -53.46 -17.85
CA ASN C 504 -28.41 -52.41 -17.78
C ASN C 504 -29.50 -52.51 -18.85
N GLN C 505 -29.77 -53.73 -19.32
CA GLN C 505 -30.85 -53.95 -20.30
C GLN C 505 -31.63 -55.22 -19.99
N TYR C 506 -32.81 -55.32 -20.59
CA TYR C 506 -33.61 -56.53 -20.49
C TYR C 506 -33.28 -57.45 -21.65
N SER C 507 -33.61 -58.73 -21.50
CA SER C 507 -33.45 -59.70 -22.58
C SER C 507 -34.37 -59.36 -23.75
N PRO C 508 -33.88 -59.59 -24.98
CA PRO C 508 -34.71 -59.43 -26.18
C PRO C 508 -35.87 -60.40 -26.20
N CYS C 509 -35.85 -61.37 -25.28
CA CYS C 509 -36.92 -62.37 -25.22
C CYS C 509 -38.05 -62.01 -24.24
N VAL C 510 -37.92 -60.91 -23.51
CA VAL C 510 -38.96 -60.52 -22.54
C VAL C 510 -40.27 -60.16 -23.22
N SER C 511 -40.24 -60.00 -24.54
CA SER C 511 -41.44 -59.71 -25.31
C SER C 511 -42.29 -60.95 -25.55
N ILE C 512 -41.68 -62.13 -25.37
CA ILE C 512 -42.36 -63.39 -25.66
C ILE C 512 -42.43 -64.34 -24.46
N VAL C 513 -41.66 -64.04 -23.41
CA VAL C 513 -41.70 -64.83 -22.19
C VAL C 513 -42.61 -64.15 -21.15
N PRO C 514 -43.70 -64.83 -20.74
CA PRO C 514 -44.67 -64.32 -19.76
C PRO C 514 -44.01 -63.83 -18.48
N SER C 515 -44.69 -62.96 -17.73
CA SER C 515 -44.09 -62.39 -16.52
C SER C 515 -43.81 -63.47 -15.48
N THR C 516 -44.57 -64.56 -15.54
CA THR C 516 -44.25 -65.76 -14.77
C THR C 516 -44.40 -66.94 -15.72
N VAL C 517 -43.44 -67.86 -15.71
CA VAL C 517 -43.49 -69.04 -16.57
C VAL C 517 -44.53 -70.02 -16.04
N TRP C 518 -45.45 -70.43 -16.91
CA TRP C 518 -46.54 -71.32 -16.48
C TRP C 518 -46.05 -72.69 -16.05
N GLU C 519 -45.16 -73.29 -16.84
CA GLU C 519 -44.63 -74.61 -16.48
C GLU C 519 -43.15 -74.77 -16.88
N ASP C 520 -42.38 -75.42 -16.01
CA ASP C 520 -40.96 -75.63 -16.24
C ASP C 520 -40.71 -76.22 -17.63
N GLY C 521 -39.89 -75.55 -18.42
CA GLY C 521 -39.53 -76.05 -19.73
C GLY C 521 -40.38 -75.55 -20.89
N ASP C 522 -41.37 -74.70 -20.62
CA ASP C 522 -42.16 -74.12 -21.69
C ASP C 522 -41.26 -73.36 -22.66
N TYR C 523 -41.67 -73.30 -23.92
CA TYR C 523 -40.87 -72.63 -24.94
C TYR C 523 -41.72 -71.67 -25.76
N TYR C 524 -41.09 -70.58 -26.20
CA TYR C 524 -41.80 -69.50 -26.86
C TYR C 524 -41.14 -69.21 -28.20
N ARG C 525 -41.94 -68.78 -29.17
CA ARG C 525 -41.43 -68.50 -30.49
C ARG C 525 -42.18 -67.31 -31.08
N LYS C 526 -41.58 -66.67 -32.08
CA LYS C 526 -42.14 -65.49 -32.71
C LYS C 526 -41.38 -65.30 -34.00
N GLN C 527 -42.10 -65.38 -35.12
CA GLN C 527 -41.46 -65.20 -36.42
C GLN C 527 -41.08 -63.74 -36.61
N LEU C 528 -39.92 -63.49 -37.23
CA LEU C 528 -39.43 -62.12 -37.38
C LEU C 528 -39.76 -61.53 -38.76
N SER C 529 -40.10 -60.25 -38.76
CA SER C 529 -40.31 -59.53 -40.02
C SER C 529 -38.99 -59.39 -40.75
N PRO C 530 -39.03 -59.35 -42.09
CA PRO C 530 -37.83 -59.20 -42.93
C PRO C 530 -36.98 -58.00 -42.52
N LEU C 531 -37.63 -56.98 -41.99
CA LEU C 531 -36.94 -55.80 -41.45
C LEU C 531 -36.21 -56.13 -40.14
N GLU C 532 -36.85 -56.92 -39.28
CA GLU C 532 -36.24 -57.36 -38.02
C GLU C 532 -35.06 -58.32 -38.26
N GLY C 533 -34.94 -58.83 -39.48
CA GLY C 533 -33.86 -59.73 -39.84
C GLY C 533 -34.34 -61.03 -40.44
N GLY C 534 -35.63 -61.30 -40.33
CA GLY C 534 -36.17 -62.57 -40.77
C GLY C 534 -35.83 -63.67 -39.78
N GLY C 535 -36.14 -64.91 -40.15
CA GLY C 535 -35.96 -66.03 -39.25
C GLY C 535 -36.89 -65.94 -38.06
N TRP C 536 -36.47 -66.48 -36.91
CA TRP C 536 -37.33 -66.52 -35.74
C TRP C 536 -36.66 -66.00 -34.48
N LEU C 537 -37.48 -65.65 -33.48
CA LEU C 537 -37.00 -65.46 -32.12
C LEU C 537 -37.55 -66.58 -31.26
N VAL C 538 -36.71 -67.13 -30.39
CA VAL C 538 -37.04 -68.35 -29.65
C VAL C 538 -36.56 -68.26 -28.20
N ALA C 539 -37.38 -68.74 -27.27
CA ALA C 539 -37.00 -68.74 -25.85
C ALA C 539 -37.56 -69.92 -25.08
N SER C 540 -36.98 -70.21 -23.92
CA SER C 540 -37.46 -71.30 -23.07
C SER C 540 -37.36 -70.92 -21.60
N GLY C 541 -38.45 -71.13 -20.85
CA GLY C 541 -38.50 -70.74 -19.46
C GLY C 541 -38.33 -71.87 -18.46
N SER C 542 -37.71 -71.56 -17.34
CA SER C 542 -37.54 -72.52 -16.26
C SER C 542 -38.24 -72.04 -14.99
N THR C 543 -38.59 -72.98 -14.11
CA THR C 543 -39.27 -72.62 -12.87
C THR C 543 -38.60 -73.26 -11.67
N VAL C 544 -38.71 -72.61 -10.52
CA VAL C 544 -38.31 -73.20 -9.25
C VAL C 544 -39.49 -72.99 -8.32
N ALA C 545 -39.79 -74.01 -7.52
CA ALA C 545 -40.96 -73.98 -6.63
C ALA C 545 -40.88 -72.82 -5.65
N MET C 546 -42.00 -72.15 -5.41
CA MET C 546 -42.07 -71.05 -4.45
C MET C 546 -41.70 -71.55 -3.06
N THR C 547 -41.09 -70.69 -2.25
CA THR C 547 -40.66 -71.07 -0.90
C THR C 547 -41.65 -70.62 0.19
N GLU C 548 -41.41 -71.07 1.41
CA GLU C 548 -42.25 -70.68 2.56
C GLU C 548 -42.26 -69.16 2.68
N GLN C 549 -41.07 -68.61 2.94
CA GLN C 549 -40.87 -67.17 2.90
C GLN C 549 -40.29 -66.81 1.53
N LEU C 550 -40.85 -65.77 0.90
CA LEU C 550 -40.34 -65.31 -0.40
C LEU C 550 -38.86 -64.98 -0.33
N GLN C 551 -38.13 -65.32 -1.38
CA GLN C 551 -36.69 -65.06 -1.46
C GLN C 551 -36.40 -64.09 -2.61
N MET C 552 -35.56 -63.08 -2.34
CA MET C 552 -35.34 -62.00 -3.32
C MET C 552 -33.88 -61.81 -3.70
N GLY C 553 -33.66 -61.10 -4.81
CA GLY C 553 -32.34 -60.71 -5.25
C GLY C 553 -32.19 -59.21 -5.43
N PHE C 554 -31.09 -58.67 -4.92
CA PHE C 554 -30.80 -57.24 -5.06
C PHE C 554 -29.45 -57.01 -5.73
N GLY C 555 -29.46 -56.17 -6.76
CA GLY C 555 -28.23 -55.79 -7.44
C GLY C 555 -28.02 -54.30 -7.34
N ILE C 556 -26.92 -53.90 -6.72
CA ILE C 556 -26.59 -52.47 -6.61
C ILE C 556 -25.38 -52.06 -7.45
N THR C 557 -25.50 -50.92 -8.12
CA THR C 557 -24.41 -50.37 -8.91
C THR C 557 -24.15 -48.90 -8.56
N VAL C 558 -22.93 -48.60 -8.13
CA VAL C 558 -22.57 -47.24 -7.72
C VAL C 558 -21.66 -46.55 -8.75
N GLN C 559 -21.87 -45.25 -8.92
CA GLN C 559 -20.97 -44.44 -9.72
C GLN C 559 -20.36 -43.34 -8.85
N TYR C 560 -19.04 -43.30 -8.79
CA TYR C 560 -18.35 -42.20 -8.15
C TYR C 560 -18.18 -41.06 -9.14
N GLY C 561 -18.71 -39.89 -8.79
CA GLY C 561 -18.61 -38.73 -9.65
C GLY C 561 -17.36 -37.92 -9.39
N THR C 562 -17.21 -36.84 -10.14
CA THR C 562 -16.08 -35.91 -9.98
C THR C 562 -16.37 -34.93 -8.84
N ASP C 563 -17.51 -34.24 -8.94
CA ASP C 563 -17.94 -33.26 -7.93
C ASP C 563 -19.38 -33.52 -7.47
N THR C 564 -20.08 -34.38 -8.22
CA THR C 564 -21.52 -34.57 -8.05
C THR C 564 -21.91 -35.64 -7.02
N ASN C 565 -20.99 -36.00 -6.12
CA ASN C 565 -21.25 -37.05 -5.11
C ASN C 565 -22.37 -36.71 -4.11
N SER C 566 -23.58 -36.52 -4.64
CA SER C 566 -24.73 -36.08 -3.86
C SER C 566 -25.56 -37.22 -3.26
N VAL C 567 -25.13 -38.46 -3.48
CA VAL C 567 -25.74 -39.61 -2.81
C VAL C 567 -24.83 -40.13 -1.70
N CYS C 568 -25.06 -39.63 -0.49
CA CYS C 568 -24.23 -39.99 0.66
C CYS C 568 -25.09 -40.70 1.71
N PRO C 569 -24.44 -41.39 2.66
CA PRO C 569 -25.26 -41.95 3.76
C PRO C 569 -25.79 -40.85 4.66
N LYS C 570 -26.47 -41.24 5.72
CA LYS C 570 -26.92 -40.32 6.76
C LYS C 570 -26.89 -41.03 8.12
N LEU C 571 -26.64 -40.29 9.19
CA LEU C 571 -26.66 -40.87 10.52
C LEU C 571 -27.36 -39.99 11.54
N LYS C 578 -26.30 -40.00 14.66
CA LYS C 578 -26.93 -38.81 14.08
C LYS C 578 -26.08 -37.56 14.35
N ILE C 579 -24.76 -37.75 14.45
CA ILE C 579 -23.85 -36.65 14.70
C ILE C 579 -23.89 -35.63 13.56
N ALA C 580 -23.95 -36.13 12.33
CA ALA C 580 -24.01 -35.25 11.16
C ALA C 580 -25.25 -34.38 11.24
N SER C 581 -26.04 -34.58 12.29
CA SER C 581 -27.25 -33.81 12.50
C SER C 581 -27.28 -33.29 13.94
N GLN C 582 -28.44 -32.79 14.33
CA GLN C 582 -28.71 -32.31 15.67
C GLN C 582 -28.64 -33.45 16.69
N LEU C 583 -28.26 -33.15 17.94
CA LEU C 583 -27.96 -31.82 18.48
C LEU C 583 -26.50 -31.56 18.67
N GLY C 584 -25.84 -31.15 17.59
CA GLY C 584 -24.50 -30.63 17.68
C GLY C 584 -24.57 -29.17 18.09
N ASN C 585 -24.82 -28.93 19.38
CA ASN C 585 -25.06 -27.60 19.92
C ASN C 585 -23.78 -26.83 20.19
N CYS C 586 -22.66 -27.22 19.59
CA CYS C 586 -21.46 -26.40 19.52
C CYS C 586 -20.85 -26.60 18.14
N VAL C 587 -19.65 -26.04 17.97
CA VAL C 587 -18.79 -26.19 16.81
C VAL C 587 -18.64 -27.67 16.54
N GLU C 588 -18.90 -28.15 15.31
CA GLU C 588 -18.85 -27.46 14.02
C GLU C 588 -20.10 -27.76 13.22
N TYR C 589 -20.33 -27.05 12.13
CA TYR C 589 -21.27 -27.43 11.09
C TYR C 589 -20.54 -27.49 9.75
N SER C 590 -21.19 -28.11 8.77
CA SER C 590 -20.78 -27.98 7.37
C SER C 590 -22.03 -28.13 6.50
N LEU C 591 -22.60 -27.02 6.11
CA LEU C 591 -23.85 -26.98 5.34
C LEU C 591 -23.53 -27.06 3.84
N TYR C 592 -24.50 -26.64 3.01
CA TYR C 592 -24.60 -27.06 1.62
C TYR C 592 -23.38 -26.68 0.78
N GLY C 593 -23.18 -25.40 0.55
CA GLY C 593 -21.99 -24.98 -0.15
C GLY C 593 -21.14 -24.12 0.76
N VAL C 594 -21.53 -24.09 2.02
CA VAL C 594 -20.95 -23.16 2.98
C VAL C 594 -20.31 -23.94 4.11
N SER C 595 -19.14 -23.50 4.52
CA SER C 595 -18.42 -24.09 5.63
C SER C 595 -18.76 -23.27 6.87
N GLY C 596 -18.00 -23.45 7.94
CA GLY C 596 -18.16 -22.58 9.07
C GLY C 596 -18.11 -23.31 10.40
N ARG C 597 -18.04 -22.55 11.49
CA ARG C 597 -17.93 -23.08 12.83
C ARG C 597 -18.85 -22.27 13.73
N GLY C 598 -19.88 -22.90 14.27
CA GLY C 598 -20.88 -22.13 14.98
C GLY C 598 -21.52 -22.89 16.12
N VAL C 599 -22.26 -22.14 16.93
CA VAL C 599 -23.00 -22.70 18.05
C VAL C 599 -24.48 -22.51 17.75
N PHE C 600 -25.15 -23.57 17.30
CA PHE C 600 -26.53 -23.40 16.91
C PHE C 600 -27.41 -23.34 18.15
N GLN C 601 -28.43 -22.50 18.09
CA GLN C 601 -29.42 -22.44 19.16
C GLN C 601 -30.78 -22.32 18.53
N ASN C 602 -31.81 -22.82 19.21
CA ASN C 602 -33.17 -22.62 18.72
C ASN C 602 -33.62 -21.20 19.02
N CYS C 603 -33.43 -20.33 18.04
CA CYS C 603 -33.71 -18.91 18.20
C CYS C 603 -35.03 -18.58 17.49
N THR C 604 -35.38 -17.29 17.43
CA THR C 604 -36.59 -16.83 16.77
C THR C 604 -36.30 -15.46 16.15
N ALA C 605 -37.02 -15.08 15.08
CA ALA C 605 -37.78 -15.90 14.12
C ALA C 605 -37.58 -15.28 12.73
N VAL C 606 -36.45 -14.61 12.56
CA VAL C 606 -36.25 -13.64 11.49
C VAL C 606 -35.61 -14.33 10.28
N GLY C 607 -36.25 -14.23 9.13
CA GLY C 607 -35.63 -14.73 7.92
C GLY C 607 -36.49 -14.57 6.70
N VAL C 608 -36.16 -15.40 5.71
CA VAL C 608 -36.92 -15.52 4.48
C VAL C 608 -37.81 -16.74 4.50
N ARG C 609 -37.24 -17.85 4.99
CA ARG C 609 -37.82 -19.18 5.22
C ARG C 609 -38.10 -20.00 3.97
N GLN C 610 -37.79 -19.47 2.79
CA GLN C 610 -38.02 -20.28 1.60
C GLN C 610 -36.71 -20.70 0.97
N GLN C 611 -35.77 -19.77 0.79
CA GLN C 611 -34.37 -20.15 0.72
C GLN C 611 -33.79 -20.06 2.12
N ARG C 612 -32.65 -20.71 2.32
CA ARG C 612 -32.36 -21.19 3.66
C ARG C 612 -31.02 -20.75 4.24
N PHE C 613 -30.77 -19.46 4.26
CA PHE C 613 -29.77 -18.91 5.17
C PHE C 613 -30.32 -17.62 5.74
N VAL C 614 -29.54 -16.92 6.53
CA VAL C 614 -29.77 -15.50 6.78
C VAL C 614 -28.45 -14.84 7.12
N TYR C 615 -28.13 -13.76 6.45
CA TYR C 615 -26.88 -13.08 6.69
C TYR C 615 -27.17 -11.85 7.51
N ASP C 616 -26.12 -11.18 7.97
CA ASP C 616 -26.27 -9.88 8.61
C ASP C 616 -25.26 -8.93 8.01
N ALA C 617 -25.62 -8.33 6.87
CA ALA C 617 -24.93 -7.21 6.24
C ALA C 617 -23.47 -7.47 5.87
N TYR C 618 -22.99 -8.71 5.99
CA TYR C 618 -21.62 -9.03 5.66
C TYR C 618 -21.61 -10.38 4.97
N GLN C 619 -20.46 -11.02 4.91
CA GLN C 619 -20.40 -12.36 4.36
C GLN C 619 -20.94 -13.39 5.34
N ASN C 620 -20.93 -13.07 6.63
CA ASN C 620 -21.28 -14.05 7.65
C ASN C 620 -22.76 -14.40 7.60
N LEU C 621 -23.11 -15.51 8.24
CA LEU C 621 -24.48 -15.97 8.34
C LEU C 621 -24.83 -16.07 9.81
N VAL C 622 -25.85 -15.34 10.24
CA VAL C 622 -26.26 -15.32 11.65
C VAL C 622 -27.72 -15.76 11.77
N GLY C 623 -28.14 -16.83 11.10
CA GLY C 623 -27.38 -18.05 10.86
C GLY C 623 -28.18 -19.31 10.84
N TYR C 624 -29.50 -19.24 10.99
CA TYR C 624 -30.27 -20.47 11.06
C TYR C 624 -30.39 -21.06 9.65
N TYR C 625 -31.09 -22.20 9.56
CA TYR C 625 -31.23 -22.93 8.30
C TYR C 625 -29.88 -23.40 7.76
N SER C 626 -29.55 -24.64 8.05
CA SER C 626 -30.55 -25.63 7.74
C SER C 626 -30.78 -26.76 8.71
N ASP C 627 -32.00 -26.76 9.23
CA ASP C 627 -32.60 -27.93 9.83
C ASP C 627 -34.08 -27.91 9.46
N ASP C 628 -34.76 -29.01 9.79
CA ASP C 628 -36.00 -29.38 9.13
C ASP C 628 -37.09 -29.63 10.17
N GLY C 629 -37.94 -28.64 10.41
CA GLY C 629 -37.69 -27.28 9.98
C GLY C 629 -37.73 -26.38 11.19
N ASN C 630 -36.57 -25.89 11.61
CA ASN C 630 -36.55 -24.96 12.73
C ASN C 630 -35.62 -23.79 12.52
N TYR C 631 -35.19 -23.20 13.63
CA TYR C 631 -34.40 -21.99 13.59
C TYR C 631 -33.12 -22.20 14.41
N TYR C 632 -32.08 -22.75 13.77
CA TYR C 632 -30.84 -23.00 14.51
C TYR C 632 -29.83 -21.89 14.24
N CYS C 633 -30.02 -20.77 14.93
CA CYS C 633 -29.28 -19.56 14.60
C CYS C 633 -27.83 -19.70 15.04
N LEU C 634 -26.89 -19.35 14.19
CA LEU C 634 -25.54 -19.70 14.54
C LEU C 634 -24.82 -18.47 15.08
N ARG C 635 -23.62 -18.71 15.59
CA ARG C 635 -22.78 -17.66 16.15
C ARG C 635 -21.34 -17.90 15.72
N ALA C 636 -20.49 -16.97 16.10
CA ALA C 636 -19.08 -17.13 15.79
C ALA C 636 -18.44 -18.08 16.79
N CYS C 637 -17.16 -18.38 16.56
CA CYS C 637 -16.46 -19.35 17.38
C CYS C 637 -16.20 -18.81 18.78
N VAL C 638 -16.10 -19.74 19.72
CA VAL C 638 -15.75 -19.42 21.09
C VAL C 638 -14.24 -19.28 21.21
N SER C 639 -13.79 -18.18 21.79
CA SER C 639 -12.36 -17.96 21.97
C SER C 639 -12.16 -17.43 23.38
N VAL C 640 -11.19 -17.97 24.11
CA VAL C 640 -10.91 -17.45 25.45
C VAL C 640 -9.76 -16.45 25.35
N PRO C 641 -10.00 -15.20 25.62
CA PRO C 641 -9.02 -14.17 25.28
C PRO C 641 -7.99 -13.97 26.38
N VAL C 642 -7.00 -14.84 26.37
CA VAL C 642 -6.17 -15.08 27.55
C VAL C 642 -5.13 -13.98 27.67
N SER C 643 -4.41 -13.90 28.78
CA SER C 643 -3.25 -13.00 28.88
C SER C 643 -2.26 -13.56 29.89
N VAL C 644 -1.25 -12.76 30.20
CA VAL C 644 -0.11 -13.15 31.04
C VAL C 644 0.23 -11.98 31.96
N ILE C 645 0.45 -12.25 33.23
CA ILE C 645 0.77 -11.21 34.20
C ILE C 645 2.19 -11.47 34.67
N TYR C 646 3.18 -11.04 33.92
CA TYR C 646 4.47 -11.54 34.27
C TYR C 646 4.78 -11.06 35.65
N ASP C 647 5.56 -10.02 35.71
CA ASP C 647 6.31 -9.70 36.93
C ASP C 647 7.73 -10.24 36.92
N LYS C 648 8.61 -9.64 36.09
CA LYS C 648 9.97 -10.13 35.90
C LYS C 648 10.87 -10.02 37.12
N GLU C 649 10.48 -9.23 38.12
CA GLU C 649 11.32 -9.08 39.31
C GLU C 649 11.36 -10.39 40.10
N THR C 650 10.21 -11.02 40.28
CA THR C 650 10.18 -12.30 40.96
C THR C 650 9.95 -13.46 40.02
N LYS C 651 9.84 -13.20 38.71
CA LYS C 651 9.77 -14.21 37.65
C LYS C 651 8.56 -15.13 37.82
N THR C 652 7.41 -14.56 38.13
CA THR C 652 6.20 -15.33 38.42
C THR C 652 5.07 -14.96 37.46
N HIS C 653 4.89 -15.78 36.42
CA HIS C 653 3.80 -15.57 35.50
C HIS C 653 2.48 -15.97 36.16
N ALA C 654 1.38 -15.50 35.57
CA ALA C 654 0.05 -15.75 36.12
C ALA C 654 -1.02 -15.54 35.07
N THR C 655 -1.53 -16.61 34.49
CA THR C 655 -2.32 -16.53 33.26
C THR C 655 -3.73 -16.03 33.58
N LEU C 656 -4.08 -14.89 33.00
CA LEU C 656 -5.41 -14.31 33.14
C LEU C 656 -6.22 -14.53 31.88
N PHE C 657 -7.46 -14.96 32.05
CA PHE C 657 -8.42 -15.06 30.96
C PHE C 657 -9.20 -13.78 30.84
N GLY C 658 -9.61 -13.46 29.63
CA GLY C 658 -10.41 -12.27 29.43
C GLY C 658 -11.89 -12.52 29.65
N SER C 659 -12.39 -12.07 30.80
CA SER C 659 -13.80 -11.86 31.08
C SER C 659 -14.65 -13.12 31.19
N VAL C 660 -14.09 -14.33 30.97
CA VAL C 660 -14.77 -15.60 31.16
C VAL C 660 -13.80 -16.75 31.36
N ALA C 661 -14.08 -17.66 32.30
CA ALA C 661 -15.13 -17.61 33.33
C ALA C 661 -14.59 -18.30 34.53
N CYS C 662 -15.13 -18.01 35.71
CA CYS C 662 -14.75 -18.79 36.87
C CYS C 662 -15.36 -20.18 36.85
N GLU C 663 -16.40 -20.37 36.04
CA GLU C 663 -17.19 -21.59 36.07
C GLU C 663 -16.99 -22.43 34.81
N HIS C 664 -16.63 -21.80 33.70
CA HIS C 664 -16.64 -22.50 32.43
C HIS C 664 -15.28 -23.09 32.09
N ILE C 665 -14.21 -22.54 32.63
CA ILE C 665 -12.88 -23.03 32.28
C ILE C 665 -12.62 -24.35 32.99
N SER C 666 -11.59 -25.05 32.57
CA SER C 666 -11.02 -26.14 33.33
C SER C 666 -9.51 -25.96 33.33
N SER C 667 -8.85 -26.45 34.36
CA SER C 667 -7.40 -26.28 34.46
C SER C 667 -6.72 -27.15 33.43
N THR C 668 -5.79 -26.56 32.68
CA THR C 668 -5.20 -27.11 31.44
C THR C 668 -6.31 -27.60 30.51
N MET C 669 -7.10 -26.65 30.02
CA MET C 669 -8.38 -26.94 29.38
C MET C 669 -8.21 -27.72 28.09
N SER C 670 -8.92 -28.83 28.00
CA SER C 670 -8.77 -29.79 26.92
C SER C 670 -9.80 -29.63 25.82
N GLN C 671 -10.72 -28.67 25.95
CA GLN C 671 -11.67 -28.39 24.88
C GLN C 671 -11.15 -27.36 23.90
N TYR C 672 -9.97 -26.81 24.12
CA TYR C 672 -9.51 -25.64 23.38
C TYR C 672 -8.17 -25.91 22.72
N SER C 673 -7.88 -25.12 21.68
CA SER C 673 -6.78 -25.45 20.78
C SER C 673 -5.43 -24.96 21.31
N ARG C 674 -5.29 -23.66 21.50
CA ARG C 674 -3.97 -23.04 21.63
C ARG C 674 -3.77 -22.35 22.97
N SER C 675 -2.79 -22.85 23.73
CA SER C 675 -2.40 -22.29 25.03
C SER C 675 -1.96 -20.82 24.99
N THR C 676 -0.93 -20.42 24.19
CA THR C 676 -0.39 -20.94 22.92
C THR C 676 1.04 -21.45 23.03
N ARG C 677 1.39 -22.54 22.36
CA ARG C 677 0.51 -23.39 21.56
C ARG C 677 0.55 -24.80 22.11
N SER C 678 1.77 -25.26 22.39
CA SER C 678 1.98 -26.66 22.76
C SER C 678 1.49 -26.93 24.16
N MET C 679 1.96 -26.15 25.15
CA MET C 679 1.59 -26.40 26.53
C MET C 679 1.13 -25.11 27.21
N LEU C 680 0.29 -25.29 28.22
CA LEU C 680 -0.30 -24.23 29.01
C LEU C 680 0.67 -23.92 30.16
N LYS C 681 0.15 -23.41 31.29
CA LYS C 681 0.84 -23.16 32.56
C LYS C 681 1.81 -22.02 32.38
N PRO C 693 -7.87 -21.61 39.88
CA PRO C 693 -8.72 -20.67 39.13
C PRO C 693 -9.48 -19.73 40.04
N VAL C 694 -9.06 -18.48 40.07
CA VAL C 694 -9.62 -17.47 40.95
C VAL C 694 -10.05 -16.28 40.13
N GLY C 695 -11.30 -15.91 40.28
CA GLY C 695 -11.73 -14.60 39.87
C GLY C 695 -12.41 -13.91 41.02
N CYS C 696 -13.53 -13.25 40.73
CA CYS C 696 -14.12 -13.18 39.40
C CYS C 696 -14.43 -11.73 39.11
N VAL C 697 -13.60 -10.82 39.64
CA VAL C 697 -13.90 -9.40 39.54
C VAL C 697 -13.74 -8.91 38.12
N LEU C 698 -12.66 -9.30 37.48
CA LEU C 698 -12.48 -9.01 36.07
C LEU C 698 -12.94 -10.21 35.24
N GLY C 699 -12.18 -11.27 35.34
CA GLY C 699 -12.35 -12.44 34.50
C GLY C 699 -11.82 -13.58 35.32
N LEU C 700 -11.41 -14.66 34.70
CA LEU C 700 -10.79 -15.73 35.47
C LEU C 700 -9.29 -15.64 35.37
N VAL C 701 -8.63 -15.89 36.50
CA VAL C 701 -7.18 -15.90 36.57
C VAL C 701 -6.76 -17.27 37.08
N ASN C 702 -5.64 -17.77 36.59
CA ASN C 702 -4.99 -18.93 37.17
C ASN C 702 -3.95 -18.49 38.19
N SER C 703 -4.40 -17.70 39.17
CA SER C 703 -3.51 -17.16 40.18
C SER C 703 -4.30 -16.82 41.43
N SER C 704 -3.86 -17.37 42.54
CA SER C 704 -4.32 -17.05 43.88
C SER C 704 -3.71 -15.71 44.25
N LEU C 705 -4.45 -14.84 44.94
CA LEU C 705 -5.61 -15.08 45.81
C LEU C 705 -6.66 -13.98 45.81
N PHE C 706 -7.75 -14.23 46.54
CA PHE C 706 -8.81 -13.25 46.66
C PHE C 706 -8.35 -12.08 47.53
N VAL C 707 -8.98 -10.93 47.33
CA VAL C 707 -8.72 -9.67 48.03
C VAL C 707 -8.82 -9.84 49.55
N GLU C 708 -7.75 -9.58 50.33
CA GLU C 708 -6.42 -8.91 50.14
C GLU C 708 -6.54 -7.46 49.65
N ASP C 709 -6.97 -6.62 50.58
CA ASP C 709 -7.04 -5.18 50.39
C ASP C 709 -6.17 -4.50 51.45
N CYS C 710 -5.60 -3.32 51.14
CA CYS C 710 -5.62 -2.61 49.87
C CYS C 710 -4.25 -1.93 49.66
N LYS C 711 -3.60 -2.16 48.52
CA LYS C 711 -2.22 -1.75 48.35
C LYS C 711 -1.81 -1.76 46.88
N LEU C 712 -0.84 -0.92 46.52
CA LEU C 712 -0.48 0.31 47.28
C LEU C 712 -1.23 1.61 46.94
N PRO C 713 -1.49 1.95 45.64
CA PRO C 713 -1.44 1.36 44.29
C PRO C 713 -0.27 1.71 43.36
N LEU C 714 0.14 0.73 42.56
CA LEU C 714 1.23 0.90 41.61
C LEU C 714 1.14 -0.22 40.57
N GLY C 715 2.01 -0.15 39.57
CA GLY C 715 2.20 -1.23 38.62
C GLY C 715 2.59 -2.53 39.31
N GLN C 716 2.45 -3.64 38.59
CA GLN C 716 2.18 -3.69 37.16
C GLN C 716 0.71 -3.70 36.76
N SER C 717 -0.16 -3.46 37.75
CA SER C 717 -1.42 -2.74 37.57
C SER C 717 -2.32 -3.30 36.49
N LEU C 718 -2.85 -4.49 36.72
CA LEU C 718 -3.75 -5.15 35.80
C LEU C 718 -5.09 -4.43 35.77
N CYS C 719 -6.06 -5.07 35.11
CA CYS C 719 -7.31 -4.53 34.63
C CYS C 719 -8.28 -4.31 35.77
N ALA C 720 -9.59 -4.27 35.49
CA ALA C 720 -10.56 -3.28 35.96
C ALA C 720 -10.24 -2.71 37.34
N LEU C 721 -10.24 -3.48 38.42
CA LEU C 721 -9.37 -3.12 39.55
C LEU C 721 -8.72 -4.25 40.35
N PRO C 722 -8.18 -5.33 39.79
CA PRO C 722 -7.09 -5.98 40.50
C PRO C 722 -5.74 -5.30 40.31
N ASP C 723 -5.18 -4.77 41.40
CA ASP C 723 -3.91 -4.04 41.35
C ASP C 723 -2.70 -4.96 41.49
N THR C 724 -2.93 -6.26 41.81
CA THR C 724 -2.06 -7.44 41.77
C THR C 724 -0.58 -7.29 42.12
N PRO C 725 -0.22 -7.08 43.39
CA PRO C 725 1.21 -7.06 43.75
C PRO C 725 1.80 -8.46 43.74
N SER C 726 3.10 -8.55 43.96
CA SER C 726 3.82 -9.82 43.91
C SER C 726 4.85 -9.82 45.04
N THR C 727 5.06 -10.98 45.68
CA THR C 727 4.50 -12.28 45.34
C THR C 727 3.23 -12.59 46.10
N MET C 740 0.41 -14.09 41.19
CA MET C 740 0.58 -14.52 42.57
C MET C 740 0.20 -13.38 43.50
N ARG C 741 -0.75 -13.65 44.38
CA ARG C 741 -1.30 -12.71 45.35
C ARG C 741 -1.88 -11.50 44.63
N LEU C 742 -2.96 -11.76 43.90
CA LEU C 742 -3.58 -10.78 43.04
C LEU C 742 -4.42 -9.80 43.84
N ALA C 743 -5.14 -8.99 43.07
CA ALA C 743 -6.42 -8.42 43.45
C ALA C 743 -6.38 -7.55 44.67
N SER C 744 -5.65 -6.45 44.62
CA SER C 744 -5.79 -5.42 45.62
C SER C 744 -6.57 -4.28 44.98
N ILE C 745 -7.27 -3.52 45.81
CA ILE C 745 -8.08 -2.41 45.30
C ILE C 745 -7.74 -1.18 46.13
N ALA C 746 -6.73 -0.41 45.71
CA ALA C 746 -6.04 0.49 46.65
C ALA C 746 -6.44 1.95 46.45
N PHE C 747 -7.70 2.26 46.71
CA PHE C 747 -8.17 3.59 46.30
C PHE C 747 -9.14 4.15 47.33
N ASN C 748 -9.06 5.46 47.58
CA ASN C 748 -8.21 6.39 46.83
C ASN C 748 -6.91 6.78 47.62
N HIS C 749 -6.90 7.37 48.83
CA HIS C 749 -8.02 7.89 49.62
C HIS C 749 -7.64 9.25 50.21
N PRO C 750 -8.38 10.29 49.86
CA PRO C 750 -8.04 11.64 50.30
C PRO C 750 -8.38 11.87 51.75
N ILE C 751 -7.60 12.74 52.39
CA ILE C 751 -7.78 13.00 53.81
C ILE C 751 -8.97 13.94 53.99
N GLN C 752 -10.14 13.35 54.19
CA GLN C 752 -11.38 14.09 54.04
C GLN C 752 -11.63 14.94 55.26
N VAL C 753 -11.46 16.25 55.11
CA VAL C 753 -11.92 17.18 56.13
C VAL C 753 -13.45 17.13 56.14
N ASP C 754 -14.02 17.29 57.32
CA ASP C 754 -15.46 17.18 57.49
C ASP C 754 -16.08 18.56 57.49
N GLN C 755 -17.29 18.67 56.96
CA GLN C 755 -17.95 19.96 56.83
C GLN C 755 -18.73 20.29 58.09
N LEU C 756 -18.47 21.45 58.65
CA LEU C 756 -19.20 21.85 59.84
C LEU C 756 -20.52 22.51 59.42
N ASN C 757 -21.37 22.79 60.41
CA ASN C 757 -22.71 23.30 60.15
C ASN C 757 -22.97 24.80 60.30
N SER C 758 -22.41 25.43 61.33
CA SER C 758 -22.76 26.82 61.64
C SER C 758 -21.80 27.78 60.95
N SER C 759 -21.76 29.03 61.44
CA SER C 759 -20.94 30.12 60.92
C SER C 759 -19.44 29.84 60.79
N TYR C 760 -18.97 28.84 61.53
CA TYR C 760 -17.60 28.38 61.44
C TYR C 760 -17.50 27.27 60.42
N PHE C 761 -16.33 27.12 59.77
CA PHE C 761 -16.17 26.05 58.81
C PHE C 761 -14.73 25.55 58.81
N LYS C 762 -14.56 24.24 58.98
CA LYS C 762 -13.25 23.64 59.19
C LYS C 762 -12.40 23.74 57.95
N LEU C 763 -11.10 23.59 58.14
CA LEU C 763 -10.17 23.79 57.05
C LEU C 763 -8.91 23.00 57.33
N SER C 764 -8.30 22.47 56.29
CA SER C 764 -7.19 21.56 56.50
C SER C 764 -5.80 22.13 56.22
N ILE C 765 -5.32 23.12 56.98
CA ILE C 765 -3.98 23.63 56.74
C ILE C 765 -2.90 22.69 57.21
N PRO C 766 -1.80 22.62 56.51
CA PRO C 766 -0.69 21.74 56.91
C PRO C 766 0.34 22.33 57.83
N THR C 767 1.43 21.57 58.04
CA THR C 767 2.49 21.98 58.94
C THR C 767 3.89 21.92 58.32
N ASN C 768 4.15 20.97 57.43
CA ASN C 768 5.49 20.78 56.85
C ASN C 768 5.66 21.18 55.38
N PHE C 769 6.79 21.78 55.02
CA PHE C 769 7.07 22.16 53.64
C PHE C 769 7.25 20.96 52.72
N SER C 770 8.35 20.22 52.91
CA SER C 770 8.75 19.06 52.15
C SER C 770 8.76 19.29 50.64
N PHE C 771 9.70 20.07 50.14
CA PHE C 771 9.68 20.50 48.75
C PHE C 771 9.98 19.38 47.78
N GLY C 772 9.86 19.71 46.51
CA GLY C 772 10.80 19.26 45.51
C GLY C 772 10.64 17.95 44.84
N VAL C 773 10.70 17.98 43.52
CA VAL C 773 10.58 16.83 42.65
C VAL C 773 11.34 17.10 41.38
N THR C 774 11.82 16.06 40.70
CA THR C 774 12.15 16.22 39.30
C THR C 774 10.88 16.02 38.49
N GLN C 775 10.78 16.67 37.36
CA GLN C 775 9.54 16.63 36.60
C GLN C 775 9.84 16.53 35.13
N GLU C 776 8.88 16.85 34.27
CA GLU C 776 8.81 16.17 32.99
C GLU C 776 9.61 16.85 31.89
N TYR C 777 10.04 16.02 30.95
CA TYR C 777 10.68 16.29 29.69
C TYR C 777 9.68 16.76 28.66
N ILE C 778 10.04 17.69 27.78
CA ILE C 778 9.06 18.36 26.92
C ILE C 778 9.45 18.42 25.46
N GLN C 779 10.49 17.68 25.10
CA GLN C 779 10.72 17.06 23.80
C GLN C 779 11.05 17.91 22.59
N THR C 780 10.54 19.12 22.47
CA THR C 780 11.07 20.25 21.69
C THR C 780 11.49 20.04 20.22
N THR C 781 11.87 18.84 19.79
CA THR C 781 12.56 18.62 18.52
C THR C 781 12.43 17.19 18.06
N ILE C 782 13.14 16.89 16.99
CA ILE C 782 13.48 15.54 16.62
C ILE C 782 15.00 15.48 16.48
N GLN C 783 15.50 14.33 16.08
CA GLN C 783 16.79 14.26 15.44
C GLN C 783 16.57 14.50 13.95
N LYS C 784 17.45 15.28 13.34
CA LYS C 784 17.08 16.01 12.13
C LYS C 784 17.33 15.22 10.86
N VAL C 785 17.26 13.90 10.95
CA VAL C 785 17.69 12.94 9.93
C VAL C 785 17.14 13.21 8.54
N THR C 786 18.03 13.25 7.55
CA THR C 786 17.64 13.37 6.16
C THR C 786 18.17 12.19 5.39
N VAL C 787 17.34 11.59 4.58
CA VAL C 787 17.75 10.47 3.76
C VAL C 787 18.27 11.04 2.45
N ASP C 788 19.34 10.46 1.95
CA ASP C 788 19.90 10.86 0.67
C ASP C 788 19.48 9.85 -0.40
N CYS C 789 18.20 9.92 -0.73
CA CYS C 789 17.62 9.08 -1.78
C CYS C 789 18.27 9.41 -3.13
N LYS C 790 18.09 8.46 -4.07
CA LYS C 790 18.82 8.23 -5.34
C LYS C 790 20.17 7.58 -5.05
N GLN C 791 20.55 7.45 -3.76
CA GLN C 791 21.59 6.55 -3.31
C GLN C 791 21.28 5.82 -2.01
N TYR C 792 20.08 5.99 -1.45
CA TYR C 792 19.63 5.02 -0.46
C TYR C 792 19.01 3.84 -1.18
N VAL C 793 17.85 4.06 -1.79
CA VAL C 793 17.54 3.41 -3.03
C VAL C 793 18.35 4.18 -4.05
N CYS C 794 19.19 3.52 -4.84
CA CYS C 794 19.61 2.15 -4.73
C CYS C 794 20.95 2.21 -4.07
N ASN C 795 21.69 1.11 -4.05
CA ASN C 795 22.94 1.09 -3.32
C ASN C 795 24.06 1.81 -4.07
N GLY C 796 23.79 2.24 -5.30
CA GLY C 796 24.78 2.93 -6.09
C GLY C 796 25.09 2.18 -7.36
N PHE C 797 24.13 1.42 -7.85
CA PHE C 797 24.33 0.58 -9.02
C PHE C 797 23.54 1.15 -10.19
N GLN C 798 24.22 1.22 -11.34
CA GLN C 798 23.84 2.17 -12.40
C GLN C 798 22.50 1.82 -13.04
N LYS C 799 22.23 0.52 -13.23
CA LYS C 799 20.93 0.12 -13.75
C LYS C 799 19.83 0.48 -12.78
N CYS C 800 20.10 0.31 -11.49
CA CYS C 800 19.12 0.65 -10.47
C CYS C 800 18.98 2.16 -10.34
N GLU C 801 20.06 2.88 -10.62
CA GLU C 801 20.02 4.33 -10.66
C GLU C 801 19.17 4.84 -11.82
N GLN C 802 19.21 4.14 -12.96
CA GLN C 802 18.37 4.53 -14.09
C GLN C 802 16.90 4.23 -13.81
N LEU C 803 16.64 3.10 -13.14
CA LEU C 803 15.28 2.77 -12.75
C LEU C 803 14.78 3.73 -11.67
N LEU C 804 15.69 4.40 -10.96
CA LEU C 804 15.31 5.54 -10.13
C LEU C 804 15.01 6.77 -10.97
N ARG C 805 15.77 6.94 -12.04
CA ARG C 805 15.54 8.06 -12.92
C ARG C 805 14.07 8.02 -13.22
N GLU C 806 13.59 6.87 -13.70
CA GLU C 806 12.18 6.80 -14.02
C GLU C 806 11.31 7.41 -12.92
N TYR C 807 11.73 7.26 -11.66
CA TYR C 807 11.01 7.81 -10.51
C TYR C 807 11.67 9.07 -9.99
N GLY C 808 12.24 9.89 -10.87
CA GLY C 808 12.95 11.08 -10.46
C GLY C 808 12.08 12.18 -9.84
N GLN C 809 10.76 12.04 -9.90
CA GLN C 809 9.90 13.00 -9.21
C GLN C 809 9.81 12.68 -7.72
N PHE C 810 9.65 11.39 -7.40
CA PHE C 810 9.36 10.97 -6.04
C PHE C 810 10.52 11.25 -5.11
N CYS C 811 11.75 11.03 -5.57
CA CYS C 811 12.92 11.26 -4.74
C CYS C 811 13.08 12.74 -4.44
N SER C 812 12.78 13.58 -5.42
CA SER C 812 12.83 15.02 -5.23
C SER C 812 11.80 15.46 -4.21
N LYS C 813 10.65 14.80 -4.19
CA LYS C 813 9.64 15.15 -3.20
C LYS C 813 10.00 14.62 -1.82
N ILE C 814 10.79 13.54 -1.77
CA ILE C 814 11.27 13.04 -0.49
C ILE C 814 12.22 14.03 0.15
N ASN C 815 13.30 14.37 -0.56
CA ASN C 815 14.33 15.19 0.06
C ASN C 815 13.86 16.63 0.19
N GLN C 816 12.96 17.04 -0.70
CA GLN C 816 12.28 18.33 -0.54
C GLN C 816 11.45 18.33 0.75
N ALA C 817 10.77 17.22 1.02
CA ALA C 817 9.90 17.15 2.19
C ALA C 817 10.69 17.13 3.48
N LEU C 818 11.81 16.40 3.50
CA LEU C 818 12.62 16.37 4.71
C LEU C 818 13.35 17.67 4.94
N HIS C 819 13.81 18.33 3.87
CA HIS C 819 14.46 19.62 4.07
C HIS C 819 13.47 20.66 4.57
N GLY C 820 12.22 20.56 4.14
CA GLY C 820 11.19 21.40 4.72
C GLY C 820 10.93 21.07 6.18
N ALA C 821 11.00 19.77 6.52
CA ALA C 821 10.77 19.35 7.90
C ALA C 821 11.86 19.86 8.81
N ASN C 822 13.10 19.90 8.30
CA ASN C 822 14.21 20.38 9.12
C ASN C 822 14.19 21.88 9.24
N LEU C 823 13.67 22.58 8.24
CA LEU C 823 13.57 24.03 8.42
C LEU C 823 12.47 24.39 9.40
N ARG C 824 11.40 23.62 9.43
CA ARG C 824 10.36 23.88 10.43
C ARG C 824 10.85 23.55 11.82
N GLN C 825 11.56 22.44 11.96
CA GLN C 825 12.11 22.07 13.24
C GLN C 825 13.19 23.04 13.69
N ASP C 826 14.05 23.45 12.76
CA ASP C 826 15.09 24.40 13.07
C ASP C 826 14.54 25.76 13.43
N ASP C 827 13.42 26.13 12.84
CA ASP C 827 12.80 27.38 13.28
C ASP C 827 12.10 27.19 14.62
N SER C 828 11.77 25.95 14.97
CA SER C 828 11.27 25.72 16.32
C SER C 828 12.38 25.82 17.35
N VAL C 829 13.59 25.40 16.99
CA VAL C 829 14.73 25.53 17.89
C VAL C 829 15.11 26.99 18.03
N ARG C 830 15.27 27.68 16.91
CA ARG C 830 15.64 29.09 16.89
C ARG C 830 14.60 29.95 17.57
N ASN C 831 13.33 29.74 17.27
CA ASN C 831 12.28 30.55 17.86
C ASN C 831 12.11 30.20 19.32
N LEU C 832 12.43 28.96 19.68
CA LEU C 832 12.37 28.58 21.08
C LEU C 832 13.43 29.33 21.87
N PHE C 833 14.68 29.32 21.43
CA PHE C 833 15.72 29.92 22.25
C PHE C 833 15.69 31.44 22.17
N ALA C 834 15.21 31.97 21.06
CA ALA C 834 14.99 33.41 21.00
C ALA C 834 13.82 33.82 21.89
N SER C 835 12.91 32.89 22.16
CA SER C 835 11.97 33.11 23.24
C SER C 835 12.43 32.52 24.56
N VAL C 836 13.68 32.11 24.65
CA VAL C 836 14.24 31.76 25.95
C VAL C 836 14.97 32.96 26.55
N LYS C 837 16.02 33.45 25.89
CA LYS C 837 16.98 34.22 26.70
C LYS C 837 16.55 35.68 26.88
N SER C 838 16.68 36.49 25.85
CA SER C 838 16.33 37.90 25.66
C SER C 838 16.91 38.91 26.67
N SER C 839 17.19 38.48 27.90
CA SER C 839 17.46 39.31 29.07
C SER C 839 17.49 38.46 30.33
N GLN C 840 18.14 38.86 31.44
CA GLN C 840 19.46 39.45 31.60
C GLN C 840 20.04 38.64 32.74
N SER C 841 21.26 38.12 32.62
CA SER C 841 21.73 37.16 33.60
C SER C 841 22.29 37.84 34.85
N SER C 842 22.76 37.01 35.78
CA SER C 842 23.20 37.52 37.09
C SER C 842 24.64 38.00 37.13
N PRO C 843 25.64 37.34 36.49
CA PRO C 843 25.86 36.10 35.74
C PRO C 843 26.16 34.91 36.62
N ILE C 844 26.61 33.83 35.99
CA ILE C 844 26.90 32.57 36.67
C ILE C 844 28.14 32.70 37.54
N ILE C 845 27.91 32.78 38.84
CA ILE C 845 28.97 32.87 39.85
C ILE C 845 28.78 31.58 40.65
N PRO C 846 29.84 30.94 41.15
CA PRO C 846 29.66 29.72 41.96
C PRO C 846 28.77 29.81 43.19
N GLY C 847 28.50 31.01 43.69
CA GLY C 847 27.48 31.13 44.71
C GLY C 847 26.20 31.72 44.15
N PHE C 848 25.18 30.89 43.95
CA PHE C 848 23.88 31.42 43.56
C PHE C 848 23.10 31.88 44.77
N GLY C 849 22.70 30.94 45.62
CA GLY C 849 21.85 31.25 46.76
C GLY C 849 22.46 30.74 48.05
N GLY C 850 22.36 31.57 49.08
CA GLY C 850 22.96 31.25 50.36
C GLY C 850 21.94 30.87 51.42
N ASP C 851 21.89 29.59 51.80
CA ASP C 851 22.70 28.54 51.20
C ASP C 851 21.83 27.52 50.51
N PHE C 852 21.62 27.69 49.21
CA PHE C 852 20.91 26.70 48.42
C PHE C 852 21.95 26.08 47.50
N ASN C 853 22.38 24.86 47.82
CA ASN C 853 23.36 24.16 47.00
C ASN C 853 22.73 23.84 45.67
N LEU C 854 23.09 24.60 44.65
CA LEU C 854 22.58 24.39 43.31
C LEU C 854 23.59 23.60 42.49
N THR C 855 23.15 22.46 42.01
CA THR C 855 23.90 21.59 41.12
C THR C 855 23.92 22.15 39.71
N LEU C 856 23.05 23.09 39.43
CA LEU C 856 22.81 23.57 38.08
C LEU C 856 23.89 24.55 37.60
N LEU C 857 24.83 24.90 38.48
CA LEU C 857 26.05 25.61 38.13
C LEU C 857 26.81 24.91 37.01
N GLU C 858 27.43 25.70 36.15
CA GLU C 858 28.34 25.09 35.19
C GLU C 858 29.73 24.95 35.81
N PRO C 859 30.33 23.76 35.77
CA PRO C 859 31.65 23.61 36.40
C PRO C 859 32.78 24.27 35.63
N VAL C 860 32.75 24.20 34.30
CA VAL C 860 33.78 24.71 33.38
C VAL C 860 35.18 24.22 33.72
N ALA C 869 28.89 25.45 29.39
CA ALA C 869 29.58 24.18 29.19
C ALA C 869 28.93 23.05 29.96
N ARG C 870 27.61 22.88 29.77
CA ARG C 870 26.88 21.65 30.10
C ARG C 870 26.96 21.27 31.59
N SER C 871 26.13 21.91 32.40
CA SER C 871 26.14 21.78 33.86
C SER C 871 25.97 20.35 34.37
N ALA C 872 26.06 20.21 35.70
CA ALA C 872 26.21 18.92 36.36
C ALA C 872 24.98 18.03 36.26
N ILE C 873 23.79 18.57 36.54
CA ILE C 873 22.57 17.78 36.37
C ILE C 873 22.36 17.44 34.90
N GLU C 874 22.68 18.39 34.02
CA GLU C 874 22.68 18.12 32.59
C GLU C 874 23.71 17.06 32.23
N ASP C 875 24.82 17.00 32.97
CA ASP C 875 25.76 15.91 32.78
C ASP C 875 25.20 14.58 33.24
N LEU C 876 24.37 14.59 34.27
CA LEU C 876 23.77 13.33 34.72
C LEU C 876 22.76 12.81 33.70
N LEU C 877 21.91 13.70 33.19
CA LEU C 877 20.92 13.24 32.24
C LEU C 877 21.45 13.24 30.82
N PHE C 878 22.73 13.49 30.61
CA PHE C 878 23.35 13.08 29.37
C PHE C 878 24.22 11.84 29.50
N ASP C 879 24.71 11.55 30.70
CA ASP C 879 25.49 10.31 30.84
C ASP C 879 24.57 9.11 30.98
N LYS C 880 23.48 9.25 31.72
CA LYS C 880 22.62 8.10 31.99
C LYS C 880 21.75 7.74 30.80
N VAL C 881 21.46 8.68 29.93
CA VAL C 881 20.76 8.39 28.69
C VAL C 881 21.72 7.71 27.73
N THR C 882 21.27 6.64 27.08
CA THR C 882 22.11 5.81 26.22
C THR C 882 21.96 6.26 24.77
N ILE C 883 22.94 7.02 24.28
CA ILE C 883 23.02 7.43 22.89
C ILE C 883 24.27 6.80 22.30
N ALA C 884 24.12 6.10 21.19
CA ALA C 884 25.30 5.52 20.52
C ALA C 884 25.95 6.53 19.59
N ASP C 885 25.18 7.52 19.15
CA ASP C 885 25.58 8.67 18.36
C ASP C 885 26.35 9.66 19.24
N PRO C 886 26.87 10.81 18.73
CA PRO C 886 27.06 11.40 17.40
C PRO C 886 28.49 11.48 16.94
N GLY C 887 28.68 11.84 15.68
CA GLY C 887 30.01 12.01 15.15
C GLY C 887 30.21 13.34 14.47
N TYR C 888 31.13 14.17 14.99
CA TYR C 888 31.45 15.45 14.39
C TYR C 888 32.98 15.57 14.33
N MET C 889 33.57 15.04 13.24
CA MET C 889 35.00 14.93 12.98
C MET C 889 35.82 14.15 14.00
N GLN C 890 35.16 13.42 14.92
CA GLN C 890 35.86 12.42 15.71
C GLN C 890 35.10 11.10 15.74
N GLY C 891 33.78 11.15 15.50
CA GLY C 891 32.97 9.96 15.60
C GLY C 891 32.82 9.20 14.30
N TYR C 892 32.93 9.90 13.17
CA TYR C 892 33.04 9.22 11.88
C TYR C 892 34.31 8.39 11.82
N ASP C 893 35.44 9.03 12.11
CA ASP C 893 36.72 8.35 12.12
C ASP C 893 36.77 7.34 13.25
N ASP C 894 36.12 7.67 14.37
CA ASP C 894 36.11 6.78 15.53
C ASP C 894 35.30 5.53 15.26
N CYS C 895 34.26 5.64 14.44
CA CYS C 895 33.52 4.45 14.03
C CYS C 895 34.24 3.76 12.87
N MET C 896 35.06 4.50 12.13
CA MET C 896 35.87 3.92 11.07
C MET C 896 36.99 3.06 11.65
N GLN C 897 37.42 3.38 12.88
CA GLN C 897 38.42 2.58 13.56
C GLN C 897 37.88 1.22 13.97
N GLN C 898 36.56 1.09 14.03
CA GLN C 898 35.93 -0.16 14.43
C GLN C 898 36.06 -1.23 13.36
N ILE C 907 23.69 5.46 14.23
CA ILE C 907 25.04 4.96 14.34
C ILE C 907 25.72 5.04 13.00
N CYS C 908 25.18 4.29 12.05
CA CYS C 908 25.64 4.31 10.66
C CYS C 908 24.84 5.29 9.83
N ALA C 909 24.71 6.51 10.35
CA ALA C 909 24.22 7.65 9.59
C ALA C 909 25.23 8.13 8.58
N GLN C 910 26.47 7.66 8.68
CA GLN C 910 27.59 8.14 7.89
C GLN C 910 28.28 6.98 7.19
N TYR C 911 27.59 5.85 7.08
CA TYR C 911 28.18 4.67 6.48
C TYR C 911 27.25 4.02 5.48
N VAL C 912 25.94 4.03 5.72
CA VAL C 912 25.06 3.59 4.66
C VAL C 912 24.97 4.66 3.59
N ALA C 913 24.52 5.85 3.97
CA ALA C 913 24.42 7.06 3.16
C ALA C 913 23.81 6.90 1.76
N GLY C 914 22.51 6.58 1.65
CA GLY C 914 21.58 6.30 2.73
C GLY C 914 21.08 7.50 3.52
N TYR C 915 20.64 7.20 4.74
CA TYR C 915 20.21 8.20 5.69
C TYR C 915 21.42 8.93 6.25
N LYS C 916 21.18 10.09 6.87
CA LYS C 916 22.24 10.95 7.37
C LYS C 916 21.66 11.93 8.36
N VAL C 917 22.25 12.00 9.54
CA VAL C 917 21.76 12.84 10.62
C VAL C 917 22.43 14.20 10.53
N LEU C 918 21.64 15.26 10.53
CA LEU C 918 22.24 16.58 10.54
C LEU C 918 22.47 17.06 11.97
N PRO C 919 23.44 17.93 12.19
CA PRO C 919 23.72 18.46 13.53
C PRO C 919 22.66 19.44 14.01
N PRO C 920 22.48 19.59 15.32
CA PRO C 920 21.31 20.29 15.83
C PRO C 920 21.45 21.80 15.96
N LEU C 921 22.00 22.49 14.96
CA LEU C 921 21.96 23.95 14.80
C LEU C 921 22.73 24.73 15.86
N MET C 922 23.07 24.09 16.95
CA MET C 922 23.65 24.77 18.09
C MET C 922 24.66 23.85 18.75
N ASP C 923 25.82 24.39 19.05
CA ASP C 923 26.80 23.61 19.78
C ASP C 923 26.37 23.58 21.24
N VAL C 924 26.82 22.54 21.92
CA VAL C 924 26.29 22.19 23.23
C VAL C 924 26.69 23.24 24.25
N ASN C 925 27.85 23.86 24.04
CA ASN C 925 28.27 24.96 24.88
C ASN C 925 27.34 26.16 24.74
N MET C 926 26.65 26.27 23.61
CA MET C 926 25.85 27.46 23.39
C MET C 926 24.41 27.26 23.86
N GLU C 927 23.85 26.06 23.67
CA GLU C 927 22.59 25.73 24.35
C GLU C 927 22.77 25.80 25.84
N ALA C 928 23.94 25.38 26.31
CA ALA C 928 24.34 25.59 27.69
C ALA C 928 24.43 27.06 28.03
N ALA C 929 24.79 27.90 27.05
CA ALA C 929 24.84 29.32 27.33
C ALA C 929 23.45 29.92 27.47
N TYR C 930 22.50 29.48 26.64
CA TYR C 930 21.12 29.94 26.76
C TYR C 930 20.55 29.58 28.11
N THR C 931 20.66 28.30 28.48
CA THR C 931 20.01 27.86 29.71
C THR C 931 20.78 28.32 30.93
N SER C 932 22.04 28.68 30.76
CA SER C 932 22.79 29.19 31.91
C SER C 932 22.45 30.65 32.14
N SER C 933 22.26 31.43 31.08
CA SER C 933 21.73 32.76 31.29
C SER C 933 20.28 32.71 31.74
N LEU C 934 19.59 31.61 31.42
CA LEU C 934 18.24 31.42 31.93
C LEU C 934 18.25 31.15 33.43
N LEU C 935 19.23 30.36 33.89
CA LEU C 935 19.42 30.17 35.32
C LEU C 935 19.86 31.46 36.00
N GLY C 936 20.57 32.32 35.27
CA GLY C 936 20.87 33.63 35.80
C GLY C 936 19.61 34.46 35.98
N SER C 937 18.71 34.37 35.01
CA SER C 937 17.50 35.18 35.05
C SER C 937 16.40 34.56 35.89
N ILE C 938 16.62 33.37 36.46
CA ILE C 938 15.66 32.76 37.38
C ILE C 938 15.38 33.67 38.56
N ALA C 939 16.43 34.22 39.16
CA ALA C 939 16.26 34.95 40.40
C ALA C 939 15.62 36.31 40.16
N GLY C 940 16.22 37.11 39.30
CA GLY C 940 15.73 38.46 39.10
C GLY C 940 14.46 38.49 38.29
N VAL C 941 14.37 37.64 37.28
CA VAL C 941 13.15 37.61 36.47
C VAL C 941 12.01 37.00 37.26
N GLY C 942 12.30 36.05 38.12
CA GLY C 942 11.29 35.56 39.04
C GLY C 942 11.01 36.51 40.18
N TRP C 943 10.50 37.70 39.86
CA TRP C 943 10.22 38.71 40.86
C TRP C 943 8.85 39.43 40.79
N THR C 944 8.28 39.85 39.61
CA THR C 944 8.85 39.86 38.26
C THR C 944 9.50 41.22 37.82
N ALA C 945 8.88 42.42 37.88
CA ALA C 945 7.47 42.75 37.97
C ALA C 945 6.92 42.93 36.53
N GLY C 946 7.74 42.52 35.55
CA GLY C 946 7.43 42.57 34.13
C GLY C 946 8.43 41.78 33.31
N LEU C 947 7.97 41.07 32.27
CA LEU C 947 8.84 40.18 31.52
C LEU C 947 9.15 40.75 30.15
N SER C 948 10.37 41.25 29.93
CA SER C 948 11.49 41.20 30.87
C SER C 948 12.27 42.50 30.83
N SER C 949 12.32 43.17 31.98
CA SER C 949 12.95 44.46 32.09
C SER C 949 13.68 44.59 33.42
N PHE C 950 14.35 43.52 33.85
CA PHE C 950 14.80 43.29 35.22
C PHE C 950 15.82 42.14 35.21
N ALA C 951 16.41 41.71 36.34
CA ALA C 951 16.90 42.43 37.52
C ALA C 951 18.08 41.59 37.94
N ALA C 952 18.60 41.87 39.14
CA ALA C 952 19.70 41.15 39.77
C ALA C 952 19.43 41.10 41.27
N ILE C 953 18.78 40.04 41.70
CA ILE C 953 18.38 39.82 43.08
C ILE C 953 18.95 38.46 43.44
N PRO C 954 19.43 38.21 44.66
CA PRO C 954 20.08 36.94 44.95
C PRO C 954 19.03 35.84 44.97
N PHE C 955 19.49 34.61 44.75
CA PHE C 955 18.56 33.52 44.52
C PHE C 955 17.79 33.16 45.78
N ALA C 956 18.40 33.33 46.95
CA ALA C 956 17.74 33.05 48.21
C ALA C 956 16.52 33.94 48.40
N GLN C 957 16.69 35.24 48.20
CA GLN C 957 15.56 36.16 48.31
C GLN C 957 14.55 35.93 47.21
N SER C 958 14.97 35.37 46.08
CA SER C 958 14.02 35.02 45.04
C SER C 958 13.15 33.86 45.47
N ILE C 959 13.65 32.98 46.33
CA ILE C 959 12.79 31.87 46.74
C ILE C 959 12.05 32.23 48.02
N PHE C 960 12.44 33.31 48.68
CA PHE C 960 11.59 33.77 49.77
C PHE C 960 10.46 34.62 49.27
N TYR C 961 10.61 35.25 48.09
CA TYR C 961 9.45 35.91 47.50
C TYR C 961 8.60 34.93 46.68
N ARG C 962 9.24 34.04 45.92
CA ARG C 962 8.50 32.98 45.25
C ARG C 962 7.79 32.08 46.25
N LEU C 963 8.38 31.89 47.43
CA LEU C 963 7.76 31.11 48.48
C LEU C 963 6.75 31.94 49.24
N ASN C 964 6.97 33.24 49.31
CA ASN C 964 6.00 34.11 49.96
C ASN C 964 4.74 34.21 49.12
N GLY C 965 4.85 33.93 47.83
CA GLY C 965 3.75 34.18 46.92
C GLY C 965 2.61 33.20 47.06
N VAL C 966 2.84 31.94 46.70
CA VAL C 966 1.72 31.02 46.51
C VAL C 966 1.70 30.00 47.63
N GLY C 967 2.85 29.68 48.18
CA GLY C 967 2.79 29.06 49.48
C GLY C 967 2.69 30.15 50.52
N ILE C 968 1.53 30.80 50.68
CA ILE C 968 1.41 32.22 51.04
C ILE C 968 1.87 32.53 52.49
N THR C 969 2.57 31.60 53.13
CA THR C 969 3.36 31.84 54.33
C THR C 969 4.15 33.13 54.26
N GLN C 970 3.75 34.13 55.05
CA GLN C 970 4.39 35.43 54.96
C GLN C 970 5.66 35.43 55.79
N GLN C 971 6.15 36.63 56.08
CA GLN C 971 7.57 36.81 56.33
C GLN C 971 8.00 36.23 57.67
N VAL C 972 7.07 36.05 58.61
CA VAL C 972 7.50 35.62 59.94
C VAL C 972 7.90 34.15 59.91
N LEU C 973 7.31 33.37 59.01
CA LEU C 973 7.71 31.99 58.91
C LEU C 973 9.04 31.80 58.20
N SER C 974 9.29 32.58 57.15
CA SER C 974 10.54 32.41 56.44
C SER C 974 11.71 33.07 57.19
N GLU C 975 11.41 34.08 58.01
CA GLU C 975 12.40 34.56 58.96
C GLU C 975 12.68 33.52 60.04
N ASN C 976 11.63 33.05 60.71
CA ASN C 976 11.76 32.10 61.81
C ASN C 976 10.95 30.85 61.47
N GLN C 977 11.58 29.88 60.81
CA GLN C 977 12.96 29.97 60.38
C GLN C 977 13.17 29.71 58.93
N LYS C 978 14.42 29.84 58.52
CA LYS C 978 14.92 29.23 57.30
C LYS C 978 15.19 27.76 57.60
N LEU C 979 15.99 27.12 56.74
CA LEU C 979 16.35 25.70 56.81
C LEU C 979 15.06 24.85 56.79
N ILE C 980 14.10 25.32 55.98
CA ILE C 980 13.99 25.32 54.51
C ILE C 980 15.16 25.14 53.53
N ALA C 981 16.22 25.94 53.66
CA ALA C 981 17.45 25.77 52.89
C ALA C 981 17.98 24.34 52.90
N ASN C 982 17.98 23.69 54.05
CA ASN C 982 18.43 22.30 54.09
C ASN C 982 17.35 21.36 53.58
N LYS C 983 16.10 21.80 53.60
CA LYS C 983 15.03 21.00 53.03
C LYS C 983 14.92 21.21 51.53
N PHE C 984 15.21 22.44 51.08
CA PHE C 984 15.33 22.70 49.65
C PHE C 984 16.51 21.93 49.07
N ASN C 985 17.64 21.99 49.75
CA ASN C 985 18.83 21.28 49.31
C ASN C 985 18.67 19.78 49.44
N GLN C 986 17.86 19.33 50.40
CA GLN C 986 17.57 17.91 50.51
C GLN C 986 16.71 17.46 49.35
N ALA C 987 15.75 18.29 48.96
CA ALA C 987 14.89 18.03 47.80
C ALA C 987 15.71 17.93 46.53
N LEU C 988 16.60 18.90 46.32
CA LEU C 988 17.49 18.87 45.16
C LEU C 988 18.48 17.72 45.24
N GLY C 989 18.78 17.26 46.45
CA GLY C 989 19.69 16.13 46.59
C GLY C 989 19.07 14.83 46.12
N ALA C 990 17.81 14.58 46.53
CA ALA C 990 17.10 13.42 45.98
C ALA C 990 16.80 13.62 44.50
N MET C 991 16.74 14.87 44.05
CA MET C 991 16.65 15.15 42.63
C MET C 991 17.97 14.86 41.91
N GLN C 992 19.09 14.84 42.64
CA GLN C 992 20.34 14.41 42.03
C GLN C 992 20.39 12.90 41.92
N THR C 993 20.03 12.20 43.00
CA THR C 993 20.26 10.76 43.05
C THR C 993 19.34 10.00 42.11
N GLY C 994 18.08 10.43 42.02
CA GLY C 994 17.07 9.68 41.30
C GLY C 994 16.89 10.05 39.84
N PHE C 995 17.49 9.28 38.95
CA PHE C 995 17.12 9.32 37.54
C PHE C 995 16.61 7.97 37.08
N THR C 996 17.38 6.93 37.35
CA THR C 996 17.03 5.60 36.89
C THR C 996 16.35 4.84 38.01
N THR C 997 15.37 3.98 37.68
CA THR C 997 14.76 3.84 36.36
C THR C 997 13.31 4.19 36.51
N THR C 998 12.87 4.20 37.77
CA THR C 998 11.47 4.32 38.14
C THR C 998 11.01 5.75 38.27
N ASN C 999 11.66 6.66 37.56
CA ASN C 999 11.42 8.07 37.75
C ASN C 999 11.13 8.72 36.42
N GLU C 1000 10.20 8.17 35.65
CA GLU C 1000 9.71 8.92 34.49
C GLU C 1000 9.05 10.19 35.00
N ALA C 1001 9.50 11.37 34.55
CA ALA C 1001 10.27 11.80 33.35
C ALA C 1001 11.45 11.14 32.63
N PHE C 1002 12.36 10.49 33.35
CA PHE C 1002 13.57 9.99 32.70
C PHE C 1002 13.28 8.86 31.71
N GLN C 1003 12.30 8.02 32.00
CA GLN C 1003 11.93 6.99 31.04
C GLN C 1003 11.21 7.60 29.85
N LYS C 1004 10.67 8.79 30.02
CA LYS C 1004 10.15 9.52 28.86
C LYS C 1004 11.28 10.03 28.00
N VAL C 1005 12.40 10.40 28.64
CA VAL C 1005 13.56 10.90 27.90
C VAL C 1005 14.15 9.78 27.06
N GLN C 1006 14.32 8.61 27.65
CA GLN C 1006 14.81 7.50 26.85
C GLN C 1006 13.73 6.92 25.98
N ASP C 1007 12.47 7.27 26.23
CA ASP C 1007 11.46 6.93 25.25
C ASP C 1007 11.59 7.85 24.04
N ALA C 1008 12.15 9.03 24.24
CA ALA C 1008 12.36 9.93 23.12
C ALA C 1008 13.61 9.57 22.34
N VAL C 1009 14.71 9.34 23.04
CA VAL C 1009 15.95 8.96 22.36
C VAL C 1009 15.81 7.59 21.74
N ASN C 1010 15.14 6.68 22.44
CA ASN C 1010 14.85 5.39 21.85
C ASN C 1010 13.74 5.50 20.82
N ASN C 1011 12.97 6.58 20.86
CA ASN C 1011 11.95 6.78 19.84
C ASN C 1011 12.60 7.16 18.52
N ASN C 1012 13.39 8.23 18.51
CA ASN C 1012 13.90 8.69 17.22
C ASN C 1012 15.08 7.86 16.77
N ALA C 1013 15.84 7.31 17.72
CA ALA C 1013 16.88 6.36 17.36
C ALA C 1013 16.28 5.07 16.84
N GLN C 1014 15.18 4.64 17.44
CA GLN C 1014 14.47 3.46 16.97
C GLN C 1014 13.90 3.68 15.57
N ALA C 1015 13.30 4.84 15.35
CA ALA C 1015 12.67 5.12 14.06
C ALA C 1015 13.72 5.22 12.97
N LEU C 1016 14.76 5.99 13.22
CA LEU C 1016 15.85 6.24 12.30
C LEU C 1016 16.55 4.94 11.96
N SER C 1017 17.25 4.39 12.95
CA SER C 1017 18.15 3.28 12.67
C SER C 1017 17.37 1.99 12.49
N LYS C 1018 16.36 1.75 13.32
CA LYS C 1018 15.67 0.47 13.24
C LYS C 1018 14.68 0.45 12.09
N LEU C 1019 14.00 1.57 11.82
CA LEU C 1019 13.15 1.58 10.66
C LEU C 1019 13.96 1.55 9.38
N ALA C 1020 15.14 2.19 9.39
CA ALA C 1020 16.03 2.12 8.23
C ALA C 1020 16.67 0.74 8.11
N SER C 1021 16.66 -0.04 9.19
CA SER C 1021 17.14 -1.42 9.09
C SER C 1021 16.03 -2.32 8.57
N GLU C 1022 14.77 -1.93 8.78
CA GLU C 1022 13.67 -2.67 8.16
C GLU C 1022 13.55 -2.31 6.69
N LEU C 1023 13.86 -1.07 6.36
CA LEU C 1023 13.69 -0.57 4.99
C LEU C 1023 14.64 -1.30 4.06
N SER C 1024 15.93 -1.29 4.38
CA SER C 1024 16.90 -2.13 3.71
C SER C 1024 16.79 -3.53 4.31
N ASN C 1025 17.50 -4.49 3.70
CA ASN C 1025 17.97 -5.77 4.23
C ASN C 1025 17.10 -6.51 5.26
N THR C 1026 15.87 -6.88 4.91
CA THR C 1026 15.38 -7.02 3.55
C THR C 1026 13.96 -6.52 3.43
N PHE C 1027 13.54 -6.18 2.22
CA PHE C 1027 12.11 -6.02 1.98
C PHE C 1027 11.57 -6.91 0.88
N GLY C 1028 12.15 -6.78 -0.32
CA GLY C 1028 11.49 -7.20 -1.53
C GLY C 1028 11.38 -8.69 -1.74
N ALA C 1029 10.87 -9.07 -2.91
CA ALA C 1029 10.59 -10.48 -3.21
C ALA C 1029 11.87 -11.29 -3.30
N ILE C 1030 12.81 -10.84 -4.11
CA ILE C 1030 14.19 -11.30 -4.04
C ILE C 1030 15.02 -10.06 -3.74
N SER C 1031 15.61 -10.00 -2.57
CA SER C 1031 16.09 -8.74 -2.01
C SER C 1031 17.48 -8.84 -1.41
N ALA C 1032 18.45 -9.39 -2.15
CA ALA C 1032 19.84 -9.39 -1.70
C ALA C 1032 20.53 -8.06 -2.00
N SER C 1033 19.84 -6.95 -1.69
CA SER C 1033 20.24 -5.55 -1.74
C SER C 1033 20.38 -5.01 -3.16
N ILE C 1034 20.42 -5.91 -4.14
CA ILE C 1034 20.06 -5.65 -5.53
C ILE C 1034 19.35 -6.92 -5.99
N GLY C 1035 18.17 -6.77 -6.56
CA GLY C 1035 17.49 -7.92 -7.11
C GLY C 1035 18.29 -8.49 -8.26
N ASP C 1036 18.82 -9.71 -8.05
CA ASP C 1036 19.70 -10.41 -8.99
C ASP C 1036 20.95 -9.59 -9.28
N ILE C 1037 21.84 -9.46 -8.28
CA ILE C 1037 22.79 -8.37 -8.14
C ILE C 1037 23.71 -8.23 -9.34
N ILE C 1038 24.65 -9.16 -9.46
CA ILE C 1038 25.39 -9.45 -10.68
C ILE C 1038 25.33 -10.97 -10.81
N GLN C 1039 25.22 -11.63 -9.66
CA GLN C 1039 25.59 -13.04 -9.59
C GLN C 1039 24.47 -13.96 -10.06
N ARG C 1040 23.23 -13.50 -10.05
CA ARG C 1040 22.17 -14.37 -10.53
C ARG C 1040 21.29 -13.70 -11.58
N LEU C 1041 20.49 -14.53 -12.22
CA LEU C 1041 19.80 -14.30 -13.48
C LEU C 1041 18.37 -13.82 -13.19
N ASP C 1042 17.76 -13.04 -14.11
CA ASP C 1042 18.22 -12.72 -15.47
C ASP C 1042 18.87 -11.37 -15.60
N VAL C 1043 19.08 -10.99 -16.85
CA VAL C 1043 19.35 -9.59 -17.19
C VAL C 1043 18.06 -8.92 -17.65
N LEU C 1044 17.17 -9.66 -18.30
CA LEU C 1044 15.89 -9.12 -18.72
C LEU C 1044 14.96 -8.91 -17.53
N GLU C 1045 14.87 -9.90 -16.65
CA GLU C 1045 13.97 -9.87 -15.49
C GLU C 1045 14.58 -9.12 -14.32
N GLN C 1046 15.84 -8.73 -14.45
CA GLN C 1046 16.54 -7.99 -13.41
C GLN C 1046 15.85 -6.67 -13.13
N ASP C 1047 15.38 -6.01 -14.19
CA ASP C 1047 14.64 -4.77 -14.02
C ASP C 1047 13.29 -5.01 -13.36
N ALA C 1048 12.73 -6.20 -13.53
CA ALA C 1048 11.43 -6.48 -12.92
C ALA C 1048 11.57 -6.63 -11.41
N GLN C 1049 12.51 -7.47 -10.97
CA GLN C 1049 12.68 -7.66 -9.52
C GLN C 1049 13.23 -6.40 -8.86
N ILE C 1050 14.12 -5.70 -9.55
CA ILE C 1050 14.66 -4.45 -9.02
C ILE C 1050 13.55 -3.40 -8.92
N ASP C 1051 12.66 -3.34 -9.90
CA ASP C 1051 11.57 -2.35 -9.83
C ASP C 1051 10.57 -2.70 -8.74
N ARG C 1052 10.43 -3.99 -8.42
CA ARG C 1052 9.74 -4.35 -7.18
C ARG C 1052 10.43 -3.75 -5.98
N LEU C 1053 11.76 -3.85 -5.95
CA LEU C 1053 12.51 -3.43 -4.76
C LEU C 1053 12.55 -1.91 -4.64
N ILE C 1054 12.43 -1.21 -5.76
CA ILE C 1054 12.47 0.25 -5.72
C ILE C 1054 11.10 0.81 -5.38
N ASN C 1055 10.05 0.24 -5.98
CA ASN C 1055 8.70 0.66 -5.63
C ASN C 1055 8.42 0.41 -4.16
N GLY C 1056 8.79 -0.77 -3.68
CA GLY C 1056 8.62 -1.06 -2.27
C GLY C 1056 9.51 -0.26 -1.36
N ARG C 1057 10.82 -0.20 -1.66
CA ARG C 1057 11.76 0.42 -0.74
C ARG C 1057 11.56 1.92 -0.69
N LEU C 1058 11.25 2.52 -1.83
CA LEU C 1058 11.01 3.95 -1.86
C LEU C 1058 9.64 4.28 -1.28
N THR C 1059 8.68 3.36 -1.42
CA THR C 1059 7.37 3.61 -0.82
C THR C 1059 7.46 3.59 0.69
N THR C 1060 8.23 2.64 1.24
CA THR C 1060 8.41 2.61 2.68
C THR C 1060 9.27 3.77 3.17
N LEU C 1061 10.19 4.25 2.32
CA LEU C 1061 10.89 5.50 2.61
C LEU C 1061 9.93 6.67 2.65
N ASN C 1062 8.90 6.63 1.81
CA ASN C 1062 7.94 7.73 1.81
C ASN C 1062 7.04 7.64 3.03
N ALA C 1063 6.86 6.42 3.55
CA ALA C 1063 6.20 6.26 4.84
C ALA C 1063 7.06 6.85 5.97
N PHE C 1064 8.37 6.67 5.88
CA PHE C 1064 9.27 7.32 6.83
C PHE C 1064 9.19 8.83 6.76
N VAL C 1065 8.98 9.37 5.56
CA VAL C 1065 8.92 10.82 5.44
C VAL C 1065 7.62 11.34 6.02
N ALA C 1066 6.52 10.59 5.82
CA ALA C 1066 5.26 10.96 6.45
C ALA C 1066 5.36 10.89 7.96
N GLN C 1067 6.11 9.91 8.47
CA GLN C 1067 6.32 9.77 9.90
C GLN C 1067 7.14 10.94 10.47
N GLN C 1068 8.17 11.37 9.74
CA GLN C 1068 8.95 12.52 10.17
C GLN C 1068 8.13 13.79 10.15
N LEU C 1069 7.18 13.91 9.23
CA LEU C 1069 6.29 15.06 9.27
C LEU C 1069 5.37 15.00 10.48
N VAL C 1070 4.96 13.79 10.87
CA VAL C 1070 4.07 13.63 12.02
C VAL C 1070 4.81 14.01 13.30
N ARG C 1071 5.97 13.41 13.55
CA ARG C 1071 6.68 13.68 14.79
C ARG C 1071 7.32 15.05 14.77
N SER C 1072 7.50 15.63 13.58
CA SER C 1072 7.96 17.00 13.52
C SER C 1072 6.86 17.96 13.92
N GLU C 1073 5.65 17.73 13.45
CA GLU C 1073 4.55 18.61 13.81
C GLU C 1073 4.19 18.48 15.28
N SER C 1074 4.20 17.25 15.80
CA SER C 1074 3.92 17.06 17.21
C SER C 1074 5.07 17.57 18.06
N ALA C 1075 6.28 17.54 17.52
CA ALA C 1075 7.41 18.12 18.24
C ALA C 1075 7.32 19.63 18.27
N ALA C 1076 6.74 20.24 17.24
CA ALA C 1076 6.57 21.68 17.24
C ALA C 1076 5.43 22.09 18.16
N LEU C 1077 4.40 21.24 18.28
CA LEU C 1077 3.36 21.47 19.27
C LEU C 1077 3.93 21.42 20.68
N SER C 1078 4.77 20.42 20.94
CA SER C 1078 5.32 20.27 22.28
C SER C 1078 6.40 21.29 22.54
N ALA C 1079 7.03 21.80 21.50
CA ALA C 1079 8.02 22.84 21.68
C ALA C 1079 7.36 24.16 21.99
N GLN C 1080 6.20 24.41 21.37
CA GLN C 1080 5.42 25.57 21.73
C GLN C 1080 4.87 25.42 23.13
N LEU C 1081 4.65 24.18 23.56
CA LEU C 1081 4.30 23.96 24.95
C LEU C 1081 5.49 24.26 25.86
N ALA C 1082 6.71 23.94 25.42
CA ALA C 1082 7.89 24.20 26.23
C ALA C 1082 8.15 25.69 26.35
N LYS C 1083 7.92 26.42 25.27
CA LYS C 1083 7.97 27.87 25.33
C LYS C 1083 6.88 28.41 26.25
N ASP C 1084 5.75 27.71 26.34
CA ASP C 1084 4.71 28.12 27.27
C ASP C 1084 5.04 27.72 28.70
N LYS C 1085 5.96 26.78 28.87
CA LYS C 1085 6.39 26.34 30.19
C LYS C 1085 7.59 27.12 30.68
N VAL C 1086 8.36 27.68 29.77
CA VAL C 1086 9.47 28.55 30.11
C VAL C 1086 8.97 29.95 30.41
N ASN C 1087 8.02 30.43 29.61
CA ASN C 1087 7.56 31.79 29.84
C ASN C 1087 6.62 31.86 31.04
N GLU C 1088 6.00 30.75 31.41
CA GLU C 1088 5.15 30.78 32.59
C GLU C 1088 5.84 30.25 33.81
N CYS C 1089 6.35 29.02 33.74
CA CYS C 1089 6.71 28.33 34.96
C CYS C 1089 8.14 28.68 35.38
N VAL C 1090 8.93 29.18 34.45
CA VAL C 1090 10.37 29.33 34.69
C VAL C 1090 10.71 30.77 35.00
N LYS C 1091 10.23 31.71 34.19
CA LYS C 1091 10.32 33.11 34.54
C LYS C 1091 9.43 33.42 35.73
N ALA C 1092 8.11 33.35 35.54
CA ALA C 1092 7.19 33.62 36.64
C ALA C 1092 6.87 32.34 37.39
N GLN C 1093 5.86 32.37 38.25
CA GLN C 1093 5.86 31.39 39.33
C GLN C 1093 5.22 30.02 39.11
N SER C 1094 3.94 29.84 38.74
CA SER C 1094 3.07 30.70 37.96
C SER C 1094 1.61 30.75 38.41
N LYS C 1095 1.37 30.49 39.70
CA LYS C 1095 0.07 30.60 40.35
C LYS C 1095 -0.99 29.68 39.74
N ARG C 1096 -0.56 28.67 39.03
CA ARG C 1096 -1.42 27.76 38.29
C ARG C 1096 -0.99 26.37 38.70
N SER C 1097 -1.84 25.39 38.54
CA SER C 1097 -1.50 24.04 38.97
C SER C 1097 -0.61 23.37 37.91
N GLY C 1098 -0.52 22.05 37.98
CA GLY C 1098 0.09 21.26 36.92
C GLY C 1098 -0.58 21.57 35.59
N PHE C 1099 0.08 22.22 34.61
CA PHE C 1099 1.51 22.24 34.22
C PHE C 1099 2.72 22.29 35.16
N CYS C 1100 2.75 23.27 36.04
CA CYS C 1100 3.86 23.34 36.98
C CYS C 1100 3.74 22.30 38.08
N GLY C 1101 4.00 21.03 37.74
CA GLY C 1101 3.55 19.83 38.42
C GLY C 1101 3.40 19.73 39.93
N GLN C 1102 2.21 19.29 40.36
CA GLN C 1102 1.94 18.68 41.66
C GLN C 1102 2.29 19.52 42.88
N GLY C 1103 1.55 20.58 43.14
CA GLY C 1103 1.74 21.31 44.36
C GLY C 1103 1.84 22.77 44.04
N THR C 1104 1.75 23.64 45.05
CA THR C 1104 1.87 25.06 44.77
C THR C 1104 3.31 25.36 44.39
N HIS C 1105 3.51 25.64 43.11
CA HIS C 1105 4.83 25.69 42.50
C HIS C 1105 5.70 26.80 43.07
N ILE C 1106 7.01 26.56 43.16
CA ILE C 1106 7.93 27.52 43.77
C ILE C 1106 9.03 27.96 42.80
N VAL C 1107 9.88 27.03 42.35
CA VAL C 1107 10.96 27.37 41.42
C VAL C 1107 10.86 26.39 40.27
N SER C 1108 11.46 26.72 39.13
CA SER C 1108 11.64 25.66 38.16
C SER C 1108 12.87 25.89 37.34
N PHE C 1109 13.56 24.82 37.02
CA PHE C 1109 14.86 24.91 36.39
C PHE C 1109 14.85 24.20 35.05
N VAL C 1110 15.68 24.69 34.15
CA VAL C 1110 15.69 24.18 32.80
C VAL C 1110 17.08 23.67 32.50
N VAL C 1111 17.15 22.45 31.99
CA VAL C 1111 18.40 21.90 31.50
C VAL C 1111 18.12 21.23 30.17
N ASN C 1112 19.10 21.24 29.29
CA ASN C 1112 18.87 20.67 27.99
C ASN C 1112 18.99 19.16 28.08
N ALA C 1113 17.95 18.46 27.70
CA ALA C 1113 17.97 17.01 27.66
C ALA C 1113 18.25 16.59 26.24
N PRO C 1114 18.43 15.31 25.98
CA PRO C 1114 18.48 14.87 24.58
C PRO C 1114 17.17 15.08 23.86
N ASN C 1115 17.26 15.93 22.83
CA ASN C 1115 16.25 16.41 21.90
C ASN C 1115 15.31 17.43 22.51
N GLY C 1116 15.30 17.60 23.81
CA GLY C 1116 14.30 18.44 24.40
C GLY C 1116 14.84 19.24 25.53
N LEU C 1117 13.96 19.97 26.19
CA LEU C 1117 14.31 20.53 27.47
C LEU C 1117 14.07 19.50 28.55
N TYR C 1118 14.07 19.95 29.80
CA TYR C 1118 13.93 19.06 30.94
C TYR C 1118 13.68 19.94 32.14
N PHE C 1119 12.65 19.67 32.90
CA PHE C 1119 12.36 20.59 33.98
C PHE C 1119 12.49 19.93 35.34
N MET C 1120 12.88 20.74 36.30
CA MET C 1120 13.14 20.32 37.65
C MET C 1120 12.23 21.14 38.55
N HIS C 1121 10.94 21.11 38.27
CA HIS C 1121 9.94 21.91 38.97
C HIS C 1121 9.98 21.66 40.47
N VAL C 1122 10.21 22.69 41.26
CA VAL C 1122 10.37 22.57 42.70
C VAL C 1122 9.04 22.98 43.32
N GLY C 1123 8.24 22.00 43.65
CA GLY C 1123 6.95 22.28 44.20
C GLY C 1123 6.85 22.02 45.66
N TYR C 1124 5.80 22.55 46.25
CA TYR C 1124 5.48 22.40 47.65
C TYR C 1124 4.74 21.08 47.82
N TYR C 1125 4.83 20.48 49.01
CA TYR C 1125 4.07 19.27 49.31
C TYR C 1125 3.67 19.22 50.78
N PRO C 1126 2.45 19.58 51.08
CA PRO C 1126 2.04 19.82 52.47
C PRO C 1126 2.17 18.73 53.55
N SER C 1127 1.53 17.58 53.39
CA SER C 1127 1.78 16.32 54.10
C SER C 1127 1.52 16.24 55.62
N ASN C 1128 1.21 17.31 56.32
CA ASN C 1128 0.79 17.15 57.73
C ASN C 1128 -0.40 18.03 58.06
N HIS C 1129 -1.58 17.52 57.78
CA HIS C 1129 -2.77 18.35 57.75
C HIS C 1129 -3.43 18.41 59.12
N ILE C 1130 -3.77 19.62 59.56
CA ILE C 1130 -4.36 19.84 60.88
C ILE C 1130 -5.65 20.63 60.69
N GLU C 1131 -6.77 20.01 61.04
CA GLU C 1131 -8.06 20.65 60.81
C GLU C 1131 -8.36 21.64 61.91
N VAL C 1132 -8.46 22.91 61.55
CA VAL C 1132 -8.74 23.97 62.53
C VAL C 1132 -10.06 24.59 62.09
N VAL C 1133 -10.49 25.68 62.70
CA VAL C 1133 -11.80 26.28 62.51
C VAL C 1133 -11.64 27.71 62.01
N SER C 1134 -12.54 28.17 61.11
CA SER C 1134 -12.66 29.53 60.57
C SER C 1134 -13.29 30.47 61.63
N ALA C 1135 -13.89 31.67 61.41
CA ALA C 1135 -14.58 32.43 60.34
C ALA C 1135 -13.57 32.85 59.27
N TYR C 1136 -13.84 33.36 58.04
CA TYR C 1136 -14.90 34.20 57.40
C TYR C 1136 -14.96 35.65 57.89
N GLY C 1137 -14.18 36.00 58.91
CA GLY C 1137 -14.08 37.39 59.26
C GLY C 1137 -14.53 37.83 60.63
N LEU C 1138 -14.63 39.14 60.85
CA LEU C 1138 -14.92 39.67 62.17
C LEU C 1138 -15.75 40.94 62.05
N CYS C 1139 -16.47 41.27 63.13
CA CYS C 1139 -17.09 42.58 63.38
C CYS C 1139 -17.26 42.80 64.87
N ASP C 1140 -17.82 43.95 65.21
CA ASP C 1140 -17.92 44.45 66.57
C ASP C 1140 -19.27 45.14 66.72
N ALA C 1141 -19.37 46.03 67.72
CA ALA C 1141 -20.50 46.94 67.81
C ALA C 1141 -20.64 47.78 66.55
N ALA C 1142 -19.59 48.46 66.14
CA ALA C 1142 -19.52 49.00 64.79
C ALA C 1142 -19.16 47.87 63.84
N ASN C 1143 -19.58 47.99 62.58
CA ASN C 1143 -19.41 46.89 61.62
C ASN C 1143 -18.59 47.23 60.37
N PRO C 1144 -17.26 47.43 60.50
CA PRO C 1144 -16.37 47.13 59.36
C PRO C 1144 -15.76 45.74 59.51
N THR C 1145 -15.41 45.07 58.42
CA THR C 1145 -14.96 43.70 58.57
C THR C 1145 -13.46 43.57 58.33
N ASN C 1146 -13.02 42.30 58.24
CA ASN C 1146 -11.67 41.88 57.92
C ASN C 1146 -11.75 40.82 56.83
N CYS C 1147 -10.71 40.00 56.71
CA CYS C 1147 -10.80 38.72 55.99
C CYS C 1147 -10.99 38.81 54.48
N ILE C 1148 -9.89 38.75 53.71
CA ILE C 1148 -8.68 38.01 54.10
C ILE C 1148 -7.53 38.53 53.27
N ALA C 1149 -6.30 38.53 53.77
CA ALA C 1149 -5.15 38.82 52.91
C ALA C 1149 -4.13 37.71 53.04
N PRO C 1150 -4.27 36.62 52.28
CA PRO C 1150 -5.42 36.28 51.46
C PRO C 1150 -6.08 34.97 51.88
N VAL C 1151 -5.72 34.45 53.04
CA VAL C 1151 -5.87 33.03 53.34
C VAL C 1151 -6.51 32.86 54.72
N ASN C 1152 -7.25 31.75 54.92
CA ASN C 1152 -8.38 31.64 55.85
C ASN C 1152 -8.21 30.63 56.99
N GLY C 1153 -8.49 31.05 58.22
CA GLY C 1153 -9.24 32.25 58.54
C GLY C 1153 -8.38 33.46 58.80
N TYR C 1154 -8.14 33.93 60.03
CA TYR C 1154 -9.01 33.94 61.20
C TYR C 1154 -9.43 32.65 61.88
N PHE C 1155 -8.45 32.02 62.52
CA PHE C 1155 -8.76 30.87 63.33
C PHE C 1155 -9.36 31.25 64.67
N ILE C 1156 -9.42 30.27 65.57
CA ILE C 1156 -9.65 30.52 66.97
C ILE C 1156 -8.32 30.21 67.66
N LYS C 1157 -8.27 30.46 68.97
CA LYS C 1157 -7.08 30.60 69.81
C LYS C 1157 -6.13 31.69 69.32
N THR C 1158 -6.49 32.99 69.34
CA THR C 1158 -7.79 33.55 69.72
C THR C 1158 -8.51 33.91 68.43
N ASN C 1159 -7.75 34.56 67.54
CA ASN C 1159 -8.13 34.79 66.16
C ASN C 1159 -6.86 35.05 65.36
N ASN C 1160 -6.25 33.95 64.90
CA ASN C 1160 -4.89 33.95 64.40
C ASN C 1160 -4.87 33.43 62.97
N THR C 1161 -3.79 33.79 62.24
CA THR C 1161 -3.86 33.84 60.79
C THR C 1161 -2.70 33.32 59.95
N ARG C 1162 -1.75 32.50 60.44
CA ARG C 1162 -0.85 31.89 59.46
C ARG C 1162 -1.68 30.86 58.76
N ILE C 1163 -1.97 31.14 57.50
CA ILE C 1163 -2.69 30.23 56.62
C ILE C 1163 -1.88 30.27 55.34
N VAL C 1164 -2.31 29.51 54.34
CA VAL C 1164 -1.55 28.48 53.63
C VAL C 1164 -0.09 28.85 53.54
N ASP C 1165 0.78 28.01 54.07
CA ASP C 1165 0.48 26.69 54.62
C ASP C 1165 0.50 26.48 56.15
N GLU C 1166 1.45 27.04 56.87
CA GLU C 1166 1.61 26.64 58.26
C GLU C 1166 0.74 27.48 59.17
N TRP C 1167 0.88 27.35 60.49
CA TRP C 1167 -0.01 28.06 61.43
C TRP C 1167 0.75 28.32 62.73
N SER C 1168 0.42 29.40 63.48
CA SER C 1168 -0.61 30.46 63.31
C SER C 1168 -0.08 31.88 63.74
N TYR C 1169 -0.51 33.00 63.11
CA TYR C 1169 0.07 34.33 63.34
C TYR C 1169 -0.46 35.02 64.57
N THR C 1170 -0.17 36.32 64.61
CA THR C 1170 -0.56 37.23 65.66
C THR C 1170 -1.80 37.99 65.22
N GLY C 1171 -2.12 39.05 65.96
CA GLY C 1171 -3.09 40.04 65.57
C GLY C 1171 -2.73 40.65 64.24
N SER C 1172 -3.75 40.91 63.42
CA SER C 1172 -3.59 40.81 61.98
C SER C 1172 -2.84 41.99 61.39
N SER C 1173 -3.47 43.17 61.42
CA SER C 1173 -2.90 44.50 61.18
C SER C 1173 -2.45 44.79 59.75
N PHE C 1174 -2.16 43.76 58.95
CA PHE C 1174 -1.89 43.88 57.52
C PHE C 1174 -2.39 42.63 56.81
N TYR C 1175 -3.18 41.83 57.51
CA TYR C 1175 -3.68 40.59 56.97
C TYR C 1175 -5.17 40.74 56.67
N ALA C 1176 -5.61 41.97 56.42
CA ALA C 1176 -7.04 42.25 56.42
C ALA C 1176 -7.46 43.37 55.48
N PRO C 1177 -8.11 43.02 54.36
CA PRO C 1177 -8.96 43.97 53.64
C PRO C 1177 -10.22 44.17 54.43
N GLU C 1178 -11.04 45.16 54.12
CA GLU C 1178 -12.20 45.44 54.94
C GLU C 1178 -13.47 45.46 54.09
N PRO C 1179 -13.98 44.28 53.68
CA PRO C 1179 -15.21 44.26 52.88
C PRO C 1179 -16.49 44.53 53.65
N ILE C 1180 -17.59 44.36 52.97
CA ILE C 1180 -18.90 44.63 53.53
C ILE C 1180 -19.25 43.50 54.48
N THR C 1181 -20.14 43.76 55.43
CA THR C 1181 -20.58 42.74 56.35
C THR C 1181 -21.41 41.68 55.64
N SER C 1182 -21.46 40.48 56.22
CA SER C 1182 -22.32 39.41 55.75
C SER C 1182 -23.11 38.83 56.93
N LEU C 1183 -23.76 37.70 56.68
CA LEU C 1183 -24.70 37.13 57.65
C LEU C 1183 -23.95 36.49 58.82
N ASN C 1184 -24.72 35.85 59.70
CA ASN C 1184 -24.24 35.21 60.93
C ASN C 1184 -23.46 36.22 61.79
N THR C 1185 -24.22 37.22 62.25
CA THR C 1185 -23.71 38.55 62.54
C THR C 1185 -22.64 38.55 63.62
N LYS C 1186 -21.82 39.60 63.53
CA LYS C 1186 -20.72 40.05 64.38
C LYS C 1186 -19.43 39.24 64.28
N TYR C 1187 -19.43 37.99 63.78
CA TYR C 1187 -18.16 37.33 63.42
C TYR C 1187 -18.34 36.27 62.32
N VAL C 1188 -18.31 36.65 61.05
CA VAL C 1188 -19.08 37.73 60.45
C VAL C 1188 -19.65 37.01 59.22
N ALA C 1189 -19.53 35.69 59.28
CA ALA C 1189 -19.78 34.69 58.22
C ALA C 1189 -20.84 34.94 57.16
#